data_8DFD
#
_entry.id   8DFD
#
_cell.length_a   1.00
_cell.length_b   1.00
_cell.length_c   1.00
_cell.angle_alpha   90.00
_cell.angle_beta   90.00
_cell.angle_gamma   90.00
#
_symmetry.space_group_name_H-M   'P 1'
#
loop_
_entity.id
_entity.type
_entity.pdbx_description
1 polymer 'Nitrogenase molybdenum-iron protein alpha chain'
2 polymer 'Nitrogenase molybdenum-iron protein beta chain'
3 polymer 'Nitrogenase iron protein 1'
4 non-polymer 'iron-sulfur-molybdenum cluster with interstitial carbon'
5 non-polymer '3-HYDROXY-3-CARBOXY-ADIPIC ACID'
6 non-polymer 'FE(8)-S(7) CLUSTER'
7 non-polymer 'FE (III) ION'
8 non-polymer 'IRON/SULFUR CLUSTER'
9 non-polymer "ADENOSINE-5'-DIPHOSPHATE"
10 non-polymer 'TETRAFLUOROALUMINATE ION'
11 non-polymer 'MAGNESIUM ION'
12 water water
#
loop_
_entity_poly.entity_id
_entity_poly.type
_entity_poly.pdbx_seq_one_letter_code
_entity_poly.pdbx_strand_id
1 'polypeptide(L)'
;MTGMSREEVESLIQEVLEVYPEKARKDRNKHLAVNDPAVTQSKKCIISNKKSQPGLMTIRGCAYAGSKGVVWGPIKDMIH
ISHGPVGCGQYSRAGRRNYYIGTTGVNAFVTMNFTSDFQEKDIVFGGDKKLAKLIDEVETLFPLNKGISVQSECPIGLIG
DDIESVSKVKGAELSKTIVPVRCEGFRGVSQSLGHHIANDAVRDWVLGKRDEDTTFASTPYDVAIIGDYNIGGDAWSSRI
LLEEMGLRCVAQWSGDGSISEIELTPKVKLNLVHCYRSMNYISRHMEEKYGIPWMEYNFFGPTKTIESLRAIAAKFDESI
QKKCEEVIAKYKPEWEAVVAKYRPRLEGKRVMLYIGGLRPRHVIGAYEDLGMEVVGTGYEFAHNDDYDRTMKEMGDSTLL
YDDVTGYEFEEFVKRIKPDLIGSGIKEKFIFQKMGIPFREMHSWDYSGPYHGFDGFAIFARDMDMTLNNPCWKKLQAPWE
ASEGAEKVAASA
;
A,C
2 'polypeptide(L)'
;MSQQVDKIKASYPLFLDQDYKDMLAKKRDGFEEKYPQDKIDEVFQWTTTKEYQELNFQREALTVNPAKACQPLGAVLCAL
GFEKTMPYVHGSQGCVAYFRSYFNRHFREPVSCVSDSMTEDAAVFGGQQNMKDGLQNCKATYKPDMIAVSTTCMAEVIGD
DLNAFINNSKKEGFIPDEFPVPFAHTPSFVGSHVTGWDNMFEGIARYFTLKSMDDKVVGSNKKINIVPGFETYLGNFRVI
KRMLSEMGVGYSLLSDPEEVLDTPADGQFRMYAGGTTQEEMKDAPNALNTVLLQPWHLEKTKKFVEGTWKHEVPKLNIPM
GLDWTDEFLMKVSEISGQPIPASLTKERGRLVDMMTDSHTWLHGKRFALWGDPDFVMGLVKFLLELGCEPVHILCHNGNK
RWKKAVDAILAASPYGKNATVYIGKDLWHLRSLVFTDKPDFMIGNSYGKFIQRDTLHKGKEFEVPLIRIGFPIFDRHHLH
RSTTLGYEGAMQILTTLVNSILERLDEETRGMQATDYNHDLVR
;
B,D
3 'polypeptide(L)'
;MAMRQCAIYGKGGIGKSTTTQNLVAALAEMGKKVMIVGCDPKADSTRLILHSKAQNTIMEMAAEAGTVEDLELEDVLKAG
YGGVKCVESGGPEPGVGCAGRGVITAINFLEEEGAYEDDLDFVFYDVLGDVVCGGFAMPIRENKAQEIYIVCSGEMMAMY
AANNISKGIVKYANSGSVRLGGLICNSRNTDREDELIIALANKLGTQMIHFVPRDNVVQRAEIRRMTVIEYDPKAKQADE
YRALARKVVDNKLLVIPNPITMDELEELLMEFGIMEVEDESIVGKTAEEV
;
E,F,G,H
#
loop_
_chem_comp.id
_chem_comp.type
_chem_comp.name
_chem_comp.formula
ADP non-polymer ADENOSINE-5'-DIPHOSPHATE 'C10 H15 N5 O10 P2'
ALF non-polymer 'TETRAFLUOROALUMINATE ION' 'Al F4 -1'
CLF non-polymer 'FE(8)-S(7) CLUSTER' 'Fe8 S7'
FE non-polymer 'FE (III) ION' 'Fe 3'
HCA non-polymer '3-HYDROXY-3-CARBOXY-ADIPIC ACID' 'C7 H10 O7'
ICS non-polymer 'iron-sulfur-molybdenum cluster with interstitial carbon' 'C Fe7 Mo S9'
MG non-polymer 'MAGNESIUM ION' 'Mg 2'
SF4 non-polymer 'IRON/SULFUR CLUSTER' 'Fe4 S4'
#
# COMPACT_ATOMS: atom_id res chain seq x y z
N MET A 4 31.00 -14.51 -32.43
CA MET A 4 31.32 -14.39 -33.84
C MET A 4 32.56 -15.19 -34.23
N SER A 5 32.42 -16.02 -35.26
CA SER A 5 33.49 -16.85 -35.81
C SER A 5 33.78 -18.03 -34.90
N ARG A 6 33.97 -19.21 -35.49
CA ARG A 6 34.22 -20.41 -34.71
C ARG A 6 35.49 -20.28 -33.86
N GLU A 7 36.48 -19.53 -34.34
CA GLU A 7 37.75 -19.42 -33.63
C GLU A 7 37.61 -18.56 -32.36
N GLU A 8 36.93 -17.43 -32.46
CA GLU A 8 36.83 -16.52 -31.32
C GLU A 8 36.07 -17.14 -30.16
N VAL A 9 34.97 -17.83 -30.46
CA VAL A 9 34.18 -18.45 -29.40
C VAL A 9 34.97 -19.58 -28.72
N GLU A 10 35.78 -20.31 -29.50
CA GLU A 10 36.69 -21.28 -28.88
C GLU A 10 37.70 -20.59 -27.97
N SER A 11 38.24 -19.46 -28.43
CA SER A 11 39.14 -18.68 -27.60
C SER A 11 38.43 -18.16 -26.35
N LEU A 12 37.17 -17.75 -26.49
CA LEU A 12 36.39 -17.32 -25.34
C LEU A 12 36.21 -18.46 -24.35
N ILE A 13 35.93 -19.66 -24.85
CA ILE A 13 35.78 -20.83 -23.98
C ILE A 13 37.07 -21.08 -23.20
N GLN A 14 38.20 -21.05 -23.90
CA GLN A 14 39.47 -21.30 -23.22
C GLN A 14 39.76 -20.22 -22.18
N GLU A 15 39.52 -18.96 -22.52
CA GLU A 15 39.76 -17.87 -21.58
C GLU A 15 38.88 -18.00 -20.34
N VAL A 16 37.61 -18.40 -20.54
CA VAL A 16 36.72 -18.59 -19.40
C VAL A 16 37.22 -19.74 -18.54
N LEU A 17 37.61 -20.85 -19.16
CA LEU A 17 38.08 -22.02 -18.41
C LEU A 17 39.40 -21.75 -17.70
N GLU A 18 40.13 -20.71 -18.10
CA GLU A 18 41.45 -20.47 -17.50
C GLU A 18 41.40 -20.30 -15.99
N VAL A 19 40.29 -19.84 -15.42
CA VAL A 19 40.28 -19.54 -13.99
C VAL A 19 40.06 -20.79 -13.14
N TYR A 20 39.58 -21.88 -13.71
CA TYR A 20 39.28 -23.07 -12.93
C TYR A 20 40.57 -23.79 -12.52
N PRO A 21 40.53 -24.52 -11.41
CA PRO A 21 41.59 -25.49 -11.13
C PRO A 21 41.63 -26.56 -12.22
N GLU A 22 42.79 -27.24 -12.32
CA GLU A 22 43.04 -28.10 -13.47
C GLU A 22 42.00 -29.20 -13.60
N LYS A 23 41.60 -29.81 -12.47
CA LYS A 23 40.56 -30.83 -12.52
C LYS A 23 39.25 -30.26 -13.05
N ALA A 24 38.81 -29.14 -12.47
CA ALA A 24 37.56 -28.53 -12.91
C ALA A 24 37.64 -28.03 -14.34
N ARG A 25 38.78 -27.45 -14.73
CA ARG A 25 38.93 -27.00 -16.11
C ARG A 25 38.87 -28.16 -17.08
N LYS A 26 39.56 -29.25 -16.76
CA LYS A 26 39.54 -30.44 -17.61
C LYS A 26 38.13 -31.00 -17.74
N ASP A 27 37.38 -31.00 -16.64
CA ASP A 27 36.00 -31.47 -16.71
C ASP A 27 35.13 -30.55 -17.56
N ARG A 28 35.18 -29.25 -17.28
CA ARG A 28 34.26 -28.30 -17.91
C ARG A 28 34.59 -28.06 -19.37
N ASN A 29 35.82 -28.33 -19.82
CA ASN A 29 36.13 -28.14 -21.23
C ASN A 29 35.31 -29.07 -22.11
N LYS A 30 34.94 -30.25 -21.61
CA LYS A 30 34.16 -31.20 -22.37
C LYS A 30 32.68 -30.86 -22.42
N HIS A 31 32.23 -29.88 -21.62
CA HIS A 31 30.83 -29.49 -21.57
C HIS A 31 30.54 -28.21 -22.34
N LEU A 32 31.54 -27.65 -23.03
CA LEU A 32 31.37 -26.45 -23.82
C LEU A 32 31.85 -26.72 -25.24
N ALA A 33 31.09 -26.25 -26.22
CA ALA A 33 31.41 -26.58 -27.61
C ALA A 33 30.89 -25.48 -28.53
N VAL A 34 31.38 -25.52 -29.76
CA VAL A 34 30.95 -24.63 -30.82
C VAL A 34 30.23 -25.47 -31.86
N ASN A 35 28.98 -25.11 -32.14
CA ASN A 35 28.14 -25.94 -32.99
C ASN A 35 28.70 -26.02 -34.41
N ASP A 36 28.69 -27.23 -34.97
CA ASP A 36 29.10 -27.48 -36.33
C ASP A 36 28.28 -28.62 -36.89
N PRO A 37 27.33 -28.34 -37.79
CA PRO A 37 26.47 -29.41 -38.32
C PRO A 37 27.20 -30.48 -39.13
N ALA A 38 28.53 -30.36 -39.24
CA ALA A 38 29.34 -31.41 -39.84
C ALA A 38 29.68 -32.52 -38.85
N VAL A 39 28.98 -32.60 -37.72
CA VAL A 39 29.23 -33.59 -36.68
C VAL A 39 28.06 -34.56 -36.64
N THR A 40 28.38 -35.85 -36.72
CA THR A 40 27.34 -36.87 -36.81
C THR A 40 26.89 -37.38 -35.44
N GLN A 41 27.82 -37.46 -34.48
CA GLN A 41 27.52 -37.94 -33.13
C GLN A 41 27.99 -36.91 -32.13
N SER A 42 27.11 -36.53 -31.20
CA SER A 42 27.46 -35.52 -30.21
C SER A 42 28.46 -36.02 -29.17
N LYS A 43 28.75 -37.33 -29.14
CA LYS A 43 29.74 -37.84 -28.21
C LYS A 43 31.11 -37.23 -28.46
N LYS A 44 31.50 -37.11 -29.72
CA LYS A 44 32.74 -36.40 -30.05
C LYS A 44 32.60 -34.90 -29.82
N CYS A 45 31.39 -34.37 -29.91
CA CYS A 45 31.19 -32.93 -29.79
C CYS A 45 31.14 -32.47 -28.34
N ILE A 46 30.17 -32.98 -27.58
CA ILE A 46 29.93 -32.51 -26.21
C ILE A 46 29.38 -33.66 -25.39
N ILE A 47 29.85 -33.78 -24.15
CA ILE A 47 29.37 -34.82 -23.25
C ILE A 47 28.53 -34.16 -22.17
N SER A 48 27.58 -34.91 -21.64
CA SER A 48 26.58 -34.36 -20.74
C SER A 48 26.17 -35.42 -19.73
N ASN A 49 25.20 -35.07 -18.89
CA ASN A 49 24.62 -35.98 -17.91
C ASN A 49 25.70 -36.56 -16.99
N LYS A 50 26.62 -35.70 -16.55
CA LYS A 50 27.70 -36.09 -15.67
C LYS A 50 27.60 -35.31 -14.37
N LYS A 51 28.45 -35.68 -13.42
CA LYS A 51 28.44 -35.04 -12.11
C LYS A 51 28.78 -33.56 -12.23
N SER A 52 28.10 -32.74 -11.44
CA SER A 52 28.44 -31.32 -11.35
C SER A 52 29.72 -31.15 -10.56
N GLN A 53 30.54 -30.21 -10.98
CA GLN A 53 31.76 -29.89 -10.25
C GLN A 53 31.40 -29.18 -8.96
N PRO A 54 31.92 -29.60 -7.81
CA PRO A 54 31.52 -28.99 -6.54
C PRO A 54 31.94 -27.53 -6.45
N GLY A 55 31.10 -26.74 -5.76
CA GLY A 55 31.41 -25.37 -5.47
C GLY A 55 31.39 -24.42 -6.66
N LEU A 56 30.86 -24.85 -7.81
CA LEU A 56 30.85 -24.03 -9.01
C LEU A 56 29.52 -23.35 -9.27
N MET A 57 28.57 -23.43 -8.33
CA MET A 57 27.29 -22.74 -8.40
C MET A 57 26.50 -23.18 -9.64
N THR A 58 26.21 -24.48 -9.69
CA THR A 58 25.44 -25.04 -10.79
C THR A 58 23.98 -24.62 -10.69
N ILE A 59 23.27 -24.75 -11.81
CA ILE A 59 21.85 -24.42 -11.88
C ILE A 59 20.97 -25.64 -11.62
N ARG A 60 21.56 -26.84 -11.58
CA ARG A 60 20.80 -28.07 -11.55
C ARG A 60 20.02 -28.22 -10.24
N GLY A 61 18.92 -28.96 -10.32
CA GLY A 61 18.15 -29.38 -9.17
C GLY A 61 18.53 -30.79 -8.75
N CYS A 62 17.57 -31.48 -8.14
CA CYS A 62 17.78 -32.82 -7.61
C CYS A 62 16.75 -33.77 -8.21
N ALA A 63 16.89 -35.04 -7.88
CA ALA A 63 15.93 -36.05 -8.35
C ALA A 63 14.55 -35.82 -7.77
N TYR A 64 14.46 -35.28 -6.55
CA TYR A 64 13.16 -34.92 -5.99
C TYR A 64 12.49 -33.84 -6.83
N ALA A 65 13.26 -32.85 -7.28
CA ALA A 65 12.72 -31.80 -8.14
C ALA A 65 12.22 -32.39 -9.47
N GLY A 66 12.98 -33.33 -10.04
CA GLY A 66 12.57 -33.96 -11.28
C GLY A 66 11.39 -34.90 -11.14
N SER A 67 11.18 -35.46 -9.95
CA SER A 67 10.08 -36.39 -9.73
C SER A 67 8.84 -35.68 -9.17
N LYS A 68 8.97 -35.11 -7.97
CA LYS A 68 7.84 -34.43 -7.35
C LYS A 68 7.52 -33.13 -8.07
N GLY A 69 8.53 -32.30 -8.31
CA GLY A 69 8.31 -30.98 -8.86
C GLY A 69 7.93 -30.96 -10.32
N VAL A 70 8.28 -32.00 -11.08
CA VAL A 70 8.13 -32.01 -12.52
C VAL A 70 7.06 -33.00 -12.98
N VAL A 71 7.18 -34.26 -12.59
CA VAL A 71 6.35 -35.33 -13.13
C VAL A 71 5.13 -35.60 -12.26
N TRP A 72 5.34 -35.84 -10.97
CA TRP A 72 4.24 -36.28 -10.11
C TRP A 72 3.37 -35.11 -9.67
N GLY A 73 3.99 -34.00 -9.29
CA GLY A 73 3.29 -32.85 -8.75
C GLY A 73 2.12 -32.33 -9.58
N PRO A 74 2.28 -32.20 -10.90
CA PRO A 74 1.18 -31.68 -11.73
C PRO A 74 -0.09 -32.52 -11.70
N ILE A 75 -0.02 -33.79 -11.30
CA ILE A 75 -1.23 -34.63 -11.30
C ILE A 75 -2.22 -34.08 -10.29
N LYS A 76 -3.43 -33.75 -10.77
CA LYS A 76 -4.38 -32.97 -10.00
C LYS A 76 -4.92 -33.74 -8.80
N ASP A 77 -5.54 -34.89 -9.05
CA ASP A 77 -6.35 -35.56 -8.05
C ASP A 77 -5.55 -36.44 -7.10
N MET A 78 -4.25 -36.53 -7.27
CA MET A 78 -3.39 -37.27 -6.36
C MET A 78 -2.77 -36.34 -5.34
N ILE A 79 -2.57 -36.85 -4.14
CA ILE A 79 -1.90 -36.12 -3.07
C ILE A 79 -0.45 -36.59 -3.02
N HIS A 80 0.48 -35.66 -3.19
CA HIS A 80 1.89 -35.96 -3.23
C HIS A 80 2.53 -35.50 -1.92
N ILE A 81 3.13 -36.44 -1.20
CA ILE A 81 3.66 -36.21 0.14
C ILE A 81 5.17 -36.16 0.04
N SER A 82 5.74 -35.01 0.41
CA SER A 82 7.19 -34.84 0.47
C SER A 82 7.67 -35.50 1.75
N HIS A 83 8.11 -36.76 1.63
CA HIS A 83 8.50 -37.55 2.78
C HIS A 83 9.90 -37.15 3.24
N GLY A 84 10.01 -36.65 4.46
CA GLY A 84 11.26 -36.19 5.00
C GLY A 84 11.11 -34.86 5.72
N PRO A 85 12.20 -34.13 5.88
CA PRO A 85 12.14 -32.82 6.55
C PRO A 85 11.35 -31.82 5.71
N VAL A 86 11.16 -30.64 6.29
CA VAL A 86 10.17 -29.69 5.80
C VAL A 86 10.65 -28.88 4.58
N GLY A 87 11.96 -28.81 4.33
CA GLY A 87 12.46 -27.83 3.38
C GLY A 87 11.99 -28.06 1.96
N CYS A 88 12.16 -29.28 1.45
CA CYS A 88 12.01 -29.54 0.02
C CYS A 88 10.61 -29.21 -0.47
N GLY A 89 9.59 -29.72 0.22
CA GLY A 89 8.22 -29.45 -0.19
C GLY A 89 7.88 -27.98 -0.09
N GLN A 90 8.39 -27.30 0.93
CA GLN A 90 8.11 -25.88 1.09
C GLN A 90 8.69 -25.06 -0.05
N TYR A 91 9.92 -25.35 -0.45
CA TYR A 91 10.51 -24.60 -1.55
C TYR A 91 9.88 -24.98 -2.88
N SER A 92 9.40 -26.20 -3.02
CA SER A 92 8.78 -26.64 -4.27
C SER A 92 7.29 -26.32 -4.35
N ARG A 93 6.71 -25.74 -3.30
CA ARG A 93 5.27 -25.51 -3.26
C ARG A 93 4.89 -24.41 -4.24
N ALA A 94 4.17 -24.78 -5.30
CA ALA A 94 3.62 -23.84 -6.28
C ALA A 94 4.68 -22.94 -6.90
N GLY A 95 5.88 -23.46 -7.07
CA GLY A 95 6.92 -22.72 -7.76
C GLY A 95 6.85 -22.94 -9.25
N ARG A 96 6.21 -24.03 -9.66
CA ARG A 96 6.07 -24.40 -11.06
C ARG A 96 4.62 -24.22 -11.48
N ARG A 97 4.41 -23.54 -12.60
CA ARG A 97 3.06 -23.15 -13.01
C ARG A 97 2.42 -24.21 -13.91
N ASN A 98 2.37 -25.43 -13.39
CA ASN A 98 1.65 -26.52 -14.06
C ASN A 98 0.16 -26.35 -13.78
N TYR A 99 -0.53 -25.74 -14.74
CA TYR A 99 -1.90 -25.29 -14.54
C TYR A 99 -2.88 -26.46 -14.52
N TYR A 100 -3.93 -26.32 -13.71
CA TYR A 100 -4.92 -27.37 -13.56
C TYR A 100 -6.28 -26.75 -13.28
N ILE A 101 -7.33 -27.53 -13.54
CA ILE A 101 -8.70 -27.17 -13.21
C ILE A 101 -9.16 -28.08 -12.09
N GLY A 102 -9.59 -27.50 -10.98
CA GLY A 102 -10.10 -28.28 -9.87
C GLY A 102 -10.38 -27.39 -8.68
N THR A 103 -10.84 -28.03 -7.61
CA THR A 103 -11.16 -27.36 -6.36
C THR A 103 -10.05 -27.73 -5.37
N THR A 104 -9.15 -26.79 -5.12
CA THR A 104 -7.95 -27.07 -4.34
C THR A 104 -8.30 -27.34 -2.89
N GLY A 105 -7.76 -28.42 -2.35
CA GLY A 105 -8.04 -28.84 -0.99
C GLY A 105 -9.23 -29.76 -0.84
N VAL A 106 -10.01 -29.95 -1.90
CA VAL A 106 -11.19 -30.80 -1.84
C VAL A 106 -10.98 -32.00 -2.74
N ASN A 107 -10.79 -31.74 -4.04
CA ASN A 107 -10.52 -32.79 -5.01
C ASN A 107 -9.27 -32.57 -5.84
N ALA A 108 -8.60 -31.43 -5.68
CA ALA A 108 -7.31 -31.17 -6.32
C ALA A 108 -6.36 -30.62 -5.27
N PHE A 109 -5.07 -30.93 -5.42
CA PHE A 109 -4.11 -30.64 -4.36
C PHE A 109 -2.77 -30.13 -4.87
N VAL A 110 -2.71 -29.66 -6.12
CA VAL A 110 -1.42 -29.41 -6.76
C VAL A 110 -0.61 -28.36 -6.01
N THR A 111 -1.24 -27.23 -5.67
CA THR A 111 -0.51 -26.15 -5.03
C THR A 111 -0.38 -26.33 -3.53
N MET A 112 -0.92 -27.41 -2.98
CA MET A 112 -0.77 -27.73 -1.57
C MET A 112 0.57 -28.40 -1.33
N ASN A 113 1.07 -28.27 -0.11
CA ASN A 113 2.33 -28.90 0.31
C ASN A 113 2.02 -29.91 1.40
N PHE A 114 2.02 -31.19 1.04
CA PHE A 114 1.87 -32.28 1.99
C PHE A 114 3.25 -32.83 2.34
N THR A 115 3.53 -32.93 3.64
CA THR A 115 4.85 -33.36 4.08
C THR A 115 4.73 -34.11 5.40
N SER A 116 5.74 -34.95 5.66
CA SER A 116 5.83 -35.64 6.94
C SER A 116 6.59 -34.83 7.98
N ASP A 117 7.30 -33.78 7.57
CA ASP A 117 7.97 -32.85 8.48
C ASP A 117 8.84 -33.60 9.49
N PHE A 118 9.84 -34.30 8.96
CA PHE A 118 10.68 -35.15 9.78
C PHE A 118 11.40 -34.35 10.85
N GLN A 119 11.29 -34.82 12.10
CA GLN A 119 12.08 -34.31 13.20
C GLN A 119 13.25 -35.27 13.44
N GLU A 120 14.07 -34.97 14.45
CA GLU A 120 15.25 -35.77 14.71
C GLU A 120 14.88 -37.20 15.09
N LYS A 121 13.84 -37.37 15.90
CA LYS A 121 13.43 -38.71 16.30
C LYS A 121 12.93 -39.53 15.11
N ASP A 122 12.39 -38.87 14.09
CA ASP A 122 12.00 -39.58 12.88
C ASP A 122 13.22 -40.10 12.12
N ILE A 123 14.32 -39.36 12.14
CA ILE A 123 15.56 -39.84 11.54
C ILE A 123 16.11 -41.00 12.35
N VAL A 124 16.17 -40.84 13.68
CA VAL A 124 16.87 -41.81 14.51
C VAL A 124 16.10 -43.12 14.60
N PHE A 125 14.78 -43.06 14.74
CA PHE A 125 13.97 -44.24 14.95
C PHE A 125 13.18 -44.68 13.73
N GLY A 126 13.28 -43.94 12.63
CA GLY A 126 12.56 -44.29 11.42
C GLY A 126 11.20 -43.61 11.33
N GLY A 127 10.71 -43.51 10.09
CA GLY A 127 9.47 -42.80 9.84
C GLY A 127 8.37 -43.63 9.21
N ASP A 128 8.52 -44.95 9.21
CA ASP A 128 7.52 -45.81 8.58
C ASP A 128 6.18 -45.76 9.31
N LYS A 129 6.21 -45.84 10.64
CA LYS A 129 4.98 -45.70 11.42
C LYS A 129 4.38 -44.32 11.23
N LYS A 130 5.22 -43.28 11.22
CA LYS A 130 4.72 -41.94 10.95
C LYS A 130 4.14 -41.85 9.55
N LEU A 131 4.74 -42.54 8.58
CA LEU A 131 4.18 -42.54 7.23
C LEU A 131 2.81 -43.20 7.18
N ALA A 132 2.64 -44.32 7.90
CA ALA A 132 1.34 -44.97 7.96
C ALA A 132 0.29 -44.07 8.60
N LYS A 133 0.65 -43.44 9.72
CA LYS A 133 -0.29 -42.52 10.38
C LYS A 133 -0.61 -41.34 9.47
N LEU A 134 0.38 -40.85 8.72
CA LEU A 134 0.15 -39.76 7.77
C LEU A 134 -0.81 -40.18 6.67
N ILE A 135 -0.68 -41.40 6.17
CA ILE A 135 -1.60 -41.88 5.14
C ILE A 135 -3.02 -41.96 5.70
N ASP A 136 -3.15 -42.44 6.94
CA ASP A 136 -4.47 -42.47 7.57
C ASP A 136 -5.05 -41.08 7.72
N GLU A 137 -4.23 -40.11 8.14
CA GLU A 137 -4.70 -38.74 8.29
C GLU A 137 -5.09 -38.13 6.94
N VAL A 138 -4.32 -38.42 5.89
CA VAL A 138 -4.66 -37.96 4.55
C VAL A 138 -6.02 -38.50 4.15
N GLU A 139 -6.29 -39.78 4.45
CA GLU A 139 -7.59 -40.35 4.17
C GLU A 139 -8.70 -39.66 4.95
N THR A 140 -8.45 -39.38 6.23
CA THR A 140 -9.47 -38.77 7.08
C THR A 140 -9.81 -37.37 6.62
N LEU A 141 -8.81 -36.57 6.24
CA LEU A 141 -9.02 -35.17 5.97
C LEU A 141 -9.16 -34.83 4.49
N PHE A 142 -8.78 -35.73 3.59
CA PHE A 142 -8.90 -35.51 2.15
C PHE A 142 -9.53 -36.75 1.51
N PRO A 143 -10.82 -37.00 1.78
CA PRO A 143 -11.43 -38.25 1.31
C PRO A 143 -11.71 -38.29 -0.19
N LEU A 144 -11.60 -37.18 -0.90
CA LEU A 144 -11.86 -37.16 -2.34
C LEU A 144 -10.60 -37.32 -3.18
N ASN A 145 -9.44 -37.53 -2.57
CA ASN A 145 -8.24 -37.75 -3.35
C ASN A 145 -8.32 -39.09 -4.07
N LYS A 146 -7.76 -39.14 -5.28
CA LYS A 146 -7.80 -40.32 -6.12
C LYS A 146 -6.45 -41.02 -6.22
N GLY A 147 -5.55 -40.75 -5.28
CA GLY A 147 -4.24 -41.36 -5.30
C GLY A 147 -3.27 -40.67 -4.36
N ILE A 148 -2.33 -41.41 -3.81
CA ILE A 148 -1.31 -40.88 -2.91
C ILE A 148 0.05 -41.30 -3.45
N SER A 149 0.95 -40.34 -3.61
CA SER A 149 2.33 -40.63 -3.95
C SER A 149 3.23 -40.14 -2.82
N VAL A 150 4.27 -40.92 -2.53
CA VAL A 150 5.21 -40.63 -1.46
C VAL A 150 6.54 -40.34 -2.12
N GLN A 151 6.92 -39.06 -2.19
CA GLN A 151 8.16 -38.63 -2.84
C GLN A 151 9.25 -38.57 -1.78
N SER A 152 10.26 -39.45 -1.91
CA SER A 152 11.30 -39.51 -0.91
C SER A 152 12.26 -38.34 -1.03
N GLU A 153 12.63 -37.77 0.11
CA GLU A 153 13.71 -36.81 0.19
C GLU A 153 14.98 -37.53 0.64
N CYS A 154 16.05 -36.75 0.84
CA CYS A 154 17.37 -37.35 1.07
C CYS A 154 17.41 -38.30 2.28
N PRO A 155 16.91 -37.92 3.46
CA PRO A 155 17.02 -38.84 4.61
C PRO A 155 16.32 -40.17 4.41
N ILE A 156 15.20 -40.18 3.68
CA ILE A 156 14.48 -41.44 3.46
C ILE A 156 15.37 -42.41 2.70
N GLY A 157 16.05 -41.94 1.66
CA GLY A 157 16.98 -42.78 0.95
C GLY A 157 18.16 -43.19 1.81
N LEU A 158 18.62 -42.29 2.67
CA LEU A 158 19.80 -42.60 3.48
C LEU A 158 19.51 -43.71 4.50
N ILE A 159 18.43 -43.57 5.27
CA ILE A 159 18.22 -44.44 6.43
C ILE A 159 17.49 -45.72 6.09
N GLY A 160 17.17 -45.96 4.82
CA GLY A 160 16.53 -47.20 4.42
C GLY A 160 15.13 -47.40 4.95
N ASP A 161 14.32 -46.35 4.95
CA ASP A 161 12.90 -46.50 5.30
C ASP A 161 12.21 -47.32 4.23
N ASP A 162 11.44 -48.32 4.65
CA ASP A 162 10.75 -49.21 3.72
C ASP A 162 9.41 -48.59 3.36
N ILE A 163 9.47 -47.56 2.50
CA ILE A 163 8.26 -46.90 2.06
C ILE A 163 7.44 -47.77 1.13
N GLU A 164 8.08 -48.73 0.44
CA GLU A 164 7.34 -49.66 -0.41
C GLU A 164 6.41 -50.54 0.42
N SER A 165 6.89 -51.05 1.55
CA SER A 165 6.05 -51.87 2.42
C SER A 165 4.86 -51.07 2.95
N VAL A 166 5.11 -49.84 3.40
CA VAL A 166 4.03 -48.99 3.89
C VAL A 166 3.02 -48.73 2.77
N SER A 167 3.52 -48.43 1.57
CA SER A 167 2.64 -48.15 0.45
C SER A 167 1.76 -49.36 0.14
N LYS A 168 2.37 -50.55 0.09
CA LYS A 168 1.60 -51.76 -0.21
C LYS A 168 0.54 -52.01 0.85
N VAL A 169 0.93 -51.98 2.13
CA VAL A 169 0.00 -52.32 3.20
C VAL A 169 -1.14 -51.32 3.26
N LYS A 170 -0.82 -50.01 3.22
CA LYS A 170 -1.86 -49.00 3.32
C LYS A 170 -2.74 -48.98 2.07
N GLY A 171 -2.16 -49.22 0.89
CA GLY A 171 -2.97 -49.26 -0.32
C GLY A 171 -3.93 -50.43 -0.32
N ALA A 172 -3.47 -51.59 0.14
CA ALA A 172 -4.39 -52.73 0.28
C ALA A 172 -5.47 -52.43 1.30
N GLU A 173 -5.10 -51.81 2.42
CA GLU A 173 -6.06 -51.55 3.49
C GLU A 173 -7.11 -50.52 3.10
N LEU A 174 -6.74 -49.55 2.25
CA LEU A 174 -7.62 -48.45 1.90
C LEU A 174 -8.09 -48.47 0.46
N SER A 175 -7.74 -49.50 -0.31
CA SER A 175 -8.10 -49.58 -1.73
C SER A 175 -7.66 -48.32 -2.48
N LYS A 176 -6.46 -47.85 -2.17
CA LYS A 176 -5.91 -46.64 -2.74
C LYS A 176 -4.60 -46.95 -3.44
N THR A 177 -4.32 -46.20 -4.50
CA THR A 177 -3.04 -46.29 -5.17
C THR A 177 -2.04 -45.43 -4.40
N ILE A 178 -1.10 -46.08 -3.73
CA ILE A 178 -0.01 -45.41 -3.03
C ILE A 178 1.28 -45.76 -3.75
N VAL A 179 1.90 -44.75 -4.35
CA VAL A 179 3.06 -44.92 -5.22
C VAL A 179 4.29 -44.47 -4.44
N PRO A 180 5.21 -45.38 -4.08
CA PRO A 180 6.46 -44.97 -3.45
C PRO A 180 7.48 -44.58 -4.51
N VAL A 181 8.00 -43.36 -4.41
CA VAL A 181 9.00 -42.85 -5.35
C VAL A 181 10.29 -42.64 -4.60
N ARG A 182 11.31 -43.42 -4.97
CA ARG A 182 12.64 -43.32 -4.37
C ARG A 182 13.42 -42.23 -5.08
N CYS A 183 12.93 -41.00 -4.91
CA CYS A 183 13.50 -39.82 -5.58
C CYS A 183 14.34 -38.99 -4.63
N GLU A 184 15.08 -39.63 -3.73
CA GLU A 184 15.94 -38.90 -2.83
C GLU A 184 16.92 -38.03 -3.63
N GLY A 185 17.10 -36.79 -3.17
CA GLY A 185 17.74 -35.79 -4.00
C GLY A 185 19.16 -36.11 -4.41
N PHE A 186 19.87 -36.88 -3.58
CA PHE A 186 21.27 -37.16 -3.89
C PHE A 186 21.45 -38.21 -4.98
N ARG A 187 20.39 -38.88 -5.40
CA ARG A 187 20.51 -39.81 -6.52
C ARG A 187 20.68 -39.03 -7.82
N GLY A 188 21.41 -39.65 -8.75
CA GLY A 188 21.63 -38.99 -10.01
C GLY A 188 22.56 -37.80 -9.88
N VAL A 189 22.43 -36.88 -10.85
CA VAL A 189 23.27 -35.69 -10.88
C VAL A 189 22.39 -34.45 -11.06
N SER A 190 21.11 -34.66 -11.32
CA SER A 190 20.22 -33.58 -11.71
C SER A 190 18.78 -34.08 -11.61
N GLN A 191 17.85 -33.28 -12.16
CA GLN A 191 16.44 -33.65 -12.25
C GLN A 191 16.19 -34.80 -13.21
N SER A 192 17.15 -35.13 -14.08
CA SER A 192 16.92 -36.14 -15.11
C SER A 192 16.65 -37.52 -14.49
N LEU A 193 17.46 -37.90 -13.50
CA LEU A 193 17.17 -39.16 -12.83
C LEU A 193 15.86 -39.09 -12.07
N GLY A 194 15.46 -37.89 -11.62
CA GLY A 194 14.13 -37.75 -11.06
C GLY A 194 13.05 -38.07 -12.08
N HIS A 195 13.21 -37.60 -13.31
CA HIS A 195 12.29 -37.96 -14.38
C HIS A 195 12.25 -39.47 -14.56
N HIS A 196 13.42 -40.11 -14.62
CA HIS A 196 13.46 -41.55 -14.84
C HIS A 196 12.78 -42.32 -13.71
N ILE A 197 13.07 -41.94 -12.45
CA ILE A 197 12.48 -42.61 -11.30
C ILE A 197 10.96 -42.41 -11.28
N ALA A 198 10.50 -41.19 -11.58
CA ALA A 198 9.07 -40.93 -11.61
C ALA A 198 8.38 -41.72 -12.70
N ASN A 199 9.00 -41.82 -13.88
CA ASN A 199 8.45 -42.62 -14.96
C ASN A 199 8.37 -44.09 -14.58
N ASP A 200 9.41 -44.60 -13.92
CA ASP A 200 9.39 -45.99 -13.49
C ASP A 200 8.29 -46.23 -12.45
N ALA A 201 8.10 -45.27 -11.54
CA ALA A 201 7.03 -45.39 -10.55
C ALA A 201 5.66 -45.40 -11.21
N VAL A 202 5.46 -44.53 -12.21
CA VAL A 202 4.21 -44.54 -12.96
C VAL A 202 4.00 -45.89 -13.64
N ARG A 203 5.05 -46.41 -14.27
CA ARG A 203 4.95 -47.69 -14.96
C ARG A 203 4.61 -48.83 -13.99
N ASP A 204 5.22 -48.83 -12.81
CA ASP A 204 5.07 -49.94 -11.88
C ASP A 204 3.80 -49.87 -11.04
N TRP A 205 3.23 -48.67 -10.85
CA TRP A 205 2.13 -48.55 -9.90
C TRP A 205 0.85 -47.98 -10.46
N VAL A 206 0.86 -47.37 -11.64
CA VAL A 206 -0.30 -46.67 -12.17
C VAL A 206 -0.69 -47.19 -13.55
N LEU A 207 0.27 -47.27 -14.47
CA LEU A 207 -0.04 -47.53 -15.87
C LEU A 207 -0.72 -48.87 -16.10
N GLY A 208 -0.55 -49.83 -15.21
CA GLY A 208 -1.09 -51.15 -15.43
C GLY A 208 -2.36 -51.48 -14.67
N LYS A 209 -3.03 -50.46 -14.15
CA LYS A 209 -4.22 -50.72 -13.33
C LYS A 209 -5.41 -51.16 -14.18
N ARG A 210 -5.52 -50.67 -15.42
CA ARG A 210 -6.63 -51.00 -16.30
C ARG A 210 -6.19 -51.95 -17.42
N ASP A 211 -5.18 -52.78 -17.15
CA ASP A 211 -4.71 -53.71 -18.16
C ASP A 211 -5.79 -54.72 -18.53
N GLU A 212 -6.46 -55.28 -17.53
CA GLU A 212 -7.57 -56.22 -17.76
C GLU A 212 -8.91 -55.51 -17.69
N ASP A 213 -9.07 -54.50 -18.53
CA ASP A 213 -10.28 -53.69 -18.57
C ASP A 213 -10.53 -53.30 -20.01
N THR A 214 -11.77 -53.53 -20.48
CA THR A 214 -12.13 -53.24 -21.86
C THR A 214 -13.41 -52.41 -21.94
N THR A 215 -13.78 -51.74 -20.86
CA THR A 215 -15.01 -50.95 -20.81
C THR A 215 -14.82 -49.53 -21.31
N PHE A 216 -13.67 -49.21 -21.89
CA PHE A 216 -13.42 -47.90 -22.48
C PHE A 216 -13.57 -47.99 -23.99
N ALA A 217 -14.46 -47.17 -24.55
CA ALA A 217 -14.66 -47.15 -26.00
C ALA A 217 -13.49 -46.43 -26.66
N SER A 218 -12.84 -47.10 -27.60
CA SER A 218 -11.65 -46.58 -28.24
C SER A 218 -11.95 -46.29 -29.71
N THR A 219 -11.69 -45.08 -30.11
CA THR A 219 -11.79 -44.61 -31.48
C THR A 219 -10.42 -44.62 -32.15
N PRO A 220 -10.36 -44.77 -33.47
CA PRO A 220 -9.05 -44.84 -34.15
C PRO A 220 -8.22 -43.57 -34.02
N TYR A 221 -8.83 -42.45 -33.66
CA TYR A 221 -8.16 -41.16 -33.60
C TYR A 221 -7.69 -40.81 -32.19
N ASP A 222 -7.41 -41.81 -31.36
CA ASP A 222 -7.04 -41.58 -29.97
C ASP A 222 -5.54 -41.30 -29.86
N VAL A 223 -5.21 -40.12 -29.33
CA VAL A 223 -3.83 -39.73 -29.08
C VAL A 223 -3.72 -39.29 -27.63
N ALA A 224 -2.50 -39.40 -27.09
CA ALA A 224 -2.23 -38.95 -25.73
C ALA A 224 -1.04 -38.00 -25.77
N ILE A 225 -1.19 -36.83 -25.14
CA ILE A 225 -0.10 -35.88 -25.02
C ILE A 225 0.77 -36.29 -23.84
N ILE A 226 2.05 -36.51 -24.11
CA ILE A 226 3.00 -36.96 -23.10
C ILE A 226 4.10 -35.91 -22.99
N GLY A 227 4.55 -35.66 -21.77
CA GLY A 227 5.59 -34.67 -21.53
C GLY A 227 5.17 -33.25 -21.81
N ASP A 228 3.93 -32.89 -21.50
CA ASP A 228 3.46 -31.51 -21.55
C ASP A 228 2.85 -31.19 -20.20
N TYR A 229 3.44 -30.24 -19.48
CA TYR A 229 3.12 -30.00 -18.09
C TYR A 229 2.25 -28.77 -17.89
N ASN A 230 1.62 -28.27 -18.94
CA ASN A 230 0.60 -27.23 -18.83
C ASN A 230 1.15 -25.98 -18.14
N ILE A 231 2.38 -25.60 -18.48
CA ILE A 231 2.96 -24.38 -17.92
C ILE A 231 2.25 -23.18 -18.55
N GLY A 232 1.63 -22.36 -17.71
CA GLY A 232 0.85 -21.25 -18.21
C GLY A 232 -0.32 -21.67 -19.08
N GLY A 233 -0.76 -22.92 -18.98
CA GLY A 233 -1.78 -23.44 -19.85
C GLY A 233 -1.27 -23.99 -21.17
N ASP A 234 0.04 -24.19 -21.30
CA ASP A 234 0.64 -24.66 -22.55
C ASP A 234 -0.12 -25.85 -23.12
N ALA A 235 -0.27 -26.92 -22.33
CA ALA A 235 -0.94 -28.12 -22.80
C ALA A 235 -2.32 -27.81 -23.34
N TRP A 236 -3.09 -26.99 -22.63
CA TRP A 236 -4.42 -26.63 -23.11
C TRP A 236 -4.32 -25.97 -24.48
N SER A 237 -3.43 -24.99 -24.62
CA SER A 237 -3.26 -24.34 -25.92
C SER A 237 -2.85 -25.33 -26.98
N SER A 238 -2.10 -26.36 -26.60
CA SER A 238 -1.76 -27.41 -27.55
C SER A 238 -2.98 -28.29 -27.82
N ARG A 239 -3.70 -28.67 -26.77
CA ARG A 239 -4.76 -29.66 -26.91
C ARG A 239 -5.84 -29.16 -27.86
N ILE A 240 -6.20 -27.89 -27.75
CA ILE A 240 -7.27 -27.34 -28.58
C ILE A 240 -6.93 -27.46 -30.05
N LEU A 241 -5.65 -27.47 -30.40
CA LEU A 241 -5.27 -27.68 -31.79
C LEU A 241 -5.55 -29.12 -32.22
N LEU A 242 -5.11 -30.09 -31.41
CA LEU A 242 -5.24 -31.49 -31.79
C LEU A 242 -6.71 -31.87 -31.94
N GLU A 243 -7.52 -31.56 -30.93
CA GLU A 243 -8.94 -31.84 -31.01
C GLU A 243 -9.65 -30.99 -32.05
N GLU A 244 -9.01 -29.92 -32.55
CA GLU A 244 -9.61 -29.19 -33.66
C GLU A 244 -9.36 -29.85 -35.00
N MET A 245 -8.45 -30.83 -35.05
CA MET A 245 -8.21 -31.59 -36.26
C MET A 245 -8.70 -33.03 -36.12
N GLY A 246 -9.68 -33.25 -35.23
CA GLY A 246 -10.39 -34.49 -35.14
C GLY A 246 -9.90 -35.46 -34.09
N LEU A 247 -8.68 -35.27 -33.59
CA LEU A 247 -8.12 -36.22 -32.64
C LEU A 247 -8.82 -36.13 -31.29
N ARG A 248 -8.85 -37.26 -30.59
CA ARG A 248 -9.39 -37.34 -29.25
C ARG A 248 -8.23 -37.45 -28.27
N CYS A 249 -8.04 -36.42 -27.46
CA CYS A 249 -6.94 -36.38 -26.49
C CYS A 249 -7.39 -37.11 -25.23
N VAL A 250 -7.09 -38.39 -25.16
CA VAL A 250 -7.51 -39.20 -24.01
C VAL A 250 -6.71 -38.81 -22.76
N ALA A 251 -5.41 -38.55 -22.92
CA ALA A 251 -4.54 -38.33 -21.76
C ALA A 251 -3.65 -37.12 -21.99
N GLN A 252 -3.31 -36.46 -20.87
CA GLN A 252 -2.33 -35.39 -20.84
C GLN A 252 -1.34 -35.68 -19.72
N TRP A 253 -0.05 -35.68 -20.06
CA TRP A 253 1.01 -36.04 -19.12
C TRP A 253 1.93 -34.85 -18.92
N SER A 254 1.89 -34.25 -17.73
CA SER A 254 0.98 -34.57 -16.65
C SER A 254 0.32 -33.29 -16.17
N GLY A 255 0.64 -32.18 -16.84
CA GLY A 255 0.00 -30.92 -16.55
C GLY A 255 -1.49 -30.97 -16.81
N ASP A 256 -2.28 -30.53 -15.82
CA ASP A 256 -3.73 -30.72 -15.84
C ASP A 256 -4.07 -32.19 -16.01
N GLY A 257 -3.24 -33.06 -15.45
CA GLY A 257 -3.38 -34.49 -15.63
C GLY A 257 -4.12 -35.12 -14.46
N SER A 258 -4.91 -36.13 -14.77
CA SER A 258 -5.59 -36.93 -13.77
C SER A 258 -5.05 -38.36 -13.84
N ILE A 259 -5.13 -39.07 -12.71
CA ILE A 259 -4.66 -40.44 -12.68
C ILE A 259 -5.49 -41.31 -13.62
N SER A 260 -6.75 -40.93 -13.86
CA SER A 260 -7.58 -41.65 -14.81
C SER A 260 -7.01 -41.57 -16.22
N GLU A 261 -6.52 -40.39 -16.62
CA GLU A 261 -5.93 -40.24 -17.94
C GLU A 261 -4.68 -41.11 -18.09
N ILE A 262 -3.86 -41.17 -17.06
CA ILE A 262 -2.66 -42.01 -17.10
C ILE A 262 -3.06 -43.48 -17.23
N GLU A 263 -4.08 -43.89 -16.49
CA GLU A 263 -4.56 -45.27 -16.59
C GLU A 263 -5.17 -45.56 -17.97
N LEU A 264 -5.77 -44.56 -18.61
CA LEU A 264 -6.35 -44.74 -19.93
C LEU A 264 -5.35 -44.60 -21.06
N THR A 265 -4.14 -44.13 -20.77
CA THR A 265 -3.12 -43.99 -21.81
C THR A 265 -2.84 -45.27 -22.60
N PRO A 266 -2.77 -46.47 -22.01
CA PRO A 266 -2.53 -47.67 -22.84
C PRO A 266 -3.63 -47.94 -23.86
N LYS A 267 -4.81 -47.35 -23.70
CA LYS A 267 -5.91 -47.57 -24.63
C LYS A 267 -5.82 -46.69 -25.87
N VAL A 268 -4.94 -45.70 -25.89
CA VAL A 268 -4.86 -44.76 -27.01
C VAL A 268 -4.12 -45.41 -28.18
N LYS A 269 -4.17 -44.78 -29.34
CA LYS A 269 -3.51 -45.30 -30.53
C LYS A 269 -2.20 -44.60 -30.87
N LEU A 270 -2.02 -43.35 -30.44
CA LEU A 270 -0.78 -42.63 -30.71
C LEU A 270 -0.34 -41.90 -29.45
N ASN A 271 0.97 -41.75 -29.28
CA ASN A 271 1.53 -41.04 -28.14
C ASN A 271 2.38 -39.88 -28.66
N LEU A 272 1.87 -38.67 -28.51
CA LEU A 272 2.55 -37.46 -28.96
C LEU A 272 3.42 -36.94 -27.82
N VAL A 273 4.73 -37.10 -27.94
CA VAL A 273 5.67 -36.73 -26.90
C VAL A 273 6.16 -35.32 -27.19
N HIS A 274 5.94 -34.40 -26.25
CA HIS A 274 6.50 -33.06 -26.39
C HIS A 274 7.90 -32.99 -25.79
N CYS A 275 8.03 -33.29 -24.50
CA CYS A 275 9.34 -33.34 -23.86
C CYS A 275 9.86 -34.76 -23.95
N TYR A 276 10.76 -34.99 -24.91
CA TYR A 276 11.39 -36.29 -25.06
C TYR A 276 12.18 -36.65 -23.79
N ARG A 277 12.91 -35.68 -23.24
CA ARG A 277 13.84 -35.96 -22.15
C ARG A 277 13.14 -36.51 -20.92
N SER A 278 12.00 -35.92 -20.54
CA SER A 278 11.38 -36.29 -19.27
C SER A 278 10.58 -37.58 -19.35
N MET A 279 9.97 -37.90 -20.49
CA MET A 279 8.98 -38.98 -20.53
C MET A 279 9.22 -39.98 -21.66
N ASN A 280 10.41 -39.93 -22.28
CA ASN A 280 10.74 -40.93 -23.29
C ASN A 280 10.77 -42.34 -22.70
N TYR A 281 11.07 -42.46 -21.40
CA TYR A 281 11.09 -43.78 -20.77
C TYR A 281 9.72 -44.44 -20.86
N ILE A 282 8.68 -43.73 -20.41
CA ILE A 282 7.34 -44.31 -20.46
C ILE A 282 6.87 -44.44 -21.90
N SER A 283 7.28 -43.53 -22.79
CA SER A 283 6.90 -43.67 -24.19
C SER A 283 7.44 -44.96 -24.78
N ARG A 284 8.72 -45.27 -24.52
CA ARG A 284 9.31 -46.51 -24.99
C ARG A 284 8.65 -47.72 -24.35
N HIS A 285 8.36 -47.64 -23.04
CA HIS A 285 7.71 -48.74 -22.36
C HIS A 285 6.37 -49.06 -22.99
N MET A 286 5.57 -48.03 -23.28
CA MET A 286 4.26 -48.25 -23.88
C MET A 286 4.38 -48.71 -25.33
N GLU A 287 5.40 -48.25 -26.04
CA GLU A 287 5.63 -48.72 -27.41
C GLU A 287 5.96 -50.20 -27.43
N GLU A 288 6.80 -50.66 -26.50
CA GLU A 288 7.26 -52.04 -26.51
C GLU A 288 6.35 -52.98 -25.73
N LYS A 289 5.37 -52.47 -24.98
CA LYS A 289 4.42 -53.33 -24.28
C LYS A 289 3.06 -53.36 -24.95
N TYR A 290 2.43 -52.20 -25.14
CA TYR A 290 1.11 -52.13 -25.74
C TYR A 290 1.14 -51.92 -27.26
N GLY A 291 2.33 -51.74 -27.84
CA GLY A 291 2.42 -51.50 -29.26
C GLY A 291 1.95 -50.13 -29.72
N ILE A 292 1.95 -49.15 -28.82
CA ILE A 292 1.50 -47.80 -29.15
C ILE A 292 2.68 -47.02 -29.72
N PRO A 293 2.62 -46.58 -30.97
CA PRO A 293 3.70 -45.73 -31.50
C PRO A 293 3.70 -44.38 -30.83
N TRP A 294 4.89 -43.80 -30.71
CA TRP A 294 5.04 -42.46 -30.16
C TRP A 294 5.90 -41.63 -31.08
N MET A 295 5.51 -40.36 -31.22
CA MET A 295 6.16 -39.43 -32.13
C MET A 295 6.46 -38.14 -31.38
N GLU A 296 7.65 -37.60 -31.61
CA GLU A 296 8.00 -36.29 -31.06
C GLU A 296 7.41 -35.20 -31.94
N TYR A 297 6.78 -34.21 -31.31
CA TYR A 297 6.23 -33.06 -32.01
C TYR A 297 6.74 -31.79 -31.32
N ASN A 298 6.31 -30.64 -31.84
CA ASN A 298 6.78 -29.36 -31.35
C ASN A 298 5.74 -28.31 -31.66
N PHE A 299 5.20 -27.65 -30.64
CA PHE A 299 4.17 -26.63 -30.81
C PHE A 299 4.70 -25.24 -30.45
N PHE A 300 5.99 -25.00 -30.66
CA PHE A 300 6.61 -23.71 -30.39
C PHE A 300 6.74 -22.95 -31.71
N GLY A 301 5.90 -21.94 -31.90
CA GLY A 301 5.96 -21.10 -33.07
C GLY A 301 5.14 -21.66 -34.22
N PRO A 302 4.77 -20.79 -35.17
CA PRO A 302 3.89 -21.24 -36.27
C PRO A 302 4.53 -22.30 -37.15
N THR A 303 5.80 -22.15 -37.50
CA THR A 303 6.46 -23.11 -38.38
C THR A 303 6.47 -24.50 -37.77
N LYS A 304 6.95 -24.61 -36.54
CA LYS A 304 7.00 -25.91 -35.87
C LYS A 304 5.61 -26.44 -35.61
N THR A 305 4.66 -25.57 -35.26
CA THR A 305 3.30 -26.04 -34.98
C THR A 305 2.66 -26.63 -36.24
N ILE A 306 2.77 -25.93 -37.37
CA ILE A 306 2.21 -26.43 -38.62
C ILE A 306 2.90 -27.73 -39.03
N GLU A 307 4.24 -27.75 -38.96
CA GLU A 307 4.98 -28.94 -39.35
C GLU A 307 4.57 -30.14 -38.50
N SER A 308 4.47 -29.95 -37.19
CA SER A 308 4.11 -31.04 -36.31
C SER A 308 2.66 -31.47 -36.53
N LEU A 309 1.76 -30.53 -36.78
CA LEU A 309 0.37 -30.89 -37.03
C LEU A 309 0.24 -31.71 -38.30
N ARG A 310 0.98 -31.35 -39.36
CA ARG A 310 0.93 -32.15 -40.58
C ARG A 310 1.58 -33.51 -40.36
N ALA A 311 2.67 -33.57 -39.59
CA ALA A 311 3.31 -34.85 -39.30
C ALA A 311 2.38 -35.78 -38.53
N ILE A 312 1.64 -35.22 -37.56
CA ILE A 312 0.70 -36.03 -36.79
C ILE A 312 -0.48 -36.45 -37.65
N ALA A 313 -0.97 -35.55 -38.51
CA ALA A 313 -2.08 -35.88 -39.38
C ALA A 313 -1.72 -37.01 -40.34
N ALA A 314 -0.48 -36.99 -40.85
CA ALA A 314 -0.05 -38.04 -41.77
C ALA A 314 -0.10 -39.43 -41.15
N LYS A 315 -0.36 -39.54 -39.86
CA LYS A 315 -0.47 -40.82 -39.18
C LYS A 315 -1.90 -41.30 -39.03
N PHE A 316 -2.85 -40.66 -39.71
CA PHE A 316 -4.26 -40.99 -39.57
C PHE A 316 -4.91 -40.99 -40.95
N ASP A 317 -6.23 -40.97 -40.95
CA ASP A 317 -7.02 -41.07 -42.18
C ASP A 317 -6.93 -39.78 -42.97
N GLU A 318 -7.66 -39.75 -44.09
CA GLU A 318 -7.75 -38.54 -44.89
C GLU A 318 -8.60 -37.47 -44.20
N SER A 319 -9.57 -37.90 -43.39
CA SER A 319 -10.40 -36.93 -42.67
C SER A 319 -9.57 -36.12 -41.68
N ILE A 320 -8.66 -36.78 -40.96
CA ILE A 320 -7.81 -36.08 -40.02
C ILE A 320 -6.89 -35.10 -40.75
N GLN A 321 -6.42 -35.49 -41.94
CA GLN A 321 -5.54 -34.61 -42.70
C GLN A 321 -6.29 -33.39 -43.23
N LYS A 322 -7.53 -33.59 -43.68
CA LYS A 322 -8.35 -32.46 -44.11
C LYS A 322 -8.64 -31.52 -42.94
N LYS A 323 -8.95 -32.08 -41.77
CA LYS A 323 -9.19 -31.25 -40.59
C LYS A 323 -7.93 -30.50 -40.19
N CYS A 324 -6.76 -31.13 -40.27
CA CYS A 324 -5.51 -30.46 -39.98
C CYS A 324 -5.26 -29.30 -40.95
N GLU A 325 -5.51 -29.55 -42.25
CA GLU A 325 -5.32 -28.49 -43.24
C GLU A 325 -6.28 -27.32 -42.99
N GLU A 326 -7.52 -27.62 -42.61
CA GLU A 326 -8.45 -26.53 -42.33
C GLU A 326 -8.06 -25.79 -41.06
N VAL A 327 -7.50 -26.48 -40.07
CA VAL A 327 -6.98 -25.80 -38.88
C VAL A 327 -5.84 -24.86 -39.26
N ILE A 328 -4.93 -25.33 -40.10
CA ILE A 328 -3.80 -24.51 -40.53
C ILE A 328 -4.29 -23.27 -41.27
N ALA A 329 -5.23 -23.46 -42.20
CA ALA A 329 -5.75 -22.32 -42.95
C ALA A 329 -6.52 -21.36 -42.07
N LYS A 330 -7.23 -21.88 -41.06
CA LYS A 330 -7.96 -21.01 -40.15
C LYS A 330 -7.03 -20.16 -39.31
N TYR A 331 -5.97 -20.77 -38.76
CA TYR A 331 -5.08 -20.03 -37.88
C TYR A 331 -3.99 -19.26 -38.60
N LYS A 332 -3.88 -19.43 -39.93
CA LYS A 332 -2.85 -18.70 -40.68
C LYS A 332 -2.93 -17.19 -40.53
N PRO A 333 -4.09 -16.52 -40.68
CA PRO A 333 -4.09 -15.06 -40.57
C PRO A 333 -3.67 -14.55 -39.21
N GLU A 334 -3.98 -15.26 -38.12
CA GLU A 334 -3.66 -14.76 -36.79
C GLU A 334 -2.15 -14.73 -36.55
N TRP A 335 -1.47 -15.84 -36.83
CA TRP A 335 -0.03 -15.84 -36.63
C TRP A 335 0.67 -15.00 -37.68
N GLU A 336 0.08 -14.87 -38.88
CA GLU A 336 0.65 -13.95 -39.86
C GLU A 336 0.57 -12.51 -39.36
N ALA A 337 -0.55 -12.13 -38.73
CA ALA A 337 -0.66 -10.80 -38.15
C ALA A 337 0.32 -10.61 -37.02
N VAL A 338 0.50 -11.64 -36.19
CA VAL A 338 1.48 -11.55 -35.11
C VAL A 338 2.88 -11.31 -35.67
N VAL A 339 3.24 -12.03 -36.73
CA VAL A 339 4.55 -11.82 -37.36
C VAL A 339 4.65 -10.40 -37.91
N ALA A 340 3.65 -9.99 -38.68
CA ALA A 340 3.68 -8.67 -39.31
C ALA A 340 3.70 -7.55 -38.28
N LYS A 341 3.27 -7.81 -37.05
CA LYS A 341 3.34 -6.81 -36.01
C LYS A 341 4.67 -6.83 -35.26
N TYR A 342 5.18 -8.01 -34.92
CA TYR A 342 6.28 -8.10 -33.96
C TYR A 342 7.64 -8.45 -34.57
N ARG A 343 7.67 -9.10 -35.73
CA ARG A 343 8.95 -9.40 -36.38
C ARG A 343 9.78 -8.15 -36.69
N PRO A 344 9.22 -7.07 -37.24
CA PRO A 344 10.05 -5.88 -37.47
C PRO A 344 10.67 -5.34 -36.21
N ARG A 345 9.99 -5.47 -35.08
CA ARG A 345 10.53 -5.03 -33.80
C ARG A 345 11.62 -5.96 -33.28
N LEU A 346 11.68 -7.20 -33.77
CA LEU A 346 12.58 -8.19 -33.23
C LEU A 346 13.57 -8.75 -34.25
N GLU A 347 13.45 -8.40 -35.52
CA GLU A 347 14.31 -8.98 -36.54
C GLU A 347 15.79 -8.67 -36.27
N GLY A 348 16.64 -9.68 -36.43
CA GLY A 348 18.05 -9.52 -36.25
C GLY A 348 18.54 -9.53 -34.82
N LYS A 349 17.65 -9.75 -33.85
CA LYS A 349 18.05 -9.74 -32.46
C LYS A 349 18.59 -11.09 -32.05
N ARG A 350 19.69 -11.08 -31.30
CA ARG A 350 20.40 -12.30 -30.92
C ARG A 350 19.96 -12.75 -29.53
N VAL A 351 19.72 -14.05 -29.39
CA VAL A 351 19.21 -14.64 -28.15
C VAL A 351 20.15 -15.75 -27.70
N MET A 352 20.43 -15.77 -26.41
CA MET A 352 21.13 -16.88 -25.79
C MET A 352 20.16 -17.57 -24.81
N LEU A 353 20.21 -18.90 -24.77
CA LEU A 353 19.28 -19.67 -23.97
C LEU A 353 20.03 -20.59 -23.02
N TYR A 354 19.45 -20.81 -21.84
CA TYR A 354 19.92 -21.85 -20.92
C TYR A 354 18.72 -22.32 -20.10
N ILE A 355 18.16 -23.47 -20.49
CA ILE A 355 17.02 -24.05 -19.80
C ILE A 355 17.35 -25.50 -19.50
N GLY A 356 16.38 -26.26 -18.99
CA GLY A 356 16.68 -27.57 -18.45
C GLY A 356 17.04 -28.69 -19.40
N GLY A 357 16.06 -29.25 -20.11
CA GLY A 357 16.38 -30.36 -20.99
C GLY A 357 15.61 -30.51 -22.29
N LEU A 358 14.63 -29.65 -22.54
CA LEU A 358 13.96 -29.74 -23.83
C LEU A 358 13.88 -28.40 -24.56
N ARG A 359 13.54 -27.35 -23.84
CA ARG A 359 13.28 -26.02 -24.38
C ARG A 359 14.50 -25.31 -24.97
N PRO A 360 15.74 -25.61 -24.53
CA PRO A 360 16.89 -24.95 -25.18
C PRO A 360 16.97 -25.17 -26.68
N ARG A 361 16.40 -26.25 -27.21
CA ARG A 361 16.34 -26.44 -28.66
C ARG A 361 14.94 -26.35 -29.23
N HIS A 362 13.90 -26.52 -28.41
CA HIS A 362 12.54 -26.60 -28.94
C HIS A 362 12.01 -25.23 -29.35
N VAL A 363 12.47 -24.16 -28.69
CA VAL A 363 11.92 -22.83 -28.94
C VAL A 363 12.70 -22.05 -29.98
N ILE A 364 13.72 -22.66 -30.61
CA ILE A 364 14.52 -21.94 -31.59
C ILE A 364 13.68 -21.59 -32.81
N GLY A 365 12.80 -22.50 -33.23
CA GLY A 365 11.95 -22.21 -34.36
C GLY A 365 11.00 -21.04 -34.12
N ALA A 366 10.46 -20.95 -32.89
CA ALA A 366 9.59 -19.84 -32.56
C ALA A 366 10.33 -18.51 -32.63
N TYR A 367 11.55 -18.47 -32.09
CA TYR A 367 12.36 -17.25 -32.18
C TYR A 367 12.68 -16.90 -33.62
N GLU A 368 13.01 -17.91 -34.43
CA GLU A 368 13.35 -17.64 -35.83
C GLU A 368 12.13 -17.19 -36.63
N ASP A 369 10.93 -17.59 -36.18
CA ASP A 369 9.71 -17.09 -36.82
C ASP A 369 9.56 -15.59 -36.66
N LEU A 370 10.23 -14.99 -35.68
CA LEU A 370 10.24 -13.55 -35.48
C LEU A 370 11.57 -12.93 -35.90
N GLY A 371 12.34 -13.62 -36.74
CA GLY A 371 13.58 -13.08 -37.24
C GLY A 371 14.70 -13.01 -36.23
N MET A 372 14.60 -13.76 -35.13
CA MET A 372 15.60 -13.74 -34.08
C MET A 372 16.51 -14.95 -34.21
N GLU A 373 17.81 -14.73 -34.04
CA GLU A 373 18.82 -15.76 -34.18
C GLU A 373 19.29 -16.20 -32.81
N VAL A 374 19.32 -17.52 -32.58
CA VAL A 374 19.81 -18.07 -31.32
C VAL A 374 21.30 -18.35 -31.48
N VAL A 375 22.11 -17.58 -30.77
CA VAL A 375 23.57 -17.68 -30.89
C VAL A 375 24.20 -18.55 -29.81
N GLY A 376 23.52 -18.75 -28.69
CA GLY A 376 24.02 -19.63 -27.65
C GLY A 376 22.89 -20.39 -27.00
N THR A 377 23.13 -21.66 -26.71
CA THR A 377 22.12 -22.47 -26.02
C THR A 377 22.82 -23.51 -25.18
N GLY A 378 22.08 -24.09 -24.25
CA GLY A 378 22.65 -25.09 -23.38
C GLY A 378 21.60 -25.65 -22.46
N TYR A 379 21.97 -26.76 -21.82
CA TYR A 379 21.04 -27.50 -20.98
C TYR A 379 21.63 -27.71 -19.59
N GLU A 380 20.72 -27.74 -18.61
CA GLU A 380 21.12 -28.14 -17.27
C GLU A 380 21.42 -29.63 -17.20
N PHE A 381 20.54 -30.46 -17.77
CA PHE A 381 20.57 -31.90 -17.50
C PHE A 381 20.23 -32.74 -18.72
N ALA A 382 20.49 -32.24 -19.92
CA ALA A 382 20.17 -33.04 -21.10
C ALA A 382 21.19 -34.16 -21.29
N HIS A 383 20.81 -35.13 -22.10
CA HIS A 383 21.64 -36.29 -22.40
C HIS A 383 22.28 -36.12 -23.77
N ASN A 384 22.97 -37.15 -24.24
CA ASN A 384 23.63 -37.10 -25.54
C ASN A 384 22.62 -36.97 -26.67
N ASP A 385 21.50 -37.69 -26.58
CA ASP A 385 20.51 -37.64 -27.65
C ASP A 385 19.88 -36.26 -27.77
N ASP A 386 19.75 -35.53 -26.66
CA ASP A 386 19.22 -34.18 -26.73
C ASP A 386 20.14 -33.25 -27.50
N TYR A 387 21.45 -33.34 -27.27
CA TYR A 387 22.38 -32.52 -28.04
C TYR A 387 22.45 -32.97 -29.49
N ASP A 388 22.29 -34.28 -29.74
CA ASP A 388 22.18 -34.75 -31.11
C ASP A 388 21.02 -34.10 -31.83
N ARG A 389 19.86 -34.01 -31.16
CA ARG A 389 18.73 -33.30 -31.73
C ARG A 389 19.00 -31.79 -31.82
N THR A 390 19.80 -31.27 -30.89
CA THR A 390 20.08 -29.83 -30.86
C THR A 390 20.93 -29.39 -32.04
N MET A 391 21.84 -30.25 -32.53
CA MET A 391 22.73 -29.84 -33.61
C MET A 391 21.96 -29.47 -34.88
N LYS A 392 20.92 -30.22 -35.21
CA LYS A 392 20.14 -29.90 -36.41
C LYS A 392 19.34 -28.61 -36.29
N GLU A 393 19.23 -28.04 -35.08
CA GLU A 393 18.44 -26.83 -34.88
C GLU A 393 19.28 -25.58 -34.66
N MET A 394 20.48 -25.71 -34.09
CA MET A 394 21.33 -24.57 -33.85
C MET A 394 22.05 -24.13 -35.12
N GLY A 395 22.34 -22.84 -35.20
CA GLY A 395 23.07 -22.31 -36.34
C GLY A 395 24.55 -22.61 -36.28
N ASP A 396 25.23 -22.26 -37.36
CA ASP A 396 26.67 -22.50 -37.47
C ASP A 396 27.45 -21.67 -36.47
N SER A 397 28.45 -22.30 -35.86
CA SER A 397 29.37 -21.63 -34.92
C SER A 397 28.62 -20.94 -33.78
N THR A 398 27.62 -21.63 -33.23
CA THR A 398 26.87 -21.14 -32.09
C THR A 398 27.33 -21.86 -30.82
N LEU A 399 27.34 -21.13 -29.72
CA LEU A 399 27.85 -21.70 -28.47
C LEU A 399 26.86 -22.71 -27.89
N LEU A 400 27.39 -23.85 -27.43
CA LEU A 400 26.61 -24.88 -26.75
C LEU A 400 27.24 -25.14 -25.40
N TYR A 401 26.42 -25.16 -24.35
CA TYR A 401 26.93 -25.41 -23.01
C TYR A 401 26.04 -26.41 -22.27
N ASP A 402 26.69 -27.21 -21.43
CA ASP A 402 26.02 -28.22 -20.61
C ASP A 402 26.38 -27.99 -19.15
N ASP A 403 25.35 -27.92 -18.31
CA ASP A 403 25.51 -27.68 -16.87
C ASP A 403 26.43 -26.48 -16.63
N VAL A 404 26.12 -25.39 -17.33
CA VAL A 404 26.96 -24.19 -17.25
C VAL A 404 26.97 -23.66 -15.83
N THR A 405 28.12 -23.15 -15.41
CA THR A 405 28.23 -22.51 -14.11
C THR A 405 27.81 -21.04 -14.23
N GLY A 406 27.57 -20.42 -13.08
CA GLY A 406 27.24 -19.00 -13.07
C GLY A 406 28.36 -18.15 -13.65
N TYR A 407 29.60 -18.46 -13.28
CA TYR A 407 30.74 -17.74 -13.82
C TYR A 407 30.84 -17.91 -15.32
N GLU A 408 30.76 -19.15 -15.80
CA GLU A 408 30.87 -19.43 -17.23
C GLU A 408 29.80 -18.67 -18.01
N PHE A 409 28.55 -18.75 -17.54
CA PHE A 409 27.45 -18.17 -18.30
C PHE A 409 27.53 -16.65 -18.27
N GLU A 410 27.93 -16.07 -17.13
CA GLU A 410 28.13 -14.63 -17.05
C GLU A 410 29.20 -14.17 -18.02
N GLU A 411 30.34 -14.89 -18.09
CA GLU A 411 31.41 -14.50 -18.99
C GLU A 411 31.00 -14.66 -20.45
N PHE A 412 30.29 -15.74 -20.76
CA PHE A 412 29.80 -15.93 -22.13
C PHE A 412 28.87 -14.81 -22.54
N VAL A 413 27.98 -14.40 -21.64
CA VAL A 413 27.07 -13.31 -21.94
C VAL A 413 27.83 -12.00 -22.11
N LYS A 414 28.83 -11.76 -21.26
CA LYS A 414 29.62 -10.54 -21.36
C LYS A 414 30.32 -10.45 -22.71
N ARG A 415 30.92 -11.55 -23.17
CA ARG A 415 31.63 -11.51 -24.43
C ARG A 415 30.67 -11.48 -25.62
N ILE A 416 29.65 -12.33 -25.62
CA ILE A 416 28.77 -12.44 -26.77
C ILE A 416 27.86 -11.22 -26.88
N LYS A 417 27.41 -10.69 -25.75
CA LYS A 417 26.54 -9.52 -25.68
C LYS A 417 25.25 -9.76 -26.45
N PRO A 418 24.41 -10.72 -26.07
CA PRO A 418 23.15 -10.94 -26.77
C PRO A 418 22.13 -9.86 -26.44
N ASP A 419 21.14 -9.75 -27.31
CA ASP A 419 20.05 -8.81 -27.08
C ASP A 419 19.04 -9.33 -26.05
N LEU A 420 18.97 -10.63 -25.84
CA LEU A 420 17.97 -11.22 -24.96
C LEU A 420 18.51 -12.54 -24.42
N ILE A 421 18.23 -12.80 -23.14
CA ILE A 421 18.64 -14.02 -22.47
C ILE A 421 17.40 -14.74 -21.97
N GLY A 422 17.29 -16.03 -22.29
CA GLY A 422 16.22 -16.86 -21.76
C GLY A 422 16.73 -17.94 -20.84
N SER A 423 16.40 -17.84 -19.55
CA SER A 423 16.90 -18.79 -18.55
C SER A 423 15.94 -18.77 -17.35
N GLY A 424 16.41 -19.30 -16.22
CA GLY A 424 15.58 -19.45 -15.04
C GLY A 424 15.66 -18.28 -14.08
N ILE A 425 14.99 -18.45 -12.93
CA ILE A 425 14.89 -17.39 -11.94
C ILE A 425 16.24 -17.06 -11.30
N LYS A 426 17.18 -18.01 -11.29
CA LYS A 426 18.47 -17.77 -10.64
C LYS A 426 19.46 -17.02 -11.53
N GLU A 427 19.10 -16.74 -12.78
CA GLU A 427 19.92 -15.93 -13.67
C GLU A 427 19.27 -14.61 -14.01
N LYS A 428 17.97 -14.48 -13.73
CA LYS A 428 17.17 -13.38 -14.24
C LYS A 428 17.71 -12.04 -13.75
N PHE A 429 17.87 -11.91 -12.44
CA PHE A 429 18.25 -10.61 -11.88
C PHE A 429 19.72 -10.32 -12.09
N ILE A 430 20.55 -11.36 -12.15
CA ILE A 430 21.95 -11.18 -12.53
C ILE A 430 22.04 -10.49 -13.88
N PHE A 431 21.33 -11.03 -14.88
CA PHE A 431 21.45 -10.46 -16.21
C PHE A 431 20.62 -9.20 -16.40
N GLN A 432 19.58 -9.01 -15.61
CA GLN A 432 18.87 -7.75 -15.61
C GLN A 432 19.75 -6.62 -15.09
N LYS A 433 20.61 -6.91 -14.11
CA LYS A 433 21.50 -5.89 -13.60
C LYS A 433 22.66 -5.60 -14.55
N MET A 434 22.95 -6.49 -15.49
CA MET A 434 23.92 -6.21 -16.53
C MET A 434 23.33 -5.42 -17.69
N GLY A 435 22.03 -5.12 -17.65
CA GLY A 435 21.41 -4.36 -18.71
C GLY A 435 20.97 -5.16 -19.91
N ILE A 436 20.80 -6.47 -19.77
CA ILE A 436 20.40 -7.34 -20.87
C ILE A 436 18.97 -7.79 -20.60
N PRO A 437 18.03 -7.56 -21.52
CA PRO A 437 16.66 -8.05 -21.33
C PRO A 437 16.64 -9.55 -21.10
N PHE A 438 15.85 -9.97 -20.10
CA PHE A 438 15.79 -11.34 -19.67
C PHE A 438 14.35 -11.83 -19.71
N ARG A 439 14.15 -13.02 -20.24
CA ARG A 439 12.86 -13.70 -20.21
C ARG A 439 13.01 -15.02 -19.49
N GLU A 440 12.15 -15.26 -18.50
CA GLU A 440 12.13 -16.54 -17.81
C GLU A 440 11.58 -17.60 -18.75
N MET A 441 12.41 -18.56 -19.13
CA MET A 441 12.01 -19.60 -20.07
C MET A 441 11.53 -20.87 -19.40
N HIS A 442 11.46 -20.89 -18.07
CA HIS A 442 10.78 -21.98 -17.36
C HIS A 442 9.31 -21.61 -17.08
N SER A 443 9.11 -20.55 -16.33
CA SER A 443 7.79 -20.12 -15.90
C SER A 443 7.10 -19.22 -16.92
N TRP A 444 7.75 -18.93 -18.05
CA TRP A 444 7.28 -17.95 -19.02
C TRP A 444 7.16 -16.56 -18.42
N ASP A 445 7.95 -16.29 -17.37
CA ASP A 445 7.90 -15.05 -16.63
C ASP A 445 6.46 -14.74 -16.17
N TYR A 446 5.80 -15.77 -15.64
CA TYR A 446 4.42 -15.68 -15.13
C TYR A 446 3.44 -15.23 -16.20
N SER A 447 3.73 -15.56 -17.45
CA SER A 447 2.89 -15.27 -18.60
C SER A 447 2.65 -16.56 -19.35
N GLY A 448 2.12 -16.48 -20.56
CA GLY A 448 1.92 -17.65 -21.37
C GLY A 448 0.44 -17.93 -21.61
N PRO A 449 0.14 -19.04 -22.30
CA PRO A 449 1.04 -20.10 -22.78
C PRO A 449 1.92 -19.65 -23.94
N TYR A 450 2.93 -20.45 -24.30
CA TYR A 450 3.74 -20.20 -25.48
C TYR A 450 3.55 -21.25 -26.56
N HIS A 451 2.72 -22.25 -26.31
CA HIS A 451 2.49 -23.33 -27.26
C HIS A 451 1.34 -22.99 -28.20
N GLY A 452 1.45 -23.46 -29.45
CA GLY A 452 0.41 -23.23 -30.42
C GLY A 452 0.42 -21.80 -30.94
N PHE A 453 -0.69 -21.43 -31.59
CA PHE A 453 -0.78 -20.12 -32.22
C PHE A 453 -1.11 -19.01 -31.22
N ASP A 454 -2.05 -19.26 -30.30
CA ASP A 454 -2.30 -18.32 -29.23
C ASP A 454 -1.05 -18.15 -28.36
N GLY A 455 -0.40 -19.27 -28.05
CA GLY A 455 0.86 -19.21 -27.34
C GLY A 455 1.91 -18.42 -28.11
N PHE A 456 1.92 -18.55 -29.43
CA PHE A 456 2.87 -17.79 -30.24
C PHE A 456 2.60 -16.29 -30.14
N ALA A 457 1.33 -15.90 -30.18
CA ALA A 457 0.99 -14.49 -30.03
C ALA A 457 1.50 -13.95 -28.69
N ILE A 458 1.25 -14.70 -27.62
CA ILE A 458 1.72 -14.28 -26.30
C ILE A 458 3.25 -14.23 -26.25
N PHE A 459 3.90 -15.22 -26.84
CA PHE A 459 5.36 -15.29 -26.85
C PHE A 459 5.97 -14.09 -27.56
N ALA A 460 5.42 -13.76 -28.74
CA ALA A 460 5.92 -12.60 -29.48
C ALA A 460 5.69 -11.31 -28.69
N ARG A 461 4.51 -11.18 -28.08
CA ARG A 461 4.23 -9.99 -27.30
C ARG A 461 5.22 -9.85 -26.14
N ASP A 462 5.51 -10.95 -25.45
CA ASP A 462 6.44 -10.90 -24.33
C ASP A 462 7.86 -10.59 -24.79
N MET A 463 8.28 -11.20 -25.89
CA MET A 463 9.62 -10.95 -26.41
C MET A 463 9.80 -9.48 -26.77
N ASP A 464 8.80 -8.89 -27.45
CA ASP A 464 8.88 -7.48 -27.78
C ASP A 464 8.80 -6.61 -26.53
N MET A 465 7.94 -6.97 -25.59
CA MET A 465 7.75 -6.17 -24.38
C MET A 465 9.04 -6.06 -23.57
N THR A 466 9.74 -7.18 -23.41
CA THR A 466 10.96 -7.14 -22.61
C THR A 466 12.14 -6.62 -23.42
N LEU A 467 12.28 -7.07 -24.67
CA LEU A 467 13.43 -6.68 -25.48
C LEU A 467 13.45 -5.18 -25.74
N ASN A 468 12.29 -4.59 -26.00
CA ASN A 468 12.20 -3.18 -26.39
C ASN A 468 11.70 -2.28 -25.27
N ASN A 469 11.80 -2.75 -24.02
CA ASN A 469 11.36 -1.92 -22.90
C ASN A 469 12.29 -0.71 -22.74
N PRO A 470 11.74 0.47 -22.45
CA PRO A 470 12.59 1.66 -22.28
C PRO A 470 13.56 1.56 -21.12
N CYS A 471 13.28 0.73 -20.11
CA CYS A 471 14.13 0.66 -18.93
C CYS A 471 15.58 0.32 -19.28
N TRP A 472 15.78 -0.51 -20.30
CA TRP A 472 17.13 -0.92 -20.69
C TRP A 472 17.96 0.22 -21.24
N LYS A 473 17.33 1.35 -21.59
CA LYS A 473 18.06 2.52 -22.04
C LYS A 473 18.40 3.47 -20.89
N LYS A 474 18.10 3.10 -19.65
CA LYS A 474 18.28 3.98 -18.51
C LYS A 474 19.25 3.42 -17.49
N LEU A 475 20.07 2.44 -17.86
CA LEU A 475 20.94 1.78 -16.90
C LEU A 475 22.05 2.71 -16.43
N GLN A 476 22.58 3.54 -17.32
CA GLN A 476 23.69 4.42 -17.00
C GLN A 476 23.19 5.81 -16.61
N ALA A 477 23.66 6.30 -15.47
CA ALA A 477 23.29 7.64 -15.03
C ALA A 477 23.83 8.68 -16.02
N PRO A 478 23.05 9.71 -16.33
CA PRO A 478 23.51 10.70 -17.34
C PRO A 478 24.77 11.44 -16.95
N TRP A 479 25.09 11.53 -15.65
CA TRP A 479 26.30 12.19 -15.21
C TRP A 479 27.50 11.25 -15.16
N GLU A 480 27.47 10.18 -15.95
CA GLU A 480 28.61 9.28 -16.09
C GLU A 480 28.87 9.05 -17.57
N ALA A 481 30.15 8.85 -17.91
CA ALA A 481 30.56 8.65 -19.29
C ALA A 481 29.93 7.39 -19.87
N SER B 2 -8.09 -18.82 -30.77
CA SER B 2 -7.87 -17.65 -31.61
C SER B 2 -7.42 -16.45 -30.78
N GLN B 3 -6.62 -15.58 -31.39
CA GLN B 3 -6.15 -14.36 -30.74
C GLN B 3 -6.35 -13.18 -31.67
N GLN B 4 -6.70 -12.04 -31.09
CA GLN B 4 -6.69 -10.77 -31.81
C GLN B 4 -5.34 -10.09 -31.59
N VAL B 5 -4.65 -9.77 -32.68
CA VAL B 5 -3.30 -9.21 -32.56
C VAL B 5 -3.34 -7.86 -31.85
N ASP B 6 -4.48 -7.18 -31.87
CA ASP B 6 -4.60 -5.90 -31.18
C ASP B 6 -4.62 -6.10 -29.67
N LYS B 7 -5.41 -7.06 -29.19
CA LYS B 7 -5.55 -7.34 -27.76
C LYS B 7 -5.24 -8.82 -27.54
N ILE B 8 -4.04 -9.11 -27.04
CA ILE B 8 -3.59 -10.48 -26.82
C ILE B 8 -3.87 -10.85 -25.38
N LYS B 9 -4.53 -11.98 -25.18
CA LYS B 9 -4.88 -12.47 -23.85
C LYS B 9 -3.86 -13.50 -23.40
N ALA B 10 -3.32 -13.31 -22.21
CA ALA B 10 -2.54 -14.35 -21.54
C ALA B 10 -3.50 -15.42 -21.04
N SER B 11 -2.98 -16.40 -20.29
CA SER B 11 -3.77 -17.55 -19.88
C SER B 11 -5.09 -17.12 -19.26
N TYR B 12 -5.05 -16.14 -18.36
CA TYR B 12 -6.23 -15.39 -18.00
C TYR B 12 -6.25 -14.10 -18.80
N PRO B 13 -7.30 -13.82 -19.58
CA PRO B 13 -8.51 -14.63 -19.78
C PRO B 13 -8.55 -15.40 -21.10
N LEU B 14 -7.44 -15.97 -21.56
CA LEU B 14 -7.48 -16.82 -22.75
C LEU B 14 -8.39 -18.02 -22.53
N PHE B 15 -8.23 -18.69 -21.39
CA PHE B 15 -8.92 -19.94 -21.14
C PHE B 15 -10.32 -19.75 -20.56
N LEU B 16 -10.84 -18.53 -20.61
CA LEU B 16 -12.26 -18.27 -20.39
C LEU B 16 -13.05 -18.20 -21.68
N ASP B 17 -12.38 -18.33 -22.83
CA ASP B 17 -13.07 -18.30 -24.11
C ASP B 17 -13.92 -19.55 -24.30
N GLN B 18 -14.92 -19.43 -25.17
CA GLN B 18 -15.91 -20.49 -25.30
C GLN B 18 -15.30 -21.80 -25.78
N ASP B 19 -14.39 -21.74 -26.75
CA ASP B 19 -13.77 -22.97 -27.25
C ASP B 19 -12.92 -23.63 -26.17
N TYR B 20 -12.16 -22.84 -25.41
CA TYR B 20 -11.36 -23.41 -24.33
C TYR B 20 -12.24 -23.97 -23.21
N LYS B 21 -13.32 -23.28 -22.87
CA LYS B 21 -14.24 -23.80 -21.86
C LYS B 21 -14.87 -25.11 -22.31
N ASP B 22 -15.26 -25.18 -23.59
CA ASP B 22 -15.81 -26.41 -24.15
C ASP B 22 -14.79 -27.53 -24.10
N MET B 23 -13.53 -27.23 -24.45
CA MET B 23 -12.49 -28.24 -24.40
C MET B 23 -12.27 -28.76 -22.99
N LEU B 24 -12.22 -27.85 -22.01
CA LEU B 24 -12.01 -28.26 -20.62
C LEU B 24 -13.18 -29.11 -20.13
N ALA B 25 -14.41 -28.70 -20.44
CA ALA B 25 -15.58 -29.47 -20.03
C ALA B 25 -15.58 -30.85 -20.67
N LYS B 26 -15.23 -30.93 -21.95
CA LYS B 26 -15.20 -32.22 -22.64
C LYS B 26 -14.10 -33.11 -22.07
N LYS B 27 -12.92 -32.55 -21.79
CA LYS B 27 -11.85 -33.33 -21.20
C LYS B 27 -12.26 -33.88 -19.84
N ARG B 28 -12.87 -33.04 -19.00
CA ARG B 28 -13.32 -33.48 -17.69
C ARG B 28 -14.37 -34.57 -17.82
N ASP B 29 -15.35 -34.38 -18.70
CA ASP B 29 -16.42 -35.36 -18.85
C ASP B 29 -15.90 -36.69 -19.38
N GLY B 30 -14.99 -36.64 -20.36
CA GLY B 30 -14.56 -37.84 -21.04
C GLY B 30 -13.47 -38.64 -20.38
N PHE B 31 -12.52 -38.00 -19.71
CA PHE B 31 -11.31 -38.71 -19.29
C PHE B 31 -10.87 -38.46 -17.86
N GLU B 32 -11.42 -37.48 -17.15
CA GLU B 32 -10.95 -37.18 -15.81
C GLU B 32 -11.66 -37.97 -14.73
N GLU B 33 -12.92 -38.34 -14.95
CA GLU B 33 -13.69 -39.15 -14.01
C GLU B 33 -13.69 -38.55 -12.61
N LYS B 34 -13.96 -37.24 -12.53
CA LYS B 34 -13.90 -36.57 -11.24
C LYS B 34 -15.23 -36.67 -10.51
N TYR B 35 -15.18 -36.34 -9.22
CA TYR B 35 -16.35 -36.41 -8.36
C TYR B 35 -17.41 -35.42 -8.84
N PRO B 36 -18.69 -35.71 -8.60
CA PRO B 36 -19.74 -34.78 -9.02
C PRO B 36 -19.58 -33.44 -8.30
N GLN B 37 -19.97 -32.37 -9.00
CA GLN B 37 -19.82 -31.03 -8.42
C GLN B 37 -20.56 -30.91 -7.09
N ASP B 38 -21.71 -31.59 -6.96
CA ASP B 38 -22.42 -31.60 -5.69
C ASP B 38 -21.58 -32.25 -4.60
N LYS B 39 -20.90 -33.35 -4.92
CA LYS B 39 -20.03 -34.00 -3.95
C LYS B 39 -18.88 -33.09 -3.55
N ILE B 40 -18.29 -32.38 -4.52
CA ILE B 40 -17.19 -31.48 -4.23
C ILE B 40 -17.66 -30.33 -3.34
N ASP B 41 -18.85 -29.79 -3.62
CA ASP B 41 -19.40 -28.73 -2.78
C ASP B 41 -19.65 -29.23 -1.36
N GLU B 42 -20.20 -30.43 -1.23
CA GLU B 42 -20.45 -30.99 0.10
C GLU B 42 -19.15 -31.18 0.87
N VAL B 43 -18.11 -31.69 0.21
CA VAL B 43 -16.84 -31.90 0.90
C VAL B 43 -16.20 -30.57 1.28
N PHE B 44 -16.29 -29.54 0.41
CA PHE B 44 -15.75 -28.25 0.79
C PHE B 44 -16.48 -27.69 2.02
N GLN B 45 -17.80 -27.71 1.98
CA GLN B 45 -18.57 -27.22 3.11
C GLN B 45 -18.21 -27.98 4.38
N TRP B 46 -17.98 -29.29 4.25
CA TRP B 46 -17.53 -30.07 5.40
C TRP B 46 -16.17 -29.62 5.90
N THR B 47 -15.25 -29.31 4.98
CA THR B 47 -13.92 -28.85 5.39
C THR B 47 -13.97 -27.49 6.08
N THR B 48 -15.02 -26.71 5.86
CA THR B 48 -15.16 -25.43 6.55
C THR B 48 -15.83 -25.56 7.92
N THR B 49 -16.09 -26.77 8.39
CA THR B 49 -16.88 -26.98 9.60
C THR B 49 -16.00 -27.19 10.84
N LYS B 50 -16.66 -27.22 11.99
CA LYS B 50 -15.98 -27.40 13.27
C LYS B 50 -15.53 -28.83 13.50
N GLU B 51 -16.33 -29.81 13.07
CA GLU B 51 -15.92 -31.21 13.19
C GLU B 51 -14.67 -31.48 12.38
N TYR B 52 -14.59 -30.91 11.18
CA TYR B 52 -13.37 -31.02 10.38
C TYR B 52 -12.21 -30.37 11.10
N GLN B 53 -12.44 -29.26 11.80
CA GLN B 53 -11.36 -28.62 12.53
C GLN B 53 -10.87 -29.50 13.68
N GLU B 54 -11.78 -30.20 14.36
CA GLU B 54 -11.36 -31.14 15.39
C GLU B 54 -10.50 -32.25 14.80
N LEU B 55 -10.95 -32.83 13.68
CA LEU B 55 -10.15 -33.84 13.00
C LEU B 55 -8.79 -33.28 12.60
N ASN B 56 -8.77 -32.05 12.11
CA ASN B 56 -7.55 -31.39 11.69
C ASN B 56 -6.57 -31.22 12.84
N PHE B 57 -7.07 -30.78 13.98
CA PHE B 57 -6.21 -30.53 15.13
C PHE B 57 -5.85 -31.81 15.87
N GLN B 58 -6.46 -32.94 15.52
CA GLN B 58 -5.99 -34.23 16.02
C GLN B 58 -4.84 -34.80 15.18
N ARG B 59 -4.38 -34.09 14.16
CA ARG B 59 -3.27 -34.56 13.33
C ARG B 59 -2.01 -34.73 14.15
N GLU B 60 -1.28 -35.80 13.88
CA GLU B 60 -0.06 -36.11 14.62
C GLU B 60 1.12 -36.35 13.68
N ALA B 61 0.85 -36.85 12.49
CA ALA B 61 1.90 -37.22 11.55
C ALA B 61 1.93 -36.38 10.29
N LEU B 62 0.79 -35.88 9.83
CA LEU B 62 0.70 -35.15 8.57
C LEU B 62 0.82 -33.65 8.81
N THR B 63 1.68 -33.00 8.04
CA THR B 63 1.76 -31.55 8.00
C THR B 63 1.27 -31.08 6.64
N VAL B 64 0.40 -30.07 6.64
CA VAL B 64 -0.19 -29.55 5.41
C VAL B 64 0.05 -28.05 5.37
N ASN B 65 0.76 -27.59 4.33
CA ASN B 65 1.11 -26.19 4.13
C ASN B 65 1.84 -25.63 5.35
N PRO B 66 3.05 -26.10 5.64
CA PRO B 66 3.78 -25.59 6.80
C PRO B 66 4.13 -24.11 6.65
N ALA B 67 4.10 -23.40 7.76
CA ALA B 67 4.56 -22.02 7.82
C ALA B 67 6.00 -21.92 8.32
N LYS B 68 6.91 -22.67 7.72
CA LYS B 68 8.31 -22.65 8.13
C LYS B 68 9.15 -23.28 7.04
N ALA B 69 10.47 -23.07 7.15
CA ALA B 69 11.42 -23.68 6.23
C ALA B 69 12.49 -24.43 7.01
N CYS B 70 13.52 -24.92 6.34
CA CYS B 70 14.55 -25.73 6.97
C CYS B 70 15.78 -24.88 7.28
N GLN B 71 16.59 -25.38 8.22
CA GLN B 71 17.73 -24.64 8.78
C GLN B 71 18.69 -24.06 7.74
N PRO B 72 19.13 -24.80 6.72
CA PRO B 72 20.14 -24.23 5.80
C PRO B 72 19.68 -22.98 5.07
N LEU B 73 18.38 -22.77 4.87
CA LEU B 73 17.92 -21.51 4.30
C LEU B 73 18.32 -20.33 5.19
N GLY B 74 18.04 -20.43 6.49
CA GLY B 74 18.46 -19.40 7.41
C GLY B 74 19.96 -19.29 7.53
N ALA B 75 20.67 -20.42 7.44
CA ALA B 75 22.12 -20.37 7.44
C ALA B 75 22.65 -19.59 6.25
N VAL B 76 22.06 -19.81 5.07
CA VAL B 76 22.47 -19.08 3.86
C VAL B 76 22.18 -17.59 4.01
N LEU B 77 21.00 -17.25 4.54
CA LEU B 77 20.69 -15.85 4.75
C LEU B 77 21.66 -15.19 5.72
N CYS B 78 22.00 -15.88 6.82
CA CYS B 78 22.97 -15.35 7.77
C CYS B 78 24.34 -15.16 7.13
N ALA B 79 24.79 -16.17 6.37
CA ALA B 79 26.10 -16.07 5.72
C ALA B 79 26.13 -14.95 4.70
N LEU B 80 25.00 -14.66 4.05
CA LEU B 80 24.96 -13.60 3.05
C LEU B 80 25.22 -12.23 3.64
N GLY B 81 25.10 -12.07 4.94
CA GLY B 81 25.26 -10.78 5.58
C GLY B 81 26.70 -10.44 5.95
N PHE B 82 27.66 -11.16 5.40
CA PHE B 82 29.07 -10.91 5.65
C PHE B 82 29.80 -10.55 4.37
N GLU B 83 30.82 -9.72 4.50
CA GLU B 83 31.45 -9.10 3.34
C GLU B 83 32.22 -10.12 2.51
N LYS B 84 31.99 -10.08 1.19
CA LYS B 84 32.65 -10.96 0.21
C LYS B 84 32.61 -12.42 0.67
N THR B 85 31.48 -12.82 1.23
CA THR B 85 31.30 -14.15 1.80
C THR B 85 30.43 -14.98 0.89
N MET B 86 30.92 -16.15 0.50
CA MET B 86 30.13 -17.09 -0.30
C MET B 86 29.44 -18.08 0.62
N PRO B 87 28.11 -18.18 0.58
CA PRO B 87 27.43 -19.29 1.25
C PRO B 87 27.74 -20.60 0.53
N TYR B 88 28.07 -21.62 1.31
CA TYR B 88 28.51 -22.91 0.81
C TYR B 88 27.78 -23.96 1.61
N VAL B 89 26.96 -24.77 0.94
CA VAL B 89 26.15 -25.76 1.62
C VAL B 89 26.73 -27.13 1.28
N HIS B 90 27.29 -27.79 2.29
CA HIS B 90 27.78 -29.15 2.17
C HIS B 90 26.60 -30.11 2.10
N GLY B 91 26.54 -30.89 1.03
CA GLY B 91 25.42 -31.78 0.81
C GLY B 91 24.96 -31.80 -0.63
N SER B 92 23.66 -31.95 -0.84
CA SER B 92 23.10 -32.10 -2.17
C SER B 92 22.77 -30.74 -2.78
N GLN B 93 22.93 -30.64 -4.10
CA GLN B 93 22.79 -29.39 -4.82
C GLN B 93 21.35 -28.95 -5.01
N GLY B 94 20.39 -29.88 -5.00
CA GLY B 94 19.00 -29.50 -5.12
C GLY B 94 18.57 -28.55 -4.01
N CYS B 95 19.11 -28.76 -2.81
CA CYS B 95 18.84 -27.85 -1.70
C CYS B 95 19.28 -26.43 -2.04
N VAL B 96 20.49 -26.28 -2.58
CA VAL B 96 21.00 -24.96 -2.92
C VAL B 96 20.15 -24.32 -4.00
N ALA B 97 19.76 -25.10 -5.01
CA ALA B 97 18.88 -24.57 -6.05
C ALA B 97 17.59 -24.05 -5.44
N TYR B 98 17.01 -24.80 -4.49
CA TYR B 98 15.77 -24.37 -3.87
C TYR B 98 15.95 -23.12 -3.01
N PHE B 99 17.02 -23.07 -2.22
CA PHE B 99 17.26 -21.88 -1.39
C PHE B 99 17.42 -20.65 -2.26
N ARG B 100 18.20 -20.78 -3.34
CA ARG B 100 18.43 -19.66 -4.23
C ARG B 100 17.14 -19.21 -4.89
N SER B 101 16.32 -20.15 -5.36
CA SER B 101 15.06 -19.79 -6.00
C SER B 101 14.13 -19.11 -5.01
N TYR B 102 14.05 -19.62 -3.78
CA TYR B 102 13.22 -19.02 -2.74
C TYR B 102 13.60 -17.57 -2.50
N PHE B 103 14.88 -17.32 -2.24
CA PHE B 103 15.31 -15.96 -1.96
C PHE B 103 15.23 -15.07 -3.20
N ASN B 104 15.47 -15.62 -4.39
CA ASN B 104 15.32 -14.85 -5.62
C ASN B 104 13.88 -14.38 -5.78
N ARG B 105 12.92 -15.25 -5.52
CA ARG B 105 11.52 -14.87 -5.68
C ARG B 105 11.10 -13.88 -4.61
N HIS B 106 11.63 -13.99 -3.39
CA HIS B 106 11.23 -13.04 -2.35
C HIS B 106 11.85 -11.67 -2.58
N PHE B 107 13.15 -11.62 -2.87
CA PHE B 107 13.87 -10.35 -2.95
C PHE B 107 13.93 -9.78 -4.35
N ARG B 108 13.68 -10.59 -5.38
CA ARG B 108 13.83 -10.18 -6.78
C ARG B 108 15.24 -9.65 -7.04
N GLU B 109 16.23 -10.38 -6.53
CA GLU B 109 17.63 -10.02 -6.58
C GLU B 109 18.44 -11.28 -6.75
N PRO B 110 19.67 -11.19 -7.26
CA PRO B 110 20.54 -12.36 -7.29
C PRO B 110 20.85 -12.86 -5.88
N VAL B 111 20.98 -14.17 -5.76
CA VAL B 111 21.30 -14.81 -4.48
C VAL B 111 22.40 -15.82 -4.75
N SER B 112 23.61 -15.53 -4.27
CA SER B 112 24.77 -16.36 -4.54
C SER B 112 24.92 -17.43 -3.46
N CYS B 113 25.05 -18.68 -3.89
CA CYS B 113 25.22 -19.80 -2.98
C CYS B 113 25.74 -20.98 -3.79
N VAL B 114 26.65 -21.75 -3.20
CA VAL B 114 27.25 -22.88 -3.88
C VAL B 114 26.98 -24.16 -3.09
N SER B 115 27.05 -25.28 -3.79
CA SER B 115 26.96 -26.61 -3.21
C SER B 115 28.19 -27.40 -3.60
N ASP B 116 28.53 -28.40 -2.78
CA ASP B 116 29.58 -29.33 -3.18
C ASP B 116 29.04 -30.56 -3.88
N SER B 117 27.73 -30.60 -4.14
CA SER B 117 27.12 -31.57 -5.06
C SER B 117 27.41 -33.01 -4.65
N MET B 118 27.01 -33.34 -3.42
CA MET B 118 27.17 -34.69 -2.91
C MET B 118 26.14 -35.62 -3.56
N THR B 119 26.63 -36.60 -4.30
CA THR B 119 25.79 -37.58 -4.96
C THR B 119 25.70 -38.84 -4.10
N GLU B 120 25.18 -39.91 -4.71
CA GLU B 120 25.05 -41.18 -3.99
C GLU B 120 26.40 -41.70 -3.51
N ASP B 121 27.43 -41.60 -4.35
CA ASP B 121 28.75 -42.03 -3.95
C ASP B 121 29.28 -41.20 -2.79
N ALA B 122 28.99 -39.89 -2.79
CA ALA B 122 29.38 -39.06 -1.66
C ALA B 122 28.58 -39.38 -0.41
N ALA B 123 27.30 -39.73 -0.58
CA ALA B 123 26.50 -40.14 0.57
C ALA B 123 27.07 -41.41 1.20
N VAL B 124 27.48 -42.36 0.37
CA VAL B 124 27.98 -43.62 0.90
C VAL B 124 29.37 -43.46 1.49
N PHE B 125 30.27 -42.74 0.81
CA PHE B 125 31.65 -42.62 1.23
C PHE B 125 31.95 -41.35 2.01
N GLY B 126 31.00 -40.46 2.18
CA GLY B 126 31.30 -39.19 2.83
C GLY B 126 31.79 -38.15 1.84
N GLY B 127 31.46 -36.89 2.13
CA GLY B 127 31.81 -35.81 1.24
C GLY B 127 33.09 -35.06 1.59
N GLN B 128 34.15 -35.78 1.95
CA GLN B 128 35.40 -35.09 2.23
C GLN B 128 36.08 -34.64 0.94
N GLN B 129 36.12 -35.50 -0.07
CA GLN B 129 36.57 -35.07 -1.39
C GLN B 129 35.70 -33.95 -1.94
N ASN B 130 34.39 -34.09 -1.75
CA ASN B 130 33.47 -33.01 -2.14
C ASN B 130 33.83 -31.71 -1.45
N MET B 131 34.14 -31.76 -0.16
CA MET B 131 34.50 -30.55 0.57
C MET B 131 35.78 -29.94 0.02
N LYS B 132 36.81 -30.77 -0.18
CA LYS B 132 38.09 -30.26 -0.67
C LYS B 132 37.93 -29.59 -2.04
N ASP B 133 37.35 -30.31 -2.99
CA ASP B 133 37.21 -29.78 -4.34
C ASP B 133 36.26 -28.60 -4.36
N GLY B 134 35.18 -28.64 -3.58
CA GLY B 134 34.24 -27.54 -3.56
C GLY B 134 34.83 -26.27 -2.99
N LEU B 135 35.55 -26.38 -1.87
CA LEU B 135 36.20 -25.19 -1.31
C LEU B 135 37.19 -24.61 -2.29
N GLN B 136 38.03 -25.46 -2.89
CA GLN B 136 39.02 -24.96 -3.84
C GLN B 136 38.35 -24.32 -5.05
N ASN B 137 37.35 -24.99 -5.63
CA ASN B 137 36.68 -24.49 -6.82
C ASN B 137 35.96 -23.18 -6.54
N CYS B 138 35.25 -23.10 -5.41
CA CYS B 138 34.52 -21.89 -5.07
C CYS B 138 35.47 -20.72 -4.86
N LYS B 139 36.56 -20.94 -4.11
CA LYS B 139 37.51 -19.87 -3.87
C LYS B 139 38.17 -19.41 -5.17
N ALA B 140 38.50 -20.35 -6.06
CA ALA B 140 39.16 -19.97 -7.30
C ALA B 140 38.22 -19.32 -8.29
N THR B 141 36.92 -19.64 -8.21
CA THR B 141 35.97 -19.18 -9.21
C THR B 141 35.31 -17.86 -8.83
N TYR B 142 34.86 -17.73 -7.59
CA TYR B 142 34.12 -16.55 -7.17
C TYR B 142 34.91 -15.64 -6.24
N LYS B 143 36.15 -15.99 -5.94
CA LYS B 143 37.07 -15.23 -5.10
C LYS B 143 36.36 -14.58 -3.90
N PRO B 144 35.77 -15.37 -3.01
CA PRO B 144 35.23 -14.79 -1.78
C PRO B 144 36.35 -14.59 -0.77
N ASP B 145 36.14 -13.59 0.10
CA ASP B 145 37.08 -13.41 1.20
C ASP B 145 36.79 -14.35 2.35
N MET B 146 35.68 -15.08 2.30
CA MET B 146 35.34 -16.07 3.31
C MET B 146 34.25 -16.96 2.76
N ILE B 147 34.32 -18.25 3.08
CA ILE B 147 33.33 -19.23 2.68
C ILE B 147 32.64 -19.73 3.94
N ALA B 148 31.34 -19.54 4.02
CA ALA B 148 30.58 -19.90 5.20
C ALA B 148 29.82 -21.19 4.92
N VAL B 149 30.09 -22.23 5.71
CA VAL B 149 29.67 -23.59 5.38
C VAL B 149 28.49 -23.98 6.27
N SER B 150 27.40 -24.38 5.65
CA SER B 150 26.24 -25.00 6.28
C SER B 150 26.08 -26.41 5.72
N THR B 151 25.00 -27.10 6.12
CA THR B 151 24.78 -28.47 5.71
C THR B 151 23.35 -28.69 5.23
N THR B 152 23.20 -29.65 4.32
CA THR B 152 21.89 -30.21 3.99
C THR B 152 21.61 -31.39 4.90
N CYS B 153 20.43 -31.99 4.75
CA CYS B 153 20.02 -33.06 5.65
C CYS B 153 20.86 -34.31 5.45
N MET B 154 21.27 -34.60 4.22
CA MET B 154 22.04 -35.82 3.98
C MET B 154 23.38 -35.79 4.71
N ALA B 155 24.07 -34.66 4.69
CA ALA B 155 25.37 -34.59 5.35
C ALA B 155 25.23 -34.66 6.87
N GLU B 156 24.09 -34.20 7.40
CA GLU B 156 23.86 -34.28 8.83
C GLU B 156 23.48 -35.70 9.27
N VAL B 157 22.75 -36.43 8.42
CA VAL B 157 22.36 -37.79 8.77
C VAL B 157 23.58 -38.69 8.84
N ILE B 158 24.44 -38.63 7.81
CA ILE B 158 25.63 -39.50 7.75
C ILE B 158 26.75 -39.02 8.65
N GLY B 159 26.58 -37.89 9.33
CA GLY B 159 27.60 -37.38 10.22
C GLY B 159 28.86 -36.87 9.55
N ASP B 160 28.72 -36.17 8.42
CA ASP B 160 29.87 -35.55 7.78
C ASP B 160 30.48 -34.51 8.71
N ASP B 161 31.67 -34.79 9.23
CA ASP B 161 32.33 -33.90 10.18
C ASP B 161 32.88 -32.70 9.43
N LEU B 162 32.16 -31.58 9.52
CA LEU B 162 32.56 -30.37 8.79
C LEU B 162 33.93 -29.89 9.23
N ASN B 163 34.17 -29.89 10.54
CA ASN B 163 35.44 -29.42 11.07
C ASN B 163 36.60 -30.24 10.50
N ALA B 164 36.49 -31.57 10.58
CA ALA B 164 37.55 -32.43 10.07
C ALA B 164 37.76 -32.24 8.58
N PHE B 165 36.66 -32.13 7.83
CA PHE B 165 36.76 -32.00 6.37
C PHE B 165 37.45 -30.70 5.98
N ILE B 166 37.06 -29.59 6.60
CA ILE B 166 37.67 -28.31 6.28
C ILE B 166 39.13 -28.29 6.71
N ASN B 167 39.44 -28.86 7.88
CA ASN B 167 40.82 -28.90 8.34
C ASN B 167 41.70 -29.72 7.40
N ASN B 168 41.18 -30.87 6.95
CA ASN B 168 41.93 -31.68 5.99
C ASN B 168 42.11 -30.94 4.68
N SER B 169 41.08 -30.22 4.21
CA SER B 169 41.22 -29.43 3.00
C SER B 169 42.30 -28.38 3.15
N LYS B 170 42.42 -27.79 4.34
CA LYS B 170 43.45 -26.80 4.57
C LYS B 170 44.85 -27.43 4.62
N LYS B 171 44.98 -28.56 5.29
CA LYS B 171 46.31 -29.17 5.43
C LYS B 171 46.80 -29.78 4.12
N GLU B 172 45.90 -30.16 3.22
CA GLU B 172 46.29 -30.74 1.94
C GLU B 172 46.41 -29.71 0.83
N GLY B 173 46.29 -28.42 1.14
CA GLY B 173 46.58 -27.39 0.17
C GLY B 173 45.49 -27.08 -0.82
N PHE B 174 44.25 -27.50 -0.56
CA PHE B 174 43.15 -27.14 -1.44
C PHE B 174 42.77 -25.67 -1.26
N ILE B 175 42.78 -25.19 -0.03
CA ILE B 175 42.54 -23.77 0.27
C ILE B 175 43.61 -23.28 1.22
N PRO B 176 43.94 -21.98 1.20
CA PRO B 176 44.96 -21.46 2.11
C PRO B 176 44.57 -21.70 3.58
N ASP B 177 45.59 -21.95 4.40
CA ASP B 177 45.33 -22.29 5.79
C ASP B 177 44.69 -21.14 6.55
N GLU B 178 44.98 -19.90 6.17
CA GLU B 178 44.42 -18.74 6.85
C GLU B 178 43.10 -18.26 6.25
N PHE B 179 42.64 -18.89 5.18
CA PHE B 179 41.38 -18.51 4.57
C PHE B 179 40.23 -18.83 5.51
N PRO B 180 39.39 -17.85 5.88
CA PRO B 180 38.35 -18.11 6.87
C PRO B 180 37.24 -19.01 6.31
N VAL B 181 37.03 -20.14 6.96
CA VAL B 181 35.94 -21.05 6.61
C VAL B 181 35.17 -21.38 7.87
N PRO B 182 34.33 -20.47 8.37
CA PRO B 182 33.44 -20.83 9.47
C PRO B 182 32.41 -21.85 9.01
N PHE B 183 31.99 -22.69 9.95
CA PHE B 183 31.07 -23.78 9.63
C PHE B 183 30.03 -23.89 10.72
N ALA B 184 28.88 -24.46 10.36
CA ALA B 184 27.82 -24.74 11.31
C ALA B 184 27.03 -25.94 10.83
N HIS B 185 26.78 -26.89 11.73
CA HIS B 185 25.87 -27.99 11.44
C HIS B 185 24.44 -27.48 11.50
N THR B 186 23.71 -27.61 10.39
CA THR B 186 22.35 -27.09 10.27
C THR B 186 21.43 -28.21 9.81
N PRO B 187 21.04 -29.09 10.72
CA PRO B 187 20.15 -30.20 10.32
C PRO B 187 18.73 -29.70 10.06
N SER B 188 18.20 -30.01 8.89
CA SER B 188 16.88 -29.54 8.52
C SER B 188 15.78 -30.20 9.34
N PHE B 189 16.04 -31.36 9.93
CA PHE B 189 15.08 -32.06 10.76
C PHE B 189 15.11 -31.58 12.21
N VAL B 190 15.75 -30.45 12.49
CA VAL B 190 15.75 -29.82 13.80
C VAL B 190 15.37 -28.35 13.62
N GLY B 191 14.41 -27.88 14.41
CA GLY B 191 14.05 -26.48 14.38
C GLY B 191 13.49 -26.05 13.04
N SER B 192 13.98 -24.92 12.54
CA SER B 192 13.52 -24.35 11.28
C SER B 192 14.61 -23.45 10.74
N HIS B 193 14.26 -22.62 9.74
CA HIS B 193 15.24 -21.75 9.10
C HIS B 193 15.86 -20.78 10.10
N VAL B 194 15.08 -20.30 11.07
CA VAL B 194 15.61 -19.37 12.06
C VAL B 194 16.66 -20.06 12.92
N THR B 195 16.46 -21.35 13.21
CA THR B 195 17.49 -22.13 13.90
C THR B 195 18.75 -22.22 13.06
N GLY B 196 18.60 -22.36 11.74
CA GLY B 196 19.77 -22.36 10.87
C GLY B 196 20.51 -21.04 10.91
N TRP B 197 19.78 -19.92 10.96
CA TRP B 197 20.41 -18.62 11.10
C TRP B 197 21.20 -18.54 12.40
N ASP B 198 20.58 -18.97 13.50
CA ASP B 198 21.26 -18.94 14.79
C ASP B 198 22.51 -19.81 14.78
N ASN B 199 22.42 -21.01 14.22
CA ASN B 199 23.56 -21.91 14.18
C ASN B 199 24.69 -21.35 13.33
N MET B 200 24.37 -20.81 12.16
CA MET B 200 25.39 -20.23 11.30
C MET B 200 26.06 -19.04 11.96
N PHE B 201 25.27 -18.17 12.62
CA PHE B 201 25.88 -17.02 13.28
C PHE B 201 26.77 -17.45 14.43
N GLU B 202 26.34 -18.45 15.20
CA GLU B 202 27.19 -18.92 16.29
C GLU B 202 28.50 -19.50 15.76
N GLY B 203 28.43 -20.26 14.67
CA GLY B 203 29.65 -20.77 14.06
C GLY B 203 30.58 -19.67 13.58
N ILE B 204 30.02 -18.66 12.91
CA ILE B 204 30.84 -17.56 12.41
C ILE B 204 31.45 -16.78 13.57
N ALA B 205 30.67 -16.59 14.65
CA ALA B 205 31.18 -15.86 15.80
C ALA B 205 32.33 -16.60 16.46
N ARG B 206 32.12 -17.89 16.75
CA ARG B 206 33.18 -18.64 17.42
C ARG B 206 34.38 -18.89 16.53
N TYR B 207 34.21 -18.82 15.20
CA TYR B 207 35.36 -18.94 14.32
C TYR B 207 36.32 -17.77 14.50
N PHE B 208 35.78 -16.56 14.71
CA PHE B 208 36.59 -15.36 14.77
C PHE B 208 36.92 -14.88 16.18
N THR B 209 36.31 -15.48 17.21
CA THR B 209 36.44 -14.91 18.54
C THR B 209 36.87 -15.91 19.60
N LEU B 210 36.51 -17.19 19.42
CA LEU B 210 36.66 -18.15 20.51
C LEU B 210 38.11 -18.33 20.92
N LYS B 211 39.01 -18.41 19.95
CA LYS B 211 40.40 -18.72 20.23
C LYS B 211 41.26 -17.49 20.54
N SER B 212 40.70 -16.29 20.43
CA SER B 212 41.46 -15.06 20.63
C SER B 212 40.79 -14.17 21.66
N MET B 213 40.24 -14.76 22.72
CA MET B 213 39.58 -13.99 23.76
C MET B 213 40.54 -13.37 24.76
N ASP B 214 41.81 -13.73 24.73
CA ASP B 214 42.74 -13.30 25.77
C ASP B 214 42.92 -11.78 25.77
N ASP B 215 43.06 -11.18 24.60
CA ASP B 215 43.29 -9.74 24.48
C ASP B 215 42.01 -8.94 24.31
N LYS B 216 40.90 -9.43 24.83
CA LYS B 216 39.60 -8.77 24.69
C LYS B 216 39.15 -8.23 26.03
N VAL B 217 38.70 -6.98 26.04
CA VAL B 217 38.15 -6.33 27.23
C VAL B 217 36.82 -5.70 26.84
N VAL B 218 35.79 -5.98 27.63
CA VAL B 218 34.43 -5.55 27.30
C VAL B 218 34.34 -4.02 27.37
N GLY B 219 33.79 -3.42 26.33
CA GLY B 219 33.55 -1.99 26.28
C GLY B 219 34.66 -1.17 25.69
N SER B 220 35.81 -1.76 25.37
CA SER B 220 36.95 -0.97 24.92
C SER B 220 36.72 -0.28 23.59
N ASN B 221 35.84 -0.79 22.74
CA ASN B 221 35.51 -0.10 21.50
C ASN B 221 34.34 0.86 21.64
N LYS B 222 33.65 0.83 22.78
CA LYS B 222 32.51 1.72 23.05
C LYS B 222 31.42 1.59 21.99
N LYS B 223 31.26 0.39 21.42
CA LYS B 223 30.21 0.10 20.46
C LYS B 223 29.18 -0.82 21.07
N ILE B 224 28.09 -1.03 20.33
CA ILE B 224 27.02 -1.93 20.72
C ILE B 224 26.85 -2.97 19.63
N ASN B 225 26.88 -4.24 20.01
CA ASN B 225 26.64 -5.32 19.06
C ASN B 225 25.14 -5.48 18.85
N ILE B 226 24.72 -5.52 17.59
CA ILE B 226 23.33 -5.72 17.22
C ILE B 226 23.25 -6.99 16.37
N VAL B 227 22.48 -7.97 16.83
CA VAL B 227 22.27 -9.22 16.11
C VAL B 227 20.83 -9.20 15.59
N PRO B 228 20.62 -9.13 14.28
CA PRO B 228 19.25 -8.99 13.76
C PRO B 228 18.50 -10.31 13.70
N GLY B 229 19.21 -11.42 13.56
CA GLY B 229 18.53 -12.68 13.34
C GLY B 229 18.03 -12.78 11.91
N PHE B 230 17.15 -13.75 11.69
CA PHE B 230 16.57 -13.99 10.38
C PHE B 230 15.65 -12.83 10.02
N GLU B 231 16.10 -11.99 9.09
CA GLU B 231 15.38 -10.78 8.73
C GLU B 231 15.35 -10.67 7.21
N THR B 232 14.14 -10.54 6.65
CA THR B 232 13.97 -10.43 5.21
C THR B 232 13.35 -9.11 4.79
N TYR B 233 13.30 -8.13 5.70
CA TYR B 233 12.86 -6.77 5.38
C TYR B 233 14.09 -5.88 5.43
N LEU B 234 14.51 -5.37 4.27
CA LEU B 234 15.69 -4.52 4.21
C LEU B 234 15.49 -3.26 5.02
N GLY B 235 14.28 -2.71 5.02
CA GLY B 235 13.97 -1.56 5.83
C GLY B 235 14.20 -1.78 7.31
N ASN B 236 14.19 -3.03 7.77
CA ASN B 236 14.45 -3.29 9.18
C ASN B 236 15.91 -3.05 9.53
N PHE B 237 16.82 -3.59 8.72
CA PHE B 237 18.23 -3.24 8.86
C PHE B 237 18.43 -1.74 8.80
N ARG B 238 17.80 -1.11 7.81
CA ARG B 238 17.98 0.33 7.62
C ARG B 238 17.47 1.12 8.82
N VAL B 239 16.32 0.73 9.38
CA VAL B 239 15.75 1.48 10.48
C VAL B 239 16.58 1.29 11.74
N ILE B 240 17.10 0.08 11.98
CA ILE B 240 17.94 -0.12 13.15
C ILE B 240 19.20 0.74 13.05
N LYS B 241 19.81 0.74 11.85
CA LYS B 241 20.99 1.56 11.63
C LYS B 241 20.67 3.04 11.83
N ARG B 242 19.57 3.50 11.25
CA ARG B 242 19.21 4.92 11.32
C ARG B 242 18.91 5.35 12.75
N MET B 243 18.18 4.53 13.50
CA MET B 243 17.84 4.87 14.87
C MET B 243 19.08 4.89 15.76
N LEU B 244 20.02 3.96 15.53
CA LEU B 244 21.24 3.98 16.35
C LEU B 244 22.15 5.13 15.97
N SER B 245 22.25 5.47 14.69
CA SER B 245 23.13 6.56 14.27
C SER B 245 22.54 7.93 14.62
N GLU B 246 21.22 8.06 14.61
CA GLU B 246 20.58 9.28 15.09
C GLU B 246 20.83 9.47 16.58
N MET B 247 20.84 8.38 17.34
CA MET B 247 21.10 8.41 18.76
C MET B 247 22.54 8.76 19.10
N GLY B 248 23.43 8.81 18.11
CA GLY B 248 24.84 8.99 18.37
C GLY B 248 25.49 7.80 19.04
N VAL B 249 24.94 6.61 18.86
CA VAL B 249 25.44 5.40 19.50
C VAL B 249 26.35 4.67 18.52
N GLY B 250 27.55 4.32 18.98
CA GLY B 250 28.40 3.45 18.19
C GLY B 250 27.86 2.04 18.18
N TYR B 251 27.73 1.46 16.99
CA TYR B 251 27.08 0.17 16.85
C TYR B 251 27.85 -0.70 15.86
N SER B 252 27.63 -2.00 15.97
CA SER B 252 28.18 -2.97 15.02
C SER B 252 27.08 -3.98 14.73
N LEU B 253 26.44 -3.86 13.57
CA LEU B 253 25.40 -4.78 13.16
C LEU B 253 26.06 -5.97 12.46
N LEU B 254 26.09 -7.10 13.14
CA LEU B 254 26.69 -8.31 12.59
C LEU B 254 25.68 -9.03 11.71
N SER B 255 26.17 -9.53 10.55
CA SER B 255 25.32 -10.10 9.50
C SER B 255 24.36 -9.05 8.93
N ASP B 256 24.95 -8.08 8.23
CA ASP B 256 24.23 -7.02 7.53
C ASP B 256 24.13 -7.35 6.05
N PRO B 257 23.02 -7.93 5.59
CA PRO B 257 22.89 -8.30 4.15
C PRO B 257 22.17 -7.29 3.27
N GLU B 258 21.85 -6.09 3.77
CA GLU B 258 20.98 -5.18 3.01
C GLU B 258 21.62 -4.73 1.71
N GLU B 259 22.94 -4.55 1.67
CA GLU B 259 23.59 -4.09 0.46
C GLU B 259 23.59 -5.17 -0.62
N VAL B 260 23.90 -6.41 -0.26
CA VAL B 260 23.99 -7.47 -1.26
C VAL B 260 22.62 -7.85 -1.80
N LEU B 261 21.55 -7.55 -1.09
CA LEU B 261 20.20 -7.83 -1.55
C LEU B 261 19.49 -6.62 -2.13
N ASP B 262 20.20 -5.50 -2.27
CA ASP B 262 19.61 -4.29 -2.84
C ASP B 262 20.61 -3.58 -3.75
N THR B 263 21.34 -4.34 -4.55
CA THR B 263 22.32 -3.75 -5.45
C THR B 263 21.62 -3.01 -6.59
N PRO B 264 22.23 -1.94 -7.10
CA PRO B 264 21.63 -1.19 -8.20
C PRO B 264 21.80 -1.90 -9.54
N ALA B 265 20.92 -1.55 -10.47
CA ALA B 265 21.02 -1.99 -11.85
C ALA B 265 21.65 -0.86 -12.66
N ASP B 266 22.96 -0.93 -12.82
CA ASP B 266 23.71 0.08 -13.55
C ASP B 266 24.68 -0.55 -14.53
N GLY B 267 24.25 -1.64 -15.17
CA GLY B 267 25.08 -2.33 -16.14
C GLY B 267 26.14 -3.24 -15.53
N GLN B 268 26.13 -3.40 -14.22
CA GLN B 268 27.12 -4.19 -13.50
C GLN B 268 26.42 -5.16 -12.58
N PHE B 269 26.92 -6.39 -12.52
CA PHE B 269 26.48 -7.37 -11.53
C PHE B 269 27.53 -7.46 -10.44
N ARG B 270 27.12 -7.16 -9.21
CA ARG B 270 27.98 -7.25 -8.04
C ARG B 270 27.56 -8.49 -7.25
N MET B 271 28.42 -9.51 -7.23
CA MET B 271 28.12 -10.71 -6.45
C MET B 271 28.14 -10.40 -4.96
N TYR B 272 29.08 -9.57 -4.52
CA TYR B 272 29.18 -9.16 -3.12
C TYR B 272 29.00 -7.65 -3.02
N ALA B 273 28.42 -7.22 -1.90
CA ALA B 273 28.22 -5.80 -1.64
C ALA B 273 27.97 -5.61 -0.16
N GLY B 274 28.78 -4.78 0.48
CA GLY B 274 28.60 -4.51 1.89
C GLY B 274 28.83 -5.73 2.75
N GLY B 275 28.11 -5.80 3.86
CA GLY B 275 28.19 -6.91 4.77
C GLY B 275 29.13 -6.65 5.94
N THR B 276 28.92 -7.41 7.01
CA THR B 276 29.76 -7.32 8.19
C THR B 276 31.19 -7.75 7.86
N THR B 277 32.15 -6.88 8.10
CA THR B 277 33.54 -7.21 7.84
C THR B 277 34.06 -8.18 8.89
N GLN B 278 35.12 -8.90 8.53
CA GLN B 278 35.74 -9.84 9.48
C GLN B 278 36.32 -9.11 10.68
N GLU B 279 36.84 -7.90 10.47
CA GLU B 279 37.38 -7.12 11.57
C GLU B 279 36.29 -6.76 12.57
N GLU B 280 35.07 -6.51 12.09
CA GLU B 280 33.96 -6.25 12.99
C GLU B 280 33.69 -7.45 13.89
N MET B 281 33.69 -8.66 13.32
CA MET B 281 33.46 -9.84 14.14
C MET B 281 34.61 -10.09 15.10
N LYS B 282 35.84 -9.84 14.66
CA LYS B 282 36.98 -9.98 15.54
C LYS B 282 36.90 -9.02 16.73
N ASP B 283 36.49 -7.77 16.47
CA ASP B 283 36.41 -6.76 17.51
C ASP B 283 35.11 -6.83 18.31
N ALA B 284 34.16 -7.65 17.88
CA ALA B 284 32.88 -7.76 18.59
C ALA B 284 32.99 -8.04 20.08
N PRO B 285 33.89 -8.91 20.57
CA PRO B 285 33.99 -9.09 22.03
C PRO B 285 34.37 -7.83 22.79
N ASN B 286 34.92 -6.83 22.13
CA ASN B 286 35.28 -5.58 22.79
C ASN B 286 34.09 -4.66 23.01
N ALA B 287 32.91 -5.02 22.52
CA ALA B 287 31.75 -4.14 22.60
C ALA B 287 31.28 -4.00 24.04
N LEU B 288 30.55 -2.91 24.29
CA LEU B 288 29.94 -2.71 25.60
C LEU B 288 28.95 -3.81 25.92
N ASN B 289 28.15 -4.22 24.93
CA ASN B 289 27.14 -5.24 25.13
C ASN B 289 26.70 -5.75 23.76
N THR B 290 25.92 -6.82 23.79
CA THR B 290 25.32 -7.39 22.58
C THR B 290 23.81 -7.43 22.77
N VAL B 291 23.10 -6.82 21.82
CA VAL B 291 21.64 -6.77 21.85
C VAL B 291 21.12 -7.68 20.75
N LEU B 292 20.26 -8.62 21.12
CA LEU B 292 19.68 -9.56 20.17
C LEU B 292 18.33 -9.01 19.71
N LEU B 293 18.22 -8.69 18.42
CA LEU B 293 16.99 -8.10 17.90
C LEU B 293 15.83 -9.07 17.98
N GLN B 294 16.07 -10.35 17.69
CA GLN B 294 15.04 -11.38 17.71
C GLN B 294 15.53 -12.50 18.62
N PRO B 295 15.47 -12.30 19.94
CA PRO B 295 16.11 -13.25 20.87
C PRO B 295 15.51 -14.65 20.84
N TRP B 296 14.26 -14.82 20.44
CA TRP B 296 13.61 -16.12 20.58
C TRP B 296 14.09 -17.15 19.58
N HIS B 297 14.86 -16.76 18.57
CA HIS B 297 15.57 -17.73 17.75
C HIS B 297 17.07 -17.42 17.71
N LEU B 298 17.57 -16.76 18.76
CA LEU B 298 19.00 -16.54 18.93
C LEU B 298 19.45 -17.07 20.29
N GLU B 299 18.96 -18.25 20.67
CA GLU B 299 19.27 -18.81 21.97
C GLU B 299 20.72 -19.26 22.04
N LYS B 300 21.18 -19.99 21.02
CA LYS B 300 22.56 -20.45 20.99
C LYS B 300 23.52 -19.26 20.94
N THR B 301 23.18 -18.24 20.15
CA THR B 301 23.99 -17.04 20.11
C THR B 301 24.03 -16.36 21.48
N LYS B 302 22.89 -16.33 22.17
CA LYS B 302 22.84 -15.73 23.51
C LYS B 302 23.76 -16.49 24.46
N LYS B 303 23.70 -17.83 24.44
CA LYS B 303 24.56 -18.62 25.31
C LYS B 303 26.03 -18.36 25.00
N PHE B 304 26.40 -18.33 23.72
CA PHE B 304 27.79 -18.10 23.36
C PHE B 304 28.25 -16.71 23.78
N VAL B 305 27.42 -15.69 23.54
CA VAL B 305 27.84 -14.33 23.83
C VAL B 305 27.96 -14.10 25.34
N GLU B 306 27.08 -14.71 26.13
CA GLU B 306 27.18 -14.57 27.57
C GLU B 306 28.35 -15.37 28.13
N GLY B 307 28.60 -16.56 27.58
CA GLY B 307 29.60 -17.43 28.14
C GLY B 307 31.01 -17.24 27.62
N THR B 308 31.16 -16.61 26.46
CA THR B 308 32.47 -16.42 25.85
C THR B 308 32.89 -14.95 25.80
N TRP B 309 32.03 -14.07 25.26
CA TRP B 309 32.34 -12.65 25.25
C TRP B 309 32.07 -11.98 26.59
N LYS B 310 31.36 -12.66 27.50
CA LYS B 310 31.05 -12.13 28.83
C LYS B 310 30.18 -10.88 28.78
N HIS B 311 29.34 -10.78 27.75
CA HIS B 311 28.40 -9.66 27.64
C HIS B 311 27.09 -10.01 28.34
N GLU B 312 26.62 -9.09 29.18
CA GLU B 312 25.34 -9.25 29.86
C GLU B 312 24.24 -8.85 28.90
N VAL B 313 23.81 -9.81 28.07
CA VAL B 313 22.86 -9.54 27.00
C VAL B 313 21.52 -9.12 27.60
N PRO B 314 21.00 -7.95 27.23
CA PRO B 314 19.77 -7.47 27.85
C PRO B 314 18.56 -8.31 27.47
N LYS B 315 17.58 -8.33 28.37
CA LYS B 315 16.31 -8.99 28.12
C LYS B 315 15.40 -8.02 27.39
N LEU B 316 15.55 -7.97 26.08
CA LEU B 316 14.80 -7.07 25.22
C LEU B 316 13.94 -7.87 24.26
N ASN B 317 12.66 -7.51 24.18
CA ASN B 317 11.85 -8.04 23.11
C ASN B 317 12.27 -7.41 21.78
N ILE B 318 11.75 -7.97 20.68
CA ILE B 318 12.01 -7.40 19.36
C ILE B 318 11.54 -5.95 19.35
N PRO B 319 12.31 -5.01 18.81
CA PRO B 319 11.87 -3.61 18.82
C PRO B 319 10.74 -3.36 17.83
N MET B 320 9.57 -3.91 18.11
CA MET B 320 8.40 -3.75 17.27
C MET B 320 7.30 -3.08 18.08
N GLY B 321 6.65 -2.09 17.48
CA GLY B 321 5.58 -1.39 18.16
C GLY B 321 6.10 -0.37 19.15
N LEU B 322 5.15 0.34 19.75
CA LEU B 322 5.47 1.52 20.56
C LEU B 322 6.25 1.14 21.82
N ASP B 323 5.67 0.28 22.66
CA ASP B 323 6.28 -0.02 23.95
C ASP B 323 7.65 -0.69 23.78
N TRP B 324 7.76 -1.64 22.85
CA TRP B 324 9.00 -2.36 22.70
C TRP B 324 10.08 -1.54 21.98
N THR B 325 9.69 -0.65 21.06
CA THR B 325 10.66 0.29 20.52
C THR B 325 11.14 1.23 21.62
N ASP B 326 10.24 1.66 22.50
CA ASP B 326 10.64 2.51 23.63
C ASP B 326 11.63 1.78 24.53
N GLU B 327 11.34 0.51 24.84
CA GLU B 327 12.22 -0.26 25.70
C GLU B 327 13.58 -0.47 25.05
N PHE B 328 13.60 -0.75 23.75
CA PHE B 328 14.86 -0.92 23.03
C PHE B 328 15.68 0.37 23.08
N LEU B 329 15.04 1.52 22.84
CA LEU B 329 15.77 2.78 22.85
C LEU B 329 16.30 3.10 24.25
N MET B 330 15.49 2.87 25.28
CA MET B 330 15.94 3.14 26.63
C MET B 330 17.08 2.23 27.04
N LYS B 331 17.03 0.96 26.61
CA LYS B 331 18.14 0.04 26.91
C LYS B 331 19.40 0.46 26.18
N VAL B 332 19.29 0.85 24.91
CA VAL B 332 20.45 1.32 24.17
C VAL B 332 21.03 2.56 24.83
N SER B 333 20.17 3.44 25.34
CA SER B 333 20.62 4.62 26.05
C SER B 333 21.37 4.23 27.31
N GLU B 334 20.78 3.35 28.13
CA GLU B 334 21.40 2.94 29.38
C GLU B 334 22.70 2.18 29.16
N ILE B 335 22.89 1.59 27.97
CA ILE B 335 24.14 0.91 27.68
C ILE B 335 25.19 1.90 27.18
N SER B 336 24.90 2.60 26.09
CA SER B 336 25.88 3.49 25.47
C SER B 336 26.07 4.81 26.22
N GLY B 337 25.11 5.22 27.03
CA GLY B 337 25.18 6.48 27.73
C GLY B 337 24.71 7.68 26.94
N GLN B 338 24.37 7.50 25.67
CA GLN B 338 23.81 8.59 24.88
C GLN B 338 22.32 8.76 25.19
N PRO B 339 21.81 9.99 25.19
CA PRO B 339 20.39 10.20 25.40
C PRO B 339 19.59 9.99 24.11
N ILE B 340 18.31 9.71 24.28
CA ILE B 340 17.40 9.58 23.14
C ILE B 340 17.18 10.97 22.56
N PRO B 341 17.47 11.19 21.29
CA PRO B 341 17.43 12.54 20.73
C PRO B 341 16.00 13.00 20.44
N ALA B 342 15.88 14.30 20.16
CA ALA B 342 14.57 14.89 19.94
C ALA B 342 13.92 14.37 18.66
N SER B 343 14.71 14.02 17.66
CA SER B 343 14.13 13.49 16.41
C SER B 343 13.41 12.17 16.67
N LEU B 344 14.00 11.30 17.48
CA LEU B 344 13.34 10.03 17.81
C LEU B 344 12.08 10.25 18.63
N THR B 345 12.13 11.21 19.57
CA THR B 345 10.94 11.54 20.35
C THR B 345 9.82 12.06 19.45
N LYS B 346 10.17 12.90 18.47
CA LYS B 346 9.16 13.41 17.54
C LYS B 346 8.60 12.30 16.67
N GLU B 347 9.46 11.37 16.23
CA GLU B 347 8.97 10.24 15.45
C GLU B 347 8.00 9.39 16.27
N ARG B 348 8.33 9.16 17.54
CA ARG B 348 7.40 8.45 18.43
C ARG B 348 6.09 9.20 18.56
N GLY B 349 6.16 10.52 18.72
CA GLY B 349 4.94 11.31 18.84
C GLY B 349 4.09 11.27 17.58
N ARG B 350 4.74 11.23 16.42
CA ARG B 350 4.00 11.11 15.16
C ARG B 350 3.36 9.74 15.02
N LEU B 351 4.04 8.70 15.50
CA LEU B 351 3.40 7.39 15.60
C LEU B 351 2.15 7.44 16.46
N VAL B 352 2.26 8.09 17.62
CA VAL B 352 1.10 8.20 18.51
C VAL B 352 -0.01 8.99 17.84
N ASP B 353 0.34 10.04 17.10
CA ASP B 353 -0.67 10.81 16.39
C ASP B 353 -1.39 9.96 15.37
N MET B 354 -0.66 9.14 14.63
CA MET B 354 -1.30 8.24 13.66
C MET B 354 -2.21 7.24 14.38
N MET B 355 -1.77 6.75 15.53
CA MET B 355 -2.60 5.84 16.32
C MET B 355 -3.91 6.51 16.72
N THR B 356 -3.85 7.75 17.20
CA THR B 356 -5.07 8.46 17.58
C THR B 356 -5.92 8.80 16.36
N ASP B 357 -5.29 9.05 15.21
CA ASP B 357 -6.05 9.36 14.01
C ASP B 357 -6.79 8.12 13.48
N SER B 358 -6.26 6.93 13.72
CA SER B 358 -6.81 5.71 13.13
C SER B 358 -7.47 4.76 14.13
N HIS B 359 -7.52 5.10 15.41
CA HIS B 359 -8.00 4.14 16.40
C HIS B 359 -9.45 3.72 16.18
N THR B 360 -10.31 4.62 15.67
CA THR B 360 -11.71 4.25 15.50
C THR B 360 -11.87 3.13 14.49
N TRP B 361 -11.09 3.16 13.40
CA TRP B 361 -11.14 2.08 12.43
C TRP B 361 -10.38 0.85 12.90
N LEU B 362 -9.31 1.03 13.68
CA LEU B 362 -8.54 -0.13 14.13
C LEU B 362 -9.23 -0.87 15.26
N HIS B 363 -9.89 -0.16 16.17
CA HIS B 363 -10.36 -0.75 17.41
C HIS B 363 -11.36 -1.89 17.16
N GLY B 364 -11.17 -3.00 17.87
CA GLY B 364 -12.07 -4.13 17.80
C GLY B 364 -11.82 -5.10 16.67
N LYS B 365 -10.88 -4.80 15.78
CA LYS B 365 -10.65 -5.67 14.63
C LYS B 365 -9.95 -6.96 15.04
N ARG B 366 -10.43 -8.07 14.52
CA ARG B 366 -9.93 -9.39 14.87
C ARG B 366 -8.97 -9.90 13.79
N PHE B 367 -7.91 -10.57 14.22
CA PHE B 367 -6.83 -10.94 13.32
C PHE B 367 -6.36 -12.36 13.55
N ALA B 368 -6.03 -13.02 12.44
CA ALA B 368 -5.25 -14.25 12.44
C ALA B 368 -3.88 -13.93 11.84
N LEU B 369 -2.82 -14.31 12.54
CA LEU B 369 -1.49 -14.00 12.08
C LEU B 369 -0.57 -15.19 12.29
N TRP B 370 0.49 -15.26 11.47
CA TRP B 370 1.48 -16.31 11.59
C TRP B 370 2.82 -15.80 11.08
N GLY B 371 3.87 -16.52 11.41
CA GLY B 371 5.22 -16.18 11.03
C GLY B 371 6.21 -16.71 12.03
N ASP B 372 7.40 -16.12 12.02
CA ASP B 372 8.45 -16.50 12.95
C ASP B 372 8.13 -15.96 14.34
N PRO B 373 8.67 -16.58 15.40
CA PRO B 373 8.20 -16.26 16.76
C PRO B 373 8.40 -14.81 17.16
N ASP B 374 9.57 -14.21 16.89
CA ASP B 374 9.80 -12.84 17.33
C ASP B 374 8.93 -11.86 16.55
N PHE B 375 8.83 -12.03 15.23
CA PHE B 375 7.96 -11.19 14.42
C PHE B 375 6.50 -11.33 14.85
N VAL B 376 6.06 -12.57 15.10
CA VAL B 376 4.68 -12.81 15.51
C VAL B 376 4.40 -12.14 16.85
N MET B 377 5.33 -12.27 17.80
CA MET B 377 5.12 -11.68 19.12
C MET B 377 5.08 -10.16 19.04
N GLY B 378 5.96 -9.57 18.22
CA GLY B 378 5.92 -8.13 18.04
C GLY B 378 4.62 -7.67 17.40
N LEU B 379 4.13 -8.41 16.39
CA LEU B 379 2.86 -8.08 15.78
C LEU B 379 1.72 -8.16 16.78
N VAL B 380 1.73 -9.19 17.63
CA VAL B 380 0.70 -9.34 18.65
C VAL B 380 0.73 -8.15 19.59
N LYS B 381 1.92 -7.78 20.06
CA LYS B 381 2.05 -6.65 20.98
C LYS B 381 1.55 -5.36 20.34
N PHE B 382 1.94 -5.11 19.09
CA PHE B 382 1.51 -3.88 18.42
C PHE B 382 0.01 -3.88 18.19
N LEU B 383 -0.57 -5.02 17.80
CA LEU B 383 -2.01 -5.09 17.60
C LEU B 383 -2.74 -4.82 18.91
N LEU B 384 -2.22 -5.31 20.03
CA LEU B 384 -2.80 -4.97 21.32
C LEU B 384 -2.69 -3.48 21.60
N GLU B 385 -1.57 -2.87 21.21
CA GLU B 385 -1.41 -1.43 21.42
C GLU B 385 -2.44 -0.63 20.63
N LEU B 386 -2.85 -1.13 19.46
CA LEU B 386 -3.81 -0.42 18.62
C LEU B 386 -5.25 -0.68 19.00
N GLY B 387 -5.51 -1.52 19.99
CA GLY B 387 -6.87 -1.89 20.32
C GLY B 387 -7.45 -2.98 19.47
N CYS B 388 -6.61 -3.68 18.70
CA CYS B 388 -7.04 -4.81 17.87
C CYS B 388 -7.01 -6.09 18.68
N GLU B 389 -7.69 -7.11 18.17
CA GLU B 389 -7.74 -8.42 18.82
C GLU B 389 -7.02 -9.45 17.96
N PRO B 390 -5.83 -9.90 18.36
CA PRO B 390 -5.16 -10.98 17.61
C PRO B 390 -5.70 -12.36 18.01
N VAL B 391 -6.84 -12.73 17.43
CA VAL B 391 -7.57 -13.89 17.92
C VAL B 391 -6.82 -15.19 17.62
N HIS B 392 -6.23 -15.32 16.42
CA HIS B 392 -5.57 -16.57 16.04
C HIS B 392 -4.07 -16.31 15.85
N ILE B 393 -3.26 -16.61 16.85
CA ILE B 393 -1.82 -16.39 16.77
C ILE B 393 -1.14 -17.73 16.53
N LEU B 394 -0.63 -17.96 15.33
CA LEU B 394 -0.03 -19.24 14.98
C LEU B 394 1.46 -19.05 14.71
N CYS B 395 2.27 -19.97 15.24
CA CYS B 395 3.70 -19.97 14.98
C CYS B 395 4.14 -21.42 14.86
N HIS B 396 4.42 -21.85 13.62
CA HIS B 396 4.76 -23.24 13.38
C HIS B 396 6.04 -23.63 14.11
N ASN B 397 7.05 -22.75 14.10
CA ASN B 397 8.33 -23.04 14.71
C ASN B 397 8.45 -22.46 16.13
N GLY B 398 7.34 -22.15 16.77
CA GLY B 398 7.37 -21.71 18.14
C GLY B 398 7.50 -22.88 19.12
N ASN B 399 7.85 -22.54 20.35
CA ASN B 399 8.03 -23.54 21.41
C ASN B 399 7.15 -23.19 22.59
N LYS B 400 7.21 -24.04 23.63
CA LYS B 400 6.36 -23.87 24.80
C LYS B 400 6.69 -22.58 25.55
N ARG B 401 7.98 -22.27 25.72
CA ARG B 401 8.36 -21.05 26.44
C ARG B 401 7.90 -19.80 25.70
N TRP B 402 8.07 -19.79 24.37
CA TRP B 402 7.57 -18.66 23.59
C TRP B 402 6.06 -18.54 23.72
N LYS B 403 5.35 -19.66 23.67
CA LYS B 403 3.89 -19.64 23.84
C LYS B 403 3.52 -19.06 25.20
N LYS B 404 4.25 -19.44 26.25
CA LYS B 404 3.97 -18.90 27.58
C LYS B 404 4.22 -17.40 27.63
N ALA B 405 5.30 -16.93 27.00
CA ALA B 405 5.58 -15.49 26.98
C ALA B 405 4.49 -14.73 26.26
N VAL B 406 4.03 -15.24 25.11
CA VAL B 406 2.97 -14.56 24.37
C VAL B 406 1.65 -14.62 25.14
N ASP B 407 1.39 -15.73 25.83
CA ASP B 407 0.18 -15.80 26.66
C ASP B 407 0.22 -14.78 27.78
N ALA B 408 1.39 -14.59 28.40
CA ALA B 408 1.53 -13.56 29.42
C ALA B 408 1.34 -12.17 28.84
N ILE B 409 1.82 -11.95 27.61
CA ILE B 409 1.59 -10.66 26.95
C ILE B 409 0.11 -10.43 26.72
N LEU B 410 -0.60 -11.46 26.26
CA LEU B 410 -2.04 -11.33 26.02
C LEU B 410 -2.80 -11.09 27.31
N ALA B 411 -2.38 -11.75 28.40
CA ALA B 411 -3.08 -11.58 29.68
C ALA B 411 -2.94 -10.17 30.22
N ALA B 412 -1.87 -9.47 29.85
CA ALA B 412 -1.63 -8.12 30.33
C ALA B 412 -2.50 -7.07 29.65
N SER B 413 -3.24 -7.45 28.61
CA SER B 413 -4.07 -6.51 27.88
C SER B 413 -5.51 -6.98 27.83
N PRO B 414 -6.48 -6.07 27.90
CA PRO B 414 -7.89 -6.47 27.75
C PRO B 414 -8.25 -6.94 26.35
N TYR B 415 -7.40 -6.71 25.36
CA TYR B 415 -7.66 -7.12 23.99
C TYR B 415 -7.05 -8.47 23.64
N GLY B 416 -6.46 -9.16 24.61
CA GLY B 416 -5.95 -10.49 24.39
C GLY B 416 -6.82 -11.57 25.01
N LYS B 417 -8.06 -11.21 25.36
CA LYS B 417 -8.92 -12.15 26.06
C LYS B 417 -9.41 -13.26 25.14
N ASN B 418 -9.71 -12.94 23.88
CA ASN B 418 -10.19 -13.92 22.92
C ASN B 418 -9.08 -14.51 22.06
N ALA B 419 -7.83 -14.36 22.47
CA ALA B 419 -6.68 -14.76 21.69
C ALA B 419 -6.20 -16.15 22.10
N THR B 420 -5.84 -16.96 21.12
CA THR B 420 -5.26 -18.27 21.37
C THR B 420 -3.98 -18.42 20.55
N VAL B 421 -2.96 -18.97 21.19
CA VAL B 421 -1.64 -19.16 20.60
C VAL B 421 -1.45 -20.63 20.28
N TYR B 422 -1.11 -20.91 19.02
CA TYR B 422 -0.88 -22.26 18.53
C TYR B 422 0.57 -22.38 18.11
N ILE B 423 1.22 -23.45 18.52
CA ILE B 423 2.59 -23.75 18.13
C ILE B 423 2.61 -25.15 17.54
N GLY B 424 3.46 -25.34 16.52
CA GLY B 424 3.49 -26.61 15.82
C GLY B 424 2.34 -26.84 14.88
N LYS B 425 1.51 -25.83 14.64
CA LYS B 425 0.38 -25.94 13.74
C LYS B 425 0.71 -25.28 12.41
N ASP B 426 0.21 -25.87 11.34
CA ASP B 426 0.48 -25.41 9.99
C ASP B 426 -0.67 -24.54 9.49
N LEU B 427 -0.61 -24.14 8.22
CA LEU B 427 -1.61 -23.23 7.67
C LEU B 427 -2.94 -23.92 7.37
N TRP B 428 -2.98 -25.26 7.32
CA TRP B 428 -4.26 -25.95 7.23
C TRP B 428 -5.06 -25.79 8.52
N HIS B 429 -4.38 -25.92 9.66
CA HIS B 429 -4.99 -25.60 10.95
C HIS B 429 -5.57 -24.19 10.95
N LEU B 430 -4.80 -23.23 10.42
CA LEU B 430 -5.25 -21.84 10.40
C LEU B 430 -6.41 -21.63 9.44
N ARG B 431 -6.43 -22.35 8.32
CA ARG B 431 -7.59 -22.30 7.44
C ARG B 431 -8.85 -22.74 8.18
N SER B 432 -8.75 -23.84 8.92
CA SER B 432 -9.86 -24.27 9.76
C SER B 432 -10.23 -23.19 10.77
N LEU B 433 -9.22 -22.57 11.40
CA LEU B 433 -9.46 -21.59 12.44
C LEU B 433 -10.20 -20.37 11.90
N VAL B 434 -9.81 -19.89 10.72
CA VAL B 434 -10.49 -18.73 10.15
C VAL B 434 -11.83 -19.10 9.54
N PHE B 435 -12.08 -20.40 9.28
CA PHE B 435 -13.43 -20.79 8.92
C PHE B 435 -14.36 -20.85 10.13
N THR B 436 -13.87 -21.38 11.25
CA THR B 436 -14.75 -21.63 12.40
C THR B 436 -14.86 -20.45 13.35
N ASP B 437 -13.81 -19.64 13.48
CA ASP B 437 -13.84 -18.42 14.29
C ASP B 437 -13.29 -17.31 13.39
N LYS B 438 -14.16 -16.74 12.59
CA LYS B 438 -13.72 -15.89 11.49
C LYS B 438 -13.15 -14.58 12.01
N PRO B 439 -11.91 -14.25 11.69
CA PRO B 439 -11.39 -12.91 11.95
C PRO B 439 -11.75 -11.97 10.79
N ASP B 440 -11.51 -10.69 11.02
CA ASP B 440 -11.76 -9.70 9.97
C ASP B 440 -10.68 -9.75 8.90
N PHE B 441 -9.43 -9.94 9.30
CA PHE B 441 -8.33 -10.04 8.36
C PHE B 441 -7.35 -11.09 8.88
N MET B 442 -6.46 -11.52 7.99
CA MET B 442 -5.34 -12.35 8.39
C MET B 442 -4.06 -11.72 7.89
N ILE B 443 -3.02 -11.79 8.72
CA ILE B 443 -1.72 -11.19 8.44
C ILE B 443 -0.70 -12.31 8.33
N GLY B 444 0.02 -12.35 7.21
CA GLY B 444 0.99 -13.41 7.01
C GLY B 444 1.64 -13.29 5.65
N ASN B 445 2.34 -14.36 5.27
CA ASN B 445 3.09 -14.37 4.02
C ASN B 445 2.16 -14.72 2.86
N SER B 446 2.74 -14.97 1.68
CA SER B 446 1.95 -15.13 0.46
C SER B 446 1.10 -16.39 0.49
N TYR B 447 1.52 -17.42 1.23
CA TYR B 447 0.75 -18.67 1.26
C TYR B 447 -0.66 -18.43 1.77
N GLY B 448 -0.84 -17.47 2.68
CA GLY B 448 -2.15 -17.15 3.19
C GLY B 448 -3.14 -16.78 2.10
N LYS B 449 -2.66 -16.36 0.93
CA LYS B 449 -3.56 -16.06 -0.17
C LYS B 449 -4.48 -17.23 -0.47
N PHE B 450 -3.95 -18.45 -0.40
CA PHE B 450 -4.80 -19.61 -0.68
C PHE B 450 -5.92 -19.71 0.33
N ILE B 451 -5.62 -19.46 1.60
CA ILE B 451 -6.67 -19.42 2.62
C ILE B 451 -7.73 -18.40 2.24
N GLN B 452 -7.30 -17.22 1.80
CA GLN B 452 -8.27 -16.22 1.37
C GLN B 452 -9.14 -16.78 0.25
N ARG B 453 -8.51 -17.41 -0.74
CA ARG B 453 -9.26 -18.03 -1.82
C ARG B 453 -10.31 -18.98 -1.24
N ASP B 454 -9.88 -19.84 -0.32
CA ASP B 454 -10.81 -20.81 0.26
C ASP B 454 -11.98 -20.09 0.92
N THR B 455 -11.69 -19.03 1.68
CA THR B 455 -12.78 -18.33 2.36
C THR B 455 -13.74 -17.72 1.36
N LEU B 456 -13.21 -17.19 0.26
CA LEU B 456 -14.09 -16.60 -0.75
C LEU B 456 -14.99 -17.65 -1.38
N HIS B 457 -14.58 -18.93 -1.35
CA HIS B 457 -15.43 -19.96 -1.91
C HIS B 457 -16.62 -20.24 -1.01
N LYS B 458 -16.50 -19.99 0.29
CA LYS B 458 -17.65 -20.13 1.16
C LYS B 458 -18.63 -18.97 1.02
N GLY B 459 -18.22 -17.89 0.38
CA GLY B 459 -19.05 -16.73 0.17
C GLY B 459 -18.25 -15.45 0.38
N LYS B 460 -18.77 -14.35 -0.16
CA LYS B 460 -18.11 -13.07 0.02
C LYS B 460 -18.18 -12.61 1.47
N GLU B 461 -19.24 -12.98 2.19
CA GLU B 461 -19.36 -12.57 3.59
C GLU B 461 -18.40 -13.33 4.51
N PHE B 462 -17.92 -14.48 4.09
CA PHE B 462 -16.96 -15.27 4.87
C PHE B 462 -15.52 -15.03 4.47
N GLU B 463 -15.28 -14.25 3.42
CA GLU B 463 -13.92 -14.06 2.92
C GLU B 463 -13.09 -13.29 3.93
N VAL B 464 -11.92 -13.83 4.25
CA VAL B 464 -10.95 -13.22 5.16
C VAL B 464 -9.81 -12.66 4.31
N PRO B 465 -9.73 -11.35 4.11
CA PRO B 465 -8.65 -10.79 3.28
C PRO B 465 -7.29 -10.99 3.94
N LEU B 466 -6.27 -11.13 3.09
CA LEU B 466 -4.91 -11.35 3.55
C LEU B 466 -4.14 -10.03 3.50
N ILE B 467 -3.46 -9.72 4.59
CA ILE B 467 -2.53 -8.60 4.66
C ILE B 467 -1.12 -9.19 4.65
N ARG B 468 -0.34 -8.81 3.64
CA ARG B 468 0.95 -9.46 3.38
C ARG B 468 2.04 -8.79 4.20
N ILE B 469 2.33 -9.37 5.36
CA ILE B 469 3.48 -8.99 6.17
C ILE B 469 4.15 -10.28 6.63
N GLY B 470 5.44 -10.41 6.34
CA GLY B 470 6.18 -11.58 6.74
C GLY B 470 7.03 -12.08 5.60
N PHE B 471 7.37 -13.37 5.66
CA PHE B 471 8.24 -14.00 4.69
C PHE B 471 7.70 -15.40 4.40
N PRO B 472 7.70 -15.81 3.13
CA PRO B 472 8.07 -15.04 1.94
C PRO B 472 6.88 -14.33 1.30
N ILE B 473 7.12 -13.26 0.55
CA ILE B 473 6.07 -12.55 -0.17
C ILE B 473 6.43 -12.65 -1.65
N PHE B 474 5.71 -13.50 -2.38
CA PHE B 474 6.03 -13.82 -3.77
C PHE B 474 5.13 -13.15 -4.78
N ASP B 475 3.89 -12.85 -4.41
CA ASP B 475 2.89 -12.35 -5.36
C ASP B 475 2.78 -10.84 -5.36
N ARG B 476 3.68 -10.14 -4.66
CA ARG B 476 3.76 -8.68 -4.72
C ARG B 476 5.21 -8.28 -4.91
N HIS B 477 5.40 -7.11 -5.50
CA HIS B 477 6.73 -6.61 -5.79
C HIS B 477 7.17 -5.60 -4.75
N HIS B 478 8.44 -5.69 -4.35
CA HIS B 478 9.16 -4.67 -3.59
C HIS B 478 8.61 -4.48 -2.18
N LEU B 479 7.84 -5.45 -1.67
CA LEU B 479 7.43 -5.37 -0.28
C LEU B 479 8.56 -5.73 0.66
N HIS B 480 9.59 -6.40 0.18
CA HIS B 480 10.78 -6.68 1.00
C HIS B 480 11.52 -5.41 1.40
N ARG B 481 11.26 -4.30 0.73
CA ARG B 481 11.86 -3.02 1.07
C ARG B 481 11.18 -2.34 2.25
N SER B 482 10.07 -2.89 2.74
CA SER B 482 9.32 -2.27 3.82
C SER B 482 10.07 -2.40 5.16
N THR B 483 9.48 -1.81 6.19
CA THR B 483 10.02 -1.83 7.54
C THR B 483 8.94 -2.33 8.49
N THR B 484 9.35 -3.12 9.49
CA THR B 484 8.46 -3.53 10.56
C THR B 484 8.98 -3.19 11.96
N LEU B 485 10.26 -2.88 12.11
CA LEU B 485 10.82 -2.53 13.40
C LEU B 485 10.82 -1.03 13.60
N GLY B 486 10.85 -0.62 14.86
CA GLY B 486 10.93 0.78 15.20
C GLY B 486 9.62 1.52 15.01
N TYR B 487 9.66 2.82 15.30
CA TYR B 487 8.49 3.65 15.10
C TYR B 487 8.12 3.72 13.62
N GLU B 488 9.11 3.75 12.73
CA GLU B 488 8.84 3.79 11.30
C GLU B 488 8.15 2.50 10.84
N GLY B 489 8.63 1.35 11.33
CA GLY B 489 7.97 0.10 10.99
C GLY B 489 6.57 0.03 11.55
N ALA B 490 6.37 0.51 12.77
CA ALA B 490 5.03 0.56 13.34
C ALA B 490 4.12 1.46 12.52
N MET B 491 4.65 2.59 12.03
CA MET B 491 3.85 3.48 11.19
C MET B 491 3.46 2.80 9.89
N GLN B 492 4.39 2.10 9.26
CA GLN B 492 4.08 1.40 8.01
C GLN B 492 3.03 0.31 8.25
N ILE B 493 3.18 -0.44 9.34
CA ILE B 493 2.22 -1.50 9.65
C ILE B 493 0.84 -0.90 9.94
N LEU B 494 0.80 0.18 10.71
CA LEU B 494 -0.47 0.85 11.00
C LEU B 494 -1.13 1.34 9.72
N THR B 495 -0.36 1.97 8.83
CA THR B 495 -0.91 2.45 7.58
C THR B 495 -1.48 1.29 6.77
N THR B 496 -0.72 0.19 6.66
CA THR B 496 -1.18 -0.96 5.92
C THR B 496 -2.46 -1.53 6.51
N LEU B 497 -2.53 -1.65 7.84
CA LEU B 497 -3.71 -2.21 8.49
C LEU B 497 -4.94 -1.33 8.29
N VAL B 498 -4.81 -0.03 8.59
CA VAL B 498 -5.97 0.85 8.51
C VAL B 498 -6.44 0.98 7.07
N ASN B 499 -5.51 1.04 6.11
CA ASN B 499 -5.94 1.16 4.72
C ASN B 499 -6.47 -0.14 4.16
N SER B 500 -6.00 -1.29 4.67
CA SER B 500 -6.64 -2.56 4.31
C SER B 500 -8.07 -2.60 4.80
N ILE B 501 -8.30 -2.15 6.04
CA ILE B 501 -9.65 -2.08 6.57
C ILE B 501 -10.50 -1.15 5.73
N LEU B 502 -9.96 0.01 5.37
CA LEU B 502 -10.76 1.00 4.63
C LEU B 502 -11.03 0.56 3.20
N GLU B 503 -10.07 -0.10 2.55
CA GLU B 503 -10.31 -0.64 1.22
C GLU B 503 -11.34 -1.76 1.26
N ARG B 504 -11.28 -2.61 2.29
CA ARG B 504 -12.30 -3.64 2.43
C ARG B 504 -13.68 -3.04 2.63
N LEU B 505 -13.77 -1.99 3.45
CA LEU B 505 -15.06 -1.35 3.68
C LEU B 505 -15.56 -0.65 2.41
N ASP B 506 -14.65 -0.05 1.65
CA ASP B 506 -15.01 0.57 0.38
C ASP B 506 -15.54 -0.47 -0.59
N GLU B 507 -14.91 -1.64 -0.65
CA GLU B 507 -15.40 -2.71 -1.51
C GLU B 507 -16.77 -3.19 -1.06
N GLU B 508 -16.97 -3.34 0.26
CA GLU B 508 -18.25 -3.83 0.75
C GLU B 508 -19.37 -2.80 0.65
N THR B 509 -19.06 -1.54 0.36
CA THR B 509 -20.07 -0.50 0.21
C THR B 509 -20.07 0.11 -1.19
N ARG B 510 -19.55 -0.60 -2.19
CA ARG B 510 -19.48 -0.07 -3.55
C ARG B 510 -20.73 -0.35 -4.37
N GLY B 511 -21.66 -1.16 -3.88
CA GLY B 511 -22.84 -1.49 -4.65
C GLY B 511 -23.85 -0.37 -4.70
N MET B 512 -24.02 0.24 -5.88
CA MET B 512 -24.93 1.37 -6.01
C MET B 512 -26.36 0.95 -5.73
N GLN B 513 -27.06 1.77 -4.95
CA GLN B 513 -28.44 1.58 -4.49
C GLN B 513 -28.59 0.38 -3.58
N ALA B 514 -27.51 -0.33 -3.26
CA ALA B 514 -27.56 -1.48 -2.37
C ALA B 514 -26.81 -1.22 -1.07
N THR B 515 -25.52 -0.87 -1.15
CA THR B 515 -24.73 -0.59 0.04
C THR B 515 -23.97 0.73 -0.06
N ASP B 516 -24.13 1.48 -1.15
CA ASP B 516 -23.34 2.69 -1.35
C ASP B 516 -23.80 3.85 -0.48
N TYR B 517 -24.83 3.69 0.34
CA TYR B 517 -25.17 4.73 1.29
C TYR B 517 -24.04 4.98 2.27
N ASN B 518 -23.21 3.96 2.52
CA ASN B 518 -22.04 4.08 3.37
C ASN B 518 -20.75 4.21 2.57
N HIS B 519 -20.84 4.50 1.27
CA HIS B 519 -19.66 4.70 0.44
C HIS B 519 -19.16 6.14 0.63
N ASP B 520 -18.63 6.39 1.82
CA ASP B 520 -18.28 7.74 2.24
C ASP B 520 -17.01 8.23 1.55
N LEU B 521 -17.03 9.49 1.12
CA LEU B 521 -15.82 10.12 0.64
C LEU B 521 -14.81 10.33 1.77
N VAL B 522 -15.29 10.68 2.95
CA VAL B 522 -14.44 11.00 4.09
C VAL B 522 -14.50 9.85 5.08
N ARG B 523 -13.35 9.23 5.34
CA ARG B 523 -13.24 8.21 6.37
C ARG B 523 -12.25 8.64 7.45
N MET C 4 -14.62 23.66 38.42
CA MET C 4 -15.57 22.83 39.15
C MET C 4 -16.67 23.68 39.79
N SER C 5 -16.28 24.54 40.72
CA SER C 5 -17.23 25.44 41.36
C SER C 5 -17.60 26.59 40.42
N ARG C 6 -18.76 27.19 40.69
CA ARG C 6 -19.24 28.29 39.86
C ARG C 6 -18.27 29.46 39.88
N GLU C 7 -17.73 29.79 41.05
CA GLU C 7 -16.75 30.87 41.15
C GLU C 7 -15.49 30.54 40.36
N GLU C 8 -15.05 29.29 40.42
CA GLU C 8 -13.84 28.89 39.70
C GLU C 8 -14.01 29.02 38.20
N VAL C 9 -15.16 28.60 37.67
CA VAL C 9 -15.35 28.69 36.22
C VAL C 9 -15.58 30.14 35.80
N GLU C 10 -16.20 30.96 36.66
CA GLU C 10 -16.30 32.38 36.35
C GLU C 10 -14.92 33.04 36.28
N SER C 11 -14.05 32.71 37.23
CA SER C 11 -12.69 33.24 37.19
C SER C 11 -11.93 32.72 35.99
N LEU C 12 -12.20 31.47 35.60
CA LEU C 12 -11.60 30.92 34.39
C LEU C 12 -12.04 31.70 33.16
N ILE C 13 -13.33 32.04 33.08
CA ILE C 13 -13.83 32.84 31.97
C ILE C 13 -13.11 34.18 31.92
N GLN C 14 -12.99 34.83 33.08
CA GLN C 14 -12.33 36.14 33.11
C GLN C 14 -10.86 36.03 32.69
N GLU C 15 -10.16 35.02 33.20
CA GLU C 15 -8.76 34.83 32.85
C GLU C 15 -8.58 34.57 31.35
N VAL C 16 -9.49 33.78 30.78
CA VAL C 16 -9.43 33.51 29.33
C VAL C 16 -9.67 34.80 28.55
N LEU C 17 -10.69 35.56 28.93
CA LEU C 17 -11.01 36.81 28.23
C LEU C 17 -9.92 37.86 28.40
N GLU C 18 -9.04 37.70 29.39
CA GLU C 18 -8.03 38.71 29.67
C GLU C 18 -7.10 38.98 28.49
N VAL C 19 -6.97 38.05 27.54
CA VAL C 19 -6.02 38.24 26.45
C VAL C 19 -6.60 39.05 25.28
N TYR C 20 -7.92 39.20 25.21
CA TYR C 20 -8.51 39.95 24.12
C TYR C 20 -8.36 41.46 24.37
N PRO C 21 -8.36 42.27 23.30
CA PRO C 21 -8.49 43.71 23.48
C PRO C 21 -9.86 44.10 24.01
N GLU C 22 -10.06 45.39 24.30
CA GLU C 22 -11.26 45.82 25.01
C GLU C 22 -12.52 45.46 24.23
N LYS C 23 -12.56 45.76 22.94
CA LYS C 23 -13.74 45.49 22.15
C LYS C 23 -14.07 44.00 22.12
N ALA C 24 -13.07 43.18 21.78
CA ALA C 24 -13.30 41.74 21.67
C ALA C 24 -13.65 41.12 23.01
N ARG C 25 -12.95 41.52 24.08
CA ARG C 25 -13.27 40.96 25.40
C ARG C 25 -14.66 41.36 25.85
N LYS C 26 -15.03 42.62 25.64
CA LYS C 26 -16.36 43.09 25.99
C LYS C 26 -17.43 42.33 25.23
N ASP C 27 -17.20 42.07 23.94
CA ASP C 27 -18.17 41.30 23.17
C ASP C 27 -18.25 39.87 23.65
N ARG C 28 -17.10 39.20 23.82
CA ARG C 28 -17.09 37.78 24.12
C ARG C 28 -17.62 37.49 25.52
N ASN C 29 -17.47 38.43 26.47
CA ASN C 29 -17.93 38.17 27.83
C ASN C 29 -19.42 37.85 27.87
N LYS C 30 -20.20 38.39 26.93
CA LYS C 30 -21.62 38.10 26.86
C LYS C 30 -21.92 36.72 26.31
N HIS C 31 -20.92 36.01 25.78
CA HIS C 31 -21.13 34.73 25.14
C HIS C 31 -20.66 33.55 25.97
N LEU C 32 -20.03 33.77 27.12
CA LEU C 32 -19.67 32.71 28.05
C LEU C 32 -20.46 32.88 29.33
N ALA C 33 -20.91 31.76 29.90
CA ALA C 33 -21.72 31.82 31.10
C ALA C 33 -21.58 30.54 31.90
N VAL C 34 -22.03 30.60 33.16
CA VAL C 34 -22.06 29.46 34.06
C VAL C 34 -23.52 29.13 34.31
N ASN C 35 -23.92 27.91 33.98
CA ASN C 35 -25.32 27.53 34.04
C ASN C 35 -25.84 27.56 35.46
N ASP C 36 -27.02 28.14 35.64
CA ASP C 36 -27.70 28.19 36.94
C ASP C 36 -29.20 28.03 36.68
N PRO C 37 -29.76 26.84 36.92
CA PRO C 37 -31.17 26.61 36.62
C PRO C 37 -32.14 27.45 37.43
N ALA C 38 -31.63 28.35 38.28
CA ALA C 38 -32.47 29.31 38.97
C ALA C 38 -32.86 30.50 38.09
N VAL C 39 -32.57 30.42 36.78
CA VAL C 39 -32.95 31.45 35.82
C VAL C 39 -33.60 30.76 34.63
N THR C 40 -34.38 31.53 33.87
CA THR C 40 -35.12 31.01 32.73
C THR C 40 -34.62 31.62 31.42
N GLN C 41 -34.64 32.93 31.30
CA GLN C 41 -34.35 33.60 30.03
C GLN C 41 -32.86 33.64 29.75
N SER C 42 -32.52 33.86 28.49
CA SER C 42 -31.13 34.13 28.10
C SER C 42 -30.70 35.55 28.44
N LYS C 43 -31.62 36.39 28.89
CA LYS C 43 -31.23 37.68 29.45
C LYS C 43 -30.51 37.47 30.78
N LYS C 44 -29.47 38.27 31.02
CA LYS C 44 -28.52 38.06 32.11
C LYS C 44 -27.81 36.72 31.95
N CYS C 45 -27.95 36.12 30.78
CA CYS C 45 -27.29 34.90 30.36
C CYS C 45 -26.65 35.13 29.00
N ILE C 46 -26.24 34.04 28.35
CA ILE C 46 -25.49 34.12 27.11
C ILE C 46 -26.26 34.91 26.05
N ILE C 47 -25.58 35.85 25.42
CA ILE C 47 -26.06 36.50 24.21
C ILE C 47 -25.59 35.67 23.02
N SER C 48 -26.48 35.44 22.05
CA SER C 48 -26.20 34.53 20.96
C SER C 48 -26.64 35.14 19.64
N ASN C 49 -26.28 34.44 18.56
CA ASN C 49 -26.69 34.80 17.20
C ASN C 49 -26.28 36.23 16.85
N LYS C 50 -25.02 36.55 17.14
CA LYS C 50 -24.45 37.85 16.85
C LYS C 50 -23.24 37.69 15.95
N LYS C 51 -22.70 38.82 15.50
CA LYS C 51 -21.54 38.81 14.62
C LYS C 51 -20.34 38.16 15.30
N SER C 52 -19.59 37.38 14.53
CA SER C 52 -18.33 36.85 15.02
C SER C 52 -17.28 37.95 15.08
N GLN C 53 -16.45 37.90 16.10
CA GLN C 53 -15.35 38.85 16.20
C GLN C 53 -14.28 38.51 15.17
N PRO C 54 -13.84 39.47 14.36
CA PRO C 54 -12.88 39.14 13.29
C PRO C 54 -11.56 38.65 13.84
N GLY C 55 -10.94 37.73 13.10
CA GLY C 55 -9.61 37.26 13.40
C GLY C 55 -9.50 36.35 14.60
N LEU C 56 -10.61 35.85 15.14
CA LEU C 56 -10.59 35.04 16.35
C LEU C 56 -10.74 33.55 16.07
N MET C 57 -10.68 33.13 14.81
CA MET C 57 -10.76 31.72 14.42
C MET C 57 -12.06 31.09 14.91
N THR C 58 -13.17 31.60 14.40
CA THR C 58 -14.47 31.05 14.75
C THR C 58 -14.68 29.71 14.05
N ILE C 59 -15.62 28.93 14.59
CA ILE C 59 -15.97 27.63 14.01
C ILE C 59 -17.12 27.75 13.01
N ARG C 60 -17.80 28.89 12.97
CA ARG C 60 -19.02 29.03 12.19
C ARG C 60 -18.75 28.91 10.70
N GLY C 61 -19.78 28.46 9.97
CA GLY C 61 -19.82 28.47 8.54
C GLY C 61 -20.54 29.69 7.99
N CYS C 62 -21.15 29.52 6.83
CA CYS C 62 -21.82 30.61 6.14
C CYS C 62 -23.27 30.22 5.85
N ALA C 63 -24.03 31.16 5.29
CA ALA C 63 -25.41 30.89 4.92
C ALA C 63 -25.50 29.85 3.81
N TYR C 64 -24.51 29.81 2.92
CA TYR C 64 -24.48 28.77 1.90
C TYR C 64 -24.33 27.39 2.54
N ALA C 65 -23.50 27.28 3.58
CA ALA C 65 -23.35 26.02 4.29
C ALA C 65 -24.66 25.62 4.97
N GLY C 66 -25.37 26.58 5.55
CA GLY C 66 -26.64 26.27 6.19
C GLY C 66 -27.76 25.97 5.21
N SER C 67 -27.64 26.46 3.97
CA SER C 67 -28.68 26.23 2.98
C SER C 67 -28.37 25.02 2.09
N LYS C 68 -27.29 25.07 1.33
CA LYS C 68 -26.94 23.96 0.46
C LYS C 68 -26.41 22.78 1.27
N GLY C 69 -25.49 23.05 2.20
CA GLY C 69 -24.87 21.98 2.94
C GLY C 69 -25.82 21.24 3.87
N VAL C 70 -26.79 21.93 4.43
CA VAL C 70 -27.61 21.40 5.51
C VAL C 70 -29.02 21.06 5.03
N VAL C 71 -29.71 22.01 4.42
CA VAL C 71 -31.14 21.83 4.14
C VAL C 71 -31.38 21.29 2.74
N TRP C 72 -30.82 21.93 1.71
CA TRP C 72 -31.15 21.56 0.35
C TRP C 72 -30.37 20.34 -0.11
N GLY C 73 -29.06 20.34 0.08
CA GLY C 73 -28.19 19.26 -0.34
C GLY C 73 -28.69 17.85 -0.10
N PRO C 74 -29.18 17.55 1.11
CA PRO C 74 -29.64 16.17 1.39
C PRO C 74 -30.78 15.70 0.51
N ILE C 75 -31.54 16.60 -0.14
CA ILE C 75 -32.68 16.17 -0.93
C ILE C 75 -32.20 15.30 -2.09
N LYS C 76 -32.76 14.09 -2.18
CA LYS C 76 -32.24 13.05 -3.06
C LYS C 76 -32.30 13.46 -4.52
N ASP C 77 -33.51 13.64 -5.04
CA ASP C 77 -33.76 13.67 -6.47
C ASP C 77 -33.64 15.06 -7.09
N MET C 78 -33.29 16.06 -6.31
CA MET C 78 -33.06 17.40 -6.84
C MET C 78 -31.57 17.59 -7.11
N ILE C 79 -31.28 18.40 -8.12
CA ILE C 79 -29.92 18.78 -8.46
C ILE C 79 -29.67 20.16 -7.89
N HIS C 80 -28.69 20.28 -7.00
CA HIS C 80 -28.38 21.54 -6.35
C HIS C 80 -27.11 22.10 -6.97
N ILE C 81 -27.21 23.31 -7.50
CA ILE C 81 -26.15 23.94 -8.27
C ILE C 81 -25.54 25.04 -7.42
N SER C 82 -24.25 24.91 -7.14
CA SER C 82 -23.52 25.93 -6.39
C SER C 82 -23.19 27.05 -7.37
N HIS C 83 -24.04 28.07 -7.41
CA HIS C 83 -23.91 29.16 -8.36
C HIS C 83 -22.81 30.12 -7.91
N GLY C 84 -21.76 30.24 -8.71
CA GLY C 84 -20.63 31.08 -8.37
C GLY C 84 -19.33 30.38 -8.68
N PRO C 85 -18.24 30.85 -8.07
CA PRO C 85 -16.94 30.20 -8.30
C PRO C 85 -16.87 28.79 -7.74
N VAL C 86 -15.75 28.11 -7.97
CA VAL C 86 -15.69 26.66 -7.78
C VAL C 86 -15.48 26.22 -6.33
N GLY C 87 -15.04 27.12 -5.46
CA GLY C 87 -14.58 26.68 -4.15
C GLY C 87 -15.66 26.06 -3.28
N CYS C 88 -16.78 26.76 -3.13
CA CYS C 88 -17.77 26.40 -2.10
C CYS C 88 -18.32 25.00 -2.33
N GLY C 89 -18.78 24.72 -3.55
CA GLY C 89 -19.32 23.40 -3.84
C GLY C 89 -18.29 22.31 -3.69
N GLN C 90 -17.03 22.60 -4.06
CA GLN C 90 -15.98 21.60 -3.95
C GLN C 90 -15.70 21.24 -2.50
N TYR C 91 -15.64 22.25 -1.61
CA TYR C 91 -15.40 21.93 -0.21
C TYR C 91 -16.61 21.31 0.46
N SER C 92 -17.82 21.61 -0.03
CA SER C 92 -19.01 21.03 0.55
C SER C 92 -19.39 19.67 -0.04
N ARG C 93 -18.65 19.20 -1.06
CA ARG C 93 -19.03 17.97 -1.75
C ARG C 93 -18.83 16.77 -0.83
N ALA C 94 -19.94 16.15 -0.42
CA ALA C 94 -19.95 14.90 0.33
C ALA C 94 -19.16 15.01 1.64
N GLY C 95 -19.06 16.22 2.19
CA GLY C 95 -18.45 16.36 3.50
C GLY C 95 -19.40 16.11 4.65
N ARG C 96 -20.69 16.04 4.36
CA ARG C 96 -21.73 15.82 5.37
C ARG C 96 -22.50 14.57 4.99
N ARG C 97 -22.69 13.66 5.95
CA ARG C 97 -23.16 12.32 5.65
C ARG C 97 -24.70 12.26 5.69
N ASN C 98 -25.31 12.91 4.70
CA ASN C 98 -26.75 12.79 4.48
C ASN C 98 -27.02 11.50 3.74
N TYR C 99 -27.31 10.44 4.48
CA TYR C 99 -27.46 9.13 3.87
C TYR C 99 -28.74 9.07 3.06
N TYR C 100 -28.65 8.48 1.87
CA TYR C 100 -29.79 8.38 0.97
C TYR C 100 -29.71 7.06 0.21
N ILE C 101 -30.86 6.64 -0.32
CA ILE C 101 -30.95 5.48 -1.20
C ILE C 101 -31.26 6.00 -2.59
N GLY C 102 -30.40 5.67 -3.55
CA GLY C 102 -30.63 6.07 -4.92
C GLY C 102 -29.48 5.65 -5.79
N THR C 103 -29.60 5.97 -7.07
CA THR C 103 -28.58 5.67 -8.08
C THR C 103 -27.91 7.00 -8.44
N THR C 104 -26.71 7.22 -7.88
CA THR C 104 -26.06 8.51 -8.00
C THR C 104 -25.66 8.80 -9.44
N GLY C 105 -26.00 10.00 -9.92
CA GLY C 105 -25.75 10.39 -11.27
C GLY C 105 -26.85 10.06 -12.25
N VAL C 106 -27.85 9.29 -11.82
CA VAL C 106 -28.94 8.89 -12.70
C VAL C 106 -30.24 9.51 -12.18
N ASN C 107 -30.61 9.16 -10.94
CA ASN C 107 -31.80 9.69 -10.31
C ASN C 107 -31.54 10.31 -8.94
N ALA C 108 -30.32 10.17 -8.40
CA ALA C 108 -29.94 10.82 -7.15
C ALA C 108 -28.62 11.54 -7.37
N PHE C 109 -28.42 12.65 -6.65
CA PHE C 109 -27.31 13.53 -6.98
C PHE C 109 -26.62 14.11 -5.74
N VAL C 110 -26.85 13.54 -4.56
CA VAL C 110 -26.48 14.21 -3.31
C VAL C 110 -24.96 14.41 -3.24
N THR C 111 -24.19 13.37 -3.54
CA THR C 111 -22.75 13.45 -3.40
C THR C 111 -22.06 14.09 -4.60
N MET C 112 -22.82 14.46 -5.63
CA MET C 112 -22.27 15.15 -6.78
C MET C 112 -22.14 16.64 -6.49
N ASN C 113 -21.20 17.29 -7.18
CA ASN C 113 -20.98 18.73 -7.05
C ASN C 113 -21.33 19.38 -8.38
N PHE C 114 -22.48 20.04 -8.42
CA PHE C 114 -22.92 20.81 -9.59
C PHE C 114 -22.60 22.27 -9.34
N THR C 115 -21.90 22.90 -10.29
CA THR C 115 -21.48 24.27 -10.11
C THR C 115 -21.42 24.98 -11.45
N SER C 116 -21.53 26.31 -11.41
CA SER C 116 -21.37 27.14 -12.60
C SER C 116 -19.93 27.55 -12.84
N ASP C 117 -19.05 27.36 -11.85
CA ASP C 117 -17.61 27.58 -11.99
C ASP C 117 -17.32 28.96 -12.57
N PHE C 118 -17.74 29.99 -11.82
CA PHE C 118 -17.63 31.36 -12.29
C PHE C 118 -16.18 31.74 -12.58
N GLN C 119 -15.96 32.28 -13.77
CA GLN C 119 -14.70 32.89 -14.13
C GLN C 119 -14.83 34.41 -13.99
N GLU C 120 -13.76 35.13 -14.32
CA GLU C 120 -13.76 36.58 -14.15
C GLU C 120 -14.82 37.24 -15.03
N LYS C 121 -14.95 36.79 -16.28
CA LYS C 121 -15.92 37.39 -17.17
C LYS C 121 -17.34 37.13 -16.70
N ASP C 122 -17.58 36.04 -15.97
CA ASP C 122 -18.89 35.81 -15.39
C ASP C 122 -19.20 36.82 -14.29
N ILE C 123 -18.18 37.24 -13.53
CA ILE C 123 -18.36 38.30 -12.55
C ILE C 123 -18.63 39.63 -13.27
N VAL C 124 -17.81 39.94 -14.27
CA VAL C 124 -17.85 41.28 -14.86
C VAL C 124 -19.12 41.48 -15.69
N PHE C 125 -19.52 40.48 -16.45
CA PHE C 125 -20.65 40.61 -17.36
C PHE C 125 -21.92 39.92 -16.88
N GLY C 126 -21.87 39.22 -15.75
CA GLY C 126 -23.05 38.56 -15.23
C GLY C 126 -23.13 37.10 -15.64
N GLY C 127 -23.82 36.32 -14.82
CA GLY C 127 -23.93 34.89 -15.05
C GLY C 127 -25.32 34.37 -15.35
N ASP C 128 -26.26 35.27 -15.66
CA ASP C 128 -27.64 34.84 -15.88
C ASP C 128 -27.76 33.98 -17.13
N LYS C 129 -27.15 34.41 -18.23
CA LYS C 129 -27.16 33.60 -19.45
C LYS C 129 -26.43 32.29 -19.23
N LYS C 130 -25.31 32.33 -18.50
CA LYS C 130 -24.61 31.10 -18.16
C LYS C 130 -25.49 30.20 -17.28
N LEU C 131 -26.27 30.79 -16.38
CA LEU C 131 -27.17 30.00 -15.56
C LEU C 131 -28.24 29.31 -16.39
N ALA C 132 -28.79 30.04 -17.37
CA ALA C 132 -29.79 29.43 -18.26
C ALA C 132 -29.19 28.28 -19.08
N LYS C 133 -27.99 28.51 -19.63
CA LYS C 133 -27.33 27.44 -20.38
C LYS C 133 -27.02 26.25 -19.48
N LEU C 134 -26.62 26.51 -18.24
CA LEU C 134 -26.35 25.44 -17.29
C LEU C 134 -27.61 24.64 -16.99
N ILE C 135 -28.75 25.32 -16.83
CA ILE C 135 -30.00 24.62 -16.60
C ILE C 135 -30.35 23.72 -17.79
N ASP C 136 -30.16 24.25 -19.01
CA ASP C 136 -30.39 23.43 -20.20
C ASP C 136 -29.48 22.21 -20.23
N GLU C 137 -28.20 22.39 -19.89
CA GLU C 137 -27.27 21.27 -19.86
C GLU C 137 -27.65 20.25 -18.79
N VAL C 138 -28.09 20.72 -17.63
CA VAL C 138 -28.55 19.82 -16.57
C VAL C 138 -29.72 18.99 -17.09
N GLU C 139 -30.63 19.61 -17.83
CA GLU C 139 -31.74 18.87 -18.42
C GLU C 139 -31.24 17.84 -19.43
N THR C 140 -30.29 18.23 -20.28
CA THR C 140 -29.79 17.33 -21.32
C THR C 140 -29.10 16.10 -20.73
N LEU C 141 -28.29 16.30 -19.68
CA LEU C 141 -27.45 15.23 -19.18
C LEU C 141 -28.00 14.53 -17.94
N PHE C 142 -29.01 15.09 -17.28
CA PHE C 142 -29.62 14.50 -16.10
C PHE C 142 -31.13 14.56 -16.23
N PRO C 143 -31.71 13.79 -17.16
CA PRO C 143 -33.14 13.90 -17.43
C PRO C 143 -34.04 13.33 -16.34
N LEU C 144 -33.52 12.55 -15.40
CA LEU C 144 -34.33 11.95 -14.36
C LEU C 144 -34.37 12.77 -13.08
N ASN C 145 -33.76 13.95 -13.05
CA ASN C 145 -33.85 14.79 -11.87
C ASN C 145 -35.26 15.32 -11.71
N LYS C 146 -35.70 15.41 -10.45
CA LYS C 146 -37.05 15.86 -10.13
C LYS C 146 -37.07 17.29 -9.57
N GLY C 147 -35.96 18.01 -9.67
CA GLY C 147 -35.92 19.38 -9.21
C GLY C 147 -34.54 19.99 -9.34
N ILE C 148 -34.47 21.30 -9.50
CA ILE C 148 -33.21 22.03 -9.59
C ILE C 148 -33.27 23.18 -8.59
N SER C 149 -32.27 23.25 -7.73
CA SER C 149 -32.11 24.39 -6.83
C SER C 149 -30.81 25.10 -7.17
N VAL C 150 -30.84 26.43 -7.10
CA VAL C 150 -29.70 27.27 -7.42
C VAL C 150 -29.28 27.94 -6.11
N GLN C 151 -28.19 27.46 -5.52
CA GLN C 151 -27.69 27.97 -4.25
C GLN C 151 -26.68 29.07 -4.53
N SER C 152 -27.01 30.30 -4.16
CA SER C 152 -26.13 31.42 -4.47
C SER C 152 -24.91 31.43 -3.56
N GLU C 153 -23.76 31.70 -4.14
CA GLU C 153 -22.55 31.99 -3.40
C GLU C 153 -22.37 33.50 -3.31
N CYS C 154 -21.25 33.92 -2.72
CA CYS C 154 -21.05 35.34 -2.41
C CYS C 154 -21.15 36.25 -3.62
N PRO C 155 -20.46 35.99 -4.75
CA PRO C 155 -20.54 36.94 -5.87
C PRO C 155 -21.94 37.10 -6.43
N ILE C 156 -22.76 36.05 -6.41
CA ILE C 156 -24.12 36.15 -6.94
C ILE C 156 -24.90 37.20 -6.17
N GLY C 157 -24.80 37.15 -4.83
CA GLY C 157 -25.44 38.18 -4.02
C GLY C 157 -24.82 39.55 -4.22
N LEU C 158 -23.52 39.62 -4.46
CA LEU C 158 -22.87 40.92 -4.60
C LEU C 158 -23.31 41.63 -5.87
N ILE C 159 -23.26 40.94 -7.02
CA ILE C 159 -23.42 41.61 -8.31
C ILE C 159 -24.87 41.72 -8.76
N GLY C 160 -25.81 41.29 -7.94
CA GLY C 160 -27.22 41.43 -8.29
C GLY C 160 -27.66 40.60 -9.49
N ASP C 161 -27.19 39.35 -9.58
CA ASP C 161 -27.68 38.45 -10.61
C ASP C 161 -29.13 38.10 -10.34
N ASP C 162 -29.98 38.21 -11.37
CA ASP C 162 -31.41 37.94 -11.21
C ASP C 162 -31.64 36.44 -11.43
N ILE C 163 -31.28 35.66 -10.41
CA ILE C 163 -31.48 34.21 -10.48
C ILE C 163 -32.95 33.85 -10.38
N GLU C 164 -33.77 34.69 -9.74
CA GLU C 164 -35.21 34.42 -9.68
C GLU C 164 -35.84 34.46 -11.06
N SER C 165 -35.47 35.45 -11.88
CA SER C 165 -36.01 35.52 -13.23
C SER C 165 -35.59 34.31 -14.06
N VAL C 166 -34.32 33.92 -13.97
CA VAL C 166 -33.86 32.73 -14.69
C VAL C 166 -34.62 31.50 -14.22
N SER C 167 -34.79 31.36 -12.91
CA SER C 167 -35.50 30.21 -12.36
C SER C 167 -36.93 30.17 -12.88
N LYS C 168 -37.63 31.31 -12.87
CA LYS C 168 -39.00 31.36 -13.34
C LYS C 168 -39.08 30.98 -14.81
N VAL C 169 -38.25 31.61 -15.65
CA VAL C 169 -38.35 31.40 -17.10
C VAL C 169 -38.01 29.96 -17.45
N LYS C 170 -36.91 29.44 -16.90
CA LYS C 170 -36.51 28.07 -17.23
C LYS C 170 -37.47 27.04 -16.64
N GLY C 171 -38.00 27.28 -15.44
CA GLY C 171 -38.97 26.37 -14.88
C GLY C 171 -40.25 26.31 -15.69
N ALA C 172 -40.73 27.47 -16.15
CA ALA C 172 -41.89 27.49 -17.03
C ALA C 172 -41.60 26.77 -18.34
N GLU C 173 -40.42 26.99 -18.92
CA GLU C 173 -40.10 26.41 -20.21
C GLU C 173 -39.91 24.89 -20.12
N LEU C 174 -39.40 24.39 -19.00
CA LEU C 174 -39.08 22.98 -18.85
C LEU C 174 -40.02 22.23 -17.92
N SER C 175 -41.06 22.88 -17.41
CA SER C 175 -42.01 22.24 -16.48
C SER C 175 -41.27 21.61 -15.30
N LYS C 176 -40.29 22.32 -14.77
CA LYS C 176 -39.46 21.82 -13.69
C LYS C 176 -39.44 22.85 -12.56
N THR C 177 -39.32 22.35 -11.34
CA THR C 177 -39.19 23.21 -10.17
C THR C 177 -37.75 23.69 -10.08
N ILE C 178 -37.54 24.99 -10.27
CA ILE C 178 -36.23 25.61 -10.11
C ILE C 178 -36.35 26.61 -8.97
N VAL C 179 -35.64 26.34 -7.89
CA VAL C 179 -35.74 27.08 -6.64
C VAL C 179 -34.51 27.98 -6.52
N PRO C 180 -34.66 29.29 -6.59
CA PRO C 180 -33.53 30.19 -6.35
C PRO C 180 -33.33 30.45 -4.88
N VAL C 181 -32.15 30.17 -4.34
CA VAL C 181 -31.86 30.37 -2.93
C VAL C 181 -30.80 31.46 -2.84
N ARG C 182 -31.18 32.60 -2.25
CA ARG C 182 -30.27 33.72 -2.02
C ARG C 182 -29.48 33.48 -0.74
N CYS C 183 -28.65 32.43 -0.78
CA CYS C 183 -27.86 32.00 0.36
C CYS C 183 -26.41 32.41 0.25
N GLU C 184 -26.14 33.61 -0.28
CA GLU C 184 -24.78 34.09 -0.38
C GLU C 184 -24.14 34.11 1.01
N GLY C 185 -22.89 33.64 1.07
CA GLY C 185 -22.29 33.30 2.35
C GLY C 185 -22.17 34.46 3.31
N PHE C 186 -22.04 35.69 2.79
CA PHE C 186 -21.85 36.83 3.67
C PHE C 186 -23.13 37.29 4.36
N ARG C 187 -24.29 36.76 3.97
CA ARG C 187 -25.51 37.08 4.69
C ARG C 187 -25.52 36.41 6.06
N GLY C 188 -26.16 37.06 7.02
CA GLY C 188 -26.22 36.50 8.35
C GLY C 188 -24.87 36.55 9.05
N VAL C 189 -24.71 35.66 10.01
CA VAL C 189 -23.48 35.60 10.80
C VAL C 189 -22.98 34.16 10.85
N SER C 190 -23.79 33.24 10.36
CA SER C 190 -23.52 31.81 10.53
C SER C 190 -24.42 31.03 9.58
N GLN C 191 -24.46 29.70 9.77
CA GLN C 191 -25.34 28.81 9.03
C GLN C 191 -26.82 29.01 9.37
N SER C 192 -27.13 29.67 10.48
CA SER C 192 -28.52 29.79 10.91
C SER C 192 -29.36 30.58 9.91
N LEU C 193 -28.83 31.69 9.41
CA LEU C 193 -29.57 32.39 8.36
C LEU C 193 -29.65 31.57 7.09
N GLY C 194 -28.68 30.70 6.85
CA GLY C 194 -28.81 29.76 5.75
C GLY C 194 -29.99 28.83 5.94
N HIS C 195 -30.19 28.33 7.16
CA HIS C 195 -31.38 27.55 7.48
C HIS C 195 -32.64 28.35 7.17
N HIS C 196 -32.69 29.59 7.64
CA HIS C 196 -33.89 30.41 7.44
C HIS C 196 -34.16 30.65 5.95
N ILE C 197 -33.12 30.99 5.18
CA ILE C 197 -33.30 31.25 3.76
C ILE C 197 -33.73 29.98 3.03
N ALA C 198 -33.13 28.84 3.37
CA ALA C 198 -33.52 27.59 2.74
C ALA C 198 -34.96 27.22 3.06
N ASN C 199 -35.38 27.42 4.32
CA ASN C 199 -36.76 27.16 4.69
C ASN C 199 -37.72 28.06 3.94
N ASP C 200 -37.35 29.33 3.78
CA ASP C 200 -38.21 30.25 3.04
C ASP C 200 -38.30 29.85 1.57
N ALA C 201 -37.19 29.38 1.00
CA ALA C 201 -37.21 28.91 -0.39
C ALA C 201 -38.11 27.68 -0.54
N VAL C 202 -38.04 26.75 0.41
CA VAL C 202 -38.94 25.60 0.40
C VAL C 202 -40.39 26.07 0.48
N ARG C 203 -40.66 27.02 1.38
CA ARG C 203 -42.01 27.54 1.54
C ARG C 203 -42.52 28.16 0.25
N ASP C 204 -41.69 28.94 -0.43
CA ASP C 204 -42.16 29.71 -1.58
C ASP C 204 -42.16 28.93 -2.88
N TRP C 205 -41.44 27.81 -2.95
CA TRP C 205 -41.28 27.13 -4.23
C TRP C 205 -41.64 25.66 -4.24
N VAL C 206 -41.71 24.98 -3.10
CA VAL C 206 -41.90 23.53 -3.13
C VAL C 206 -43.11 23.11 -2.30
N LEU C 207 -43.41 23.85 -1.24
CA LEU C 207 -44.38 23.37 -0.27
C LEU C 207 -45.82 23.52 -0.75
N GLY C 208 -46.10 24.43 -1.68
CA GLY C 208 -47.46 24.68 -2.10
C GLY C 208 -47.80 24.15 -3.48
N LYS C 209 -47.01 23.21 -3.98
CA LYS C 209 -47.26 22.69 -5.33
C LYS C 209 -48.46 21.75 -5.35
N ARG C 210 -48.74 21.06 -4.25
CA ARG C 210 -49.88 20.15 -4.16
C ARG C 210 -51.02 20.76 -3.34
N ASP C 211 -51.10 22.09 -3.29
CA ASP C 211 -52.11 22.75 -2.47
C ASP C 211 -53.51 22.40 -2.97
N GLU C 212 -53.73 22.46 -4.28
CA GLU C 212 -55.01 22.10 -4.88
C GLU C 212 -54.96 20.68 -5.46
N ASP C 213 -54.77 19.72 -4.56
CA ASP C 213 -54.66 18.32 -4.95
C ASP C 213 -55.05 17.49 -3.74
N THR C 214 -56.13 16.71 -3.87
CA THR C 214 -56.63 15.86 -2.80
C THR C 214 -56.64 14.40 -3.20
N THR C 215 -55.74 14.00 -4.09
CA THR C 215 -55.67 12.63 -4.57
C THR C 215 -54.71 11.77 -3.75
N PHE C 216 -54.28 12.24 -2.58
CA PHE C 216 -53.43 11.47 -1.69
C PHE C 216 -54.27 10.95 -0.53
N ALA C 217 -54.27 9.64 -0.33
CA ALA C 217 -55.03 9.05 0.75
C ALA C 217 -54.37 9.36 2.09
N SER C 218 -55.11 10.00 2.98
CA SER C 218 -54.58 10.46 4.26
C SER C 218 -55.23 9.67 5.39
N THR C 219 -54.41 9.05 6.19
CA THR C 219 -54.79 8.34 7.39
C THR C 219 -54.59 9.23 8.61
N PRO C 220 -55.31 9.02 9.71
CA PRO C 220 -55.15 9.87 10.89
C PRO C 220 -53.83 9.70 11.61
N TYR C 221 -52.95 8.81 11.14
CA TYR C 221 -51.70 8.50 11.81
C TYR C 221 -50.50 9.10 11.08
N ASP C 222 -50.74 10.04 10.16
CA ASP C 222 -49.68 10.58 9.33
C ASP C 222 -48.83 11.58 10.11
N VAL C 223 -47.53 11.28 10.21
CA VAL C 223 -46.57 12.17 10.83
C VAL C 223 -45.46 12.42 9.83
N ALA C 224 -44.81 13.57 9.96
CA ALA C 224 -43.67 13.91 9.11
C ALA C 224 -42.49 14.28 9.99
N ILE C 225 -41.34 13.65 9.74
CA ILE C 225 -40.12 13.98 10.47
C ILE C 225 -39.49 15.20 9.81
N ILE C 226 -39.28 16.24 10.60
CA ILE C 226 -38.71 17.50 10.14
C ILE C 226 -37.42 17.73 10.91
N GLY C 227 -36.39 18.20 10.21
CA GLY C 227 -35.12 18.49 10.85
C GLY C 227 -34.31 17.27 11.22
N ASP C 228 -34.44 16.19 10.46
CA ASP C 228 -33.59 15.01 10.61
C ASP C 228 -32.91 14.76 9.28
N TYR C 229 -31.58 14.87 9.26
CA TYR C 229 -30.82 14.87 8.03
C TYR C 229 -30.11 13.54 7.76
N ASN C 230 -30.54 12.47 8.43
CA ASN C 230 -30.09 11.11 8.12
C ASN C 230 -28.58 10.99 8.19
N ILE C 231 -27.98 11.62 9.20
CA ILE C 231 -26.54 11.53 9.39
C ILE C 231 -26.20 10.12 9.87
N GLY C 232 -25.39 9.41 9.10
CA GLY C 232 -25.10 8.02 9.41
C GLY C 232 -26.31 7.13 9.43
N GLY C 233 -27.40 7.53 8.76
CA GLY C 233 -28.64 6.80 8.83
C GLY C 233 -29.54 7.15 9.99
N ASP C 234 -29.23 8.22 10.74
CA ASP C 234 -30.00 8.63 11.91
C ASP C 234 -31.50 8.55 11.66
N ALA C 235 -31.98 9.30 10.67
CA ALA C 235 -33.42 9.36 10.39
C ALA C 235 -34.00 7.97 10.22
N TRP C 236 -33.30 7.10 9.48
CA TRP C 236 -33.79 5.75 9.29
C TRP C 236 -33.98 5.04 10.62
N SER C 237 -32.96 5.06 11.48
CA SER C 237 -33.09 4.41 12.78
C SER C 237 -34.19 5.08 13.60
N SER C 238 -34.45 6.36 13.36
CA SER C 238 -35.59 7.01 13.99
C SER C 238 -36.89 6.52 13.37
N ARG C 239 -36.94 6.48 12.04
CA ARG C 239 -38.19 6.18 11.34
C ARG C 239 -38.72 4.81 11.73
N ILE C 240 -37.83 3.82 11.83
CA ILE C 240 -38.25 2.46 12.14
C ILE C 240 -38.98 2.41 13.46
N LEU C 241 -38.66 3.30 14.39
CA LEU C 241 -39.38 3.33 15.65
C LEU C 241 -40.81 3.83 15.44
N LEU C 242 -40.96 4.95 14.73
CA LEU C 242 -42.27 5.57 14.59
C LEU C 242 -43.22 4.64 13.86
N GLU C 243 -42.80 4.13 12.70
CA GLU C 243 -43.61 3.18 11.95
C GLU C 243 -43.79 1.86 12.67
N GLU C 244 -43.00 1.58 13.71
CA GLU C 244 -43.25 0.38 14.50
C GLU C 244 -44.33 0.59 15.56
N MET C 245 -44.73 1.84 15.79
CA MET C 245 -45.84 2.13 16.69
C MET C 245 -47.07 2.63 15.92
N GLY C 246 -47.18 2.22 14.65
CA GLY C 246 -48.36 2.45 13.87
C GLY C 246 -48.36 3.70 13.01
N LEU C 247 -47.47 4.65 13.28
CA LEU C 247 -47.47 5.89 12.54
C LEU C 247 -47.01 5.68 11.10
N ARG C 248 -47.55 6.49 10.20
CA ARG C 248 -47.16 6.50 8.80
C ARG C 248 -46.32 7.74 8.55
N CYS C 249 -45.01 7.53 8.33
CA CYS C 249 -44.09 8.65 8.10
C CYS C 249 -44.17 9.03 6.63
N VAL C 250 -45.01 10.03 6.34
CA VAL C 250 -45.20 10.47 4.96
C VAL C 250 -43.97 11.21 4.45
N ALA C 251 -43.36 12.05 5.28
CA ALA C 251 -42.29 12.93 4.86
C ALA C 251 -41.10 12.82 5.80
N GLN C 252 -39.91 13.10 5.25
CA GLN C 252 -38.66 13.04 6.00
C GLN C 252 -37.81 14.22 5.54
N TRP C 253 -37.57 15.17 6.44
CA TRP C 253 -36.87 16.41 6.11
C TRP C 253 -35.49 16.38 6.76
N SER C 254 -34.44 16.26 5.95
CA SER C 254 -34.48 16.08 4.51
C SER C 254 -33.41 15.08 4.07
N GLY C 255 -32.83 14.38 5.04
CA GLY C 255 -31.69 13.51 4.81
C GLY C 255 -31.89 12.47 3.73
N ASP C 256 -32.78 11.53 3.97
CA ASP C 256 -33.24 10.62 2.91
C ASP C 256 -34.50 11.18 2.26
N GLY C 257 -34.43 12.45 1.88
CA GLY C 257 -35.60 13.21 1.49
C GLY C 257 -35.75 13.32 -0.01
N SER C 258 -36.99 13.22 -0.47
CA SER C 258 -37.35 13.47 -1.85
C SER C 258 -38.27 14.68 -1.91
N ILE C 259 -38.30 15.32 -3.08
CA ILE C 259 -39.16 16.48 -3.26
C ILE C 259 -40.62 16.09 -3.11
N SER C 260 -40.96 14.84 -3.45
CA SER C 260 -42.32 14.36 -3.28
C SER C 260 -42.73 14.35 -1.83
N GLU C 261 -41.83 13.92 -0.94
CA GLU C 261 -42.13 13.91 0.49
C GLU C 261 -42.42 15.32 1.00
N ILE C 262 -41.60 16.29 0.61
CA ILE C 262 -41.80 17.67 1.03
C ILE C 262 -43.13 18.19 0.51
N GLU C 263 -43.46 17.86 -0.75
CA GLU C 263 -44.73 18.28 -1.31
C GLU C 263 -45.91 17.64 -0.58
N LEU C 264 -45.73 16.47 0.01
CA LEU C 264 -46.78 15.77 0.72
C LEU C 264 -46.85 16.12 2.19
N THR C 265 -45.94 16.95 2.68
CA THR C 265 -45.96 17.33 4.10
C THR C 265 -47.25 18.03 4.52
N PRO C 266 -47.84 18.94 3.74
CA PRO C 266 -49.10 19.56 4.21
C PRO C 266 -50.24 18.57 4.40
N LYS C 267 -50.16 17.38 3.82
CA LYS C 267 -51.22 16.38 3.98
C LYS C 267 -51.13 15.59 5.28
N VAL C 268 -50.01 15.68 6.00
CA VAL C 268 -49.82 14.87 7.20
C VAL C 268 -50.62 15.46 8.34
N LYS C 269 -50.75 14.71 9.43
CA LYS C 269 -51.51 15.15 10.59
C LYS C 269 -50.62 15.74 11.69
N LEU C 270 -49.37 15.31 11.80
CA LEU C 270 -48.49 15.82 12.85
C LEU C 270 -47.09 16.02 12.29
N ASN C 271 -46.37 16.99 12.85
CA ASN C 271 -45.01 17.31 12.41
C ASN C 271 -44.06 17.13 13.58
N LEU C 272 -43.24 16.09 13.52
CA LEU C 272 -42.26 15.79 14.56
C LEU C 272 -40.95 16.47 14.20
N VAL C 273 -40.61 17.53 14.92
CA VAL C 273 -39.43 18.32 14.65
C VAL C 273 -38.30 17.81 15.52
N HIS C 274 -37.22 17.35 14.90
CA HIS C 274 -36.05 16.93 15.66
C HIS C 274 -35.12 18.11 15.91
N CYS C 275 -34.66 18.77 14.84
CA CYS C 275 -33.85 19.97 14.98
C CYS C 275 -34.77 21.18 14.94
N TYR C 276 -35.06 21.72 16.11
CA TYR C 276 -35.86 22.94 16.20
C TYR C 276 -35.20 24.08 15.45
N ARG C 277 -33.89 24.22 15.61
CA ARG C 277 -33.17 25.39 15.11
C ARG C 277 -33.27 25.50 13.58
N SER C 278 -33.13 24.39 12.86
CA SER C 278 -33.02 24.47 11.41
C SER C 278 -34.38 24.61 10.73
N MET C 279 -35.42 23.94 11.23
CA MET C 279 -36.70 23.90 10.52
C MET C 279 -37.89 24.35 11.36
N ASN C 280 -37.67 25.08 12.45
CA ASN C 280 -38.79 25.66 13.17
C ASN C 280 -39.56 26.66 12.30
N TYR C 281 -38.87 27.33 11.37
CA TYR C 281 -39.54 28.27 10.49
C TYR C 281 -40.63 27.58 9.68
N ILE C 282 -40.27 26.49 9.01
CA ILE C 282 -41.23 25.79 8.18
C ILE C 282 -42.28 25.09 9.03
N SER C 283 -41.89 24.60 10.22
CA SER C 283 -42.89 23.99 11.09
C SER C 283 -43.94 25.01 11.52
N ARG C 284 -43.51 26.22 11.88
CA ARG C 284 -44.46 27.28 12.23
C ARG C 284 -45.33 27.67 11.05
N HIS C 285 -44.72 27.78 9.86
CA HIS C 285 -45.50 28.13 8.67
C HIS C 285 -46.59 27.10 8.41
N MET C 286 -46.25 25.82 8.49
CA MET C 286 -47.24 24.79 8.25
C MET C 286 -48.27 24.74 9.36
N GLU C 287 -47.87 25.05 10.59
CA GLU C 287 -48.82 25.07 11.71
C GLU C 287 -49.86 26.17 11.52
N GLU C 288 -49.42 27.35 11.08
CA GLU C 288 -50.35 28.46 10.94
C GLU C 288 -51.08 28.48 9.60
N LYS C 289 -50.59 27.77 8.58
CA LYS C 289 -51.29 27.72 7.30
C LYS C 289 -52.23 26.51 7.21
N TYR C 290 -51.68 25.31 7.31
CA TYR C 290 -52.46 24.09 7.15
C TYR C 290 -53.06 23.58 8.45
N GLY C 291 -52.74 24.21 9.59
CA GLY C 291 -53.25 23.74 10.86
C GLY C 291 -52.59 22.49 11.39
N ILE C 292 -51.40 22.15 10.90
CA ILE C 292 -50.70 20.93 11.31
C ILE C 292 -49.93 21.21 12.60
N PRO C 293 -50.27 20.55 13.71
CA PRO C 293 -49.47 20.74 14.93
C PRO C 293 -48.08 20.16 14.77
N TRP C 294 -47.12 20.78 15.46
CA TRP C 294 -45.74 20.31 15.42
C TRP C 294 -45.19 20.27 16.82
N MET C 295 -44.42 19.21 17.10
CA MET C 295 -43.89 18.94 18.42
C MET C 295 -42.43 18.55 18.30
N GLU C 296 -41.60 19.05 19.21
CA GLU C 296 -40.21 18.64 19.26
C GLU C 296 -40.07 17.33 20.03
N TYR C 297 -39.33 16.39 19.47
CA TYR C 297 -39.01 15.14 20.13
C TYR C 297 -37.49 15.00 20.23
N ASN C 298 -37.03 13.86 20.72
CA ASN C 298 -35.60 13.62 20.91
C ASN C 298 -35.37 12.12 20.92
N PHE C 299 -34.53 11.64 20.00
CA PHE C 299 -34.23 10.22 19.88
C PHE C 299 -32.78 9.91 20.24
N PHE C 300 -32.21 10.67 21.17
CA PHE C 300 -30.85 10.45 21.63
C PHE C 300 -30.90 9.74 22.98
N GLY C 301 -30.56 8.47 23.00
CA GLY C 301 -30.51 7.71 24.22
C GLY C 301 -31.86 7.09 24.57
N PRO C 302 -31.83 6.03 25.37
CA PRO C 302 -33.09 5.33 25.71
C PRO C 302 -34.08 6.19 26.45
N THR C 303 -33.62 7.00 27.41
CA THR C 303 -34.55 7.80 28.21
C THR C 303 -35.29 8.79 27.34
N LYS C 304 -34.56 9.57 26.54
CA LYS C 304 -35.19 10.55 25.66
C LYS C 304 -36.04 9.87 24.58
N THR C 305 -35.57 8.74 24.07
CA THR C 305 -36.32 8.05 23.03
C THR C 305 -37.66 7.55 23.55
N ILE C 306 -37.66 6.92 24.74
CA ILE C 306 -38.89 6.44 25.34
C ILE C 306 -39.82 7.60 25.68
N GLU C 307 -39.26 8.65 26.28
CA GLU C 307 -40.07 9.81 26.64
C GLU C 307 -40.72 10.42 25.42
N SER C 308 -39.97 10.58 24.34
CA SER C 308 -40.50 11.18 23.13
C SER C 308 -41.53 10.27 22.48
N LEU C 309 -41.30 8.96 22.49
CA LEU C 309 -42.26 8.04 21.90
C LEU C 309 -43.58 8.08 22.64
N ARG C 310 -43.53 8.12 23.97
CA ARG C 310 -44.78 8.23 24.73
C ARG C 310 -45.45 9.57 24.51
N ALA C 311 -44.67 10.65 24.42
CA ALA C 311 -45.25 11.96 24.16
C ALA C 311 -45.93 12.01 22.81
N ILE C 312 -45.32 11.40 21.79
CA ILE C 312 -45.91 11.39 20.46
C ILE C 312 -47.15 10.50 20.43
N ALA C 313 -47.09 9.34 21.09
CA ALA C 313 -48.24 8.44 21.12
C ALA C 313 -49.42 9.09 21.84
N ALA C 314 -49.15 9.95 22.82
CA ALA C 314 -50.24 10.61 23.54
C ALA C 314 -51.06 11.52 22.62
N LYS C 315 -50.54 11.84 21.44
CA LYS C 315 -51.25 12.68 20.48
C LYS C 315 -52.09 11.86 19.49
N PHE C 316 -52.30 10.58 19.77
CA PHE C 316 -53.13 9.72 18.92
C PHE C 316 -54.05 8.91 19.83
N ASP C 317 -54.76 7.96 19.22
CA ASP C 317 -55.71 7.14 19.96
C ASP C 317 -54.98 6.06 20.75
N GLU C 318 -55.74 5.14 21.33
CA GLU C 318 -55.13 4.13 22.21
C GLU C 318 -54.42 3.05 21.42
N SER C 319 -54.75 2.87 20.13
CA SER C 319 -54.03 1.89 19.33
C SER C 319 -52.57 2.27 19.18
N ILE C 320 -52.31 3.54 18.86
CA ILE C 320 -50.94 4.03 18.73
C ILE C 320 -50.22 3.94 20.07
N GLN C 321 -50.93 4.21 21.16
CA GLN C 321 -50.30 4.17 22.47
C GLN C 321 -49.92 2.75 22.87
N LYS C 322 -50.80 1.78 22.59
CA LYS C 322 -50.47 0.38 22.85
C LYS C 322 -49.31 -0.09 21.99
N LYS C 323 -49.29 0.32 20.72
CA LYS C 323 -48.16 -0.04 19.86
C LYS C 323 -46.86 0.58 20.36
N CYS C 324 -46.92 1.83 20.84
CA CYS C 324 -45.74 2.47 21.41
C CYS C 324 -45.26 1.74 22.65
N GLU C 325 -46.18 1.35 23.53
CA GLU C 325 -45.79 0.61 24.73
C GLU C 325 -45.15 -0.72 24.37
N GLU C 326 -45.69 -1.40 23.35
CA GLU C 326 -45.10 -2.66 22.91
C GLU C 326 -43.71 -2.43 22.33
N VAL C 327 -43.52 -1.33 21.59
CA VAL C 327 -42.18 -1.01 21.09
C VAL C 327 -41.21 -0.79 22.24
N ILE C 328 -41.65 -0.06 23.26
CA ILE C 328 -40.79 0.21 24.41
C ILE C 328 -40.40 -1.09 25.10
N ALA C 329 -41.39 -1.95 25.37
CA ALA C 329 -41.12 -3.21 26.05
C ALA C 329 -40.27 -4.14 25.20
N LYS C 330 -40.41 -4.08 23.87
CA LYS C 330 -39.61 -4.92 23.00
C LYS C 330 -38.15 -4.48 23.00
N TYR C 331 -37.90 -3.17 22.91
CA TYR C 331 -36.54 -2.68 22.83
C TYR C 331 -35.87 -2.51 24.20
N LYS C 332 -36.62 -2.67 25.29
CA LYS C 332 -36.03 -2.53 26.62
C LYS C 332 -34.83 -3.44 26.86
N PRO C 333 -34.87 -4.75 26.57
CA PRO C 333 -33.70 -5.58 26.86
C PRO C 333 -32.45 -5.18 26.11
N GLU C 334 -32.57 -4.70 24.87
CA GLU C 334 -31.38 -4.38 24.09
C GLU C 334 -30.64 -3.17 24.64
N TRP C 335 -31.35 -2.08 24.91
CA TRP C 335 -30.67 -0.92 25.47
C TRP C 335 -30.28 -1.17 26.92
N GLU C 336 -31.02 -2.02 27.64
CA GLU C 336 -30.59 -2.39 28.99
C GLU C 336 -29.27 -3.16 28.94
N ALA C 337 -29.12 -4.06 27.97
CA ALA C 337 -27.85 -4.76 27.81
C ALA C 337 -26.73 -3.80 27.43
N VAL C 338 -27.03 -2.83 26.57
CA VAL C 338 -26.03 -1.83 26.21
C VAL C 338 -25.56 -1.07 27.45
N VAL C 339 -26.51 -0.66 28.30
CA VAL C 339 -26.14 0.03 29.53
C VAL C 339 -25.31 -0.88 30.43
N ALA C 340 -25.78 -2.10 30.66
CA ALA C 340 -25.08 -3.03 31.54
C ALA C 340 -23.68 -3.37 31.02
N LYS C 341 -23.44 -3.21 29.73
CA LYS C 341 -22.11 -3.43 29.19
C LYS C 341 -21.22 -2.19 29.26
N TYR C 342 -21.74 -1.01 28.91
CA TYR C 342 -20.88 0.14 28.68
C TYR C 342 -20.94 1.20 29.76
N ARG C 343 -22.00 1.28 30.55
CA ARG C 343 -22.05 2.24 31.65
C ARG C 343 -20.93 2.05 32.66
N PRO C 344 -20.59 0.84 33.13
CA PRO C 344 -19.46 0.73 34.06
C PRO C 344 -18.16 1.24 33.49
N ARG C 345 -17.95 1.12 32.18
CA ARG C 345 -16.77 1.65 31.54
C ARG C 345 -16.79 3.17 31.40
N LEU C 346 -17.97 3.79 31.50
CA LEU C 346 -18.11 5.22 31.25
C LEU C 346 -18.64 6.01 32.43
N GLU C 347 -19.01 5.36 33.53
CA GLU C 347 -19.59 6.06 34.67
C GLU C 347 -18.63 7.11 35.22
N GLY C 348 -19.17 8.27 35.53
CA GLY C 348 -18.41 9.35 36.13
C GLY C 348 -17.52 10.12 35.19
N LYS C 349 -17.56 9.85 33.89
CA LYS C 349 -16.70 10.52 32.94
C LYS C 349 -17.32 11.84 32.49
N ARG C 350 -16.50 12.87 32.43
CA ARG C 350 -16.96 14.22 32.13
C ARG C 350 -16.75 14.53 30.66
N VAL C 351 -17.76 15.16 30.05
CA VAL C 351 -17.77 15.46 28.63
C VAL C 351 -17.98 16.96 28.42
N MET C 352 -17.24 17.52 27.47
CA MET C 352 -17.44 18.89 27.00
C MET C 352 -17.86 18.82 25.54
N LEU C 353 -18.90 19.58 25.20
CA LEU C 353 -19.47 19.55 23.86
C LEU C 353 -19.41 20.93 23.21
N TYR C 354 -19.19 20.94 21.90
CA TYR C 354 -19.34 22.17 21.11
C TYR C 354 -19.76 21.76 19.69
N ILE C 355 -21.06 21.87 19.43
CA ILE C 355 -21.61 21.53 18.12
C ILE C 355 -22.45 22.71 17.65
N GLY C 356 -23.16 22.57 16.53
CA GLY C 356 -23.75 23.72 15.90
C GLY C 356 -24.95 24.39 16.54
N GLY C 357 -26.14 23.77 16.46
CA GLY C 357 -27.31 24.42 17.00
C GLY C 357 -28.38 23.58 17.68
N LEU C 358 -28.27 22.25 17.61
CA LEU C 358 -29.24 21.38 18.27
C LEU C 358 -28.60 20.39 19.22
N ARG C 359 -27.60 19.67 18.75
CA ARG C 359 -26.97 18.55 19.45
C ARG C 359 -26.22 18.92 20.72
N PRO C 360 -25.73 20.15 20.90
CA PRO C 360 -25.09 20.50 22.18
C PRO C 360 -25.98 20.27 23.40
N ARG C 361 -27.29 20.30 23.25
CA ARG C 361 -28.20 19.96 24.35
C ARG C 361 -28.98 18.68 24.13
N HIS C 362 -29.11 18.22 22.89
CA HIS C 362 -29.98 17.08 22.61
C HIS C 362 -29.35 15.77 23.06
N VAL C 363 -28.02 15.67 23.03
CA VAL C 363 -27.34 14.41 23.33
C VAL C 363 -26.99 14.27 24.79
N ILE C 364 -27.38 15.23 25.65
CA ILE C 364 -27.00 15.18 27.05
C ILE C 364 -27.66 13.98 27.74
N GLY C 365 -28.93 13.72 27.42
CA GLY C 365 -29.61 12.58 28.01
C GLY C 365 -28.97 11.25 27.64
N ALA C 366 -28.52 11.12 26.39
CA ALA C 366 -27.85 9.90 25.97
C ALA C 366 -26.56 9.68 26.76
N TYR C 367 -25.78 10.75 26.96
CA TYR C 367 -24.56 10.64 27.76
C TYR C 367 -24.89 10.28 29.20
N GLU C 368 -25.92 10.89 29.77
CA GLU C 368 -26.28 10.60 31.16
C GLU C 368 -26.83 9.18 31.30
N ASP C 369 -27.38 8.62 30.22
CA ASP C 369 -27.83 7.23 30.26
C ASP C 369 -26.67 6.26 30.46
N LEU C 370 -25.44 6.70 30.19
CA LEU C 370 -24.25 5.90 30.44
C LEU C 370 -23.44 6.44 31.61
N GLY C 371 -24.07 7.19 32.50
CA GLY C 371 -23.40 7.71 33.68
C GLY C 371 -22.42 8.82 33.44
N MET C 372 -22.45 9.44 32.26
CA MET C 372 -21.51 10.48 31.89
C MET C 372 -22.14 11.85 32.13
N GLU C 373 -21.37 12.76 32.73
CA GLU C 373 -21.84 14.09 33.06
C GLU C 373 -21.29 15.10 32.04
N VAL C 374 -22.16 15.95 31.52
CA VAL C 374 -21.76 16.99 30.59
C VAL C 374 -21.45 18.24 31.41
N VAL C 375 -20.17 18.61 31.45
CA VAL C 375 -19.74 19.75 32.26
C VAL C 375 -19.62 21.04 31.45
N GLY C 376 -19.45 20.95 30.14
CA GLY C 376 -19.40 22.12 29.30
C GLY C 376 -20.11 21.89 27.99
N THR C 377 -20.83 22.89 27.51
CA THR C 377 -21.52 22.78 26.23
C THR C 377 -21.62 24.17 25.61
N GLY C 378 -21.89 24.19 24.32
CA GLY C 378 -22.00 25.46 23.63
C GLY C 378 -22.38 25.24 22.18
N TYR C 379 -22.74 26.33 21.54
CA TYR C 379 -23.25 26.29 20.17
C TYR C 379 -22.47 27.25 19.29
N GLU C 380 -22.36 26.88 18.01
CA GLU C 380 -21.81 27.79 17.02
C GLU C 380 -22.80 28.90 16.69
N PHE C 381 -24.07 28.55 16.49
CA PHE C 381 -25.02 29.48 15.88
C PHE C 381 -26.42 29.37 16.47
N ALA C 382 -26.55 28.94 17.71
CA ALA C 382 -27.89 28.84 18.28
C ALA C 382 -28.42 30.21 18.66
N HIS C 383 -29.74 30.28 18.82
CA HIS C 383 -30.42 31.50 19.21
C HIS C 383 -30.74 31.45 20.70
N ASN C 384 -31.43 32.48 21.19
CA ASN C 384 -31.74 32.56 22.62
C ASN C 384 -32.70 31.45 23.05
N ASP C 385 -33.65 31.07 22.19
CA ASP C 385 -34.56 30.00 22.56
C ASP C 385 -33.85 28.67 22.72
N ASP C 386 -32.78 28.44 21.95
CA ASP C 386 -31.99 27.22 22.10
C ASP C 386 -31.30 27.16 23.46
N TYR C 387 -30.74 28.28 23.91
CA TYR C 387 -30.15 28.30 25.25
C TYR C 387 -31.20 28.21 26.34
N ASP C 388 -32.39 28.77 26.09
CA ASP C 388 -33.49 28.59 27.03
C ASP C 388 -33.83 27.11 27.19
N ARG C 389 -33.86 26.38 26.08
CA ARG C 389 -34.05 24.93 26.15
C ARG C 389 -32.86 24.24 26.81
N THR C 390 -31.64 24.75 26.57
CA THR C 390 -30.44 24.15 27.13
C THR C 390 -30.39 24.27 28.64
N MET C 391 -31.02 25.32 29.20
CA MET C 391 -30.92 25.55 30.64
C MET C 391 -31.48 24.38 31.44
N LYS C 392 -32.62 23.84 31.01
CA LYS C 392 -33.24 22.73 31.74
C LYS C 392 -32.49 21.41 31.57
N GLU C 393 -31.52 21.35 30.67
CA GLU C 393 -30.81 20.10 30.41
C GLU C 393 -29.41 20.05 31.01
N MET C 394 -28.73 21.20 31.11
CA MET C 394 -27.38 21.23 31.66
C MET C 394 -27.42 21.20 33.18
N GLY C 395 -26.36 20.63 33.77
CA GLY C 395 -26.26 20.56 35.21
C GLY C 395 -25.84 21.88 35.83
N ASP C 396 -25.86 21.90 37.16
CA ASP C 396 -25.53 23.11 37.90
C ASP C 396 -24.06 23.49 37.70
N SER C 397 -23.83 24.80 37.54
CA SER C 397 -22.49 25.37 37.43
C SER C 397 -21.69 24.72 36.30
N THR C 398 -22.33 24.51 35.16
CA THR C 398 -21.69 23.97 33.98
C THR C 398 -21.42 25.09 32.98
N LEU C 399 -20.29 24.98 32.28
CA LEU C 399 -19.88 26.04 31.36
C LEU C 399 -20.75 26.03 30.11
N LEU C 400 -21.17 27.21 29.67
CA LEU C 400 -21.92 27.38 28.44
C LEU C 400 -21.20 28.41 27.58
N TYR C 401 -21.02 28.10 26.29
CA TYR C 401 -20.34 28.99 25.37
C TYR C 401 -21.11 29.13 24.07
N ASP C 402 -21.02 30.33 23.49
CA ASP C 402 -21.64 30.64 22.20
C ASP C 402 -20.59 31.17 21.25
N ASP C 403 -20.50 30.58 20.06
CA ASP C 403 -19.52 30.97 19.05
C ASP C 403 -18.12 31.03 19.65
N VAL C 404 -17.77 29.95 20.37
CA VAL C 404 -16.49 29.91 21.05
C VAL C 404 -15.35 30.00 20.03
N THR C 405 -14.27 30.67 20.43
CA THR C 405 -13.08 30.75 19.60
C THR C 405 -12.18 29.57 19.90
N GLY C 406 -11.22 29.33 18.99
CA GLY C 406 -10.27 28.25 19.21
C GLY C 406 -9.46 28.43 20.48
N TYR C 407 -8.98 29.65 20.72
CA TYR C 407 -8.24 29.94 21.95
C TYR C 407 -9.12 29.73 23.17
N GLU C 408 -10.35 30.25 23.13
CA GLU C 408 -11.26 30.12 24.26
C GLU C 408 -11.50 28.67 24.61
N PHE C 409 -11.87 27.86 23.61
CA PHE C 409 -12.23 26.48 23.87
C PHE C 409 -11.01 25.66 24.28
N GLU C 410 -9.85 25.97 23.70
CA GLU C 410 -8.62 25.30 24.12
C GLU C 410 -8.30 25.59 25.59
N GLU C 411 -8.42 26.86 26.01
CA GLU C 411 -8.14 27.19 27.41
C GLU C 411 -9.18 26.57 28.34
N PHE C 412 -10.44 26.58 27.93
CA PHE C 412 -11.49 25.95 28.75
C PHE C 412 -11.20 24.47 28.93
N VAL C 413 -10.79 23.79 27.87
CA VAL C 413 -10.47 22.37 27.97
C VAL C 413 -9.24 22.16 28.84
N LYS C 414 -8.23 23.02 28.71
CA LYS C 414 -7.03 22.88 29.53
C LYS C 414 -7.36 23.00 31.01
N ARG C 415 -8.23 23.93 31.37
CA ARG C 415 -8.56 24.10 32.78
C ARG C 415 -9.52 23.02 33.28
N ILE C 416 -10.61 22.77 32.54
CA ILE C 416 -11.62 21.83 32.99
C ILE C 416 -11.09 20.40 32.96
N LYS C 417 -10.29 20.06 31.95
CA LYS C 417 -9.71 18.74 31.77
C LYS C 417 -10.78 17.66 31.70
N PRO C 418 -11.65 17.69 30.70
CA PRO C 418 -12.68 16.65 30.59
C PRO C 418 -12.09 15.34 30.08
N ASP C 419 -12.86 14.27 30.30
CA ASP C 419 -12.45 12.96 29.80
C ASP C 419 -12.73 12.80 28.32
N LEU C 420 -13.67 13.58 27.78
CA LEU C 420 -14.11 13.42 26.40
C LEU C 420 -14.57 14.77 25.88
N ILE C 421 -14.28 15.04 24.61
CA ILE C 421 -14.71 16.25 23.93
C ILE C 421 -15.49 15.85 22.69
N GLY C 422 -16.68 16.42 22.53
CA GLY C 422 -17.46 16.23 21.32
C GLY C 422 -17.62 17.51 20.53
N SER C 423 -17.06 17.54 19.32
CA SER C 423 -17.05 18.74 18.50
C SER C 423 -16.77 18.34 17.06
N GLY C 424 -16.43 19.32 16.23
CA GLY C 424 -16.27 19.11 14.80
C GLY C 424 -14.86 18.74 14.39
N ILE C 425 -14.68 18.64 13.07
CA ILE C 425 -13.39 18.22 12.50
C ILE C 425 -12.29 19.24 12.74
N LYS C 426 -12.63 20.51 12.94
CA LYS C 426 -11.62 21.55 13.13
C LYS C 426 -11.09 21.62 14.55
N GLU C 427 -11.65 20.85 15.48
CA GLU C 427 -11.16 20.76 16.85
C GLU C 427 -10.59 19.38 17.17
N LYS C 428 -10.89 18.39 16.34
CA LYS C 428 -10.61 17.00 16.65
C LYS C 428 -9.12 16.77 16.87
N PHE C 429 -8.30 17.20 15.92
CA PHE C 429 -6.88 16.89 15.97
C PHE C 429 -6.16 17.77 16.99
N ILE C 430 -6.64 18.99 17.19
CA ILE C 430 -6.13 19.84 18.27
C ILE C 430 -6.26 19.11 19.60
N PHE C 431 -7.46 18.60 19.89
CA PHE C 431 -7.65 18.00 21.20
C PHE C 431 -7.12 16.58 21.29
N GLN C 432 -6.98 15.88 20.17
CA GLN C 432 -6.28 14.60 20.19
C GLN C 432 -4.80 14.78 20.51
N LYS C 433 -4.21 15.88 20.05
CA LYS C 433 -2.80 16.14 20.36
C LYS C 433 -2.59 16.55 21.80
N MET C 434 -3.63 17.01 22.49
CA MET C 434 -3.55 17.29 23.91
C MET C 434 -3.82 16.06 24.77
N GLY C 435 -4.05 14.90 24.15
CA GLY C 435 -4.28 13.69 24.89
C GLY C 435 -5.67 13.51 25.44
N ILE C 436 -6.65 14.19 24.89
CA ILE C 436 -8.04 14.09 25.34
C ILE C 436 -8.83 13.33 24.27
N PRO C 437 -9.49 12.23 24.62
CA PRO C 437 -10.31 11.52 23.63
C PRO C 437 -11.35 12.44 23.01
N PHE C 438 -11.46 12.37 21.69
CA PHE C 438 -12.33 13.25 20.92
C PHE C 438 -13.29 12.41 20.09
N ARG C 439 -14.56 12.82 20.09
CA ARG C 439 -15.57 12.23 19.23
C ARG C 439 -16.16 13.32 18.34
N GLU C 440 -16.18 13.07 17.04
CA GLU C 440 -16.83 13.99 16.12
C GLU C 440 -18.33 13.91 16.31
N MET C 441 -18.93 15.01 16.76
CA MET C 441 -20.36 15.04 17.03
C MET C 441 -21.17 15.62 15.87
N HIS C 442 -20.52 15.93 14.75
CA HIS C 442 -21.25 16.24 13.53
C HIS C 442 -21.42 14.99 12.65
N SER C 443 -20.30 14.41 12.23
CA SER C 443 -20.30 13.25 11.35
C SER C 443 -20.40 11.94 12.09
N TRP C 444 -20.49 11.97 13.42
CA TRP C 444 -20.45 10.79 14.27
C TRP C 444 -19.14 10.01 14.12
N ASP C 445 -18.07 10.72 13.74
CA ASP C 445 -16.78 10.10 13.41
C ASP C 445 -16.96 8.97 12.40
N TYR C 446 -17.79 9.21 11.40
CA TYR C 446 -18.04 8.25 10.31
C TYR C 446 -18.57 6.93 10.85
N SER C 447 -19.37 7.01 11.92
CA SER C 447 -19.87 5.80 12.59
C SER C 447 -21.18 6.16 13.29
N GLY C 448 -22.28 5.76 12.68
CA GLY C 448 -23.59 5.94 13.28
C GLY C 448 -24.54 4.85 12.83
N PRO C 449 -25.85 5.06 13.02
CA PRO C 449 -26.51 6.23 13.59
C PRO C 449 -26.36 6.33 15.09
N TYR C 450 -26.72 7.46 15.69
CA TYR C 450 -26.81 7.61 17.14
C TYR C 450 -28.24 7.80 17.60
N HIS C 451 -29.21 7.66 16.71
CA HIS C 451 -30.61 7.92 17.01
C HIS C 451 -31.33 6.61 17.33
N GLY C 452 -32.24 6.67 18.29
CA GLY C 452 -33.00 5.48 18.63
C GLY C 452 -32.17 4.50 19.44
N PHE C 453 -32.66 3.25 19.47
CA PHE C 453 -32.03 2.22 20.30
C PHE C 453 -30.81 1.61 19.63
N ASP C 454 -30.90 1.29 18.34
CA ASP C 454 -29.72 0.85 17.60
C ASP C 454 -28.67 1.94 17.59
N GLY C 455 -29.10 3.18 17.35
CA GLY C 455 -28.20 4.31 17.43
C GLY C 455 -27.56 4.44 18.80
N PHE C 456 -28.33 4.15 19.86
CA PHE C 456 -27.77 4.21 21.21
C PHE C 456 -26.69 3.16 21.41
N ALA C 457 -26.92 1.94 20.90
CA ALA C 457 -25.90 0.91 21.00
C ALA C 457 -24.61 1.35 20.32
N ILE C 458 -24.74 1.90 19.11
CA ILE C 458 -23.56 2.39 18.39
C ILE C 458 -22.90 3.54 19.15
N PHE C 459 -23.71 4.44 19.70
CA PHE C 459 -23.19 5.58 20.46
C PHE C 459 -22.37 5.12 21.66
N ALA C 460 -22.91 4.18 22.44
CA ALA C 460 -22.19 3.69 23.60
C ALA C 460 -20.90 2.97 23.18
N ARG C 461 -20.98 2.17 22.11
CA ARG C 461 -19.78 1.49 21.63
C ARG C 461 -18.70 2.49 21.26
N ASP C 462 -19.06 3.53 20.52
CA ASP C 462 -18.08 4.53 20.10
C ASP C 462 -17.52 5.30 21.29
N MET C 463 -18.38 5.66 22.24
CA MET C 463 -17.92 6.42 23.39
C MET C 463 -16.90 5.61 24.19
N ASP C 464 -17.19 4.34 24.44
CA ASP C 464 -16.23 3.49 25.15
C ASP C 464 -14.98 3.26 24.31
N MET C 465 -15.15 3.08 23.00
CA MET C 465 -14.02 2.80 22.11
C MET C 465 -13.00 3.94 22.14
N THR C 466 -13.48 5.17 22.06
CA THR C 466 -12.56 6.30 22.04
C THR C 466 -12.08 6.67 23.44
N LEU C 467 -13.00 6.69 24.41
CA LEU C 467 -12.64 7.10 25.77
C LEU C 467 -11.61 6.16 26.39
N ASN C 468 -11.77 4.86 26.18
CA ASN C 468 -10.94 3.86 26.84
C ASN C 468 -9.87 3.28 25.93
N ASN C 469 -9.56 3.95 24.82
CA ASN C 469 -8.52 3.47 23.92
C ASN C 469 -7.16 3.52 24.61
N PRO C 470 -6.33 2.49 24.43
CA PRO C 470 -4.99 2.51 25.06
C PRO C 470 -4.08 3.60 24.55
N CYS C 471 -4.33 4.16 23.36
CA CYS C 471 -3.43 5.16 22.80
C CYS C 471 -3.28 6.37 23.73
N TRP C 472 -4.37 6.75 24.41
CA TRP C 472 -4.34 7.90 25.29
C TRP C 472 -3.42 7.70 26.48
N LYS C 473 -3.00 6.47 26.76
CA LYS C 473 -2.06 6.20 27.85
C LYS C 473 -0.61 6.22 27.39
N LYS C 474 -0.35 6.53 26.12
CA LYS C 474 1.01 6.51 25.58
C LYS C 474 1.41 7.86 25.00
N LEU C 475 0.80 8.94 25.49
CA LEU C 475 1.11 10.26 24.95
C LEU C 475 2.51 10.71 25.35
N GLN C 476 2.93 10.39 26.57
CA GLN C 476 4.21 10.84 27.10
C GLN C 476 5.26 9.75 26.92
N ALA C 477 6.41 10.13 26.36
CA ALA C 477 7.50 9.18 26.20
C ALA C 477 8.01 8.72 27.55
N PRO C 478 8.33 7.44 27.72
CA PRO C 478 8.76 6.95 29.04
C PRO C 478 10.03 7.57 29.55
N TRP C 479 10.89 8.10 28.67
CA TRP C 479 12.12 8.77 29.09
C TRP C 479 11.89 10.24 29.40
N GLU C 480 10.67 10.64 29.72
CA GLU C 480 10.35 11.99 30.15
C GLU C 480 9.57 11.92 31.46
N ALA C 481 9.77 12.92 32.31
CA ALA C 481 9.12 12.98 33.61
C ALA C 481 7.60 13.05 33.46
N SER D 2 -33.05 -3.54 15.61
CA SER D 2 -32.59 -4.29 16.77
C SER D 2 -31.09 -4.54 16.70
N GLN D 3 -30.44 -4.61 17.87
CA GLN D 3 -29.01 -4.83 17.95
C GLN D 3 -28.70 -5.93 18.94
N GLN D 4 -27.62 -6.66 18.67
CA GLN D 4 -27.04 -7.60 19.62
C GLN D 4 -25.84 -6.94 20.29
N VAL D 5 -25.86 -6.90 21.62
CA VAL D 5 -24.83 -6.18 22.36
C VAL D 5 -23.45 -6.76 22.13
N ASP D 6 -23.36 -8.03 21.75
CA ASP D 6 -22.05 -8.64 21.47
C ASP D 6 -21.47 -8.11 20.16
N LYS D 7 -22.30 -8.05 19.10
CA LYS D 7 -21.85 -7.62 17.79
C LYS D 7 -22.77 -6.47 17.37
N ILE D 8 -22.25 -5.26 17.46
CA ILE D 8 -23.02 -4.06 17.13
C ILE D 8 -22.68 -3.65 15.71
N LYS D 9 -23.70 -3.48 14.88
CA LYS D 9 -23.52 -3.07 13.50
C LYS D 9 -23.68 -1.56 13.38
N ALA D 10 -22.71 -0.92 12.74
CA ALA D 10 -22.86 0.47 12.34
C ALA D 10 -23.80 0.52 11.14
N SER D 11 -23.96 1.70 10.55
CA SER D 11 -24.93 1.91 9.48
C SER D 11 -24.84 0.81 8.42
N TYR D 12 -23.62 0.51 7.99
CA TYR D 12 -23.34 -0.72 7.28
C TYR D 12 -22.78 -1.73 8.28
N PRO D 13 -23.37 -2.93 8.42
CA PRO D 13 -24.53 -3.44 7.70
C PRO D 13 -25.83 -3.42 8.51
N LEU D 14 -26.04 -2.43 9.38
CA LEU D 14 -27.29 -2.36 10.13
C LEU D 14 -28.47 -2.18 9.20
N PHE D 15 -28.34 -1.30 8.21
CA PHE D 15 -29.45 -1.01 7.31
C PHE D 15 -29.59 -2.02 6.18
N LEU D 16 -28.91 -3.15 6.27
CA LEU D 16 -29.18 -4.30 5.41
C LEU D 16 -30.09 -5.32 6.09
N ASP D 17 -30.52 -5.05 7.32
CA ASP D 17 -31.41 -5.96 8.03
C ASP D 17 -32.79 -5.94 7.39
N GLN D 18 -33.54 -7.01 7.61
CA GLN D 18 -34.81 -7.19 6.90
C GLN D 18 -35.82 -6.10 7.26
N ASP D 19 -35.90 -5.72 8.53
CA ASP D 19 -36.84 -4.68 8.92
C ASP D 19 -36.46 -3.33 8.28
N TYR D 20 -35.17 -3.00 8.25
CA TYR D 20 -34.75 -1.76 7.62
C TYR D 20 -34.96 -1.78 6.12
N LYS D 21 -34.69 -2.92 5.47
CA LYS D 21 -34.95 -3.04 4.04
C LYS D 21 -36.43 -2.89 3.74
N ASP D 22 -37.27 -3.50 4.56
CA ASP D 22 -38.71 -3.37 4.41
C ASP D 22 -39.14 -1.92 4.57
N MET D 23 -38.59 -1.23 5.57
CA MET D 23 -38.92 0.17 5.78
C MET D 23 -38.52 1.02 4.58
N LEU D 24 -37.31 0.81 4.06
CA LEU D 24 -36.85 1.59 2.93
C LEU D 24 -37.69 1.32 1.69
N ALA D 25 -38.04 0.06 1.45
CA ALA D 25 -38.89 -0.29 0.32
C ALA D 25 -40.26 0.37 0.45
N LYS D 26 -40.85 0.34 1.65
CA LYS D 26 -42.15 0.95 1.86
C LYS D 26 -42.08 2.47 1.69
N LYS D 27 -41.02 3.10 2.22
CA LYS D 27 -40.85 4.54 2.08
C LYS D 27 -40.78 4.94 0.61
N ARG D 28 -39.94 4.24 -0.16
CA ARG D 28 -39.81 4.56 -1.57
C ARG D 28 -41.10 4.29 -2.33
N ASP D 29 -41.77 3.18 -2.03
CA ASP D 29 -42.98 2.83 -2.75
C ASP D 29 -44.11 3.81 -2.48
N GLY D 30 -44.25 4.25 -1.24
CA GLY D 30 -45.41 5.03 -0.85
C GLY D 30 -45.26 6.54 -0.87
N PHE D 31 -44.03 7.06 -0.79
CA PHE D 31 -43.88 8.50 -0.65
C PHE D 31 -42.83 9.13 -1.56
N GLU D 32 -41.93 8.36 -2.17
CA GLU D 32 -40.83 8.95 -2.92
C GLU D 32 -41.16 9.21 -4.38
N GLU D 33 -42.17 8.52 -4.94
CA GLU D 33 -42.54 8.65 -6.35
C GLU D 33 -41.31 8.47 -7.25
N LYS D 34 -40.57 7.40 -6.99
CA LYS D 34 -39.29 7.17 -7.63
C LYS D 34 -39.49 6.60 -9.04
N TYR D 35 -38.54 6.93 -9.92
CA TYR D 35 -38.57 6.39 -11.27
C TYR D 35 -38.46 4.87 -11.24
N PRO D 36 -39.09 4.17 -12.18
CA PRO D 36 -39.01 2.70 -12.18
C PRO D 36 -37.57 2.23 -12.36
N GLN D 37 -37.26 1.10 -11.75
CA GLN D 37 -35.89 0.58 -11.80
C GLN D 37 -35.43 0.36 -13.23
N ASP D 38 -36.34 -0.07 -14.12
CA ASP D 38 -35.98 -0.25 -15.52
C ASP D 38 -35.58 1.07 -16.16
N LYS D 39 -36.32 2.14 -15.86
CA LYS D 39 -35.96 3.46 -16.38
C LYS D 39 -34.61 3.92 -15.86
N ILE D 40 -34.34 3.69 -14.58
CA ILE D 40 -33.04 4.07 -14.00
C ILE D 40 -31.91 3.29 -14.65
N ASP D 41 -32.12 1.99 -14.87
CA ASP D 41 -31.10 1.17 -15.52
C ASP D 41 -30.85 1.64 -16.94
N GLU D 42 -31.91 1.95 -17.68
CA GLU D 42 -31.74 2.43 -19.05
C GLU D 42 -31.00 3.75 -19.09
N VAL D 43 -31.32 4.66 -18.16
CA VAL D 43 -30.65 5.95 -18.14
C VAL D 43 -29.19 5.80 -17.74
N PHE D 44 -28.88 4.90 -16.81
CA PHE D 44 -27.48 4.67 -16.47
C PHE D 44 -26.71 4.13 -17.66
N GLN D 45 -27.26 3.12 -18.32
CA GLN D 45 -26.59 2.56 -19.50
C GLN D 45 -26.40 3.63 -20.56
N TRP D 46 -27.38 4.52 -20.71
CA TRP D 46 -27.23 5.65 -21.64
C TRP D 46 -26.09 6.57 -21.22
N THR D 47 -25.95 6.83 -19.92
CA THR D 47 -24.87 7.69 -19.45
C THR D 47 -23.50 7.05 -19.65
N THR D 48 -23.44 5.72 -19.79
CA THR D 48 -22.17 5.06 -20.08
C THR D 48 -21.83 5.02 -21.57
N THR D 49 -22.64 5.63 -22.44
CA THR D 49 -22.48 5.49 -23.88
C THR D 49 -21.65 6.63 -24.48
N LYS D 50 -21.36 6.47 -25.77
CA LYS D 50 -20.56 7.44 -26.51
C LYS D 50 -21.37 8.70 -26.87
N GLU D 51 -22.65 8.53 -27.20
CA GLU D 51 -23.50 9.68 -27.48
C GLU D 51 -23.62 10.57 -26.25
N TYR D 52 -23.76 9.96 -25.07
CA TYR D 52 -23.76 10.74 -23.84
C TYR D 52 -22.43 11.44 -23.65
N GLN D 53 -21.32 10.81 -24.04
CA GLN D 53 -20.02 11.46 -23.92
C GLN D 53 -19.94 12.68 -24.84
N GLU D 54 -20.49 12.59 -26.05
CA GLU D 54 -20.53 13.74 -26.93
C GLU D 54 -21.32 14.88 -26.30
N LEU D 55 -22.53 14.55 -25.80
CA LEU D 55 -23.33 15.57 -25.11
C LEU D 55 -22.56 16.17 -23.94
N ASN D 56 -21.86 15.32 -23.19
CA ASN D 56 -21.08 15.76 -22.04
C ASN D 56 -19.98 16.73 -22.45
N PHE D 57 -19.26 16.41 -23.51
CA PHE D 57 -18.15 17.24 -23.95
C PHE D 57 -18.59 18.48 -24.72
N GLN D 58 -19.88 18.58 -25.05
CA GLN D 58 -20.41 19.84 -25.57
C GLN D 58 -20.83 20.82 -24.47
N ARG D 59 -20.61 20.49 -23.20
CA ARG D 59 -20.95 21.40 -22.12
C ARG D 59 -20.15 22.70 -22.22
N GLU D 60 -20.82 23.80 -21.91
CA GLU D 60 -20.21 25.12 -21.92
C GLU D 60 -20.39 25.85 -20.60
N ALA D 61 -21.53 25.67 -19.92
CA ALA D 61 -21.84 26.40 -18.71
C ALA D 61 -21.81 25.55 -17.45
N LEU D 62 -22.13 24.27 -17.55
CA LEU D 62 -22.24 23.41 -16.38
C LEU D 62 -20.92 22.70 -16.11
N THR D 63 -20.49 22.74 -14.85
CA THR D 63 -19.35 21.95 -14.37
C THR D 63 -19.87 20.93 -13.38
N VAL D 64 -19.47 19.68 -13.55
CA VAL D 64 -19.93 18.58 -12.70
C VAL D 64 -18.71 17.87 -12.13
N ASN D 65 -18.62 17.84 -10.80
CA ASN D 65 -17.51 17.23 -10.07
C ASN D 65 -16.18 17.79 -10.55
N PRO D 66 -15.89 19.06 -10.26
CA PRO D 66 -14.62 19.64 -10.70
C PRO D 66 -13.43 19.00 -9.99
N ALA D 67 -12.27 19.09 -10.65
CA ALA D 67 -11.01 18.57 -10.13
C ALA D 67 -10.08 19.70 -9.73
N LYS D 68 -10.62 20.74 -9.11
CA LYS D 68 -9.84 21.90 -8.71
C LYS D 68 -10.55 22.60 -7.55
N ALA D 69 -9.82 23.47 -6.89
CA ALA D 69 -10.35 24.30 -5.81
C ALA D 69 -10.09 25.77 -6.14
N CYS D 70 -10.44 26.65 -5.22
CA CYS D 70 -10.30 28.09 -5.43
C CYS D 70 -8.99 28.60 -4.83
N GLN D 71 -8.56 29.77 -5.33
CA GLN D 71 -7.27 30.35 -4.99
C GLN D 71 -6.97 30.44 -3.49
N PRO D 72 -7.88 30.93 -2.64
CA PRO D 72 -7.50 31.13 -1.23
C PRO D 72 -7.11 29.85 -0.50
N LEU D 73 -7.54 28.67 -0.95
CA LEU D 73 -7.06 27.44 -0.34
C LEU D 73 -5.55 27.28 -0.53
N GLY D 74 -5.08 27.46 -1.76
CA GLY D 74 -3.65 27.43 -2.02
C GLY D 74 -2.91 28.56 -1.33
N ALA D 75 -3.53 29.73 -1.24
CA ALA D 75 -2.91 30.82 -0.49
C ALA D 75 -2.73 30.45 0.98
N VAL D 76 -3.73 29.79 1.57
CA VAL D 76 -3.65 29.37 2.96
C VAL D 76 -2.55 28.35 3.15
N LEU D 77 -2.44 27.39 2.23
CA LEU D 77 -1.35 26.41 2.33
C LEU D 77 0.02 27.08 2.25
N CYS D 78 0.19 27.98 1.28
CA CYS D 78 1.47 28.66 1.13
C CYS D 78 1.80 29.48 2.37
N ALA D 79 0.82 30.20 2.90
CA ALA D 79 1.02 30.96 4.13
C ALA D 79 1.38 30.04 5.30
N LEU D 80 0.74 28.87 5.35
CA LEU D 80 1.04 27.91 6.41
C LEU D 80 2.49 27.45 6.34
N GLY D 81 3.09 27.49 5.15
CA GLY D 81 4.49 27.12 5.04
C GLY D 81 5.51 28.06 5.66
N PHE D 82 5.10 29.03 6.47
CA PHE D 82 6.04 29.99 7.06
C PHE D 82 5.96 29.98 8.59
N GLU D 83 7.08 30.33 9.21
CA GLU D 83 7.23 30.18 10.66
C GLU D 83 6.32 31.13 11.43
N LYS D 84 5.63 30.59 12.44
CA LYS D 84 4.74 31.33 13.32
C LYS D 84 3.83 32.28 12.54
N THR D 85 3.33 31.81 11.41
CA THR D 85 2.53 32.60 10.50
C THR D 85 1.07 32.18 10.58
N MET D 86 0.19 33.15 10.79
CA MET D 86 -1.22 32.88 10.77
C MET D 86 -1.78 33.20 9.40
N PRO D 87 -2.39 32.23 8.71
CA PRO D 87 -3.17 32.56 7.51
C PRO D 87 -4.41 33.36 7.91
N TYR D 88 -4.66 34.42 7.15
CA TYR D 88 -5.72 35.37 7.44
C TYR D 88 -6.42 35.66 6.13
N VAL D 89 -7.70 35.32 6.03
CA VAL D 89 -8.44 35.48 4.80
C VAL D 89 -9.42 36.63 4.99
N HIS D 90 -9.19 37.71 4.27
CA HIS D 90 -10.10 38.85 4.23
C HIS D 90 -11.34 38.48 3.43
N GLY D 91 -12.51 38.55 4.07
CA GLY D 91 -13.74 38.14 3.43
C GLY D 91 -14.67 37.44 4.40
N SER D 92 -15.49 36.53 3.90
CA SER D 92 -16.48 35.84 4.72
C SER D 92 -15.89 34.59 5.35
N GLN D 93 -16.40 34.25 6.54
CA GLN D 93 -15.81 33.20 7.37
C GLN D 93 -16.15 31.79 6.89
N GLY D 94 -17.23 31.62 6.14
CA GLY D 94 -17.55 30.29 5.62
C GLY D 94 -16.43 29.72 4.77
N CYS D 95 -15.76 30.59 4.01
CA CYS D 95 -14.62 30.16 3.23
C CYS D 95 -13.53 29.57 4.13
N VAL D 96 -13.20 30.26 5.22
CA VAL D 96 -12.17 29.79 6.13
C VAL D 96 -12.56 28.47 6.75
N ALA D 97 -13.83 28.35 7.17
CA ALA D 97 -14.31 27.08 7.71
C ALA D 97 -14.11 25.95 6.70
N TYR D 98 -14.44 26.20 5.43
CA TYR D 98 -14.29 25.17 4.41
C TYR D 98 -12.82 24.83 4.16
N PHE D 99 -11.95 25.84 4.09
CA PHE D 99 -10.53 25.57 3.85
C PHE D 99 -9.96 24.72 4.98
N ARG D 100 -10.27 25.10 6.22
CA ARG D 100 -9.77 24.37 7.37
C ARG D 100 -10.29 22.95 7.38
N SER D 101 -11.58 22.75 7.09
CA SER D 101 -12.13 21.40 7.08
C SER D 101 -11.49 20.56 5.98
N TYR D 102 -11.31 21.14 4.79
CA TYR D 102 -10.67 20.43 3.69
C TYR D 102 -9.27 19.95 4.07
N PHE D 103 -8.44 20.85 4.58
CA PHE D 103 -7.08 20.47 4.93
C PHE D 103 -7.05 19.54 6.14
N ASN D 104 -7.98 19.71 7.08
CA ASN D 104 -8.06 18.80 8.23
C ASN D 104 -8.36 17.38 7.77
N ARG D 105 -9.29 17.23 6.83
CA ARG D 105 -9.63 15.90 6.35
C ARG D 105 -8.51 15.30 5.53
N HIS D 106 -7.77 16.11 4.77
CA HIS D 106 -6.67 15.55 3.99
C HIS D 106 -5.49 15.15 4.88
N PHE D 107 -5.08 16.03 5.79
CA PHE D 107 -3.87 15.81 6.57
C PHE D 107 -4.12 15.14 7.91
N ARG D 108 -5.36 15.16 8.40
CA ARG D 108 -5.70 14.64 9.73
C ARG D 108 -4.88 15.33 10.81
N GLU D 109 -4.74 16.64 10.68
CA GLU D 109 -3.95 17.49 11.56
C GLU D 109 -4.67 18.81 11.71
N PRO D 110 -4.40 19.55 12.79
CA PRO D 110 -4.98 20.88 12.92
C PRO D 110 -4.50 21.81 11.82
N VAL D 111 -5.39 22.70 11.38
CA VAL D 111 -5.11 23.68 10.35
C VAL D 111 -5.57 25.04 10.85
N SER D 112 -4.61 25.90 11.18
CA SER D 112 -4.91 27.20 11.75
C SER D 112 -5.11 28.24 10.65
N CYS D 113 -6.24 28.96 10.72
CA CYS D 113 -6.55 29.99 9.76
C CYS D 113 -7.66 30.85 10.34
N VAL D 114 -7.59 32.16 10.10
CA VAL D 114 -8.58 33.08 10.65
C VAL D 114 -9.26 33.84 9.51
N SER D 115 -10.45 34.33 9.81
CA SER D 115 -11.22 35.20 8.94
C SER D 115 -11.49 36.51 9.66
N ASP D 116 -11.71 37.58 8.89
CA ASP D 116 -12.20 38.82 9.48
C ASP D 116 -13.71 38.94 9.42
N SER D 117 -14.42 37.89 8.99
CA SER D 117 -15.85 37.73 9.16
C SER D 117 -16.62 38.91 8.56
N MET D 118 -16.41 39.10 7.26
CA MET D 118 -17.10 40.15 6.53
C MET D 118 -18.55 39.74 6.29
N THR D 119 -19.48 40.52 6.82
CA THR D 119 -20.90 40.26 6.68
C THR D 119 -21.48 41.18 5.61
N GLU D 120 -22.81 41.23 5.52
CA GLU D 120 -23.48 42.06 4.52
C GLU D 120 -23.10 43.53 4.68
N ASP D 121 -23.05 44.02 5.92
CA ASP D 121 -22.64 45.40 6.14
C ASP D 121 -21.20 45.63 5.71
N ALA D 122 -20.33 44.64 5.92
CA ALA D 122 -18.95 44.76 5.44
C ALA D 122 -18.88 44.66 3.92
N ALA D 123 -19.77 43.87 3.32
CA ALA D 123 -19.83 43.82 1.87
C ALA D 123 -20.22 45.17 1.29
N VAL D 124 -21.16 45.84 1.93
CA VAL D 124 -21.66 47.11 1.39
C VAL D 124 -20.69 48.25 1.67
N PHE D 125 -20.13 48.31 2.88
CA PHE D 125 -19.28 49.42 3.28
C PHE D 125 -17.79 49.13 3.15
N GLY D 126 -17.41 47.91 2.80
CA GLY D 126 -16.01 47.54 2.73
C GLY D 126 -15.51 46.94 4.04
N GLY D 127 -14.34 46.31 3.95
CA GLY D 127 -13.79 45.59 5.09
C GLY D 127 -12.64 46.28 5.79
N GLN D 128 -12.60 47.61 5.72
CA GLN D 128 -11.58 48.37 6.44
C GLN D 128 -11.62 48.08 7.94
N GLN D 129 -12.79 48.26 8.56
CA GLN D 129 -12.93 47.99 9.98
C GLN D 129 -12.69 46.52 10.28
N ASN D 130 -13.19 45.65 9.41
CA ASN D 130 -12.93 44.22 9.57
C ASN D 130 -11.44 43.93 9.55
N MET D 131 -10.70 44.56 8.63
CA MET D 131 -9.27 44.34 8.56
C MET D 131 -8.57 44.82 9.83
N LYS D 132 -8.91 46.03 10.29
CA LYS D 132 -8.24 46.55 11.49
C LYS D 132 -8.50 45.67 12.70
N ASP D 133 -9.77 45.40 12.97
CA ASP D 133 -10.13 44.61 14.15
C ASP D 133 -9.61 43.18 14.02
N GLY D 134 -9.67 42.59 12.84
CA GLY D 134 -9.19 41.22 12.67
C GLY D 134 -7.69 41.10 12.85
N LEU D 135 -6.92 42.03 12.29
CA LEU D 135 -5.48 42.01 12.49
C LEU D 135 -5.13 42.16 13.95
N GLN D 136 -5.77 43.11 14.63
CA GLN D 136 -5.53 43.30 16.06
C GLN D 136 -5.88 42.04 16.85
N ASN D 137 -7.07 41.50 16.61
CA ASN D 137 -7.55 40.35 17.38
C ASN D 137 -6.67 39.14 17.14
N CYS D 138 -6.32 38.87 15.88
CA CYS D 138 -5.49 37.72 15.56
C CYS D 138 -4.11 37.84 16.20
N LYS D 139 -3.49 39.01 16.08
CA LYS D 139 -2.16 39.19 16.65
C LYS D 139 -2.19 39.07 18.18
N ALA D 140 -3.23 39.60 18.82
CA ALA D 140 -3.31 39.55 20.27
C ALA D 140 -3.69 38.16 20.78
N THR D 141 -4.42 37.38 19.99
CA THR D 141 -4.94 36.10 20.45
C THR D 141 -4.01 34.93 20.16
N TYR D 142 -3.46 34.86 18.95
CA TYR D 142 -2.67 33.71 18.55
C TYR D 142 -1.18 34.01 18.46
N LYS D 143 -0.77 35.25 18.76
CA LYS D 143 0.62 35.69 18.78
C LYS D 143 1.44 35.15 17.60
N PRO D 144 1.03 35.44 16.36
CA PRO D 144 1.89 35.07 15.23
C PRO D 144 2.98 36.09 15.03
N ASP D 145 4.11 35.61 14.50
CA ASP D 145 5.16 36.54 14.08
C ASP D 145 4.90 37.11 12.70
N MET D 146 3.91 36.60 11.99
CA MET D 146 3.52 37.13 10.69
C MET D 146 2.07 36.75 10.44
N ILE D 147 1.33 37.65 9.80
CA ILE D 147 -0.03 37.40 9.38
C ILE D 147 -0.06 37.53 7.87
N ALA D 148 -0.38 36.44 7.19
CA ALA D 148 -0.36 36.41 5.73
C ALA D 148 -1.80 36.50 5.23
N VAL D 149 -2.09 37.53 4.44
CA VAL D 149 -3.46 37.92 4.11
C VAL D 149 -3.76 37.49 2.68
N SER D 150 -4.83 36.72 2.53
CA SER D 150 -5.44 36.36 1.25
C SER D 150 -6.86 36.90 1.23
N THR D 151 -7.61 36.61 0.17
CA THR D 151 -8.95 37.13 0.00
C THR D 151 -9.94 36.03 -0.38
N THR D 152 -11.18 36.21 0.06
CA THR D 152 -12.29 35.45 -0.49
C THR D 152 -12.85 36.19 -1.71
N CYS D 153 -13.83 35.57 -2.38
CA CYS D 153 -14.32 36.14 -3.62
C CYS D 153 -15.09 37.44 -3.39
N MET D 154 -15.78 37.56 -2.26
CA MET D 154 -16.56 38.78 -2.02
C MET D 154 -15.66 40.00 -1.91
N ALA D 155 -14.53 39.87 -1.22
CA ALA D 155 -13.62 41.01 -1.08
C ALA D 155 -12.95 41.35 -2.40
N GLU D 156 -12.78 40.36 -3.27
CA GLU D 156 -12.20 40.62 -4.59
C GLU D 156 -13.19 41.29 -5.52
N VAL D 157 -14.47 40.93 -5.43
CA VAL D 157 -15.49 41.53 -6.28
C VAL D 157 -15.65 43.01 -5.95
N ILE D 158 -15.77 43.34 -4.66
CA ILE D 158 -16.00 44.72 -4.24
C ILE D 158 -14.73 45.56 -4.26
N GLY D 159 -13.60 44.98 -4.63
CA GLY D 159 -12.35 45.74 -4.68
C GLY D 159 -11.82 46.20 -3.34
N ASP D 160 -11.89 45.34 -2.33
CA ASP D 160 -11.30 45.66 -1.03
C ASP D 160 -9.78 45.76 -1.18
N ASP D 161 -9.26 46.98 -1.16
CA ASP D 161 -7.84 47.22 -1.39
C ASP D 161 -7.07 46.78 -0.16
N LEU D 162 -6.47 45.59 -0.22
CA LEU D 162 -5.79 45.03 0.94
C LEU D 162 -4.63 45.91 1.39
N ASN D 163 -3.85 46.42 0.45
CA ASN D 163 -2.71 47.27 0.79
C ASN D 163 -3.15 48.47 1.60
N ALA D 164 -4.15 49.20 1.12
CA ALA D 164 -4.64 50.37 1.83
C ALA D 164 -5.20 50.00 3.20
N PHE D 165 -5.91 48.87 3.28
CA PHE D 165 -6.52 48.46 4.53
C PHE D 165 -5.46 48.16 5.58
N ILE D 166 -4.44 47.38 5.20
CA ILE D 166 -3.39 47.03 6.14
C ILE D 166 -2.58 48.26 6.54
N ASN D 167 -2.31 49.16 5.58
CA ASN D 167 -1.58 50.37 5.91
C ASN D 167 -2.36 51.24 6.89
N ASN D 168 -3.66 51.40 6.67
CA ASN D 168 -4.46 52.18 7.60
C ASN D 168 -4.53 51.50 8.97
N SER D 169 -4.56 50.16 8.99
CA SER D 169 -4.50 49.45 10.26
C SER D 169 -3.20 49.76 10.99
N LYS D 170 -2.09 49.83 10.25
CA LYS D 170 -0.80 50.08 10.88
C LYS D 170 -0.69 51.51 11.39
N LYS D 171 -1.12 52.49 10.60
CA LYS D 171 -0.97 53.88 11.02
C LYS D 171 -1.94 54.25 12.13
N GLU D 172 -3.02 53.49 12.32
CA GLU D 172 -3.98 53.78 13.35
C GLU D 172 -3.75 52.99 14.63
N GLY D 173 -2.64 52.25 14.71
CA GLY D 173 -2.26 51.61 15.96
C GLY D 173 -2.96 50.31 16.28
N PHE D 174 -3.63 49.69 15.30
CA PHE D 174 -4.22 48.38 15.56
C PHE D 174 -3.15 47.30 15.61
N ILE D 175 -2.15 47.38 14.72
CA ILE D 175 -1.03 46.46 14.75
C ILE D 175 0.26 47.27 14.70
N PRO D 176 1.37 46.75 15.22
CA PRO D 176 2.65 47.47 15.13
C PRO D 176 3.05 47.71 13.69
N ASP D 177 3.68 48.85 13.45
CA ASP D 177 4.06 49.24 12.10
C ASP D 177 5.05 48.25 11.48
N GLU D 178 5.92 47.67 12.30
CA GLU D 178 6.93 46.74 11.80
C GLU D 178 6.44 45.30 11.70
N PHE D 179 5.23 45.03 12.18
CA PHE D 179 4.70 43.66 12.13
C PHE D 179 4.47 43.24 10.68
N PRO D 180 5.05 42.14 10.22
CA PRO D 180 4.95 41.79 8.80
C PRO D 180 3.54 41.30 8.46
N VAL D 181 2.91 41.97 7.50
CA VAL D 181 1.61 41.56 6.97
C VAL D 181 1.68 41.51 5.45
N PRO D 182 2.30 40.48 4.87
CA PRO D 182 2.21 40.32 3.41
C PRO D 182 0.78 40.04 3.00
N PHE D 183 0.43 40.48 1.80
CA PHE D 183 -0.92 40.30 1.29
C PHE D 183 -0.86 39.85 -0.16
N ALA D 184 -1.93 39.19 -0.58
CA ALA D 184 -2.07 38.80 -1.97
C ALA D 184 -3.55 38.76 -2.32
N HIS D 185 -3.91 39.41 -3.43
CA HIS D 185 -5.25 39.27 -3.97
C HIS D 185 -5.39 37.89 -4.60
N THR D 186 -6.35 37.10 -4.12
CA THR D 186 -6.55 35.73 -4.57
C THR D 186 -8.00 35.57 -5.00
N PRO D 187 -8.35 36.05 -6.19
CA PRO D 187 -9.73 35.93 -6.66
C PRO D 187 -10.07 34.47 -6.98
N SER D 188 -11.08 33.96 -6.30
CA SER D 188 -11.48 32.57 -6.51
C SER D 188 -12.05 32.31 -7.89
N PHE D 189 -12.49 33.35 -8.60
CA PHE D 189 -13.00 33.21 -9.94
C PHE D 189 -11.91 33.34 -11.01
N VAL D 190 -10.64 33.23 -10.60
CA VAL D 190 -9.51 33.22 -11.53
C VAL D 190 -8.62 32.05 -11.17
N GLY D 191 -8.25 31.26 -12.18
CA GLY D 191 -7.33 30.16 -11.96
C GLY D 191 -7.90 29.11 -11.03
N SER D 192 -7.08 28.69 -10.06
CA SER D 192 -7.47 27.65 -9.11
C SER D 192 -6.64 27.82 -7.85
N HIS D 193 -6.65 26.80 -6.99
CA HIS D 193 -5.92 26.86 -5.73
C HIS D 193 -4.42 27.03 -5.94
N VAL D 194 -3.88 26.41 -6.99
CA VAL D 194 -2.46 26.56 -7.28
C VAL D 194 -2.13 28.00 -7.65
N THR D 195 -3.04 28.68 -8.34
CA THR D 195 -2.87 30.10 -8.60
C THR D 195 -2.86 30.90 -7.30
N GLY D 196 -3.70 30.51 -6.34
CA GLY D 196 -3.66 31.16 -5.04
C GLY D 196 -2.34 30.96 -4.33
N TRP D 197 -1.78 29.76 -4.42
CA TRP D 197 -0.45 29.53 -3.86
C TRP D 197 0.58 30.45 -4.50
N ASP D 198 0.56 30.53 -5.83
CA ASP D 198 1.51 31.37 -6.54
C ASP D 198 1.36 32.84 -6.13
N ASN D 199 0.12 33.32 -6.06
CA ASN D 199 -0.13 34.72 -5.70
C ASN D 199 0.32 35.01 -4.28
N MET D 200 0.01 34.11 -3.33
CA MET D 200 0.42 34.32 -1.96
C MET D 200 1.94 34.33 -1.82
N PHE D 201 2.62 33.40 -2.50
CA PHE D 201 4.07 33.38 -2.41
C PHE D 201 4.69 34.62 -3.01
N GLU D 202 4.16 35.07 -4.15
CA GLU D 202 4.67 36.30 -4.74
C GLU D 202 4.46 37.50 -3.82
N GLY D 203 3.30 37.57 -3.17
CA GLY D 203 3.06 38.62 -2.21
C GLY D 203 4.04 38.61 -1.05
N ILE D 204 4.30 37.42 -0.48
CA ILE D 204 5.23 37.33 0.64
C ILE D 204 6.65 37.71 0.19
N ALA D 205 7.06 37.19 -0.97
CA ALA D 205 8.40 37.48 -1.47
C ALA D 205 8.59 38.97 -1.70
N ARG D 206 7.65 39.60 -2.40
CA ARG D 206 7.76 41.04 -2.66
C ARG D 206 7.61 41.86 -1.39
N TYR D 207 6.92 41.33 -0.36
CA TYR D 207 6.87 42.02 0.91
C TYR D 207 8.24 42.03 1.58
N PHE D 208 8.97 40.93 1.49
CA PHE D 208 10.25 40.86 2.20
C PHE D 208 11.46 41.24 1.35
N THR D 209 11.29 41.49 0.05
CA THR D 209 12.44 41.68 -0.83
C THR D 209 12.36 42.87 -1.76
N LEU D 210 11.17 43.41 -2.07
CA LEU D 210 11.07 44.42 -3.11
C LEU D 210 11.85 45.67 -2.76
N LYS D 211 11.66 46.19 -1.54
CA LYS D 211 12.24 47.48 -1.20
C LYS D 211 13.73 47.37 -0.90
N SER D 212 14.16 46.31 -0.24
CA SER D 212 15.54 46.17 0.21
C SER D 212 16.37 45.33 -0.76
N MET D 213 16.49 45.82 -1.99
CA MET D 213 17.23 45.09 -3.02
C MET D 213 18.61 45.65 -3.30
N ASP D 214 18.91 46.87 -2.85
CA ASP D 214 20.19 47.49 -3.17
C ASP D 214 21.36 46.70 -2.60
N ASP D 215 21.23 46.23 -1.36
CA ASP D 215 22.29 45.50 -0.68
C ASP D 215 22.30 44.01 -1.00
N LYS D 216 21.70 43.61 -2.12
CA LYS D 216 21.60 42.21 -2.50
C LYS D 216 22.53 41.92 -3.67
N VAL D 217 23.31 40.85 -3.55
CA VAL D 217 24.18 40.38 -4.61
C VAL D 217 23.94 38.88 -4.80
N VAL D 218 23.72 38.48 -6.05
CA VAL D 218 23.36 37.09 -6.35
C VAL D 218 24.53 36.17 -6.04
N GLY D 219 24.25 35.10 -5.29
CA GLY D 219 25.24 34.08 -4.99
C GLY D 219 26.01 34.28 -3.71
N SER D 220 25.84 35.42 -3.03
CA SER D 220 26.67 35.73 -1.88
C SER D 220 26.44 34.77 -0.71
N ASN D 221 25.26 34.14 -0.61
CA ASN D 221 25.03 33.16 0.43
C ASN D 221 25.34 31.74 -0.02
N LYS D 222 25.60 31.52 -1.30
CA LYS D 222 25.94 30.21 -1.87
C LYS D 222 24.87 29.16 -1.56
N LYS D 223 23.61 29.58 -1.50
CA LYS D 223 22.49 28.67 -1.33
C LYS D 223 21.68 28.59 -2.62
N ILE D 224 20.72 27.68 -2.64
CA ILE D 224 19.81 27.52 -3.76
C ILE D 224 18.38 27.67 -3.23
N ASN D 225 17.62 28.55 -3.86
CA ASN D 225 16.22 28.72 -3.51
C ASN D 225 15.39 27.61 -4.14
N ILE D 226 14.54 26.97 -3.34
CA ILE D 226 13.64 25.93 -3.81
C ILE D 226 12.22 26.39 -3.51
N VAL D 227 11.40 26.50 -4.55
CA VAL D 227 10.00 26.87 -4.41
C VAL D 227 9.16 25.63 -4.72
N PRO D 228 8.52 25.03 -3.72
CA PRO D 228 7.80 23.76 -3.95
C PRO D 228 6.47 23.93 -4.66
N GLY D 229 5.83 25.07 -4.51
CA GLY D 229 4.48 25.23 -5.01
C GLY D 229 3.46 24.53 -4.13
N PHE D 230 2.26 24.38 -4.67
CA PHE D 230 1.18 23.71 -3.95
C PHE D 230 1.52 22.24 -3.81
N GLU D 231 1.86 21.82 -2.59
CA GLU D 231 2.30 20.46 -2.32
C GLU D 231 1.61 19.95 -1.08
N THR D 232 0.96 18.79 -1.19
CA THR D 232 0.25 18.19 -0.07
C THR D 232 0.81 16.83 0.33
N TYR D 233 1.97 16.45 -0.20
CA TYR D 233 2.68 15.25 0.23
C TYR D 233 3.88 15.70 1.06
N LEU D 234 3.86 15.38 2.36
CA LEU D 234 4.95 15.79 3.24
C LEU D 234 6.26 15.12 2.84
N GLY D 235 6.18 13.88 2.38
CA GLY D 235 7.35 13.19 1.88
C GLY D 235 8.03 13.90 0.73
N ASN D 236 7.30 14.74 -0.01
CA ASN D 236 7.92 15.48 -1.10
C ASN D 236 8.86 16.55 -0.58
N PHE D 237 8.40 17.34 0.41
CA PHE D 237 9.29 18.27 1.09
C PHE D 237 10.49 17.53 1.67
N ARG D 238 10.22 16.40 2.33
CA ARG D 238 11.30 15.66 2.97
C ARG D 238 12.31 15.14 1.95
N VAL D 239 11.84 14.64 0.80
CA VAL D 239 12.74 14.07 -0.18
C VAL D 239 13.58 15.16 -0.85
N ILE D 240 12.98 16.32 -1.12
CA ILE D 240 13.77 17.41 -1.70
C ILE D 240 14.87 17.83 -0.72
N LYS D 241 14.49 17.98 0.56
CA LYS D 241 15.46 18.34 1.58
C LYS D 241 16.57 17.29 1.68
N ARG D 242 16.20 16.01 1.68
CA ARG D 242 17.18 14.94 1.85
C ARG D 242 18.12 14.85 0.65
N MET D 243 17.59 14.96 -0.56
CA MET D 243 18.44 14.91 -1.74
C MET D 243 19.40 16.09 -1.78
N LEU D 244 18.95 17.28 -1.37
CA LEU D 244 19.87 18.41 -1.36
C LEU D 244 20.89 18.29 -0.22
N SER D 245 20.50 17.66 0.90
CA SER D 245 21.43 17.51 2.01
C SER D 245 22.51 16.47 1.71
N GLU D 246 22.12 15.33 1.13
CA GLU D 246 23.11 14.33 0.74
C GLU D 246 24.06 14.88 -0.30
N MET D 247 23.59 15.80 -1.14
CA MET D 247 24.38 16.34 -2.23
C MET D 247 25.36 17.41 -1.77
N GLY D 248 25.32 17.80 -0.50
CA GLY D 248 26.20 18.85 -0.01
C GLY D 248 25.85 20.22 -0.52
N VAL D 249 24.60 20.43 -0.95
CA VAL D 249 24.16 21.69 -1.54
C VAL D 249 23.47 22.52 -0.47
N GLY D 250 23.89 23.77 -0.34
CA GLY D 250 23.17 24.70 0.52
C GLY D 250 21.88 25.12 -0.15
N TYR D 251 20.78 25.07 0.60
CA TYR D 251 19.47 25.29 0.02
C TYR D 251 18.60 26.10 0.98
N SER D 252 17.55 26.69 0.42
CA SER D 252 16.54 27.41 1.20
C SER D 252 15.18 27.05 0.61
N LEU D 253 14.46 26.17 1.30
CA LEU D 253 13.11 25.78 0.88
C LEU D 253 12.14 26.81 1.42
N LEU D 254 11.67 27.69 0.54
CA LEU D 254 10.71 28.71 0.93
C LEU D 254 9.30 28.13 0.96
N SER D 255 8.54 28.47 2.00
CA SER D 255 7.23 27.87 2.28
C SER D 255 7.35 26.37 2.56
N ASP D 256 7.97 26.06 3.70
CA ASP D 256 8.13 24.70 4.20
C ASP D 256 7.07 24.42 5.26
N PRO D 257 5.96 23.75 4.94
CA PRO D 257 4.91 23.48 5.93
C PRO D 257 4.95 22.10 6.58
N GLU D 258 6.01 21.31 6.38
CA GLU D 258 5.97 19.92 6.79
C GLU D 258 5.88 19.76 8.31
N GLU D 259 6.55 20.64 9.06
CA GLU D 259 6.52 20.53 10.50
C GLU D 259 5.14 20.87 11.07
N VAL D 260 4.52 21.95 10.59
CA VAL D 260 3.24 22.36 11.14
C VAL D 260 2.12 21.38 10.78
N LEU D 261 2.30 20.61 9.71
CA LEU D 261 1.30 19.63 9.29
C LEU D 261 1.63 18.22 9.77
N ASP D 262 2.69 18.04 10.54
CA ASP D 262 3.09 16.72 11.05
C ASP D 262 3.56 16.82 12.49
N THR D 263 2.84 17.55 13.32
CA THR D 263 3.24 17.72 14.70
C THR D 263 2.97 16.43 15.50
N PRO D 264 3.79 16.15 16.51
CA PRO D 264 3.57 14.95 17.32
C PRO D 264 2.42 15.12 18.30
N ALA D 265 1.86 13.99 18.71
CA ALA D 265 0.87 13.94 19.78
C ALA D 265 1.61 13.56 21.06
N ASP D 266 2.05 14.57 21.80
CA ASP D 266 2.80 14.35 23.03
C ASP D 266 2.20 15.11 24.20
N GLY D 267 0.90 15.37 24.15
CA GLY D 267 0.19 15.99 25.26
C GLY D 267 -0.01 17.48 25.14
N GLN D 268 0.56 18.12 24.12
CA GLN D 268 0.39 19.54 23.91
C GLN D 268 0.09 19.82 22.44
N PHE D 269 -0.59 20.93 22.19
CA PHE D 269 -0.95 21.34 20.84
C PHE D 269 -0.05 22.49 20.44
N ARG D 270 0.64 22.33 19.31
CA ARG D 270 1.52 23.35 18.75
C ARG D 270 0.81 23.97 17.57
N MET D 271 0.40 25.24 17.70
CA MET D 271 -0.24 25.92 16.59
C MET D 271 0.75 26.18 15.46
N TYR D 272 1.99 26.53 15.79
CA TYR D 272 3.04 26.76 14.82
C TYR D 272 4.18 25.77 15.06
N ALA D 273 4.85 25.39 13.97
CA ALA D 273 5.98 24.48 14.05
C ALA D 273 6.78 24.59 12.76
N GLY D 274 8.07 24.88 12.89
CA GLY D 274 8.93 24.98 11.72
C GLY D 274 8.52 26.11 10.81
N GLY D 275 8.75 25.91 9.52
CA GLY D 275 8.38 26.88 8.51
C GLY D 275 9.56 27.76 8.10
N THR D 276 9.43 28.35 6.91
CA THR D 276 10.43 29.25 6.38
C THR D 276 10.52 30.51 7.26
N THR D 277 11.69 30.78 7.79
CA THR D 277 11.87 31.95 8.63
C THR D 277 11.87 33.22 7.79
N GLN D 278 11.60 34.34 8.45
CA GLN D 278 11.58 35.62 7.75
C GLN D 278 12.96 35.98 7.21
N GLU D 279 14.01 35.64 7.95
CA GLU D 279 15.37 35.91 7.51
C GLU D 279 15.70 35.13 6.25
N GLU D 280 15.15 33.92 6.10
CA GLU D 280 15.36 33.15 4.87
C GLU D 280 14.81 33.90 3.66
N MET D 281 13.59 34.45 3.79
CA MET D 281 13.01 35.20 2.67
C MET D 281 13.75 36.51 2.45
N LYS D 282 14.22 37.15 3.52
CA LYS D 282 15.01 38.37 3.37
C LYS D 282 16.30 38.09 2.60
N ASP D 283 16.97 36.99 2.90
CA ASP D 283 18.23 36.65 2.28
C ASP D 283 18.08 35.89 0.97
N ALA D 284 16.86 35.51 0.60
CA ALA D 284 16.62 34.79 -0.65
C ALA D 284 17.21 35.45 -1.90
N PRO D 285 17.16 36.79 -2.08
CA PRO D 285 17.79 37.37 -3.27
C PRO D 285 19.28 37.11 -3.36
N ASN D 286 19.95 36.79 -2.25
CA ASN D 286 21.38 36.51 -2.27
C ASN D 286 21.71 35.12 -2.81
N ALA D 287 20.70 34.29 -3.07
CA ALA D 287 20.93 32.93 -3.49
C ALA D 287 21.60 32.88 -4.87
N LEU D 288 22.29 31.77 -5.13
CA LEU D 288 22.87 31.56 -6.45
C LEU D 288 21.78 31.53 -7.52
N ASN D 289 20.67 30.86 -7.24
CA ASN D 289 19.58 30.75 -8.20
C ASN D 289 18.32 30.33 -7.45
N THR D 290 17.21 30.35 -8.16
CA THR D 290 15.92 29.90 -7.64
C THR D 290 15.39 28.82 -8.57
N VAL D 291 15.07 27.67 -8.00
CA VAL D 291 14.55 26.54 -8.75
C VAL D 291 13.08 26.37 -8.37
N LEU D 292 12.22 26.37 -9.38
CA LEU D 292 10.78 26.20 -9.17
C LEU D 292 10.43 24.74 -9.32
N LEU D 293 9.99 24.11 -8.21
CA LEU D 293 9.69 22.68 -8.24
C LEU D 293 8.52 22.37 -9.17
N GLN D 294 7.50 23.23 -9.17
CA GLN D 294 6.31 23.05 -10.00
C GLN D 294 6.11 24.32 -10.81
N PRO D 295 6.88 24.50 -11.88
CA PRO D 295 6.88 25.79 -12.58
C PRO D 295 5.54 26.17 -13.20
N TRP D 296 4.70 25.20 -13.56
CA TRP D 296 3.52 25.51 -14.35
C TRP D 296 2.41 26.18 -13.56
N HIS D 297 2.51 26.27 -12.24
CA HIS D 297 1.65 27.17 -11.48
C HIS D 297 2.48 28.13 -10.64
N LEU D 298 3.70 28.41 -11.07
CA LEU D 298 4.58 29.37 -10.42
C LEU D 298 5.05 30.40 -11.42
N GLU D 299 4.16 30.80 -12.34
CA GLU D 299 4.54 31.73 -13.39
C GLU D 299 4.77 33.13 -12.85
N LYS D 300 3.85 33.62 -12.01
CA LYS D 300 4.03 34.95 -11.43
C LYS D 300 5.27 35.00 -10.54
N THR D 301 5.50 33.94 -9.77
CA THR D 301 6.73 33.84 -8.99
C THR D 301 7.95 33.87 -9.90
N LYS D 302 7.89 33.17 -11.03
CA LYS D 302 9.02 33.17 -11.96
C LYS D 302 9.29 34.57 -12.49
N LYS D 303 8.24 35.28 -12.89
CA LYS D 303 8.40 36.66 -13.36
C LYS D 303 9.04 37.53 -12.29
N PHE D 304 8.56 37.41 -11.04
CA PHE D 304 9.12 38.23 -9.97
C PHE D 304 10.59 37.90 -9.71
N VAL D 305 10.92 36.61 -9.67
CA VAL D 305 12.29 36.21 -9.35
C VAL D 305 13.24 36.64 -10.47
N GLU D 306 12.85 36.49 -11.72
CA GLU D 306 13.73 36.89 -12.81
C GLU D 306 13.84 38.40 -12.90
N GLY D 307 12.74 39.12 -12.67
CA GLY D 307 12.73 40.56 -12.86
C GLY D 307 13.19 41.38 -11.67
N THR D 308 13.15 40.81 -10.47
CA THR D 308 13.51 41.53 -9.27
C THR D 308 14.78 40.97 -8.63
N TRP D 309 14.82 39.67 -8.31
CA TRP D 309 16.03 39.08 -7.74
C TRP D 309 17.12 38.85 -8.78
N LYS D 310 16.78 38.94 -10.08
CA LYS D 310 17.74 38.78 -11.16
C LYS D 310 18.33 37.37 -11.21
N HIS D 311 17.56 36.37 -10.77
CA HIS D 311 17.98 34.98 -10.85
C HIS D 311 17.53 34.38 -12.17
N GLU D 312 18.48 33.75 -12.87
CA GLU D 312 18.18 33.04 -14.12
C GLU D 312 17.56 31.71 -13.77
N VAL D 313 16.24 31.70 -13.56
CA VAL D 313 15.53 30.53 -13.10
C VAL D 313 15.62 29.45 -14.18
N PRO D 314 16.11 28.26 -13.84
CA PRO D 314 16.29 27.22 -14.86
C PRO D 314 14.96 26.64 -15.34
N LYS D 315 14.97 26.16 -16.58
CA LYS D 315 13.81 25.49 -17.16
C LYS D 315 13.88 24.03 -16.75
N LEU D 316 13.32 23.72 -15.57
CA LEU D 316 13.28 22.36 -15.06
C LEU D 316 11.83 21.93 -14.92
N ASN D 317 11.52 20.74 -15.41
CA ASN D 317 10.24 20.14 -15.07
C ASN D 317 10.24 19.70 -13.62
N ILE D 318 9.06 19.34 -13.12
CA ILE D 318 8.94 18.83 -11.76
C ILE D 318 9.85 17.61 -11.59
N PRO D 319 10.61 17.51 -10.51
CA PRO D 319 11.51 16.36 -10.36
C PRO D 319 10.75 15.07 -10.05
N MET D 320 10.02 14.56 -11.04
CA MET D 320 9.25 13.34 -10.90
C MET D 320 9.73 12.31 -11.91
N GLY D 321 9.78 11.06 -11.49
CA GLY D 321 10.24 10.00 -12.36
C GLY D 321 11.75 9.89 -12.37
N LEU D 322 12.27 9.31 -13.46
CA LEU D 322 13.69 9.06 -13.58
C LEU D 322 14.40 10.19 -14.33
N ASP D 323 13.96 10.47 -15.56
CA ASP D 323 14.65 11.47 -16.38
C ASP D 323 14.60 12.85 -15.74
N TRP D 324 13.44 13.24 -15.20
CA TRP D 324 13.32 14.58 -14.65
C TRP D 324 14.00 14.73 -13.30
N THR D 325 14.06 13.65 -12.49
CA THR D 325 14.89 13.69 -11.30
C THR D 325 16.36 13.81 -11.67
N ASP D 326 16.79 13.10 -12.72
CA ASP D 326 18.16 13.23 -13.21
C ASP D 326 18.45 14.66 -13.64
N GLU D 327 17.52 15.26 -14.38
CA GLU D 327 17.72 16.62 -14.86
C GLU D 327 17.79 17.61 -13.70
N PHE D 328 16.91 17.42 -12.71
CA PHE D 328 16.92 18.29 -11.53
C PHE D 328 18.25 18.19 -10.79
N LEU D 329 18.74 16.96 -10.60
CA LEU D 329 19.99 16.78 -9.87
C LEU D 329 21.17 17.35 -10.65
N MET D 330 21.19 17.16 -11.97
CA MET D 330 22.28 17.70 -12.77
C MET D 330 22.26 19.22 -12.80
N LYS D 331 21.06 19.82 -12.81
CA LYS D 331 20.98 21.28 -12.78
C LYS D 331 21.40 21.83 -11.43
N VAL D 332 20.99 21.17 -10.34
CA VAL D 332 21.45 21.56 -9.02
C VAL D 332 22.96 21.46 -8.93
N SER D 333 23.54 20.43 -9.55
CA SER D 333 25.00 20.28 -9.58
C SER D 333 25.63 21.44 -10.34
N GLU D 334 25.13 21.72 -11.54
CA GLU D 334 25.70 22.79 -12.36
C GLU D 334 25.52 24.16 -11.73
N ILE D 335 24.56 24.31 -10.81
CA ILE D 335 24.38 25.58 -10.13
C ILE D 335 25.29 25.69 -8.92
N SER D 336 25.18 24.73 -7.99
CA SER D 336 25.93 24.81 -6.74
C SER D 336 27.37 24.35 -6.86
N GLY D 337 27.73 23.65 -7.93
CA GLY D 337 29.07 23.16 -8.10
C GLY D 337 29.39 21.88 -7.35
N GLN D 338 28.45 21.35 -6.58
CA GLN D 338 28.66 20.09 -5.89
C GLN D 338 28.38 18.93 -6.81
N PRO D 339 29.15 17.84 -6.73
CA PRO D 339 28.86 16.66 -7.54
C PRO D 339 27.73 15.84 -6.96
N ILE D 340 27.11 15.05 -7.83
CA ILE D 340 26.05 14.13 -7.41
C ILE D 340 26.70 12.98 -6.67
N PRO D 341 26.33 12.74 -5.41
CA PRO D 341 27.06 11.76 -4.60
C PRO D 341 26.66 10.33 -4.95
N ALA D 342 27.46 9.40 -4.44
CA ALA D 342 27.29 7.98 -4.76
C ALA D 342 25.98 7.43 -4.21
N SER D 343 25.51 7.96 -3.08
CA SER D 343 24.25 7.48 -2.51
C SER D 343 23.08 7.77 -3.45
N LEU D 344 23.07 8.96 -4.06
CA LEU D 344 22.01 9.29 -5.01
C LEU D 344 22.10 8.42 -6.27
N THR D 345 23.32 8.15 -6.74
CA THR D 345 23.49 7.26 -7.88
C THR D 345 22.98 5.85 -7.56
N LYS D 346 23.27 5.37 -6.36
CA LYS D 346 22.78 4.05 -5.96
C LYS D 346 21.26 4.03 -5.84
N GLU D 347 20.68 5.11 -5.32
CA GLU D 347 19.21 5.19 -5.26
C GLU D 347 18.61 5.16 -6.66
N ARG D 348 19.21 5.89 -7.60
CA ARG D 348 18.76 5.84 -8.98
C ARG D 348 18.87 4.44 -9.56
N GLY D 349 19.99 3.76 -9.27
CA GLY D 349 20.16 2.40 -9.77
C GLY D 349 19.16 1.43 -9.17
N ARG D 350 18.80 1.63 -7.90
CA ARG D 350 17.79 0.78 -7.27
C ARG D 350 16.41 1.03 -7.87
N LEU D 351 16.11 2.29 -8.19
CA LEU D 351 14.87 2.57 -8.93
C LEU D 351 14.87 1.87 -10.28
N VAL D 352 15.99 1.90 -10.99
CA VAL D 352 16.07 1.21 -12.27
C VAL D 352 15.90 -0.29 -12.09
N ASP D 353 16.47 -0.84 -11.02
CA ASP D 353 16.30 -2.26 -10.75
C ASP D 353 14.84 -2.60 -10.50
N MET D 354 14.14 -1.75 -9.76
CA MET D 354 12.71 -1.98 -9.54
C MET D 354 11.94 -1.93 -10.86
N MET D 355 12.30 -0.98 -11.73
CA MET D 355 11.66 -0.89 -13.03
C MET D 355 11.87 -2.17 -13.84
N THR D 356 13.11 -2.69 -13.85
CA THR D 356 13.36 -3.93 -14.58
C THR D 356 12.65 -5.12 -13.93
N ASP D 357 12.54 -5.12 -12.60
CA ASP D 357 11.85 -6.19 -11.91
C ASP D 357 10.35 -6.18 -12.22
N SER D 358 9.77 -5.01 -12.49
CA SER D 358 8.32 -4.89 -12.60
C SER D 358 7.81 -4.56 -14.00
N HIS D 359 8.70 -4.45 -15.01
CA HIS D 359 8.26 -3.98 -16.31
C HIS D 359 7.24 -4.91 -16.97
N THR D 360 7.34 -6.22 -16.75
CA THR D 360 6.42 -7.13 -17.41
C THR D 360 4.98 -6.88 -16.98
N TRP D 361 4.77 -6.60 -15.70
CA TRP D 361 3.43 -6.29 -15.23
C TRP D 361 3.03 -4.85 -15.56
N LEU D 362 4.00 -3.92 -15.59
CA LEU D 362 3.65 -2.54 -15.91
C LEU D 362 3.39 -2.32 -17.40
N HIS D 363 4.13 -3.00 -18.27
CA HIS D 363 4.12 -2.66 -19.68
C HIS D 363 2.74 -2.82 -20.31
N GLY D 364 2.34 -1.84 -21.10
CA GLY D 364 1.08 -1.86 -21.82
C GLY D 364 -0.13 -1.44 -21.02
N LYS D 365 0.02 -1.11 -19.75
CA LYS D 365 -1.12 -0.77 -18.90
C LYS D 365 -1.64 0.63 -19.24
N ARG D 366 -2.95 0.75 -19.35
CA ARG D 366 -3.60 1.98 -19.76
C ARG D 366 -4.16 2.72 -18.54
N PHE D 367 -4.01 4.04 -18.53
CA PHE D 367 -4.36 4.83 -17.36
C PHE D 367 -5.14 6.08 -17.72
N ALA D 368 -6.08 6.42 -16.86
CA ALA D 368 -6.70 7.73 -16.80
C ALA D 368 -6.21 8.41 -15.54
N LEU D 369 -5.74 9.65 -15.67
CA LEU D 369 -5.19 10.35 -14.53
C LEU D 369 -5.63 11.80 -14.55
N TRP D 370 -5.64 12.41 -13.37
CA TRP D 370 -6.01 13.82 -13.24
C TRP D 370 -5.34 14.39 -12.00
N GLY D 371 -5.32 15.70 -11.94
CA GLY D 371 -4.72 16.42 -10.84
C GLY D 371 -4.22 17.79 -11.30
N ASP D 372 -3.25 18.31 -10.57
CA ASP D 372 -2.65 19.59 -10.86
C ASP D 372 -1.66 19.44 -12.03
N PRO D 373 -1.40 20.54 -12.77
CA PRO D 373 -0.63 20.38 -14.03
C PRO D 373 0.76 19.80 -13.86
N ASP D 374 1.53 20.27 -12.87
CA ASP D 374 2.89 19.77 -12.72
C ASP D 374 2.91 18.31 -12.26
N PHE D 375 2.05 17.98 -11.29
CA PHE D 375 1.94 16.60 -10.84
C PHE D 375 1.48 15.69 -11.97
N VAL D 376 0.48 16.14 -12.74
CA VAL D 376 -0.04 15.34 -13.84
C VAL D 376 1.04 15.11 -14.90
N MET D 377 1.78 16.16 -15.23
CA MET D 377 2.83 16.04 -16.23
C MET D 377 3.92 15.07 -15.76
N GLY D 378 4.32 15.18 -14.50
CA GLY D 378 5.31 14.25 -13.97
C GLY D 378 4.82 12.82 -13.98
N LEU D 379 3.55 12.61 -13.62
CA LEU D 379 2.98 11.26 -13.66
C LEU D 379 2.96 10.71 -15.08
N VAL D 380 2.60 11.55 -16.06
CA VAL D 380 2.60 11.13 -17.45
C VAL D 380 4.00 10.73 -17.88
N LYS D 381 5.00 11.56 -17.56
CA LYS D 381 6.36 11.26 -17.94
C LYS D 381 6.84 9.95 -17.31
N PHE D 382 6.56 9.76 -16.02
CA PHE D 382 6.99 8.53 -15.35
C PHE D 382 6.28 7.31 -15.93
N LEU D 383 4.98 7.42 -16.22
CA LEU D 383 4.26 6.31 -16.81
C LEU D 383 4.82 5.94 -18.17
N LEU D 384 5.20 6.94 -18.97
CA LEU D 384 5.89 6.65 -20.22
C LEU D 384 7.22 5.95 -19.97
N GLU D 385 7.94 6.38 -18.92
CA GLU D 385 9.20 5.73 -18.58
C GLU D 385 9.00 4.25 -18.23
N LEU D 386 7.87 3.92 -17.60
CA LEU D 386 7.57 2.56 -17.19
C LEU D 386 7.03 1.69 -18.31
N GLY D 387 6.77 2.25 -19.49
CA GLY D 387 6.14 1.50 -20.54
C GLY D 387 4.63 1.44 -20.45
N CYS D 388 4.03 2.23 -19.57
CA CYS D 388 2.58 2.31 -19.45
C CYS D 388 2.02 3.30 -20.46
N GLU D 389 0.70 3.25 -20.64
CA GLU D 389 0.00 4.12 -21.57
C GLU D 389 -0.92 5.06 -20.80
N PRO D 390 -0.61 6.34 -20.69
CA PRO D 390 -1.54 7.29 -20.04
C PRO D 390 -2.58 7.79 -21.03
N VAL D 391 -3.60 6.97 -21.28
CA VAL D 391 -4.53 7.23 -22.37
C VAL D 391 -5.36 8.48 -22.09
N HIS D 392 -5.84 8.66 -20.86
CA HIS D 392 -6.64 9.84 -20.53
C HIS D 392 -5.87 10.71 -19.56
N ILE D 393 -5.59 11.95 -19.95
CA ILE D 393 -4.83 12.87 -19.11
C ILE D 393 -5.69 14.12 -18.92
N LEU D 394 -6.25 14.29 -17.73
CA LEU D 394 -7.18 15.37 -17.45
C LEU D 394 -6.54 16.36 -16.48
N CYS D 395 -6.63 17.65 -16.81
CA CYS D 395 -6.19 18.72 -15.91
C CYS D 395 -7.24 19.82 -15.99
N HIS D 396 -8.07 19.91 -14.96
CA HIS D 396 -9.13 20.93 -14.95
C HIS D 396 -8.54 22.33 -14.99
N ASN D 397 -7.46 22.57 -14.24
CA ASN D 397 -6.84 23.88 -14.16
C ASN D 397 -5.63 24.02 -15.09
N GLY D 398 -5.51 23.16 -16.09
CA GLY D 398 -4.45 23.32 -17.06
C GLY D 398 -4.79 24.34 -18.13
N ASN D 399 -3.76 24.79 -18.85
CA ASN D 399 -3.92 25.79 -19.89
C ASN D 399 -3.40 25.24 -21.22
N LYS D 400 -3.50 26.07 -22.26
CA LYS D 400 -3.12 25.64 -23.61
C LYS D 400 -1.63 25.34 -23.72
N ARG D 401 -0.79 26.19 -23.12
CA ARG D 401 0.66 25.96 -23.20
C ARG D 401 1.07 24.70 -22.46
N TRP D 402 0.47 24.45 -21.30
CA TRP D 402 0.72 23.19 -20.59
C TRP D 402 0.29 22.00 -21.43
N LYS D 403 -0.86 22.10 -22.09
CA LYS D 403 -1.32 21.04 -22.97
C LYS D 403 -0.33 20.82 -24.11
N LYS D 404 0.23 21.90 -24.67
CA LYS D 404 1.24 21.76 -25.70
C LYS D 404 2.48 21.03 -25.18
N ALA D 405 2.93 21.39 -23.98
CA ALA D 405 4.11 20.75 -23.42
C ALA D 405 3.87 19.26 -23.19
N VAL D 406 2.70 18.91 -22.66
CA VAL D 406 2.40 17.49 -22.41
C VAL D 406 2.24 16.74 -23.72
N ASP D 407 1.65 17.38 -24.73
CA ASP D 407 1.52 16.74 -26.04
C ASP D 407 2.89 16.48 -26.65
N ALA D 408 3.82 17.43 -26.51
CA ALA D 408 5.18 17.22 -26.98
C ALA D 408 5.86 16.08 -26.22
N ILE D 409 5.61 15.98 -24.91
CA ILE D 409 6.16 14.88 -24.14
C ILE D 409 5.62 13.54 -24.65
N LEU D 410 4.31 13.48 -24.90
CA LEU D 410 3.71 12.25 -25.40
C LEU D 410 4.24 11.88 -26.78
N ALA D 411 4.44 12.88 -27.65
CA ALA D 411 4.96 12.61 -28.99
C ALA D 411 6.38 12.05 -28.97
N ALA D 412 7.14 12.32 -27.92
CA ALA D 412 8.52 11.84 -27.83
C ALA D 412 8.62 10.38 -27.40
N SER D 413 7.50 9.75 -27.05
CA SER D 413 7.51 8.38 -26.57
C SER D 413 6.57 7.53 -27.41
N PRO D 414 6.93 6.26 -27.66
CA PRO D 414 6.01 5.35 -28.37
C PRO D 414 4.74 5.06 -27.58
N TYR D 415 4.73 5.27 -26.28
CA TYR D 415 3.59 4.95 -25.44
C TYR D 415 2.66 6.14 -25.22
N GLY D 416 2.87 7.24 -25.94
CA GLY D 416 1.95 8.35 -25.94
C GLY D 416 1.06 8.45 -27.16
N LYS D 417 1.05 7.42 -28.02
CA LYS D 417 0.28 7.49 -29.26
C LYS D 417 -1.22 7.54 -28.99
N ASN D 418 -1.70 6.74 -28.03
CA ASN D 418 -3.11 6.66 -27.72
C ASN D 418 -3.53 7.60 -26.60
N ALA D 419 -2.72 8.61 -26.30
CA ALA D 419 -2.96 9.51 -25.18
C ALA D 419 -3.61 10.81 -25.65
N THR D 420 -4.58 11.28 -24.89
CA THR D 420 -5.21 12.56 -25.15
C THR D 420 -5.23 13.39 -23.87
N VAL D 421 -4.92 14.67 -24.03
CA VAL D 421 -4.85 15.63 -22.93
C VAL D 421 -6.07 16.53 -23.00
N TYR D 422 -6.79 16.62 -21.89
CA TYR D 422 -7.98 17.45 -21.75
C TYR D 422 -7.71 18.50 -20.69
N ILE D 423 -8.04 19.75 -21.00
CA ILE D 423 -7.93 20.85 -20.06
C ILE D 423 -9.28 21.52 -19.95
N GLY D 424 -9.61 22.01 -18.76
CA GLY D 424 -10.92 22.58 -18.53
C GLY D 424 -12.03 21.58 -18.39
N LYS D 425 -11.73 20.29 -18.34
CA LYS D 425 -12.72 19.25 -18.20
C LYS D 425 -12.75 18.76 -16.75
N ASP D 426 -13.94 18.36 -16.31
CA ASP D 426 -14.15 17.93 -14.94
C ASP D 426 -14.21 16.40 -14.88
N LEU D 427 -14.53 15.87 -13.71
CA LEU D 427 -14.51 14.43 -13.51
C LEU D 427 -15.73 13.73 -14.13
N TRP D 428 -16.79 14.47 -14.46
CA TRP D 428 -17.88 13.87 -15.23
C TRP D 428 -17.42 13.53 -16.64
N HIS D 429 -16.69 14.45 -17.28
CA HIS D 429 -16.03 14.16 -18.55
C HIS D 429 -15.17 12.91 -18.44
N LEU D 430 -14.41 12.79 -17.35
CA LEU D 430 -13.50 11.67 -17.21
C LEU D 430 -14.24 10.36 -16.95
N ARG D 431 -15.36 10.42 -16.24
CA ARG D 431 -16.17 9.21 -16.06
C ARG D 431 -16.71 8.73 -17.40
N SER D 432 -17.19 9.66 -18.23
CA SER D 432 -17.56 9.30 -19.59
C SER D 432 -16.37 8.69 -20.34
N LEU D 433 -15.19 9.29 -20.16
CA LEU D 433 -14.00 8.85 -20.87
C LEU D 433 -13.62 7.42 -20.51
N VAL D 434 -13.69 7.08 -19.22
CA VAL D 434 -13.35 5.73 -18.80
C VAL D 434 -14.48 4.75 -19.08
N PHE D 435 -15.69 5.24 -19.35
CA PHE D 435 -16.72 4.33 -19.84
C PHE D 435 -16.53 4.00 -21.32
N THR D 436 -16.21 5.01 -22.14
CA THR D 436 -16.18 4.81 -23.59
C THR D 436 -14.83 4.35 -24.12
N ASP D 437 -13.74 4.60 -23.39
CA ASP D 437 -12.42 4.10 -23.75
C ASP D 437 -11.78 3.62 -22.44
N LYS D 438 -12.06 2.37 -22.08
CA LYS D 438 -11.81 1.92 -20.72
C LYS D 438 -10.32 1.72 -20.49
N PRO D 439 -9.72 2.42 -19.52
CA PRO D 439 -8.36 2.09 -19.10
C PRO D 439 -8.39 0.96 -18.08
N ASP D 440 -7.19 0.46 -17.77
CA ASP D 440 -7.08 -0.58 -16.76
C ASP D 440 -7.22 -0.02 -15.36
N PHE D 441 -6.65 1.16 -15.11
CA PHE D 441 -6.76 1.81 -13.82
C PHE D 441 -6.90 3.31 -14.04
N MET D 442 -7.32 4.01 -12.99
CA MET D 442 -7.29 5.45 -12.98
C MET D 442 -6.55 5.92 -11.74
N ILE D 443 -5.76 6.99 -11.91
CA ILE D 443 -4.94 7.55 -10.84
C ILE D 443 -5.46 8.95 -10.54
N GLY D 444 -5.77 9.21 -9.28
CA GLY D 444 -6.31 10.50 -8.92
C GLY D 444 -6.63 10.55 -7.45
N ASN D 445 -7.37 11.60 -7.07
CA ASN D 445 -7.72 11.84 -5.68
C ASN D 445 -8.96 11.02 -5.30
N SER D 446 -9.49 11.28 -4.11
CA SER D 446 -10.56 10.44 -3.56
C SER D 446 -11.84 10.53 -4.38
N TYR D 447 -12.08 11.66 -5.04
CA TYR D 447 -13.30 11.82 -5.81
C TYR D 447 -13.44 10.74 -6.88
N GLY D 448 -12.32 10.30 -7.45
CA GLY D 448 -12.36 9.24 -8.44
C GLY D 448 -13.02 7.97 -7.96
N LYS D 449 -13.08 7.76 -6.64
CA LYS D 449 -13.77 6.60 -6.11
C LYS D 449 -15.18 6.50 -6.67
N PHE D 450 -15.87 7.64 -6.79
CA PHE D 450 -17.24 7.60 -7.31
C PHE D 450 -17.26 7.07 -8.73
N ILE D 451 -16.30 7.51 -9.55
CA ILE D 451 -16.20 6.97 -10.91
C ILE D 451 -16.03 5.46 -10.86
N GLN D 452 -15.16 4.98 -9.96
CA GLN D 452 -15.00 3.54 -9.82
C GLN D 452 -16.33 2.88 -9.50
N ARG D 453 -17.07 3.45 -8.53
CA ARG D 453 -18.38 2.93 -8.20
C ARG D 453 -19.24 2.85 -9.45
N ASP D 454 -19.26 3.94 -10.23
CA ASP D 454 -20.08 3.96 -11.43
C ASP D 454 -19.67 2.84 -12.38
N THR D 455 -18.35 2.64 -12.57
CA THR D 455 -17.91 1.61 -13.48
C THR D 455 -18.35 0.24 -12.99
N LEU D 456 -18.29 0.02 -11.67
CA LEU D 456 -18.70 -1.28 -11.14
C LEU D 456 -20.19 -1.51 -11.37
N HIS D 457 -20.98 -0.46 -11.54
CA HIS D 457 -22.39 -0.67 -11.81
C HIS D 457 -22.62 -1.17 -13.23
N LYS D 458 -21.73 -0.83 -14.16
CA LYS D 458 -21.85 -1.41 -15.50
C LYS D 458 -21.45 -2.87 -15.51
N GLY D 459 -20.68 -3.31 -14.54
CA GLY D 459 -20.25 -4.70 -14.44
C GLY D 459 -18.87 -4.78 -13.84
N LYS D 460 -18.53 -6.00 -13.41
CA LYS D 460 -17.20 -6.23 -12.88
C LYS D 460 -16.14 -6.12 -13.96
N GLU D 461 -16.45 -6.53 -15.18
CA GLU D 461 -15.50 -6.46 -16.29
C GLU D 461 -15.26 -5.04 -16.78
N PHE D 462 -16.14 -4.09 -16.42
CA PHE D 462 -15.95 -2.70 -16.80
C PHE D 462 -15.41 -1.84 -15.66
N GLU D 463 -15.28 -2.39 -14.46
CA GLU D 463 -14.84 -1.60 -13.32
C GLU D 463 -13.40 -1.14 -13.51
N VAL D 464 -13.17 0.16 -13.33
CA VAL D 464 -11.86 0.77 -13.42
C VAL D 464 -11.40 1.08 -11.99
N PRO D 465 -10.47 0.32 -11.42
CA PRO D 465 -10.03 0.60 -10.05
C PRO D 465 -9.31 1.93 -9.96
N LEU D 466 -9.44 2.56 -8.80
CA LEU D 466 -8.82 3.86 -8.53
C LEU D 466 -7.54 3.66 -7.75
N ILE D 467 -6.46 4.27 -8.22
CA ILE D 467 -5.21 4.35 -7.50
C ILE D 467 -5.11 5.75 -6.93
N ARG D 468 -4.96 5.86 -5.61
CA ARG D 468 -5.12 7.12 -4.89
C ARG D 468 -3.78 7.83 -4.80
N ILE D 469 -3.52 8.70 -5.78
CA ILE D 469 -2.38 9.60 -5.75
C ILE D 469 -2.86 10.99 -6.15
N GLY D 470 -2.56 11.98 -5.32
CA GLY D 470 -2.96 13.33 -5.59
C GLY D 470 -3.57 13.97 -4.37
N PHE D 471 -4.39 14.99 -4.60
CA PHE D 471 -5.02 15.76 -3.55
C PHE D 471 -6.45 16.08 -3.96
N PRO D 472 -7.41 15.94 -3.04
CA PRO D 472 -7.26 15.44 -1.67
C PRO D 472 -7.54 13.95 -1.54
N ILE D 473 -6.98 13.29 -0.54
CA ILE D 473 -7.27 11.89 -0.26
C ILE D 473 -7.95 11.83 1.10
N PHE D 474 -9.26 11.59 1.10
CA PHE D 474 -10.06 11.64 2.32
C PHE D 474 -10.41 10.28 2.87
N ASP D 475 -10.52 9.26 2.02
CA ASP D 475 -11.01 7.95 2.41
C ASP D 475 -9.88 6.99 2.77
N ARG D 476 -8.64 7.45 2.80
CA ARG D 476 -7.51 6.66 3.28
C ARG D 476 -6.77 7.45 4.35
N HIS D 477 -6.04 6.74 5.18
CA HIS D 477 -5.32 7.33 6.30
C HIS D 477 -3.84 7.40 5.99
N HIS D 478 -3.24 8.56 6.26
CA HIS D 478 -1.79 8.76 6.28
C HIS D 478 -1.13 8.62 4.92
N LEU D 479 -1.89 8.72 3.83
CA LEU D 479 -1.28 8.75 2.51
C LEU D 479 -0.62 10.08 2.21
N HIS D 480 -0.98 11.13 2.95
CA HIS D 480 -0.31 12.42 2.80
C HIS D 480 1.16 12.34 3.20
N ARG D 481 1.56 11.30 3.92
CA ARG D 481 2.95 11.09 4.30
C ARG D 481 3.80 10.52 3.17
N SER D 482 3.19 10.15 2.04
CA SER D 482 3.90 9.52 0.95
C SER D 482 4.79 10.53 0.21
N THR D 483 5.53 10.02 -0.76
CA THR D 483 6.41 10.82 -1.60
C THR D 483 6.09 10.55 -3.06
N THR D 484 6.16 11.59 -3.89
CA THR D 484 6.04 11.43 -5.34
C THR D 484 7.20 12.04 -6.11
N LEU D 485 8.04 12.85 -5.49
CA LEU D 485 9.19 13.44 -6.17
C LEU D 485 10.45 12.63 -5.91
N GLY D 486 11.40 12.76 -6.82
CA GLY D 486 12.69 12.11 -6.68
C GLY D 486 12.62 10.62 -6.98
N TYR D 487 13.77 9.98 -6.80
CA TYR D 487 13.84 8.53 -6.98
C TYR D 487 12.99 7.81 -5.95
N GLU D 488 12.96 8.31 -4.71
CA GLU D 488 12.14 7.68 -3.68
C GLU D 488 10.65 7.78 -4.02
N GLY D 489 10.21 8.95 -4.50
CA GLY D 489 8.84 9.10 -4.92
C GLY D 489 8.50 8.20 -6.10
N ALA D 490 9.42 8.10 -7.06
CA ALA D 490 9.21 7.21 -8.19
C ALA D 490 9.12 5.76 -7.72
N MET D 491 9.93 5.37 -6.74
CA MET D 491 9.87 4.01 -6.21
C MET D 491 8.53 3.74 -5.54
N GLN D 492 8.04 4.69 -4.74
CA GLN D 492 6.75 4.52 -4.09
C GLN D 492 5.63 4.43 -5.11
N ILE D 493 5.67 5.28 -6.14
CA ILE D 493 4.64 5.25 -7.17
C ILE D 493 4.68 3.93 -7.94
N LEU D 494 5.88 3.47 -8.28
CA LEU D 494 6.03 2.19 -8.97
C LEU D 494 5.49 1.05 -8.14
N THR D 495 5.83 1.03 -6.85
CA THR D 495 5.33 -0.02 -5.96
C THR D 495 3.81 0.00 -5.91
N THR D 496 3.23 1.20 -5.75
CA THR D 496 1.78 1.31 -5.71
C THR D 496 1.15 0.81 -7.00
N LEU D 497 1.71 1.20 -8.15
CA LEU D 497 1.13 0.81 -9.43
C LEU D 497 1.22 -0.70 -9.64
N VAL D 498 2.41 -1.27 -9.46
CA VAL D 498 2.57 -2.70 -9.74
C VAL D 498 1.76 -3.53 -8.77
N ASN D 499 1.68 -3.12 -7.50
CA ASN D 499 0.91 -3.90 -6.54
C ASN D 499 -0.59 -3.70 -6.71
N SER D 500 -1.02 -2.54 -7.21
CA SER D 500 -2.42 -2.39 -7.59
C SER D 500 -2.77 -3.32 -8.74
N ILE D 501 -1.90 -3.41 -9.74
CA ILE D 501 -2.11 -4.35 -10.84
C ILE D 501 -2.17 -5.78 -10.32
N LEU D 502 -1.25 -6.14 -9.42
CA LEU D 502 -1.19 -7.52 -8.95
C LEU D 502 -2.36 -7.86 -8.04
N GLU D 503 -2.81 -6.92 -7.21
CA GLU D 503 -4.00 -7.15 -6.40
C GLU D 503 -5.24 -7.28 -7.28
N ARG D 504 -5.34 -6.47 -8.33
CA ARG D 504 -6.45 -6.61 -9.27
C ARG D 504 -6.43 -7.98 -9.94
N LEU D 505 -5.25 -8.43 -10.37
CA LEU D 505 -5.15 -9.73 -11.00
C LEU D 505 -5.48 -10.86 -10.02
N ASP D 506 -5.05 -10.74 -8.78
CA ASP D 506 -5.38 -11.73 -7.76
C ASP D 506 -6.88 -11.78 -7.52
N GLU D 507 -7.53 -10.62 -7.48
CA GLU D 507 -8.98 -10.60 -7.31
C GLU D 507 -9.67 -11.24 -8.51
N GLU D 508 -9.20 -10.96 -9.72
CA GLU D 508 -9.82 -11.51 -10.92
C GLU D 508 -9.53 -13.00 -11.12
N THR D 509 -8.61 -13.57 -10.35
CA THR D 509 -8.29 -15.00 -10.46
C THR D 509 -8.54 -15.74 -9.15
N ARG D 510 -9.41 -15.24 -8.29
CA ARG D 510 -9.64 -15.84 -6.98
C ARG D 510 -10.76 -16.87 -6.99
N GLY D 511 -11.51 -17.01 -8.08
CA GLY D 511 -12.61 -17.96 -8.10
C GLY D 511 -12.17 -19.40 -8.30
N MET D 512 -12.35 -20.23 -7.28
CA MET D 512 -11.93 -21.63 -7.38
C MET D 512 -12.69 -22.36 -8.48
N GLN D 513 -11.94 -23.14 -9.26
CA GLN D 513 -12.44 -23.95 -10.38
C GLN D 513 -12.99 -23.08 -11.52
N ALA D 514 -12.91 -21.76 -11.40
CA ALA D 514 -13.33 -20.85 -12.45
C ALA D 514 -12.18 -20.06 -13.03
N THR D 515 -11.44 -19.32 -12.19
CA THR D 515 -10.31 -18.54 -12.66
C THR D 515 -9.05 -18.76 -11.85
N ASP D 516 -9.09 -19.60 -10.82
CA ASP D 516 -7.95 -19.78 -9.93
C ASP D 516 -6.80 -20.54 -10.57
N TYR D 517 -6.94 -21.02 -11.81
CA TYR D 517 -5.82 -21.62 -12.50
C TYR D 517 -4.67 -20.62 -12.67
N ASN D 518 -4.99 -19.33 -12.72
CA ASN D 518 -3.99 -18.27 -12.79
C ASN D 518 -3.75 -17.61 -11.44
N HIS D 519 -4.25 -18.19 -10.35
CA HIS D 519 -4.02 -17.65 -9.02
C HIS D 519 -2.62 -18.07 -8.54
N ASP D 520 -1.62 -17.50 -9.19
CA ASP D 520 -0.24 -17.90 -8.96
C ASP D 520 0.28 -17.41 -7.63
N LEU D 521 1.04 -18.26 -6.95
CA LEU D 521 1.73 -17.82 -5.74
C LEU D 521 2.87 -16.87 -6.07
N VAL D 522 3.56 -17.11 -7.18
CA VAL D 522 4.72 -16.35 -7.58
C VAL D 522 4.34 -15.44 -8.75
N ARG D 523 4.50 -14.14 -8.56
CA ARG D 523 4.22 -13.17 -9.61
C ARG D 523 5.43 -12.30 -9.88
N ALA E 2 44.35 -34.72 34.83
CA ALA E 2 43.01 -35.28 34.91
C ALA E 2 42.24 -35.10 33.61
N MET E 3 41.01 -35.61 33.59
CA MET E 3 40.11 -35.51 32.44
C MET E 3 40.75 -36.10 31.18
N ARG E 4 40.94 -37.41 31.23
CA ARG E 4 41.44 -38.18 30.11
C ARG E 4 40.26 -38.79 29.36
N GLN E 5 40.19 -38.53 28.06
CA GLN E 5 39.08 -38.96 27.23
C GLN E 5 39.53 -40.05 26.27
N CYS E 6 39.00 -41.25 26.44
CA CYS E 6 39.39 -42.41 25.67
C CYS E 6 38.18 -42.98 24.93
N ALA E 7 38.44 -43.52 23.74
CA ALA E 7 37.43 -44.12 22.89
C ALA E 7 37.82 -45.57 22.64
N ILE E 8 36.95 -46.49 23.01
CA ILE E 8 37.20 -47.92 22.91
C ILE E 8 36.53 -48.41 21.63
N TYR E 9 37.35 -48.84 20.68
CA TYR E 9 36.95 -49.39 19.40
C TYR E 9 37.52 -50.79 19.25
N GLY E 10 37.17 -51.44 18.16
CA GLY E 10 37.69 -52.76 17.87
C GLY E 10 36.67 -53.59 17.12
N LYS E 11 37.11 -54.77 16.71
CA LYS E 11 36.27 -55.71 15.97
C LYS E 11 35.01 -56.02 16.77
N GLY E 12 33.90 -56.21 16.06
CA GLY E 12 32.64 -56.51 16.70
C GLY E 12 32.69 -57.72 17.62
N GLY E 13 32.12 -57.58 18.82
CA GLY E 13 32.08 -58.66 19.77
C GLY E 13 33.41 -59.09 20.33
N ILE E 14 34.48 -58.34 20.06
CA ILE E 14 35.80 -58.71 20.55
C ILE E 14 35.96 -58.50 22.04
N GLY E 15 34.98 -57.86 22.69
CA GLY E 15 35.03 -57.67 24.13
C GLY E 15 35.32 -56.24 24.53
N LYS E 16 34.85 -55.27 23.74
CA LYS E 16 35.07 -53.88 24.06
C LYS E 16 34.31 -53.45 25.30
N SER E 17 33.02 -53.78 25.37
CA SER E 17 32.21 -53.36 26.51
C SER E 17 32.65 -54.04 27.80
N THR E 18 32.91 -55.36 27.73
CA THR E 18 33.29 -56.09 28.93
C THR E 18 34.64 -55.61 29.46
N THR E 19 35.63 -55.50 28.57
CA THR E 19 36.95 -55.03 29.00
C THR E 19 36.88 -53.59 29.48
N THR E 20 36.08 -52.75 28.81
CA THR E 20 35.94 -51.36 29.23
C THR E 20 35.34 -51.27 30.62
N GLN E 21 34.29 -52.05 30.89
CA GLN E 21 33.67 -52.01 32.21
C GLN E 21 34.61 -52.54 33.29
N ASN E 22 35.33 -53.63 33.01
CA ASN E 22 36.27 -54.15 34.00
C ASN E 22 37.41 -53.16 34.25
N LEU E 23 37.94 -52.54 33.19
CA LEU E 23 38.97 -51.52 33.35
C LEU E 23 38.46 -50.33 34.12
N VAL E 24 37.21 -49.93 33.88
CA VAL E 24 36.63 -48.81 34.60
C VAL E 24 36.45 -49.15 36.07
N ALA E 25 36.03 -50.38 36.38
CA ALA E 25 35.92 -50.80 37.77
C ALA E 25 37.29 -50.78 38.46
N ALA E 26 38.33 -51.25 37.76
CA ALA E 26 39.67 -51.21 38.31
C ALA E 26 40.12 -49.77 38.55
N LEU E 27 39.85 -48.87 37.61
CA LEU E 27 40.23 -47.48 37.77
C LEU E 27 39.45 -46.80 38.89
N ALA E 28 38.19 -47.16 39.08
CA ALA E 28 37.39 -46.55 40.13
C ALA E 28 37.78 -47.06 41.50
N GLU E 29 38.25 -48.31 41.59
CA GLU E 29 38.74 -48.79 42.88
C GLU E 29 40.03 -48.10 43.29
N MET E 30 40.73 -47.45 42.36
CA MET E 30 41.90 -46.63 42.66
C MET E 30 41.55 -45.18 42.91
N GLY E 31 40.29 -44.89 43.27
CA GLY E 31 39.91 -43.53 43.60
C GLY E 31 39.79 -42.58 42.43
N LYS E 32 39.77 -43.10 41.21
CA LYS E 32 39.65 -42.26 40.03
C LYS E 32 38.18 -42.13 39.62
N LYS E 33 37.75 -40.90 39.35
CA LYS E 33 36.37 -40.62 38.98
C LYS E 33 36.22 -40.79 37.48
N VAL E 34 35.38 -41.73 37.06
CA VAL E 34 35.24 -42.08 35.66
C VAL E 34 33.77 -42.01 35.26
N MET E 35 33.54 -41.81 33.96
CA MET E 35 32.20 -41.80 33.39
C MET E 35 32.22 -42.58 32.08
N ILE E 36 31.24 -43.48 31.93
CA ILE E 36 31.15 -44.34 30.76
C ILE E 36 30.03 -43.84 29.87
N VAL E 37 30.36 -43.54 28.62
CA VAL E 37 29.39 -43.18 27.59
C VAL E 37 29.31 -44.33 26.60
N GLY E 38 28.14 -44.95 26.51
CA GLY E 38 27.94 -46.01 25.55
C GLY E 38 27.39 -45.48 24.25
N CYS E 39 28.17 -45.59 23.17
CA CYS E 39 27.77 -45.12 21.85
C CYS E 39 27.28 -46.26 20.96
N ASP E 40 26.63 -47.24 21.57
CA ASP E 40 26.04 -48.38 20.89
C ASP E 40 24.53 -48.32 21.09
N PRO E 41 23.73 -48.45 20.04
CA PRO E 41 22.27 -48.47 20.23
C PRO E 41 21.81 -49.56 21.19
N LYS E 42 22.54 -50.68 21.24
CA LYS E 42 22.45 -51.60 22.36
C LYS E 42 23.07 -50.92 23.58
N ALA E 43 22.22 -50.50 24.52
CA ALA E 43 22.71 -49.83 25.73
C ALA E 43 23.24 -50.86 26.74
N ASP E 44 24.19 -51.67 26.28
CA ASP E 44 24.72 -52.79 27.06
C ASP E 44 26.11 -52.54 27.61
N SER E 45 26.64 -51.32 27.47
CA SER E 45 27.99 -51.01 27.92
C SER E 45 28.05 -50.49 29.35
N THR E 46 26.92 -50.43 30.06
CA THR E 46 26.90 -50.00 31.44
C THR E 46 26.16 -50.99 32.34
N ARG E 47 25.93 -52.21 31.87
CA ARG E 47 25.14 -53.17 32.65
C ARG E 47 25.93 -53.69 33.84
N LEU E 48 27.20 -54.04 33.65
CA LEU E 48 28.00 -54.59 34.72
C LEU E 48 28.39 -53.54 35.76
N ILE E 49 28.15 -52.27 35.48
CA ILE E 49 28.41 -51.21 36.45
C ILE E 49 27.15 -50.84 37.22
N LEU E 50 26.01 -50.76 36.54
CA LEU E 50 24.74 -50.44 37.18
C LEU E 50 24.02 -51.68 37.70
N HIS E 51 24.55 -52.87 37.46
CA HIS E 51 23.94 -54.15 37.85
C HIS E 51 22.55 -54.31 37.25
N SER E 52 22.22 -53.54 36.22
CA SER E 52 20.96 -53.67 35.52
C SER E 52 21.11 -53.00 34.16
N LYS E 53 20.21 -53.36 33.25
CA LYS E 53 20.18 -52.70 31.95
C LYS E 53 19.75 -51.25 32.14
N ALA E 54 20.52 -50.32 31.56
CA ALA E 54 20.18 -48.92 31.67
C ALA E 54 18.95 -48.63 30.83
N GLN E 55 17.77 -48.69 31.45
CA GLN E 55 16.53 -48.51 30.70
C GLN E 55 16.44 -47.10 30.12
N ASN E 56 16.81 -46.09 30.91
CA ASN E 56 16.76 -44.71 30.43
C ASN E 56 17.99 -44.42 29.59
N THR E 57 17.77 -44.05 28.34
CA THR E 57 18.83 -43.65 27.43
C THR E 57 18.50 -42.27 26.87
N ILE E 58 19.53 -41.60 26.35
CA ILE E 58 19.37 -40.23 25.90
C ILE E 58 18.34 -40.15 24.77
N MET E 59 18.44 -41.06 23.79
CA MET E 59 17.54 -40.99 22.64
C MET E 59 16.11 -41.32 23.03
N GLU E 60 15.92 -42.37 23.82
CA GLU E 60 14.57 -42.74 24.25
C GLU E 60 13.94 -41.65 25.11
N MET E 61 14.72 -41.09 26.05
CA MET E 61 14.22 -40.02 26.89
C MET E 61 13.87 -38.79 26.07
N ALA E 62 14.72 -38.45 25.08
CA ALA E 62 14.45 -37.31 24.23
C ALA E 62 13.20 -37.51 23.41
N ALA E 63 13.02 -38.69 22.83
CA ALA E 63 11.82 -38.96 22.04
C ALA E 63 10.57 -38.92 22.92
N GLU E 64 10.65 -39.48 24.13
CA GLU E 64 9.50 -39.44 25.03
C GLU E 64 9.20 -38.02 25.51
N ALA E 65 10.24 -37.25 25.84
CA ALA E 65 10.10 -35.95 26.45
C ALA E 65 10.19 -34.81 25.43
N GLY E 66 9.74 -35.04 24.20
CA GLY E 66 9.77 -34.01 23.18
C GLY E 66 11.02 -34.06 22.34
N THR E 67 11.99 -33.22 22.65
CA THR E 67 13.30 -33.23 22.01
C THR E 67 14.39 -33.37 23.07
N VAL E 68 15.63 -33.38 22.61
CA VAL E 68 16.76 -33.57 23.52
C VAL E 68 17.00 -32.36 24.41
N GLU E 69 16.50 -31.18 24.01
CA GLU E 69 16.74 -29.98 24.80
C GLU E 69 15.93 -30.03 26.11
N ASP E 70 14.74 -30.62 26.07
CA ASP E 70 13.92 -30.74 27.27
C ASP E 70 14.51 -31.67 28.31
N LEU E 71 15.52 -32.46 27.95
CA LEU E 71 16.07 -33.44 28.87
C LEU E 71 16.93 -32.79 29.94
N GLU E 72 17.22 -33.55 31.00
CA GLU E 72 18.14 -33.15 32.05
C GLU E 72 19.17 -34.24 32.23
N LEU E 73 20.37 -33.85 32.67
CA LEU E 73 21.45 -34.81 32.84
C LEU E 73 21.11 -35.85 33.90
N GLU E 74 20.51 -35.42 35.01
CA GLU E 74 20.21 -36.34 36.09
C GLU E 74 19.28 -37.47 35.67
N ASP E 75 18.50 -37.27 34.62
CA ASP E 75 17.59 -38.31 34.13
C ASP E 75 18.29 -39.33 33.26
N VAL E 76 19.52 -39.08 32.81
CA VAL E 76 20.24 -40.02 31.96
C VAL E 76 21.59 -40.36 32.57
N LEU E 77 22.14 -39.44 33.36
CA LEU E 77 23.43 -39.64 34.02
C LEU E 77 23.18 -40.17 35.42
N LYS E 78 23.50 -41.45 35.64
CA LYS E 78 23.23 -42.12 36.91
C LYS E 78 24.50 -42.79 37.41
N ALA E 79 24.71 -42.76 38.71
CA ALA E 79 25.88 -43.38 39.32
C ALA E 79 25.69 -44.88 39.44
N GLY E 80 26.78 -45.56 39.78
CA GLY E 80 26.78 -47.02 39.89
C GLY E 80 27.79 -47.48 40.89
N TYR E 81 28.38 -48.65 40.64
CA TYR E 81 29.35 -49.21 41.56
C TYR E 81 30.60 -48.34 41.59
N GLY E 82 31.02 -47.96 42.80
CA GLY E 82 32.24 -47.20 42.97
C GLY E 82 32.24 -45.82 42.36
N GLY E 83 31.10 -45.14 42.37
CA GLY E 83 31.04 -43.78 41.88
C GLY E 83 31.24 -43.63 40.39
N VAL E 84 31.01 -44.69 39.62
CA VAL E 84 31.16 -44.63 38.16
C VAL E 84 29.87 -44.07 37.57
N LYS E 85 29.94 -42.83 37.07
CA LYS E 85 28.81 -42.28 36.34
C LYS E 85 28.60 -43.04 35.04
N CYS E 86 27.34 -43.34 34.74
CA CYS E 86 27.01 -44.12 33.55
C CYS E 86 25.93 -43.40 32.74
N VAL E 87 26.18 -43.22 31.45
CA VAL E 87 25.20 -42.72 30.51
C VAL E 87 25.25 -43.59 29.27
N GLU E 88 24.13 -43.65 28.56
CA GLU E 88 24.05 -44.44 27.34
C GLU E 88 23.33 -43.65 26.26
N SER E 89 23.95 -43.57 25.08
CA SER E 89 23.23 -43.10 23.91
C SER E 89 22.15 -44.10 23.55
N GLY E 90 20.96 -43.63 23.25
CA GLY E 90 19.89 -44.54 22.89
C GLY E 90 20.03 -45.04 21.48
N GLY E 91 18.97 -45.63 20.95
CA GLY E 91 18.97 -46.07 19.59
C GLY E 91 17.72 -46.83 19.23
N PRO E 92 17.49 -47.01 17.94
CA PRO E 92 16.35 -47.81 17.49
C PRO E 92 16.60 -49.29 17.72
N GLU E 93 15.54 -50.07 17.55
CA GLU E 93 15.70 -51.51 17.43
C GLU E 93 16.47 -51.80 16.15
N PRO E 94 17.14 -52.95 16.07
CA PRO E 94 17.94 -53.25 14.87
C PRO E 94 17.10 -53.22 13.61
N GLY E 95 17.73 -52.76 12.53
CA GLY E 95 17.12 -52.80 11.21
C GLY E 95 16.22 -51.64 10.87
N VAL E 96 16.18 -50.59 11.70
CA VAL E 96 15.31 -49.45 11.46
C VAL E 96 16.01 -48.18 11.93
N GLY E 97 15.55 -47.05 11.39
CA GLY E 97 16.06 -45.76 11.82
C GLY E 97 17.49 -45.52 11.42
N CYS E 98 18.19 -44.72 12.23
CA CYS E 98 19.58 -44.35 11.95
C CYS E 98 20.26 -44.11 13.30
N ALA E 99 20.99 -45.12 13.77
CA ALA E 99 21.56 -45.04 15.12
C ALA E 99 22.74 -44.07 15.19
N GLY E 100 23.46 -43.89 14.08
CA GLY E 100 24.57 -42.96 14.08
C GLY E 100 24.16 -41.54 14.38
N ARG E 101 23.03 -41.11 13.80
CA ARG E 101 22.50 -39.79 14.11
C ARG E 101 22.10 -39.69 15.58
N GLY E 102 21.57 -40.78 16.13
CA GLY E 102 21.25 -40.79 17.55
C GLY E 102 22.49 -40.63 18.41
N VAL E 103 23.59 -41.28 18.04
CA VAL E 103 24.83 -41.13 18.79
C VAL E 103 25.35 -39.70 18.69
N ILE E 104 25.29 -39.11 17.49
CA ILE E 104 25.69 -37.71 17.32
C ILE E 104 24.90 -36.81 18.25
N THR E 105 23.58 -36.97 18.25
CA THR E 105 22.72 -36.11 19.04
C THR E 105 22.95 -36.31 20.53
N ALA E 106 23.13 -37.56 20.96
CA ALA E 106 23.38 -37.84 22.37
C ALA E 106 24.68 -37.20 22.85
N ILE E 107 25.73 -37.32 22.03
CA ILE E 107 27.02 -36.76 22.44
C ILE E 107 26.97 -35.24 22.43
N ASN E 108 26.28 -34.65 21.45
CA ASN E 108 26.07 -33.21 21.46
C ASN E 108 25.31 -32.77 22.70
N PHE E 109 24.31 -33.55 23.11
CA PHE E 109 23.55 -33.22 24.32
C PHE E 109 24.44 -33.28 25.55
N LEU E 110 25.28 -34.32 25.65
CA LEU E 110 26.19 -34.40 26.78
C LEU E 110 27.14 -33.20 26.82
N GLU E 111 27.67 -32.81 25.66
CA GLU E 111 28.55 -31.65 25.60
C GLU E 111 27.81 -30.37 26.01
N GLU E 112 26.61 -30.17 25.50
CA GLU E 112 25.88 -28.93 25.75
C GLU E 112 25.40 -28.83 27.18
N GLU E 113 25.10 -29.96 27.83
CA GLU E 113 24.61 -29.96 29.19
C GLU E 113 25.72 -29.95 30.23
N GLY E 114 26.98 -29.98 29.80
CA GLY E 114 28.07 -29.92 30.75
C GLY E 114 28.34 -31.19 31.51
N ALA E 115 28.07 -32.35 30.91
CA ALA E 115 28.40 -33.61 31.56
C ALA E 115 29.89 -33.75 31.80
N TYR E 116 30.71 -33.09 30.98
CA TYR E 116 32.16 -33.10 31.15
C TYR E 116 32.60 -32.01 32.14
N GLU E 117 32.17 -32.20 33.39
CA GLU E 117 32.54 -31.28 34.46
C GLU E 117 33.97 -31.56 34.92
N ASP E 118 34.38 -30.89 35.99
CA ASP E 118 35.67 -31.15 36.60
C ASP E 118 35.56 -32.40 37.48
N ASP E 119 36.60 -32.66 38.27
CA ASP E 119 36.72 -33.85 39.12
C ASP E 119 36.16 -35.08 38.42
N LEU E 120 36.64 -35.32 37.20
CA LEU E 120 36.31 -36.51 36.43
C LEU E 120 37.59 -36.92 35.70
N ASP E 121 38.23 -37.98 36.19
CA ASP E 121 39.53 -38.35 35.67
C ASP E 121 39.44 -38.99 34.30
N PHE E 122 38.39 -39.78 34.05
CA PHE E 122 38.29 -40.56 32.83
C PHE E 122 36.90 -40.47 32.24
N VAL E 123 36.84 -40.37 30.91
CA VAL E 123 35.59 -40.50 30.16
C VAL E 123 35.84 -41.54 29.07
N PHE E 124 35.14 -42.66 29.17
CA PHE E 124 35.33 -43.79 28.25
C PHE E 124 34.14 -43.91 27.33
N TYR E 125 34.37 -43.78 26.03
CA TYR E 125 33.34 -43.95 25.01
C TYR E 125 33.44 -45.36 24.47
N ASP E 126 32.54 -46.25 24.91
CA ASP E 126 32.51 -47.59 24.34
C ASP E 126 31.70 -47.55 23.05
N VAL E 127 32.36 -47.76 21.91
CA VAL E 127 31.67 -47.67 20.63
C VAL E 127 31.46 -49.08 20.10
N LEU E 128 30.44 -49.23 19.25
CA LEU E 128 30.19 -50.51 18.62
C LEU E 128 31.30 -50.88 17.65
N GLY E 129 31.33 -52.17 17.27
CA GLY E 129 32.42 -52.67 16.45
C GLY E 129 32.35 -52.29 14.99
N ASP E 130 31.15 -52.09 14.46
CA ASP E 130 30.95 -51.80 13.04
C ASP E 130 30.71 -50.31 12.89
N VAL E 131 31.79 -49.55 12.71
CA VAL E 131 31.68 -48.10 12.56
C VAL E 131 31.27 -47.83 11.13
N VAL E 132 29.95 -47.75 10.89
CA VAL E 132 29.41 -47.73 9.54
C VAL E 132 29.24 -46.33 8.99
N CYS E 133 29.30 -45.31 9.83
CA CYS E 133 29.04 -43.95 9.39
C CYS E 133 29.87 -42.99 10.22
N GLY E 134 29.84 -41.71 9.84
CA GLY E 134 30.53 -40.70 10.62
C GLY E 134 29.95 -40.54 12.01
N GLY E 135 28.67 -40.88 12.19
CA GLY E 135 28.04 -40.71 13.48
C GLY E 135 28.73 -41.48 14.59
N PHE E 136 29.08 -42.74 14.32
CA PHE E 136 29.77 -43.55 15.32
C PHE E 136 31.23 -43.15 15.48
N ALA E 137 31.74 -42.28 14.63
CA ALA E 137 33.03 -41.62 14.84
C ALA E 137 32.88 -40.33 15.61
N MET E 138 31.68 -40.03 16.10
CA MET E 138 31.47 -38.85 16.94
C MET E 138 32.41 -38.81 18.14
N PRO E 139 32.69 -39.90 18.87
CA PRO E 139 33.63 -39.79 19.99
C PRO E 139 35.01 -39.29 19.61
N ILE E 140 35.52 -39.60 18.43
CA ILE E 140 36.88 -39.18 18.06
C ILE E 140 36.86 -37.88 17.25
N ARG E 141 35.78 -37.12 17.34
CA ARG E 141 35.78 -35.78 16.77
C ARG E 141 36.69 -34.86 17.60
N GLU E 142 36.98 -33.69 17.05
CA GLU E 142 37.88 -32.76 17.72
C GLU E 142 37.34 -32.38 19.09
N ASN E 143 38.24 -32.36 20.08
CA ASN E 143 37.96 -31.98 21.45
C ASN E 143 36.99 -32.93 22.15
N LYS E 144 36.87 -34.17 21.67
CA LYS E 144 35.92 -35.12 22.24
C LYS E 144 36.61 -36.30 22.90
N ALA E 145 37.46 -37.03 22.16
CA ALA E 145 38.27 -38.09 22.75
C ALA E 145 39.71 -37.91 22.28
N GLN E 146 40.65 -38.08 23.20
CA GLN E 146 42.06 -37.87 22.92
C GLN E 146 42.81 -39.17 22.65
N GLU E 147 42.46 -40.25 23.33
CA GLU E 147 43.14 -41.53 23.16
C GLU E 147 42.17 -42.54 22.55
N ILE E 148 42.68 -43.38 21.65
CA ILE E 148 41.89 -44.45 21.04
C ILE E 148 42.51 -45.77 21.45
N TYR E 149 41.70 -46.66 22.03
CA TYR E 149 42.14 -48.00 22.38
C TYR E 149 41.38 -48.99 21.50
N ILE E 150 42.12 -49.76 20.71
CA ILE E 150 41.55 -50.74 19.79
C ILE E 150 41.75 -52.12 20.37
N VAL E 151 40.66 -52.79 20.68
CA VAL E 151 40.70 -54.18 21.17
C VAL E 151 40.76 -55.10 19.97
N CYS E 152 41.74 -56.02 19.98
CA CYS E 152 41.94 -56.95 18.88
C CYS E 152 42.21 -58.34 19.45
N SER E 153 42.44 -59.29 18.56
CA SER E 153 42.81 -60.65 18.93
C SER E 153 43.58 -61.27 17.78
N GLY E 154 44.04 -62.50 17.98
CA GLY E 154 44.89 -63.14 16.99
C GLY E 154 44.19 -63.60 15.74
N GLU E 155 42.85 -63.55 15.71
CA GLU E 155 42.11 -63.92 14.52
C GLU E 155 42.46 -63.00 13.37
N MET E 156 42.40 -63.54 12.15
CA MET E 156 42.65 -62.72 10.97
C MET E 156 41.59 -61.62 10.84
N MET E 157 40.33 -61.97 11.08
CA MET E 157 39.25 -60.98 10.97
C MET E 157 39.42 -59.87 11.99
N ALA E 158 39.82 -60.20 13.23
CA ALA E 158 39.99 -59.17 14.24
C ALA E 158 41.10 -58.19 13.87
N MET E 159 42.22 -58.72 13.37
CA MET E 159 43.32 -57.84 12.98
C MET E 159 42.97 -57.02 11.76
N TYR E 160 42.23 -57.60 10.81
CA TYR E 160 41.77 -56.84 9.67
C TYR E 160 40.83 -55.72 10.10
N ALA E 161 39.95 -56.00 11.07
CA ALA E 161 39.04 -54.98 11.56
C ALA E 161 39.80 -53.87 12.28
N ALA E 162 40.82 -54.24 13.08
CA ALA E 162 41.63 -53.22 13.74
C ALA E 162 42.36 -52.34 12.72
N ASN E 163 42.90 -52.95 11.68
CA ASN E 163 43.59 -52.17 10.64
C ASN E 163 42.62 -51.28 9.89
N ASN E 164 41.42 -51.78 9.59
CA ASN E 164 40.40 -50.96 8.93
C ASN E 164 39.98 -49.78 9.82
N ILE E 165 39.84 -50.04 11.12
CA ILE E 165 39.49 -48.97 12.06
C ILE E 165 40.60 -47.93 12.11
N SER E 166 41.86 -48.37 12.04
CA SER E 166 42.98 -47.42 11.98
C SER E 166 42.92 -46.58 10.71
N LYS E 167 42.60 -47.22 9.58
CA LYS E 167 42.43 -46.49 8.33
C LYS E 167 41.36 -45.42 8.47
N GLY E 168 40.24 -45.76 9.11
CA GLY E 168 39.22 -44.76 9.38
C GLY E 168 39.67 -43.69 10.35
N ILE E 169 40.51 -44.05 11.32
CA ILE E 169 40.98 -43.10 12.32
C ILE E 169 41.86 -42.03 11.67
N VAL E 170 42.64 -42.43 10.66
CA VAL E 170 43.67 -41.55 10.10
C VAL E 170 43.14 -40.15 9.80
N LYS E 171 41.93 -40.06 9.23
CA LYS E 171 41.40 -38.75 8.85
C LYS E 171 41.14 -37.88 10.07
N TYR E 172 40.61 -38.46 11.16
CA TYR E 172 40.37 -37.67 12.36
C TYR E 172 41.67 -37.34 13.07
N ALA E 173 42.62 -38.27 13.05
CA ALA E 173 43.92 -38.03 13.68
C ALA E 173 44.65 -36.88 13.01
N ASN E 174 44.59 -36.81 11.67
CA ASN E 174 45.19 -35.67 10.98
C ASN E 174 44.35 -34.40 11.18
N SER E 175 43.03 -34.54 11.24
CA SER E 175 42.18 -33.36 11.39
C SER E 175 42.34 -32.72 12.76
N GLY E 176 42.46 -33.53 13.80
CA GLY E 176 42.50 -33.04 15.16
C GLY E 176 43.72 -33.56 15.91
N SER E 177 43.53 -33.75 17.22
CA SER E 177 44.59 -34.17 18.11
C SER E 177 44.36 -35.56 18.68
N VAL E 178 43.48 -36.34 18.07
CA VAL E 178 43.20 -37.69 18.55
C VAL E 178 44.27 -38.64 18.04
N ARG E 179 44.73 -39.54 18.91
CA ARG E 179 45.81 -40.46 18.60
C ARG E 179 45.43 -41.87 19.06
N LEU E 180 46.25 -42.83 18.66
CA LEU E 180 46.05 -44.24 18.99
C LEU E 180 46.94 -44.59 20.18
N GLY E 181 46.33 -44.78 21.34
CA GLY E 181 47.10 -45.09 22.53
C GLY E 181 47.78 -46.46 22.47
N GLY E 182 47.04 -47.47 22.02
CA GLY E 182 47.59 -48.81 21.96
C GLY E 182 46.53 -49.83 21.65
N LEU E 183 46.99 -51.07 21.49
CA LEU E 183 46.14 -52.20 21.13
C LEU E 183 45.95 -53.10 22.34
N ILE E 184 44.80 -53.01 22.99
CA ILE E 184 44.44 -53.97 24.02
C ILE E 184 44.12 -55.29 23.34
N CYS E 185 44.67 -56.38 23.87
CA CYS E 185 44.46 -57.71 23.29
C CYS E 185 43.56 -58.52 24.21
N ASN E 186 42.47 -59.04 23.64
CA ASN E 186 41.60 -60.00 24.30
C ASN E 186 41.93 -61.38 23.76
N SER E 187 42.36 -62.28 24.64
CA SER E 187 42.79 -63.60 24.20
C SER E 187 41.63 -64.37 23.59
N ARG E 188 41.87 -64.94 22.41
CA ARG E 188 40.92 -65.85 21.78
C ARG E 188 41.51 -67.25 21.64
N ASN E 189 42.66 -67.51 22.27
CA ASN E 189 43.32 -68.81 22.26
C ASN E 189 43.66 -69.25 20.84
N THR E 190 44.48 -68.42 20.19
CA THR E 190 44.93 -68.65 18.83
C THR E 190 46.44 -68.91 18.82
N ASP E 191 46.90 -69.62 17.79
CA ASP E 191 48.32 -69.87 17.63
C ASP E 191 49.07 -68.55 17.45
N ARG E 192 50.04 -68.30 18.31
CA ARG E 192 50.87 -67.09 18.27
C ARG E 192 50.00 -65.83 18.32
N GLU E 193 49.05 -65.81 19.25
CA GLU E 193 48.18 -64.65 19.41
C GLU E 193 48.97 -63.41 19.79
N ASP E 194 49.79 -63.52 20.85
CA ASP E 194 50.56 -62.37 21.30
C ASP E 194 51.56 -61.92 20.24
N GLU E 195 52.19 -62.87 19.54
CA GLU E 195 53.11 -62.53 18.47
C GLU E 195 52.39 -61.77 17.36
N LEU E 196 51.21 -62.23 16.96
CA LEU E 196 50.46 -61.56 15.92
C LEU E 196 50.07 -60.15 16.33
N ILE E 197 49.59 -59.97 17.57
CA ILE E 197 49.19 -58.65 18.01
C ILE E 197 50.40 -57.72 18.08
N ILE E 198 51.52 -58.20 18.60
CA ILE E 198 52.71 -57.36 18.71
C ILE E 198 53.22 -56.95 17.33
N ALA E 199 53.26 -57.90 16.39
CA ALA E 199 53.70 -57.58 15.04
C ALA E 199 52.77 -56.57 14.38
N LEU E 200 51.46 -56.74 14.54
CA LEU E 200 50.52 -55.81 13.93
C LEU E 200 50.65 -54.42 14.57
N ALA E 201 50.84 -54.36 15.88
CA ALA E 201 51.04 -53.08 16.55
C ALA E 201 52.30 -52.39 16.06
N ASN E 202 53.38 -53.14 15.88
CA ASN E 202 54.61 -52.56 15.35
C ASN E 202 54.41 -52.05 13.94
N LYS E 203 53.69 -52.81 13.10
CA LYS E 203 53.43 -52.35 11.74
C LYS E 203 52.57 -51.09 11.72
N LEU E 204 51.61 -51.00 12.63
CA LEU E 204 50.79 -49.80 12.75
C LEU E 204 51.57 -48.64 13.37
N GLY E 205 52.69 -48.91 14.02
CA GLY E 205 53.42 -47.89 14.72
C GLY E 205 53.00 -47.70 16.16
N THR E 206 52.44 -48.73 16.79
CA THR E 206 51.94 -48.61 18.15
C THR E 206 52.39 -49.81 18.96
N GLN E 207 51.85 -49.98 20.17
CA GLN E 207 52.19 -51.09 21.05
C GLN E 207 50.96 -51.93 21.33
N MET E 208 51.19 -53.10 21.90
CA MET E 208 50.12 -53.93 22.44
C MET E 208 50.11 -53.76 23.95
N ILE E 209 48.99 -53.29 24.49
CA ILE E 209 48.89 -52.96 25.90
C ILE E 209 48.16 -54.11 26.59
N HIS E 210 48.94 -54.93 27.31
CA HIS E 210 48.41 -55.90 28.27
C HIS E 210 47.42 -56.88 27.63
N PHE E 211 47.99 -57.77 26.80
CA PHE E 211 47.28 -58.95 26.36
C PHE E 211 46.50 -59.57 27.51
N VAL E 212 45.18 -59.66 27.35
CA VAL E 212 44.26 -60.07 28.42
C VAL E 212 43.89 -61.53 28.19
N PRO E 213 44.10 -62.41 29.16
CA PRO E 213 43.78 -63.83 28.96
C PRO E 213 42.28 -64.08 28.94
N ARG E 214 41.92 -65.18 28.27
CA ARG E 214 40.54 -65.64 28.19
C ARG E 214 40.24 -66.49 29.42
N ASP E 215 39.31 -66.03 30.26
CA ASP E 215 38.95 -66.74 31.48
C ASP E 215 37.45 -66.65 31.68
N ASN E 216 36.86 -67.76 32.16
CA ASN E 216 35.43 -67.82 32.39
C ASN E 216 34.98 -67.13 33.67
N VAL E 217 35.91 -66.69 34.51
CA VAL E 217 35.52 -65.85 35.64
C VAL E 217 34.83 -64.60 35.13
N VAL E 218 35.27 -64.09 33.97
CA VAL E 218 34.61 -62.94 33.36
C VAL E 218 33.17 -63.28 32.99
N GLN E 219 32.97 -64.44 32.36
CA GLN E 219 31.61 -64.85 31.99
C GLN E 219 30.72 -64.98 33.23
N ARG E 220 31.24 -65.58 34.29
CA ARG E 220 30.47 -65.72 35.52
C ARG E 220 30.13 -64.37 36.11
N ALA E 221 31.13 -63.50 36.26
CA ALA E 221 30.89 -62.19 36.87
C ALA E 221 29.86 -61.41 36.07
N GLU E 222 29.98 -61.43 34.75
CA GLU E 222 29.06 -60.66 33.91
C GLU E 222 27.68 -61.29 33.86
N ILE E 223 27.57 -62.60 34.06
CA ILE E 223 26.24 -63.22 34.16
C ILE E 223 25.59 -62.89 35.50
N ARG E 224 26.39 -62.62 36.54
CA ARG E 224 25.84 -62.11 37.79
C ARG E 224 25.71 -60.60 37.80
N ARG E 225 25.65 -59.96 36.62
CA ARG E 225 25.33 -58.55 36.49
C ARG E 225 26.35 -57.65 37.19
N MET E 226 27.62 -58.01 37.10
CA MET E 226 28.66 -57.19 37.72
C MET E 226 29.98 -57.43 37.01
N THR E 227 30.92 -56.52 37.26
CA THR E 227 32.29 -56.71 36.81
C THR E 227 32.98 -57.74 37.69
N VAL E 228 34.14 -58.20 37.24
CA VAL E 228 34.91 -59.19 37.99
C VAL E 228 35.33 -58.62 39.34
N ILE E 229 35.64 -57.32 39.39
CA ILE E 229 36.08 -56.69 40.63
C ILE E 229 34.99 -56.80 41.69
N GLU E 230 33.74 -56.54 41.32
CA GLU E 230 32.65 -56.72 42.27
C GLU E 230 32.48 -58.18 42.66
N TYR E 231 32.76 -59.10 41.74
CA TYR E 231 32.49 -60.52 41.97
C TYR E 231 33.60 -61.18 42.77
N ASP E 232 34.80 -61.22 42.21
CA ASP E 232 35.94 -61.88 42.86
C ASP E 232 37.14 -60.94 42.78
N PRO E 233 37.29 -60.03 43.75
CA PRO E 233 38.44 -59.12 43.72
C PRO E 233 39.78 -59.82 43.75
N LYS E 234 39.88 -60.97 44.42
CA LYS E 234 41.14 -61.68 44.55
C LYS E 234 41.40 -62.66 43.41
N ALA E 235 40.51 -62.71 42.42
CA ALA E 235 40.71 -63.61 41.29
C ALA E 235 41.86 -63.14 40.41
N LYS E 236 42.40 -64.08 39.62
CA LYS E 236 43.51 -63.76 38.73
C LYS E 236 43.12 -62.71 37.71
N GLN E 237 41.92 -62.85 37.12
CA GLN E 237 41.51 -61.89 36.10
C GLN E 237 41.25 -60.51 36.69
N ALA E 238 40.85 -60.43 37.97
CA ALA E 238 40.72 -59.13 38.61
C ALA E 238 42.07 -58.43 38.71
N ASP E 239 43.11 -59.17 39.09
CA ASP E 239 44.45 -58.61 39.10
C ASP E 239 44.91 -58.24 37.70
N GLU E 240 44.52 -59.03 36.70
CA GLU E 240 44.85 -58.67 35.32
C GLU E 240 44.18 -57.37 34.91
N TYR E 241 42.94 -57.15 35.34
CA TYR E 241 42.27 -55.90 35.03
C TYR E 241 42.89 -54.73 35.78
N ARG E 242 43.37 -54.97 37.01
CA ARG E 242 44.13 -53.95 37.71
C ARG E 242 45.40 -53.59 36.94
N ALA E 243 46.11 -54.60 36.43
CA ALA E 243 47.31 -54.35 35.65
C ALA E 243 46.98 -53.58 34.37
N LEU E 244 45.87 -53.94 33.72
CA LEU E 244 45.45 -53.21 32.53
C LEU E 244 45.16 -51.76 32.84
N ALA E 245 44.47 -51.50 33.95
CA ALA E 245 44.20 -50.12 34.35
C ALA E 245 45.50 -49.36 34.62
N ARG E 246 46.45 -50.00 35.30
CA ARG E 246 47.73 -49.35 35.58
C ARG E 246 48.49 -49.04 34.30
N LYS E 247 48.48 -49.98 33.34
CA LYS E 247 49.18 -49.74 32.08
C LYS E 247 48.47 -48.68 31.24
N VAL E 248 47.14 -48.54 31.41
CA VAL E 248 46.43 -47.48 30.72
C VAL E 248 46.80 -46.11 31.31
N VAL E 249 46.88 -46.03 32.64
CA VAL E 249 47.18 -44.75 33.28
C VAL E 249 48.55 -44.23 32.84
N ASP E 250 49.55 -45.11 32.86
CA ASP E 250 50.93 -44.74 32.53
C ASP E 250 51.25 -45.09 31.07
N ASN E 251 50.56 -44.43 30.15
CA ASN E 251 50.78 -44.64 28.73
C ASN E 251 51.05 -43.31 28.06
N LYS E 252 52.05 -43.28 27.18
CA LYS E 252 52.44 -42.05 26.49
C LYS E 252 52.67 -42.25 25.00
N LEU E 253 52.39 -43.45 24.47
CA LEU E 253 52.56 -43.72 23.05
C LEU E 253 51.27 -43.36 22.34
N LEU E 254 51.20 -42.12 21.86
CA LEU E 254 50.04 -41.62 21.13
C LEU E 254 50.50 -41.26 19.72
N VAL E 255 50.07 -42.06 18.74
CA VAL E 255 50.58 -41.96 17.38
C VAL E 255 49.43 -41.92 16.39
N ILE E 256 49.70 -41.40 15.21
CA ILE E 256 48.81 -41.52 14.06
C ILE E 256 49.12 -42.84 13.36
N PRO E 257 48.17 -43.77 13.29
CA PRO E 257 48.50 -45.09 12.75
C PRO E 257 48.89 -45.02 11.28
N ASN E 258 49.84 -45.87 10.90
CA ASN E 258 50.22 -46.04 9.51
C ASN E 258 49.68 -47.39 9.05
N PRO E 259 48.41 -47.46 8.67
CA PRO E 259 47.79 -48.76 8.40
C PRO E 259 48.41 -49.45 7.20
N ILE E 260 48.45 -50.76 7.27
CA ILE E 260 49.10 -51.59 6.27
C ILE E 260 48.06 -52.12 5.31
N THR E 261 48.48 -52.33 4.07
CA THR E 261 47.57 -52.78 3.03
C THR E 261 47.19 -54.24 3.24
N MET E 262 46.33 -54.76 2.36
CA MET E 262 45.89 -56.14 2.46
C MET E 262 47.06 -57.10 2.24
N ASP E 263 47.95 -56.77 1.32
CA ASP E 263 49.11 -57.61 1.05
C ASP E 263 50.01 -57.71 2.26
N GLU E 264 50.30 -56.58 2.90
CA GLU E 264 51.14 -56.59 4.09
C GLU E 264 50.47 -57.34 5.23
N LEU E 265 49.14 -57.22 5.32
CA LEU E 265 48.41 -58.00 6.32
C LEU E 265 48.57 -59.49 6.08
N GLU E 266 48.47 -59.92 4.83
CA GLU E 266 48.64 -61.34 4.53
C GLU E 266 50.06 -61.80 4.83
N GLU E 267 51.06 -60.97 4.52
CA GLU E 267 52.44 -61.31 4.89
C GLU E 267 52.58 -61.44 6.41
N LEU E 268 51.94 -60.55 7.16
CA LEU E 268 51.98 -60.66 8.62
C LEU E 268 51.34 -61.97 9.08
N LEU E 269 50.23 -62.37 8.44
CA LEU E 269 49.57 -63.61 8.83
C LEU E 269 50.44 -64.82 8.51
N MET E 270 51.12 -64.83 7.38
CA MET E 270 52.02 -65.94 7.08
C MET E 270 53.23 -65.94 8.00
N GLU E 271 53.72 -64.77 8.38
CA GLU E 271 54.94 -64.71 9.18
C GLU E 271 54.68 -65.11 10.63
N PHE E 272 53.56 -64.67 11.21
CA PHE E 272 53.29 -64.92 12.63
C PHE E 272 52.05 -65.76 12.89
N GLY E 273 51.28 -66.12 11.88
CA GLY E 273 50.08 -66.92 12.05
C GLY E 273 50.21 -68.38 11.68
N ILE E 274 51.43 -68.87 11.45
CA ILE E 274 51.67 -70.26 11.11
C ILE E 274 52.42 -70.92 12.26
N MET E 275 52.18 -72.22 12.44
CA MET E 275 52.73 -72.99 13.55
C MET E 275 52.22 -72.46 14.89
N ALA F 2 12.10 -72.51 -6.57
CA ALA F 2 13.44 -72.90 -6.15
C ALA F 2 14.20 -71.70 -5.59
N MET F 3 15.52 -71.84 -5.55
CA MET F 3 16.42 -70.74 -5.23
C MET F 3 16.10 -70.09 -3.90
N ARG F 4 16.38 -70.79 -2.81
CA ARG F 4 16.16 -70.24 -1.49
C ARG F 4 17.11 -69.09 -1.21
N GLN F 5 16.58 -68.02 -0.62
CA GLN F 5 17.34 -66.84 -0.26
C GLN F 5 17.39 -66.73 1.26
N CYS F 6 18.60 -66.70 1.81
CA CYS F 6 18.83 -66.68 3.24
C CYS F 6 19.73 -65.51 3.61
N ALA F 7 19.53 -65.00 4.82
CA ALA F 7 20.31 -63.88 5.35
C ALA F 7 20.94 -64.32 6.66
N ILE F 8 22.25 -64.11 6.77
CA ILE F 8 23.01 -64.49 7.95
C ILE F 8 23.21 -63.25 8.80
N TYR F 9 22.64 -63.29 10.01
CA TYR F 9 22.76 -62.25 11.02
C TYR F 9 23.36 -62.84 12.28
N GLY F 10 23.64 -61.97 13.24
CA GLY F 10 24.18 -62.43 14.51
C GLY F 10 24.99 -61.32 15.16
N LYS F 11 25.59 -61.69 16.29
CA LYS F 11 26.44 -60.76 17.02
C LYS F 11 27.70 -60.44 16.21
N GLY F 12 28.23 -59.25 16.43
CA GLY F 12 29.48 -58.89 15.78
C GLY F 12 30.59 -59.84 16.18
N GLY F 13 31.38 -60.25 15.19
CA GLY F 13 32.49 -61.14 15.44
C GLY F 13 32.11 -62.52 15.92
N ILE F 14 30.85 -62.91 15.78
CA ILE F 14 30.41 -64.25 16.20
C ILE F 14 30.75 -65.31 15.16
N GLY F 15 31.26 -64.91 14.00
CA GLY F 15 31.64 -65.82 12.96
C GLY F 15 30.67 -65.96 11.82
N LYS F 16 29.89 -64.92 11.51
CA LYS F 16 28.92 -65.02 10.42
C LYS F 16 29.61 -65.21 9.08
N SER F 17 30.65 -64.43 8.81
CA SER F 17 31.32 -64.52 7.52
C SER F 17 31.99 -65.88 7.34
N THR F 18 32.75 -66.31 8.35
CA THR F 18 33.47 -67.58 8.26
C THR F 18 32.49 -68.74 8.15
N THR F 19 31.45 -68.74 8.99
CA THR F 19 30.48 -69.83 8.97
C THR F 19 29.73 -69.87 7.65
N THR F 20 29.31 -68.72 7.14
CA THR F 20 28.57 -68.72 5.87
C THR F 20 29.46 -69.12 4.71
N GLN F 21 30.74 -68.75 4.73
CA GLN F 21 31.64 -69.13 3.64
C GLN F 21 31.92 -70.63 3.68
N ASN F 22 32.13 -71.20 4.86
CA ASN F 22 32.34 -72.63 4.96
C ASN F 22 31.07 -73.40 4.59
N LEU F 23 29.90 -72.88 4.99
CA LEU F 23 28.63 -73.47 4.61
C LEU F 23 28.46 -73.46 3.09
N VAL F 24 28.80 -72.34 2.44
CA VAL F 24 28.66 -72.25 0.99
C VAL F 24 29.64 -73.19 0.29
N ALA F 25 30.85 -73.33 0.84
CA ALA F 25 31.80 -74.29 0.28
C ALA F 25 31.26 -75.71 0.37
N ALA F 26 30.69 -76.07 1.52
CA ALA F 26 30.09 -77.39 1.67
C ALA F 26 28.88 -77.57 0.76
N LEU F 27 28.12 -76.50 0.52
CA LEU F 27 26.97 -76.58 -0.38
C LEU F 27 27.41 -76.80 -1.81
N ALA F 28 28.41 -76.05 -2.28
CA ALA F 28 28.95 -76.27 -3.60
C ALA F 28 29.58 -77.65 -3.73
N GLU F 29 30.11 -78.18 -2.62
CA GLU F 29 30.58 -79.57 -2.62
C GLU F 29 29.43 -80.53 -2.90
N MET F 30 28.24 -80.24 -2.39
CA MET F 30 27.05 -81.04 -2.64
C MET F 30 26.39 -80.72 -3.98
N GLY F 31 27.10 -80.06 -4.89
CA GLY F 31 26.58 -79.76 -6.20
C GLY F 31 25.56 -78.64 -6.26
N LYS F 32 25.53 -77.76 -5.27
CA LYS F 32 24.56 -76.67 -5.21
C LYS F 32 25.20 -75.39 -5.73
N LYS F 33 24.51 -74.72 -6.66
CA LYS F 33 24.98 -73.43 -7.18
C LYS F 33 24.58 -72.34 -6.19
N VAL F 34 25.59 -71.72 -5.56
CA VAL F 34 25.37 -70.76 -4.49
C VAL F 34 25.86 -69.39 -4.94
N MET F 35 25.27 -68.36 -4.35
CA MET F 35 25.73 -66.99 -4.52
C MET F 35 25.85 -66.32 -3.15
N ILE F 36 26.89 -65.53 -2.98
CA ILE F 36 27.16 -64.83 -1.73
C ILE F 36 27.13 -63.34 -1.98
N VAL F 37 26.28 -62.62 -1.25
CA VAL F 37 26.25 -61.18 -1.26
C VAL F 37 26.68 -60.70 0.13
N GLY F 38 27.78 -59.98 0.18
CA GLY F 38 28.27 -59.47 1.44
C GLY F 38 27.76 -58.06 1.70
N CYS F 39 26.86 -57.92 2.67
CA CYS F 39 26.29 -56.61 3.02
C CYS F 39 27.03 -56.02 4.22
N ASP F 40 28.33 -55.79 4.03
CA ASP F 40 29.22 -55.29 5.05
C ASP F 40 30.15 -54.26 4.41
N PRO F 41 30.33 -53.08 5.00
CA PRO F 41 31.27 -52.11 4.43
C PRO F 41 32.67 -52.68 4.28
N LYS F 42 33.12 -53.51 5.21
CA LYS F 42 34.30 -54.32 4.98
C LYS F 42 33.98 -55.38 3.95
N ALA F 43 34.78 -55.46 2.89
CA ALA F 43 34.53 -56.45 1.86
C ALA F 43 35.15 -57.78 2.24
N ASP F 44 34.86 -58.25 3.45
CA ASP F 44 35.52 -59.43 4.01
C ASP F 44 34.64 -60.66 4.00
N SER F 45 33.43 -60.57 3.45
CA SER F 45 32.53 -61.73 3.41
C SER F 45 32.92 -62.74 2.35
N THR F 46 33.89 -62.43 1.49
CA THR F 46 34.25 -63.32 0.40
C THR F 46 35.78 -63.37 0.27
N ARG F 47 36.48 -63.54 1.39
CA ARG F 47 37.92 -63.74 1.28
C ARG F 47 38.28 -65.21 1.07
N LEU F 48 37.55 -66.12 1.72
CA LEU F 48 37.88 -67.53 1.61
C LEU F 48 37.47 -68.10 0.26
N ILE F 49 36.27 -67.74 -0.23
CA ILE F 49 35.78 -68.30 -1.48
C ILE F 49 36.57 -67.77 -2.66
N LEU F 50 36.83 -66.46 -2.70
CA LEU F 50 37.60 -65.87 -3.78
C LEU F 50 39.11 -66.04 -3.60
N HIS F 51 39.54 -66.55 -2.45
CA HIS F 51 40.95 -66.77 -2.12
C HIS F 51 41.75 -65.47 -2.08
N SER F 52 41.08 -64.33 -2.04
CA SER F 52 41.72 -63.03 -1.97
C SER F 52 40.68 -62.02 -1.53
N LYS F 53 41.17 -60.84 -1.10
CA LYS F 53 40.26 -59.76 -0.76
C LYS F 53 39.52 -59.29 -2.00
N ALA F 54 38.20 -59.13 -1.87
CA ALA F 54 37.40 -58.68 -2.99
C ALA F 54 37.80 -57.27 -3.40
N GLN F 55 38.35 -57.15 -4.61
CA GLN F 55 38.85 -55.89 -5.11
C GLN F 55 37.87 -55.18 -6.03
N ASN F 56 36.68 -55.75 -6.23
CA ASN F 56 35.65 -55.16 -7.09
C ASN F 56 34.32 -55.19 -6.36
N THR F 57 34.06 -54.16 -5.56
CA THR F 57 32.79 -54.02 -4.87
C THR F 57 31.86 -53.12 -5.66
N ILE F 58 30.56 -53.25 -5.39
CA ILE F 58 29.57 -52.48 -6.14
C ILE F 58 29.79 -50.99 -5.95
N MET F 59 30.01 -50.56 -4.71
CA MET F 59 30.18 -49.14 -4.46
C MET F 59 31.48 -48.60 -5.06
N GLU F 60 32.55 -49.39 -4.98
CA GLU F 60 33.82 -48.96 -5.57
C GLU F 60 33.71 -48.79 -7.07
N MET F 61 33.13 -49.78 -7.76
CA MET F 61 32.99 -49.68 -9.20
C MET F 61 31.98 -48.61 -9.61
N ALA F 62 30.98 -48.36 -8.77
CA ALA F 62 30.03 -47.29 -9.06
C ALA F 62 30.69 -45.92 -8.95
N ALA F 63 31.51 -45.73 -7.90
CA ALA F 63 32.20 -44.46 -7.75
C ALA F 63 33.27 -44.27 -8.82
N GLU F 64 33.93 -45.36 -9.22
CA GLU F 64 34.98 -45.28 -10.24
C GLU F 64 34.42 -45.13 -11.65
N ALA F 65 33.10 -45.28 -11.84
CA ALA F 65 32.48 -45.15 -13.14
C ALA F 65 31.36 -44.11 -13.14
N GLY F 66 31.42 -43.14 -12.21
CA GLY F 66 30.38 -42.14 -12.14
C GLY F 66 29.29 -42.51 -11.15
N THR F 67 28.19 -43.06 -11.66
CA THR F 67 27.04 -43.42 -10.84
C THR F 67 26.74 -44.91 -11.00
N VAL F 68 25.92 -45.43 -10.10
CA VAL F 68 25.57 -46.84 -10.11
C VAL F 68 24.78 -47.22 -11.35
N GLU F 69 24.18 -46.26 -12.04
CA GLU F 69 23.43 -46.55 -13.25
C GLU F 69 24.33 -46.73 -14.47
N ASP F 70 25.63 -46.54 -14.31
CA ASP F 70 26.61 -46.80 -15.36
C ASP F 70 27.52 -47.95 -14.98
N LEU F 71 26.94 -49.00 -14.41
CA LEU F 71 27.68 -50.17 -13.95
C LEU F 71 27.03 -51.42 -14.53
N GLU F 72 27.82 -52.48 -14.62
CA GLU F 72 27.35 -53.76 -15.16
C GLU F 72 27.68 -54.89 -14.21
N LEU F 73 26.94 -55.98 -14.36
CA LEU F 73 27.05 -57.11 -13.43
C LEU F 73 28.42 -57.75 -13.46
N GLU F 74 28.98 -57.96 -14.66
CA GLU F 74 30.22 -58.70 -14.78
C GLU F 74 31.41 -57.93 -14.19
N ASP F 75 31.25 -56.64 -13.93
CA ASP F 75 32.33 -55.88 -13.32
C ASP F 75 32.48 -56.20 -11.83
N VAL F 76 31.38 -56.58 -11.17
CA VAL F 76 31.41 -56.81 -9.74
C VAL F 76 31.19 -58.28 -9.37
N LEU F 77 30.48 -59.05 -10.19
CA LEU F 77 30.19 -60.44 -9.89
C LEU F 77 31.35 -61.32 -10.33
N LYS F 78 31.86 -62.12 -9.40
CA LYS F 78 32.99 -63.01 -9.66
C LYS F 78 32.71 -64.37 -9.06
N ALA F 79 33.38 -65.39 -9.59
CA ALA F 79 33.21 -66.76 -9.15
C ALA F 79 34.47 -67.26 -8.46
N GLY F 80 34.28 -68.09 -7.43
CA GLY F 80 35.39 -68.62 -6.67
C GLY F 80 35.39 -70.13 -6.57
N TYR F 81 35.64 -70.64 -5.36
CA TYR F 81 35.66 -72.08 -5.15
C TYR F 81 34.29 -72.68 -5.40
N GLY F 82 34.26 -73.85 -6.03
CA GLY F 82 33.01 -74.52 -6.32
C GLY F 82 32.12 -73.79 -7.29
N GLY F 83 32.66 -72.84 -8.05
CA GLY F 83 31.86 -72.06 -8.97
C GLY F 83 30.90 -71.10 -8.30
N VAL F 84 31.11 -70.80 -7.02
CA VAL F 84 30.20 -69.92 -6.28
C VAL F 84 30.38 -68.49 -6.78
N LYS F 85 29.31 -67.93 -7.35
CA LYS F 85 29.33 -66.54 -7.76
C LYS F 85 29.35 -65.65 -6.53
N CYS F 86 30.23 -64.65 -6.52
CA CYS F 86 30.46 -63.83 -5.35
C CYS F 86 30.43 -62.36 -5.74
N VAL F 87 29.61 -61.58 -5.05
CA VAL F 87 29.55 -60.14 -5.22
C VAL F 87 29.54 -59.52 -3.84
N GLU F 88 30.20 -58.38 -3.69
CA GLU F 88 30.38 -57.74 -2.40
C GLU F 88 29.86 -56.30 -2.47
N SER F 89 28.94 -55.97 -1.58
CA SER F 89 28.59 -54.57 -1.36
C SER F 89 29.78 -53.87 -0.73
N GLY F 90 30.17 -52.73 -1.29
CA GLY F 90 31.30 -52.02 -0.74
C GLY F 90 30.93 -51.20 0.47
N GLY F 91 31.44 -49.98 0.54
CA GLY F 91 31.14 -49.11 1.64
C GLY F 91 32.35 -48.33 2.09
N PRO F 92 32.14 -47.37 2.98
CA PRO F 92 33.23 -46.49 3.39
C PRO F 92 34.19 -47.19 4.36
N GLU F 93 35.37 -46.59 4.49
CA GLU F 93 36.22 -46.93 5.62
C GLU F 93 35.53 -46.48 6.90
N PRO F 94 35.85 -47.11 8.03
CA PRO F 94 35.09 -46.84 9.26
C PRO F 94 35.09 -45.37 9.63
N GLY F 95 33.97 -44.91 10.17
CA GLY F 95 33.87 -43.58 10.71
C GLY F 95 33.51 -42.48 9.74
N VAL F 96 33.06 -42.82 8.53
CA VAL F 96 32.74 -41.83 7.51
C VAL F 96 31.63 -42.40 6.62
N GLY F 97 30.96 -41.51 5.90
CA GLY F 97 29.98 -41.95 4.93
C GLY F 97 28.75 -42.59 5.55
N CYS F 98 28.18 -43.54 4.82
CA CYS F 98 26.94 -44.20 5.23
C CYS F 98 26.94 -45.60 4.60
N ALA F 99 27.30 -46.61 5.39
CA ALA F 99 27.36 -47.96 4.86
C ALA F 99 25.98 -48.55 4.61
N GLY F 100 24.98 -48.09 5.36
CA GLY F 100 23.61 -48.52 5.09
C GLY F 100 23.15 -48.15 3.70
N ARG F 101 23.44 -46.92 3.28
CA ARG F 101 23.14 -46.52 1.91
C ARG F 101 23.95 -47.32 0.89
N GLY F 102 25.19 -47.67 1.23
CA GLY F 102 25.97 -48.52 0.34
C GLY F 102 25.32 -49.87 0.12
N VAL F 103 24.83 -50.48 1.21
CA VAL F 103 24.14 -51.76 1.08
C VAL F 103 22.83 -51.59 0.31
N ILE F 104 22.10 -50.51 0.56
CA ILE F 104 20.86 -50.26 -0.17
C ILE F 104 21.13 -50.17 -1.66
N THR F 105 22.13 -49.38 -2.04
CA THR F 105 22.47 -49.21 -3.45
C THR F 105 22.93 -50.52 -4.07
N ALA F 106 23.75 -51.29 -3.35
CA ALA F 106 24.23 -52.55 -3.88
C ALA F 106 23.09 -53.53 -4.12
N ILE F 107 22.17 -53.65 -3.17
CA ILE F 107 21.05 -54.59 -3.32
C ILE F 107 20.12 -54.12 -4.43
N ASN F 108 19.89 -52.81 -4.53
CA ASN F 108 19.04 -52.30 -5.60
C ASN F 108 19.68 -52.54 -6.97
N PHE F 109 21.00 -52.38 -7.06
CA PHE F 109 21.70 -52.68 -8.31
C PHE F 109 21.59 -54.14 -8.67
N LEU F 110 21.77 -55.03 -7.68
CA LEU F 110 21.68 -56.46 -7.96
C LEU F 110 20.28 -56.84 -8.42
N GLU F 111 19.25 -56.26 -7.78
CA GLU F 111 17.88 -56.53 -8.19
C GLU F 111 17.60 -56.04 -9.60
N GLU F 112 17.98 -54.79 -9.89
CA GLU F 112 17.65 -54.20 -11.18
C GLU F 112 18.39 -54.90 -12.32
N GLU F 113 19.63 -55.34 -12.08
CA GLU F 113 20.43 -55.98 -13.11
C GLU F 113 20.11 -57.46 -13.28
N GLY F 114 19.23 -58.02 -12.46
CA GLY F 114 18.96 -59.44 -12.53
C GLY F 114 20.16 -60.28 -12.16
N ALA F 115 20.82 -59.92 -11.07
CA ALA F 115 21.99 -60.66 -10.61
C ALA F 115 21.66 -62.08 -10.16
N TYR F 116 20.38 -62.39 -9.98
CA TYR F 116 19.97 -63.67 -9.44
C TYR F 116 19.38 -64.62 -10.48
N GLU F 117 18.96 -64.14 -11.65
CA GLU F 117 18.22 -64.97 -12.59
C GLU F 117 19.18 -65.97 -13.25
N ASP F 118 19.34 -67.11 -12.59
CA ASP F 118 20.21 -68.17 -13.06
C ASP F 118 19.67 -69.50 -12.54
N ASP F 119 20.48 -70.54 -12.64
CA ASP F 119 20.17 -71.83 -12.01
C ASP F 119 20.75 -71.85 -10.60
N LEU F 120 20.34 -70.85 -9.82
CA LEU F 120 20.83 -70.70 -8.46
C LEU F 120 19.91 -71.45 -7.51
N ASP F 121 20.53 -72.11 -6.52
CA ASP F 121 19.79 -72.82 -5.50
C ASP F 121 19.82 -72.13 -4.14
N PHE F 122 20.78 -71.23 -3.91
CA PHE F 122 20.94 -70.58 -2.62
C PHE F 122 21.59 -69.22 -2.82
N VAL F 123 21.04 -68.20 -2.20
CA VAL F 123 21.63 -66.87 -2.17
C VAL F 123 21.74 -66.44 -0.72
N PHE F 124 22.97 -66.25 -0.24
CA PHE F 124 23.23 -65.92 1.15
C PHE F 124 23.69 -64.48 1.26
N TYR F 125 22.99 -63.69 2.07
CA TYR F 125 23.38 -62.32 2.40
C TYR F 125 24.09 -62.34 3.74
N ASP F 126 25.41 -62.19 3.73
CA ASP F 126 26.16 -62.09 4.98
C ASP F 126 26.08 -60.65 5.48
N VAL F 127 25.35 -60.41 6.56
CA VAL F 127 25.21 -59.05 7.08
C VAL F 127 26.18 -58.88 8.23
N LEU F 128 26.49 -57.63 8.56
CA LEU F 128 27.32 -57.33 9.71
C LEU F 128 26.54 -57.57 11.00
N GLY F 129 27.23 -57.39 12.13
CA GLY F 129 26.64 -57.65 13.42
C GLY F 129 25.73 -56.56 13.94
N ASP F 130 26.17 -55.30 13.85
CA ASP F 130 25.41 -54.17 14.38
C ASP F 130 24.47 -53.65 13.31
N VAL F 131 23.27 -54.21 13.25
CA VAL F 131 22.23 -53.71 12.34
C VAL F 131 21.68 -52.44 12.96
N VAL F 132 22.18 -51.29 12.53
CA VAL F 132 21.89 -50.02 13.17
C VAL F 132 21.00 -49.13 12.33
N CYS F 133 20.56 -49.57 11.16
CA CYS F 133 19.72 -48.75 10.30
C CYS F 133 18.94 -49.66 9.37
N GLY F 134 18.01 -49.06 8.64
CA GLY F 134 17.17 -49.82 7.73
C GLY F 134 17.94 -50.48 6.61
N GLY F 135 19.05 -49.86 6.17
CA GLY F 135 19.80 -50.39 5.06
C GLY F 135 20.31 -51.80 5.30
N PHE F 136 20.79 -52.07 6.52
CA PHE F 136 21.28 -53.40 6.85
C PHE F 136 20.16 -54.39 7.09
N ALA F 137 18.91 -53.94 7.13
CA ALA F 137 17.76 -54.83 7.06
C ALA F 137 17.24 -54.96 5.63
N MET F 138 17.92 -54.35 4.66
CA MET F 138 17.55 -54.51 3.26
C MET F 138 17.52 -55.96 2.79
N PRO F 139 18.45 -56.84 3.18
CA PRO F 139 18.38 -58.23 2.69
C PRO F 139 17.11 -58.98 3.09
N ILE F 140 16.37 -58.51 4.10
CA ILE F 140 15.21 -59.27 4.56
C ILE F 140 13.91 -58.54 4.25
N ARG F 141 13.92 -57.69 3.23
CA ARG F 141 12.70 -57.03 2.78
C ARG F 141 11.90 -58.00 1.91
N GLU F 142 10.80 -57.51 1.34
CA GLU F 142 9.95 -58.34 0.50
C GLU F 142 10.65 -58.66 -0.81
N ASN F 143 10.42 -59.88 -1.32
CA ASN F 143 11.09 -60.39 -2.51
C ASN F 143 12.61 -60.42 -2.33
N LYS F 144 13.04 -60.63 -1.10
CA LYS F 144 14.45 -60.73 -0.74
C LYS F 144 14.60 -62.05 0.03
N ALA F 145 15.71 -62.19 0.75
CA ALA F 145 15.94 -63.36 1.59
C ALA F 145 14.69 -63.77 2.37
N GLN F 146 14.26 -65.01 2.18
CA GLN F 146 13.07 -65.52 2.84
C GLN F 146 13.37 -66.22 4.15
N GLU F 147 14.61 -66.70 4.34
CA GLU F 147 14.99 -67.30 5.61
C GLU F 147 16.10 -66.48 6.26
N ILE F 148 16.10 -66.46 7.58
CA ILE F 148 17.13 -65.77 8.36
C ILE F 148 17.76 -66.79 9.30
N TYR F 149 19.08 -66.83 9.31
CA TYR F 149 19.82 -67.63 10.28
C TYR F 149 20.67 -66.71 11.15
N ILE F 150 20.52 -66.84 12.46
CA ILE F 150 21.27 -66.06 13.43
C ILE F 150 22.34 -66.95 14.02
N VAL F 151 23.59 -66.46 14.01
CA VAL F 151 24.72 -67.16 14.58
C VAL F 151 24.96 -66.61 15.97
N CYS F 152 25.06 -67.49 16.96
CA CYS F 152 25.16 -67.09 18.36
C CYS F 152 26.18 -67.96 19.08
N SER F 153 26.34 -67.70 20.37
CA SER F 153 27.24 -68.46 21.22
C SER F 153 26.74 -68.35 22.66
N GLY F 154 27.44 -69.02 23.57
CA GLY F 154 26.98 -69.15 24.94
C GLY F 154 27.36 -68.06 25.91
N GLU F 155 28.04 -67.00 25.45
CA GLU F 155 28.27 -65.83 26.29
C GLU F 155 27.08 -64.90 26.16
N MET F 156 26.63 -64.35 27.30
CA MET F 156 25.28 -63.80 27.34
C MET F 156 25.15 -62.53 26.51
N MET F 157 26.27 -61.87 26.16
CA MET F 157 26.19 -60.73 25.26
C MET F 157 25.73 -61.15 23.88
N ALA F 158 26.24 -62.29 23.37
CA ALA F 158 25.78 -62.80 22.09
C ALA F 158 24.30 -63.20 22.16
N MET F 159 23.87 -63.74 23.31
CA MET F 159 22.47 -64.11 23.48
C MET F 159 21.57 -62.87 23.46
N TYR F 160 21.97 -61.82 24.19
CA TYR F 160 21.21 -60.58 24.16
C TYR F 160 21.20 -59.98 22.77
N ALA F 161 22.33 -60.07 22.06
CA ALA F 161 22.35 -59.62 20.68
C ALA F 161 21.31 -60.36 19.86
N ALA F 162 21.34 -61.70 19.91
CA ALA F 162 20.39 -62.49 19.13
C ALA F 162 18.95 -62.11 19.45
N ASN F 163 18.67 -61.84 20.72
CA ASN F 163 17.34 -61.37 21.11
C ASN F 163 17.03 -60.02 20.45
N ASN F 164 18.03 -59.12 20.41
CA ASN F 164 17.82 -57.81 19.80
C ASN F 164 17.59 -57.90 18.29
N ILE F 165 18.39 -58.72 17.59
CA ILE F 165 18.13 -58.96 16.17
C ILE F 165 16.77 -59.61 15.97
N SER F 166 16.31 -60.46 16.90
CA SER F 166 14.95 -60.97 16.79
C SER F 166 13.92 -59.85 16.89
N LYS F 167 14.12 -58.93 17.84
CA LYS F 167 13.23 -57.79 17.98
C LYS F 167 13.17 -56.99 16.68
N GLY F 168 14.33 -56.71 16.09
CA GLY F 168 14.36 -56.01 14.82
C GLY F 168 13.75 -56.81 13.68
N ILE F 169 13.91 -58.12 13.71
CA ILE F 169 13.42 -58.99 12.65
C ILE F 169 11.90 -59.03 12.64
N VAL F 170 11.27 -58.88 13.81
CA VAL F 170 9.82 -59.05 13.94
C VAL F 170 9.07 -58.13 12.97
N LYS F 171 9.51 -56.88 12.85
CA LYS F 171 8.78 -55.93 12.01
C LYS F 171 8.80 -56.33 10.54
N TYR F 172 9.94 -56.83 10.04
CA TYR F 172 9.98 -57.28 8.66
C TYR F 172 9.31 -58.64 8.48
N ALA F 173 9.29 -59.47 9.52
CA ALA F 173 8.56 -60.72 9.44
C ALA F 173 7.06 -60.49 9.30
N ASN F 174 6.54 -59.51 10.05
CA ASN F 174 5.11 -59.18 9.91
C ASN F 174 4.84 -58.43 8.62
N SER F 175 5.71 -57.49 8.25
CA SER F 175 5.48 -56.69 7.06
C SER F 175 5.62 -57.52 5.78
N GLY F 176 6.39 -58.62 5.83
CA GLY F 176 6.65 -59.44 4.67
C GLY F 176 6.46 -60.91 4.97
N SER F 177 7.25 -61.73 4.29
CA SER F 177 7.18 -63.18 4.42
C SER F 177 8.47 -63.80 4.96
N VAL F 178 9.46 -62.98 5.32
CA VAL F 178 10.71 -63.52 5.84
C VAL F 178 10.46 -64.20 7.18
N ARG F 179 11.23 -65.26 7.45
CA ARG F 179 11.03 -66.08 8.63
C ARG F 179 12.37 -66.50 9.20
N LEU F 180 12.41 -66.70 10.51
CA LEU F 180 13.61 -67.15 11.20
C LEU F 180 13.73 -68.67 11.05
N GLY F 181 14.66 -69.12 10.19
CA GLY F 181 14.82 -70.54 9.99
C GLY F 181 15.35 -71.26 11.21
N GLY F 182 16.30 -70.66 11.91
CA GLY F 182 16.84 -71.27 13.10
C GLY F 182 18.10 -70.56 13.57
N LEU F 183 18.72 -71.15 14.58
CA LEU F 183 19.91 -70.60 15.21
C LEU F 183 21.10 -71.52 14.94
N ILE F 184 22.19 -70.95 14.46
CA ILE F 184 23.46 -71.65 14.34
C ILE F 184 24.33 -71.25 15.52
N CYS F 185 24.80 -72.24 16.27
CA CYS F 185 25.63 -71.99 17.45
C CYS F 185 27.09 -72.18 17.08
N ASN F 186 27.83 -71.09 17.04
CA ASN F 186 29.28 -71.13 16.88
C ASN F 186 29.91 -71.17 18.27
N SER F 187 30.69 -72.22 18.53
CA SER F 187 31.10 -72.52 19.89
C SER F 187 32.07 -71.48 20.44
N ARG F 188 31.88 -71.14 21.72
CA ARG F 188 32.87 -70.44 22.50
C ARG F 188 33.26 -71.19 23.77
N ASN F 189 32.48 -72.21 24.16
CA ASN F 189 32.83 -73.14 25.24
C ASN F 189 32.98 -72.43 26.58
N THR F 190 31.92 -71.73 26.99
CA THR F 190 32.02 -71.03 28.26
C THR F 190 31.68 -71.92 29.46
N ASP F 191 30.39 -72.21 29.67
CA ASP F 191 30.00 -73.12 30.74
C ASP F 191 29.09 -74.23 30.23
N ARG F 192 27.99 -73.83 29.61
CA ARG F 192 26.96 -74.75 29.11
C ARG F 192 26.38 -74.08 27.86
N GLU F 193 26.96 -74.40 26.70
CA GLU F 193 26.57 -73.70 25.49
C GLU F 193 25.34 -74.33 24.85
N ASP F 194 25.33 -75.66 24.75
CA ASP F 194 24.18 -76.34 24.15
C ASP F 194 22.89 -76.00 24.87
N GLU F 195 22.89 -76.14 26.21
CA GLU F 195 21.67 -75.91 26.98
C GLU F 195 21.22 -74.46 26.87
N LEU F 196 22.14 -73.53 27.04
CA LEU F 196 21.77 -72.11 26.97
C LEU F 196 21.20 -71.75 25.61
N ILE F 197 21.84 -72.22 24.54
CA ILE F 197 21.41 -71.83 23.20
C ILE F 197 20.08 -72.49 22.85
N ILE F 198 19.89 -73.76 23.20
CA ILE F 198 18.61 -74.40 22.91
C ILE F 198 17.50 -73.77 23.74
N ALA F 199 17.79 -73.37 24.97
CA ALA F 199 16.77 -72.70 25.79
C ALA F 199 16.39 -71.35 25.18
N LEU F 200 17.38 -70.58 24.74
CA LEU F 200 17.08 -69.30 24.09
C LEU F 200 16.26 -69.52 22.82
N ALA F 201 16.64 -70.53 22.02
CA ALA F 201 15.91 -70.82 20.79
C ALA F 201 14.46 -71.23 21.10
N ASN F 202 14.27 -72.06 22.12
CA ASN F 202 12.93 -72.46 22.51
C ASN F 202 12.10 -71.26 22.96
N LYS F 203 12.71 -70.36 23.73
CA LYS F 203 12.01 -69.16 24.15
C LYS F 203 11.64 -68.29 22.96
N LEU F 204 12.52 -68.19 21.97
CA LEU F 204 12.22 -67.42 20.76
C LEU F 204 11.28 -68.16 19.81
N GLY F 205 11.01 -69.44 20.06
CA GLY F 205 10.15 -70.22 19.20
C GLY F 205 10.83 -70.84 18.01
N THR F 206 12.16 -70.89 17.98
CA THR F 206 12.91 -71.46 16.88
C THR F 206 13.81 -72.58 17.38
N GLN F 207 14.47 -73.25 16.45
CA GLN F 207 15.35 -74.37 16.76
C GLN F 207 16.81 -73.94 16.77
N MET F 208 17.66 -74.84 17.24
CA MET F 208 19.11 -74.73 17.08
C MET F 208 19.51 -75.69 15.98
N ILE F 209 19.64 -75.15 14.76
CA ILE F 209 19.76 -76.01 13.57
C ILE F 209 21.05 -76.82 13.63
N HIS F 210 22.12 -76.25 14.16
CA HIS F 210 23.37 -76.99 14.29
C HIS F 210 24.27 -76.31 15.31
N PHE F 211 25.18 -77.09 15.86
CA PHE F 211 26.22 -76.62 16.77
C PHE F 211 27.56 -76.80 16.08
N VAL F 212 28.33 -75.72 15.98
CA VAL F 212 29.62 -75.73 15.31
C VAL F 212 30.70 -75.57 16.37
N PRO F 213 31.61 -76.53 16.50
CA PRO F 213 32.66 -76.41 17.53
C PRO F 213 33.70 -75.38 17.15
N ARG F 214 34.46 -74.95 18.16
CA ARG F 214 35.53 -73.98 17.98
C ARG F 214 36.87 -74.72 17.97
N ASP F 215 37.46 -74.84 16.79
CA ASP F 215 38.79 -75.44 16.65
C ASP F 215 39.64 -74.57 15.73
N ASN F 216 40.95 -74.71 15.87
CA ASN F 216 41.90 -73.80 15.22
C ASN F 216 42.14 -74.13 13.76
N VAL F 217 41.55 -75.21 13.24
CA VAL F 217 41.70 -75.48 11.81
C VAL F 217 41.00 -74.39 11.00
N VAL F 218 39.96 -73.77 11.56
CA VAL F 218 39.30 -72.66 10.88
C VAL F 218 40.27 -71.49 10.70
N GLN F 219 40.96 -71.12 11.78
CA GLN F 219 41.91 -70.00 11.69
C GLN F 219 43.08 -70.35 10.76
N ARG F 220 43.59 -71.59 10.85
CA ARG F 220 44.67 -71.99 9.98
C ARG F 220 44.26 -71.98 8.52
N ALA F 221 43.03 -72.41 8.23
CA ALA F 221 42.53 -72.37 6.86
C ALA F 221 42.35 -70.94 6.37
N GLU F 222 41.83 -70.06 7.23
CA GLU F 222 41.60 -68.68 6.81
C GLU F 222 42.89 -67.89 6.68
N ILE F 223 43.97 -68.31 7.34
CA ILE F 223 45.27 -67.68 7.09
C ILE F 223 45.68 -67.92 5.64
N ARG F 224 45.46 -69.12 5.13
CA ARG F 224 45.72 -69.43 3.72
C ARG F 224 44.62 -68.96 2.79
N ARG F 225 43.67 -68.16 3.28
CA ARG F 225 42.59 -67.58 2.47
C ARG F 225 41.74 -68.68 1.84
N MET F 226 41.36 -69.66 2.65
CA MET F 226 40.57 -70.79 2.15
C MET F 226 39.57 -71.21 3.22
N THR F 227 38.52 -71.88 2.77
CA THR F 227 37.58 -72.52 3.68
C THR F 227 38.18 -73.81 4.22
N VAL F 228 37.62 -74.29 5.33
CA VAL F 228 38.06 -75.56 5.90
C VAL F 228 37.79 -76.69 4.91
N ILE F 229 36.67 -76.62 4.19
CA ILE F 229 36.33 -77.67 3.23
C ILE F 229 37.41 -77.79 2.17
N GLU F 230 37.86 -76.65 1.64
CA GLU F 230 38.92 -76.67 0.63
C GLU F 230 40.30 -76.94 1.23
N TYR F 231 40.52 -76.54 2.49
CA TYR F 231 41.84 -76.67 3.08
C TYR F 231 42.09 -78.11 3.52
N ASP F 232 41.28 -78.62 4.45
CA ASP F 232 41.40 -79.98 4.97
C ASP F 232 40.06 -80.67 4.85
N PRO F 233 39.77 -81.29 3.69
CA PRO F 233 38.49 -81.99 3.54
C PRO F 233 38.29 -83.13 4.52
N LYS F 234 39.36 -83.72 5.03
CA LYS F 234 39.26 -84.82 5.99
C LYS F 234 39.17 -84.36 7.43
N ALA F 235 39.16 -83.04 7.67
CA ALA F 235 39.09 -82.53 9.02
C ALA F 235 37.70 -82.73 9.62
N LYS F 236 37.66 -82.78 10.95
CA LYS F 236 36.38 -82.91 11.65
C LYS F 236 35.51 -81.68 11.40
N GLN F 237 36.10 -80.49 11.40
CA GLN F 237 35.34 -79.28 11.14
C GLN F 237 34.75 -79.26 9.74
N ALA F 238 35.44 -79.86 8.77
CA ALA F 238 34.88 -79.95 7.43
C ALA F 238 33.59 -80.77 7.43
N ASP F 239 33.59 -81.90 8.14
CA ASP F 239 32.37 -82.70 8.26
C ASP F 239 31.31 -81.98 9.06
N GLU F 240 31.70 -81.19 10.06
CA GLU F 240 30.72 -80.39 10.79
C GLU F 240 30.04 -79.38 9.87
N TYR F 241 30.81 -78.74 9.00
CA TYR F 241 30.23 -77.80 8.05
C TYR F 241 29.37 -78.53 7.01
N ARG F 242 29.77 -79.73 6.62
CA ARG F 242 28.93 -80.53 5.73
C ARG F 242 27.60 -80.88 6.38
N ALA F 243 27.63 -81.26 7.66
CA ALA F 243 26.41 -81.56 8.39
C ALA F 243 25.53 -80.33 8.50
N LEU F 244 26.13 -79.17 8.79
CA LEU F 244 25.37 -77.94 8.84
C LEU F 244 24.73 -77.61 7.49
N ALA F 245 25.48 -77.83 6.40
CA ALA F 245 24.93 -77.59 5.07
C ALA F 245 23.73 -78.48 4.81
N ARG F 246 23.86 -79.77 5.11
CA ARG F 246 22.75 -80.70 4.88
C ARG F 246 21.55 -80.34 5.74
N LYS F 247 21.78 -79.91 6.98
CA LYS F 247 20.68 -79.50 7.83
C LYS F 247 20.04 -78.20 7.35
N VAL F 248 20.81 -77.34 6.67
CA VAL F 248 20.23 -76.15 6.08
C VAL F 248 19.35 -76.51 4.88
N VAL F 249 19.81 -77.45 4.04
CA VAL F 249 19.06 -77.78 2.83
C VAL F 249 17.68 -78.33 3.16
N ASP F 250 17.61 -79.24 4.13
CA ASP F 250 16.37 -79.93 4.44
C ASP F 250 15.56 -79.24 5.54
N ASN F 251 16.00 -78.09 6.01
CA ASN F 251 15.31 -77.41 7.10
C ASN F 251 13.94 -76.92 6.63
N LYS F 252 12.94 -77.05 7.51
CA LYS F 252 11.58 -76.63 7.21
C LYS F 252 10.97 -75.70 8.25
N LEU F 253 11.57 -75.55 9.42
CA LEU F 253 11.02 -74.68 10.44
C LEU F 253 11.21 -73.21 10.04
N LEU F 254 10.12 -72.46 10.09
CA LEU F 254 10.15 -71.04 9.68
C LEU F 254 9.14 -70.30 10.56
N VAL F 255 9.65 -69.57 11.54
CA VAL F 255 8.84 -68.99 12.60
C VAL F 255 9.14 -67.50 12.73
N ILE F 256 8.09 -66.72 12.97
CA ILE F 256 8.25 -65.33 13.40
C ILE F 256 8.79 -65.36 14.82
N PRO F 257 9.92 -64.70 15.10
CA PRO F 257 10.49 -64.77 16.44
C PRO F 257 9.62 -64.06 17.47
N ASN F 258 9.74 -64.52 18.72
CA ASN F 258 9.04 -63.92 19.86
C ASN F 258 10.10 -63.57 20.89
N PRO F 259 10.75 -62.42 20.75
CA PRO F 259 11.84 -62.08 21.67
C PRO F 259 11.36 -61.90 23.09
N ILE F 260 12.25 -62.21 24.03
CA ILE F 260 11.97 -62.14 25.46
C ILE F 260 12.51 -60.83 26.00
N THR F 261 11.91 -60.37 27.10
CA THR F 261 12.36 -59.13 27.72
C THR F 261 13.72 -59.33 28.38
N MET F 262 14.31 -58.22 28.82
CA MET F 262 15.62 -58.29 29.47
C MET F 262 15.54 -59.10 30.77
N ASP F 263 14.46 -58.93 31.53
CA ASP F 263 14.30 -59.68 32.76
C ASP F 263 14.22 -61.18 32.48
N GLU F 264 13.42 -61.58 31.48
CA GLU F 264 13.34 -62.99 31.14
C GLU F 264 14.68 -63.53 30.66
N LEU F 265 15.41 -62.73 29.87
CA LEU F 265 16.71 -63.16 29.37
C LEU F 265 17.68 -63.39 30.52
N GLU F 266 17.73 -62.45 31.48
CA GLU F 266 18.63 -62.61 32.61
C GLU F 266 18.19 -63.75 33.53
N GLU F 267 16.88 -63.98 33.64
CA GLU F 267 16.41 -65.16 34.37
C GLU F 267 16.89 -66.44 33.70
N LEU F 268 16.81 -66.48 32.36
CA LEU F 268 17.31 -67.63 31.61
C LEU F 268 18.79 -67.84 31.86
N LEU F 269 19.56 -66.75 31.93
CA LEU F 269 20.99 -66.88 32.17
C LEU F 269 21.28 -67.38 33.59
N MET F 270 20.58 -66.81 34.58
CA MET F 270 20.79 -67.25 35.96
C MET F 270 20.32 -68.69 36.17
N GLU F 271 19.44 -69.18 35.31
CA GLU F 271 18.90 -70.52 35.50
C GLU F 271 19.72 -71.57 34.75
N PHE F 272 20.17 -71.24 33.53
CA PHE F 272 20.90 -72.17 32.67
C PHE F 272 22.36 -71.77 32.46
N GLY F 273 22.90 -70.87 33.28
CA GLY F 273 24.24 -70.39 33.04
C GLY F 273 25.21 -70.48 34.22
N ILE F 274 25.04 -71.50 35.05
CA ILE F 274 25.94 -71.74 36.17
C ILE F 274 26.29 -73.22 36.21
N MET F 275 27.59 -73.52 36.32
CA MET F 275 28.12 -74.88 36.43
C MET F 275 27.46 -75.87 35.48
N ALA G 2 8.97 63.70 -15.43
CA ALA G 2 7.93 63.22 -16.33
C ALA G 2 7.07 62.16 -15.65
N MET G 3 6.18 61.55 -16.45
CA MET G 3 5.29 60.48 -15.99
C MET G 3 4.43 60.95 -14.81
N ARG G 4 3.57 61.92 -15.11
CA ARG G 4 2.58 62.38 -14.15
C ARG G 4 1.30 61.56 -14.31
N GLN G 5 0.83 60.99 -13.20
CA GLN G 5 -0.34 60.12 -13.21
C GLN G 5 -1.49 60.82 -12.48
N CYS G 6 -2.52 61.18 -13.23
CA CYS G 6 -3.65 61.94 -12.73
C CYS G 6 -4.93 61.12 -12.87
N ALA G 7 -5.85 61.32 -11.93
CA ALA G 7 -7.14 60.66 -11.91
C ALA G 7 -8.22 61.73 -11.90
N ILE G 8 -9.09 61.71 -12.91
CA ILE G 8 -10.13 62.70 -13.08
C ILE G 8 -11.42 62.13 -12.54
N TYR G 9 -11.90 62.72 -11.45
CA TYR G 9 -13.15 62.37 -10.78
C TYR G 9 -14.07 63.57 -10.76
N GLY G 10 -15.29 63.36 -10.30
CA GLY G 10 -16.25 64.44 -10.16
C GLY G 10 -17.66 63.93 -10.28
N LYS G 11 -18.60 64.83 -9.96
CA LYS G 11 -20.02 64.54 -10.10
C LYS G 11 -20.32 63.99 -11.49
N GLY G 12 -21.28 63.06 -11.55
CA GLY G 12 -21.67 62.47 -12.81
C GLY G 12 -22.11 63.48 -13.84
N GLY G 13 -21.63 63.32 -15.08
CA GLY G 13 -22.02 64.22 -16.15
C GLY G 13 -21.50 65.63 -16.03
N ILE G 14 -20.65 65.91 -15.04
CA ILE G 14 -20.12 67.25 -14.86
C ILE G 14 -19.13 67.65 -15.94
N GLY G 15 -18.68 66.69 -16.76
CA GLY G 15 -17.80 66.99 -17.85
C GLY G 15 -16.37 66.52 -17.62
N LYS G 16 -16.19 65.42 -16.90
CA LYS G 16 -14.84 64.88 -16.69
C LYS G 16 -14.24 64.40 -17.99
N SER G 17 -14.99 63.63 -18.77
CA SER G 17 -14.47 63.07 -20.01
C SER G 17 -14.15 64.17 -21.02
N THR G 18 -15.07 65.11 -21.19
CA THR G 18 -14.87 66.19 -22.16
C THR G 18 -13.67 67.05 -21.79
N THR G 19 -13.62 67.51 -20.54
CA THR G 19 -12.52 68.34 -20.10
C THR G 19 -11.20 67.58 -20.15
N THR G 20 -11.22 66.30 -19.78
CA THR G 20 -10.01 65.49 -19.82
C THR G 20 -9.49 65.35 -21.24
N GLN G 21 -10.39 65.09 -22.21
CA GLN G 21 -9.94 64.96 -23.59
C GLN G 21 -9.43 66.28 -24.14
N ASN G 22 -10.09 67.39 -23.82
CA ASN G 22 -9.61 68.69 -24.29
C ASN G 22 -8.27 69.05 -23.67
N LEU G 23 -8.10 68.78 -22.37
CA LEU G 23 -6.82 68.99 -21.71
C LEU G 23 -5.73 68.13 -22.33
N VAL G 24 -6.07 66.87 -22.65
CA VAL G 24 -5.11 65.98 -23.28
C VAL G 24 -4.73 66.48 -24.67
N ALA G 25 -5.70 67.00 -25.42
CA ALA G 25 -5.38 67.58 -26.72
C ALA G 25 -4.44 68.77 -26.58
N ALA G 26 -4.69 69.63 -25.59
CA ALA G 26 -3.81 70.76 -25.35
C ALA G 26 -2.41 70.30 -24.96
N LEU G 27 -2.31 69.27 -24.13
CA LEU G 27 -1.00 68.76 -23.71
C LEU G 27 -0.27 68.10 -24.87
N ALA G 28 -1.00 67.39 -25.74
CA ALA G 28 -0.37 66.72 -26.88
C ALA G 28 0.12 67.73 -27.90
N GLU G 29 -0.64 68.80 -28.13
CA GLU G 29 -0.16 69.88 -28.97
C GLU G 29 1.03 70.59 -28.35
N MET G 30 1.26 70.41 -27.05
CA MET G 30 2.38 71.01 -26.34
C MET G 30 3.62 70.12 -26.33
N GLY G 31 3.64 69.07 -27.15
CA GLY G 31 4.79 68.20 -27.25
C GLY G 31 4.90 67.13 -26.18
N LYS G 32 3.86 66.94 -25.37
CA LYS G 32 3.87 65.93 -24.32
C LYS G 32 3.11 64.69 -24.77
N LYS G 33 3.74 63.53 -24.64
CA LYS G 33 3.11 62.27 -24.98
C LYS G 33 2.28 61.80 -23.79
N VAL G 34 0.98 61.60 -24.02
CA VAL G 34 0.04 61.27 -22.96
C VAL G 34 -0.76 60.04 -23.34
N MET G 35 -1.32 59.39 -22.32
CA MET G 35 -2.15 58.21 -22.49
C MET G 35 -3.40 58.35 -21.65
N ILE G 36 -4.56 58.07 -22.26
CA ILE G 36 -5.85 58.18 -21.60
C ILE G 36 -6.35 56.78 -21.29
N VAL G 37 -6.65 56.53 -20.01
CA VAL G 37 -7.27 55.29 -19.57
C VAL G 37 -8.69 55.63 -19.11
N GLY G 38 -9.68 55.12 -19.83
CA GLY G 38 -11.05 55.32 -19.44
C GLY G 38 -11.53 54.22 -18.54
N CYS G 39 -11.86 54.57 -17.28
CA CYS G 39 -12.32 53.60 -16.29
C CYS G 39 -13.84 53.64 -16.12
N ASP G 40 -14.56 53.93 -17.20
CA ASP G 40 -16.00 53.92 -17.26
C ASP G 40 -16.46 52.78 -18.14
N PRO G 41 -17.43 51.98 -17.72
CA PRO G 41 -17.93 50.91 -18.60
C PRO G 41 -18.46 51.43 -19.92
N LYS G 42 -18.97 52.65 -19.95
CA LYS G 42 -19.14 53.37 -21.21
C LYS G 42 -17.76 53.82 -21.68
N ALA G 43 -17.29 53.25 -22.79
CA ALA G 43 -15.96 53.61 -23.28
C ALA G 43 -16.01 54.89 -24.09
N ASP G 44 -16.55 55.97 -23.50
CA ASP G 44 -16.65 57.25 -24.18
C ASP G 44 -15.51 58.20 -23.84
N SER G 45 -14.51 57.75 -23.10
CA SER G 45 -13.43 58.61 -22.66
C SER G 45 -12.39 58.89 -23.75
N THR G 46 -12.48 58.21 -24.90
CA THR G 46 -11.48 58.36 -25.95
C THR G 46 -12.12 58.62 -27.32
N ARG G 47 -13.38 59.02 -27.36
CA ARG G 47 -14.07 59.21 -28.63
C ARG G 47 -13.52 60.43 -29.37
N LEU G 48 -13.29 61.52 -28.66
CA LEU G 48 -12.83 62.76 -29.28
C LEU G 48 -11.34 62.75 -29.60
N ILE G 49 -10.60 61.74 -29.14
CA ILE G 49 -9.20 61.60 -29.46
C ILE G 49 -8.99 60.64 -30.64
N LEU G 50 -9.67 59.50 -30.62
CA LEU G 50 -9.57 58.52 -31.70
C LEU G 50 -10.48 58.82 -32.87
N HIS G 51 -11.29 59.88 -32.79
CA HIS G 51 -12.24 60.24 -33.83
C HIS G 51 -13.26 59.14 -34.09
N SER G 52 -13.41 58.22 -33.14
CA SER G 52 -14.41 57.17 -33.20
C SER G 52 -14.51 56.56 -31.82
N LYS G 53 -15.62 55.87 -31.58
CA LYS G 53 -15.80 55.15 -30.33
C LYS G 53 -14.90 53.92 -30.33
N ALA G 54 -14.05 53.81 -29.31
CA ALA G 54 -13.10 52.69 -29.26
C ALA G 54 -13.89 51.42 -29.00
N GLN G 55 -14.17 50.68 -30.07
CA GLN G 55 -14.99 49.47 -29.95
C GLN G 55 -14.25 48.39 -29.17
N ASN G 56 -12.96 48.24 -29.42
CA ASN G 56 -12.17 47.25 -28.70
C ASN G 56 -11.83 47.80 -27.32
N THR G 57 -12.25 47.07 -26.28
CA THR G 57 -11.94 47.41 -24.90
C THR G 57 -11.28 46.21 -24.24
N ILE G 58 -10.63 46.46 -23.10
CA ILE G 58 -9.86 45.41 -22.44
C ILE G 58 -10.78 44.27 -22.02
N MET G 59 -11.92 44.59 -21.42
CA MET G 59 -12.80 43.54 -20.91
C MET G 59 -13.45 42.75 -22.05
N GLU G 60 -13.91 43.45 -23.08
CA GLU G 60 -14.52 42.76 -24.22
C GLU G 60 -13.51 41.89 -24.95
N MET G 61 -12.30 42.41 -25.16
CA MET G 61 -11.26 41.62 -25.81
C MET G 61 -10.88 40.41 -24.96
N ALA G 62 -10.78 40.60 -23.65
CA ALA G 62 -10.44 39.50 -22.75
C ALA G 62 -11.51 38.41 -22.78
N ALA G 63 -12.79 38.82 -22.74
CA ALA G 63 -13.87 37.84 -22.78
C ALA G 63 -13.89 37.10 -24.12
N GLU G 64 -13.67 37.82 -25.22
CA GLU G 64 -13.65 37.18 -26.53
C GLU G 64 -12.44 36.27 -26.68
N ALA G 65 -11.27 36.71 -26.21
CA ALA G 65 -10.01 36.00 -26.42
C ALA G 65 -9.64 35.11 -25.24
N GLY G 66 -10.62 34.57 -24.54
CA GLY G 66 -10.34 33.70 -23.40
C GLY G 66 -10.31 34.44 -22.09
N THR G 67 -9.11 34.78 -21.63
CA THR G 67 -8.91 35.59 -20.44
C THR G 67 -8.06 36.81 -20.79
N VAL G 68 -7.80 37.63 -19.78
CA VAL G 68 -7.02 38.85 -20.00
C VAL G 68 -5.57 38.55 -20.27
N GLU G 69 -5.08 37.37 -19.90
CA GLU G 69 -3.67 37.04 -20.10
C GLU G 69 -3.34 36.86 -21.58
N ASP G 70 -4.28 36.32 -22.36
CA ASP G 70 -4.06 36.12 -23.79
C ASP G 70 -4.05 37.44 -24.56
N LEU G 71 -4.46 38.54 -23.95
CA LEU G 71 -4.53 39.81 -24.66
C LEU G 71 -3.13 40.37 -24.94
N GLU G 72 -3.08 41.31 -25.87
CA GLU G 72 -1.87 42.05 -26.18
C GLU G 72 -2.16 43.54 -26.10
N LEU G 73 -1.14 44.31 -25.76
CA LEU G 73 -1.33 45.76 -25.59
C LEU G 73 -1.72 46.42 -26.89
N GLU G 74 -1.12 46.01 -28.01
CA GLU G 74 -1.38 46.64 -29.29
C GLU G 74 -2.82 46.45 -29.75
N ASP G 75 -3.51 45.43 -29.26
CA ASP G 75 -4.92 45.20 -29.61
C ASP G 75 -5.87 46.07 -28.81
N VAL G 76 -5.40 46.72 -27.74
CA VAL G 76 -6.21 47.62 -26.94
C VAL G 76 -5.66 49.04 -26.95
N LEU G 77 -4.33 49.17 -26.87
CA LEU G 77 -3.70 50.49 -26.88
C LEU G 77 -3.56 50.97 -28.32
N LYS G 78 -4.18 52.10 -28.63
CA LYS G 78 -4.14 52.68 -29.97
C LYS G 78 -3.93 54.17 -29.88
N ALA G 79 -3.11 54.69 -30.81
CA ALA G 79 -2.86 56.12 -30.86
C ALA G 79 -4.00 56.84 -31.56
N GLY G 80 -4.02 58.16 -31.40
CA GLY G 80 -5.06 58.99 -32.00
C GLY G 80 -4.51 60.31 -32.45
N TYR G 81 -5.27 61.38 -32.22
CA TYR G 81 -4.85 62.71 -32.62
C TYR G 81 -3.64 63.16 -31.79
N GLY G 82 -2.55 63.47 -32.48
CA GLY G 82 -1.36 63.99 -31.82
C GLY G 82 -0.65 63.02 -30.91
N GLY G 83 -0.57 61.75 -31.30
CA GLY G 83 0.23 60.80 -30.55
C GLY G 83 -0.31 60.44 -29.18
N VAL G 84 -1.61 60.61 -28.95
CA VAL G 84 -2.23 60.26 -27.68
C VAL G 84 -2.58 58.77 -27.71
N LYS G 85 -1.84 57.98 -26.94
CA LYS G 85 -2.26 56.61 -26.69
C LYS G 85 -3.60 56.60 -25.97
N CYS G 86 -4.49 55.73 -26.41
CA CYS G 86 -5.82 55.63 -25.81
C CYS G 86 -6.16 54.18 -25.54
N VAL G 87 -6.58 53.89 -24.32
CA VAL G 87 -7.07 52.57 -23.94
C VAL G 87 -8.35 52.77 -23.15
N GLU G 88 -9.20 51.74 -23.15
CA GLU G 88 -10.48 51.81 -22.46
C GLU G 88 -10.70 50.52 -21.68
N SER G 89 -11.03 50.65 -20.41
CA SER G 89 -11.52 49.51 -19.65
C SER G 89 -12.91 49.15 -20.15
N GLY G 90 -13.13 47.88 -20.41
CA GLY G 90 -14.42 47.43 -20.88
C GLY G 90 -15.44 47.45 -19.76
N GLY G 91 -16.66 47.05 -20.12
CA GLY G 91 -17.72 46.97 -19.15
C GLY G 91 -18.94 46.28 -19.70
N PRO G 92 -19.79 45.81 -18.80
CA PRO G 92 -21.09 45.27 -19.22
C PRO G 92 -22.02 46.39 -19.67
N GLU G 93 -23.09 45.99 -20.34
CA GLU G 93 -24.19 46.90 -20.54
C GLU G 93 -24.81 47.25 -19.20
N PRO G 94 -25.46 48.41 -19.09
CA PRO G 94 -25.98 48.85 -17.80
C PRO G 94 -26.93 47.84 -17.18
N GLY G 95 -26.87 47.75 -15.85
CA GLY G 95 -27.80 46.94 -15.09
C GLY G 95 -27.45 45.48 -14.96
N VAL G 96 -26.24 45.07 -15.36
CA VAL G 96 -25.84 43.68 -15.30
C VAL G 96 -24.35 43.61 -14.97
N GLY G 97 -23.94 42.46 -14.44
CA GLY G 97 -22.54 42.21 -14.17
C GLY G 97 -21.99 43.07 -13.05
N CYS G 98 -20.69 43.35 -13.14
CA CYS G 98 -20.01 44.12 -12.10
C CYS G 98 -18.86 44.87 -12.79
N ALA G 99 -19.09 46.15 -13.10
CA ALA G 99 -18.13 46.91 -13.88
C ALA G 99 -16.88 47.28 -13.07
N GLY G 100 -17.02 47.39 -11.74
CA GLY G 100 -15.87 47.71 -10.92
C GLY G 100 -14.80 46.65 -10.98
N ARG G 101 -15.21 45.37 -10.97
CA ARG G 101 -14.25 44.29 -11.13
C ARG G 101 -13.60 44.34 -12.50
N GLY G 102 -14.36 44.71 -13.52
CA GLY G 102 -13.78 44.89 -14.84
C GLY G 102 -12.71 45.97 -14.87
N VAL G 103 -12.96 47.08 -14.16
CA VAL G 103 -11.96 48.14 -14.11
C VAL G 103 -10.72 47.67 -13.36
N ILE G 104 -10.90 46.93 -12.26
CA ILE G 104 -9.76 46.37 -11.53
C ILE G 104 -8.93 45.50 -12.45
N THR G 105 -9.58 44.59 -13.17
CA THR G 105 -8.86 43.67 -14.05
C THR G 105 -8.16 44.42 -15.18
N ALA G 106 -8.82 45.42 -15.75
CA ALA G 106 -8.21 46.19 -16.82
C ALA G 106 -6.97 46.94 -16.35
N ILE G 107 -7.03 47.52 -15.16
CA ILE G 107 -5.89 48.26 -14.65
C ILE G 107 -4.74 47.30 -14.32
N ASN G 108 -5.04 46.14 -13.75
CA ASN G 108 -4.00 45.15 -13.51
C ASN G 108 -3.37 44.69 -14.81
N PHE G 109 -4.19 44.51 -15.86
CA PHE G 109 -3.66 44.12 -17.16
C PHE G 109 -2.74 45.19 -17.73
N LEU G 110 -3.14 46.46 -17.62
CA LEU G 110 -2.30 47.54 -18.11
C LEU G 110 -0.97 47.56 -17.37
N GLU G 111 -1.01 47.39 -16.04
CA GLU G 111 0.24 47.37 -15.27
C GLU G 111 1.12 46.18 -15.65
N GLU G 112 0.52 45.02 -15.85
CA GLU G 112 1.28 43.80 -16.10
C GLU G 112 1.99 43.85 -17.44
N GLU G 113 1.32 44.36 -18.48
CA GLU G 113 1.87 44.37 -19.82
C GLU G 113 2.69 45.61 -20.12
N GLY G 114 2.91 46.47 -19.14
CA GLY G 114 3.73 47.64 -19.34
C GLY G 114 3.13 48.68 -20.28
N ALA G 115 1.84 48.97 -20.12
CA ALA G 115 1.28 50.15 -20.78
C ALA G 115 1.98 51.41 -20.27
N TYR G 116 2.36 51.43 -19.01
CA TYR G 116 3.27 52.41 -18.44
C TYR G 116 4.69 52.00 -18.81
N GLU G 117 5.69 52.55 -18.11
CA GLU G 117 7.09 52.22 -18.30
C GLU G 117 7.66 52.84 -19.57
N ASP G 118 6.83 53.47 -20.39
CA ASP G 118 7.28 54.17 -21.59
C ASP G 118 7.81 55.55 -21.19
N ASP G 119 8.03 56.40 -22.19
CA ASP G 119 8.44 57.78 -21.97
C ASP G 119 7.26 58.74 -21.99
N LEU G 120 6.06 58.24 -21.70
CA LEU G 120 4.88 59.11 -21.64
C LEU G 120 4.99 60.06 -20.46
N ASP G 121 4.54 61.30 -20.68
CA ASP G 121 4.58 62.31 -19.63
C ASP G 121 3.32 62.32 -18.77
N PHE G 122 2.18 61.92 -19.33
CA PHE G 122 0.92 61.97 -18.60
C PHE G 122 0.13 60.69 -18.80
N VAL G 123 -0.48 60.21 -17.73
CA VAL G 123 -1.45 59.13 -17.77
C VAL G 123 -2.70 59.63 -17.05
N PHE G 124 -3.79 59.76 -17.79
CA PHE G 124 -5.03 60.34 -17.28
C PHE G 124 -6.07 59.25 -17.13
N TYR G 125 -6.48 58.97 -15.89
CA TYR G 125 -7.52 58.00 -15.57
C TYR G 125 -8.85 58.73 -15.49
N ASP G 126 -9.62 58.72 -16.56
CA ASP G 126 -10.93 59.36 -16.52
C ASP G 126 -11.92 58.38 -15.91
N VAL G 127 -12.43 58.69 -14.73
CA VAL G 127 -13.27 57.75 -14.00
C VAL G 127 -14.72 58.21 -14.07
N LEU G 128 -15.63 57.27 -13.86
CA LEU G 128 -17.06 57.55 -13.90
C LEU G 128 -17.48 58.40 -12.70
N GLY G 129 -18.67 59.00 -12.81
CA GLY G 129 -19.13 59.93 -11.79
C GLY G 129 -19.41 59.28 -10.46
N ASP G 130 -20.09 58.14 -10.47
CA ASP G 130 -20.52 57.47 -9.25
C ASP G 130 -19.50 56.38 -8.90
N VAL G 131 -18.64 56.67 -7.93
CA VAL G 131 -17.66 55.69 -7.46
C VAL G 131 -18.37 54.81 -6.45
N VAL G 132 -19.01 53.74 -6.94
CA VAL G 132 -19.90 52.93 -6.10
C VAL G 132 -19.17 51.84 -5.35
N CYS G 133 -17.93 51.52 -5.71
CA CYS G 133 -17.22 50.40 -5.12
C CYS G 133 -15.74 50.70 -5.11
N GLY G 134 -14.99 49.83 -4.43
CA GLY G 134 -13.54 49.98 -4.43
C GLY G 134 -12.93 49.83 -5.80
N GLY G 135 -13.58 49.08 -6.69
CA GLY G 135 -13.03 48.86 -8.01
C GLY G 135 -12.81 50.14 -8.79
N PHE G 136 -13.78 51.05 -8.73
CA PHE G 136 -13.65 52.31 -9.43
C PHE G 136 -12.66 53.26 -8.75
N ALA G 137 -12.21 52.92 -7.55
CA ALA G 137 -11.10 53.60 -6.90
C ALA G 137 -9.77 52.94 -7.22
N MET G 138 -9.76 51.98 -8.14
CA MET G 138 -8.50 51.39 -8.61
C MET G 138 -7.49 52.41 -9.09
N PRO G 139 -7.85 53.48 -9.83
CA PRO G 139 -6.82 54.44 -10.25
C PRO G 139 -6.11 55.17 -9.13
N ILE G 140 -6.65 55.19 -7.90
CA ILE G 140 -5.99 55.93 -6.84
C ILE G 140 -5.41 54.96 -5.80
N ARG G 141 -5.01 53.77 -6.23
CA ARG G 141 -4.25 52.87 -5.38
C ARG G 141 -2.80 53.36 -5.30
N GLU G 142 -1.94 52.58 -4.65
CA GLU G 142 -0.62 53.07 -4.26
C GLU G 142 0.20 53.52 -5.46
N ASN G 143 0.54 52.60 -6.36
CA ASN G 143 1.44 52.92 -7.46
C ASN G 143 0.72 53.53 -8.65
N LYS G 144 -0.59 53.72 -8.57
CA LYS G 144 -1.37 54.33 -9.62
C LYS G 144 -1.42 55.84 -9.40
N ALA G 145 -2.38 56.52 -10.04
CA ALA G 145 -2.45 57.97 -10.13
C ALA G 145 -2.05 58.69 -8.84
N GLN G 146 -1.14 59.66 -8.97
CA GLN G 146 -0.64 60.42 -7.83
C GLN G 146 -1.42 61.70 -7.60
N GLU G 147 -2.01 62.28 -8.64
CA GLU G 147 -2.77 63.51 -8.50
C GLU G 147 -4.24 63.22 -8.77
N ILE G 148 -5.12 63.89 -8.02
CA ILE G 148 -6.56 63.74 -8.20
C ILE G 148 -7.12 65.10 -8.60
N TYR G 149 -7.82 65.14 -9.72
CA TYR G 149 -8.50 66.35 -10.18
C TYR G 149 -10.01 66.12 -10.12
N ILE G 150 -10.69 66.92 -9.31
CA ILE G 150 -12.14 66.79 -9.12
C ILE G 150 -12.80 67.90 -9.90
N VAL G 151 -13.63 67.54 -10.87
CA VAL G 151 -14.40 68.50 -11.65
C VAL G 151 -15.70 68.77 -10.92
N CYS G 152 -16.01 70.05 -10.71
CA CYS G 152 -17.19 70.46 -9.97
C CYS G 152 -17.81 71.67 -10.66
N SER G 153 -18.96 72.10 -10.14
CA SER G 153 -19.62 73.31 -10.61
C SER G 153 -20.33 73.94 -9.41
N GLY G 154 -20.99 75.07 -9.66
CA GLY G 154 -21.63 75.79 -8.58
C GLY G 154 -22.93 75.20 -8.09
N GLU G 155 -23.41 74.14 -8.72
CA GLU G 155 -24.61 73.46 -8.25
C GLU G 155 -24.38 72.88 -6.87
N MET G 156 -25.44 72.84 -6.06
CA MET G 156 -25.33 72.24 -4.74
C MET G 156 -24.98 70.76 -4.84
N MET G 157 -25.61 70.04 -5.76
CA MET G 157 -25.35 68.62 -5.90
C MET G 157 -23.91 68.36 -6.36
N ALA G 158 -23.39 69.23 -7.24
CA ALA G 158 -22.03 69.04 -7.72
C ALA G 158 -21.01 69.19 -6.59
N MET G 159 -21.18 70.22 -5.76
CA MET G 159 -20.26 70.39 -4.64
C MET G 159 -20.45 69.32 -3.58
N TYR G 160 -21.68 68.85 -3.37
CA TYR G 160 -21.88 67.72 -2.46
C TYR G 160 -21.17 66.48 -2.98
N ALA G 161 -21.23 66.24 -4.30
CA ALA G 161 -20.55 65.09 -4.88
C ALA G 161 -19.03 65.24 -4.76
N ALA G 162 -18.51 66.44 -4.98
CA ALA G 162 -17.08 66.65 -4.81
C ALA G 162 -16.64 66.41 -3.37
N ASN G 163 -17.44 66.88 -2.41
CA ASN G 163 -17.12 66.64 -1.00
C ASN G 163 -17.18 65.16 -0.65
N ASN G 164 -18.19 64.45 -1.17
CA ASN G 164 -18.30 63.02 -0.94
C ASN G 164 -17.11 62.27 -1.54
N ILE G 165 -16.69 62.68 -2.74
CA ILE G 165 -15.55 62.05 -3.38
C ILE G 165 -14.28 62.32 -2.57
N SER G 166 -14.16 63.52 -2.01
CA SER G 166 -13.01 63.80 -1.13
C SER G 166 -13.03 62.91 0.11
N LYS G 167 -14.21 62.71 0.71
CA LYS G 167 -14.34 61.80 1.83
C LYS G 167 -13.87 60.40 1.46
N GLY G 168 -14.27 59.94 0.27
CA GLY G 168 -13.80 58.65 -0.21
C GLY G 168 -12.30 58.63 -0.46
N ILE G 169 -11.74 59.75 -0.92
CA ILE G 169 -10.32 59.83 -1.22
C ILE G 169 -9.49 59.69 0.04
N VAL G 170 -10.00 60.24 1.16
CA VAL G 170 -9.21 60.35 2.39
C VAL G 170 -8.49 59.04 2.74
N LYS G 171 -9.18 57.91 2.60
CA LYS G 171 -8.57 56.64 3.00
C LYS G 171 -7.37 56.28 2.12
N TYR G 172 -7.48 56.50 0.81
CA TYR G 172 -6.36 56.20 -0.08
C TYR G 172 -5.24 57.22 0.10
N ALA G 173 -5.60 58.47 0.36
CA ALA G 173 -4.59 59.50 0.58
C ALA G 173 -3.78 59.20 1.83
N ASN G 174 -4.43 58.75 2.90
CA ASN G 174 -3.71 58.35 4.10
C ASN G 174 -3.04 56.98 3.95
N SER G 175 -3.48 56.17 2.99
CA SER G 175 -2.85 54.86 2.79
C SER G 175 -1.60 54.95 1.91
N GLY G 176 -1.59 55.86 0.95
CA GLY G 176 -0.50 55.97 0.00
C GLY G 176 -0.05 57.41 -0.16
N SER G 177 0.43 57.72 -1.36
CA SER G 177 0.97 59.03 -1.68
C SER G 177 0.06 59.84 -2.59
N VAL G 178 -1.18 59.39 -2.81
CA VAL G 178 -2.09 60.10 -3.69
C VAL G 178 -2.66 61.31 -2.96
N ARG G 179 -2.72 62.44 -3.66
CA ARG G 179 -3.24 63.68 -3.10
C ARG G 179 -4.18 64.34 -4.09
N LEU G 180 -4.83 65.41 -3.63
CA LEU G 180 -5.78 66.16 -4.44
C LEU G 180 -5.10 67.41 -4.96
N GLY G 181 -4.97 67.51 -6.29
CA GLY G 181 -4.32 68.66 -6.90
C GLY G 181 -5.18 69.89 -7.02
N GLY G 182 -6.48 69.79 -6.80
CA GLY G 182 -7.38 70.92 -6.85
C GLY G 182 -8.62 70.64 -7.69
N LEU G 183 -9.58 71.54 -7.56
CA LEU G 183 -10.84 71.44 -8.28
C LEU G 183 -10.74 72.13 -9.63
N ILE G 184 -11.27 71.48 -10.66
CA ILE G 184 -11.48 72.10 -11.97
C ILE G 184 -12.95 72.45 -12.07
N CYS G 185 -13.25 73.71 -12.35
CA CYS G 185 -14.63 74.19 -12.40
C CYS G 185 -15.12 74.18 -13.84
N ASN G 186 -16.14 73.38 -14.11
CA ASN G 186 -16.84 73.40 -15.39
C ASN G 186 -18.07 74.29 -15.20
N SER G 187 -18.09 75.42 -15.90
CA SER G 187 -19.14 76.41 -15.69
C SER G 187 -20.51 75.83 -16.01
N ARG G 188 -21.48 76.12 -15.14
CA ARG G 188 -22.87 75.73 -15.35
C ARG G 188 -23.80 76.95 -15.29
N ASN G 189 -23.23 78.16 -15.30
CA ASN G 189 -23.98 79.41 -15.27
C ASN G 189 -24.89 79.48 -14.05
N THR G 190 -24.26 79.47 -12.89
CA THR G 190 -24.94 79.54 -11.60
C THR G 190 -24.54 80.83 -10.89
N ASP G 191 -25.44 81.31 -10.03
CA ASP G 191 -25.14 82.50 -9.23
C ASP G 191 -23.93 82.25 -8.33
N ARG G 192 -22.93 83.12 -8.46
CA ARG G 192 -21.71 83.03 -7.66
C ARG G 192 -21.05 81.66 -7.79
N GLU G 193 -20.92 81.18 -9.02
CA GLU G 193 -20.26 79.91 -9.27
C GLU G 193 -18.80 79.96 -8.83
N ASP G 194 -18.08 81.01 -9.22
CA ASP G 194 -16.69 81.16 -8.82
C ASP G 194 -16.54 81.24 -7.31
N GLU G 195 -17.40 82.01 -6.65
CA GLU G 195 -17.33 82.14 -5.21
C GLU G 195 -17.57 80.80 -4.53
N LEU G 196 -18.57 80.05 -4.99
CA LEU G 196 -18.87 78.75 -4.39
C LEU G 196 -17.71 77.78 -4.56
N ILE G 197 -17.15 77.71 -5.77
CA ILE G 197 -16.03 76.79 -6.00
C ILE G 197 -14.82 77.17 -5.18
N ILE G 198 -14.49 78.47 -5.13
CA ILE G 198 -13.31 78.91 -4.41
C ILE G 198 -13.47 78.65 -2.91
N ALA G 199 -14.66 78.95 -2.36
CA ALA G 199 -14.90 78.71 -0.94
C ALA G 199 -14.85 77.23 -0.61
N LEU G 200 -15.44 76.39 -1.47
CA LEU G 200 -15.39 74.95 -1.23
C LEU G 200 -13.97 74.43 -1.28
N ALA G 201 -13.18 74.91 -2.24
CA ALA G 201 -11.77 74.50 -2.33
C ALA G 201 -11.01 74.92 -1.09
N ASN G 202 -11.24 76.14 -0.60
CA ASN G 202 -10.56 76.60 0.61
C ASN G 202 -10.96 75.75 1.81
N LYS G 203 -12.25 75.41 1.92
CA LYS G 203 -12.70 74.57 3.03
C LYS G 203 -12.08 73.17 2.94
N LEU G 204 -11.95 72.63 1.73
CA LEU G 204 -11.30 71.35 1.55
C LEU G 204 -9.80 71.41 1.78
N GLY G 205 -9.22 72.61 1.77
CA GLY G 205 -7.78 72.75 1.86
C GLY G 205 -7.05 72.75 0.54
N THR G 206 -7.75 73.04 -0.56
CA THR G 206 -7.16 73.00 -1.89
C THR G 206 -7.55 74.28 -2.62
N GLN G 207 -7.29 74.32 -3.92
CA GLN G 207 -7.57 75.49 -4.74
C GLN G 207 -8.35 75.07 -5.97
N MET G 208 -9.07 76.03 -6.56
CA MET G 208 -9.73 75.82 -7.84
C MET G 208 -8.72 76.13 -8.93
N ILE G 209 -8.26 75.09 -9.63
CA ILE G 209 -7.12 75.26 -10.53
C ILE G 209 -7.52 76.07 -11.76
N HIS G 210 -8.77 75.99 -12.19
CA HIS G 210 -9.18 76.73 -13.39
C HIS G 210 -10.70 76.74 -13.49
N PHE G 211 -11.23 77.87 -13.93
CA PHE G 211 -12.65 78.03 -14.24
C PHE G 211 -12.82 77.86 -15.74
N VAL G 212 -13.49 76.78 -16.16
CA VAL G 212 -13.71 76.47 -17.56
C VAL G 212 -15.08 77.02 -17.94
N PRO G 213 -15.17 78.02 -18.81
CA PRO G 213 -16.48 78.51 -19.23
C PRO G 213 -17.18 77.55 -20.18
N ARG G 214 -18.51 77.61 -20.17
CA ARG G 214 -19.34 76.88 -21.12
C ARG G 214 -19.48 77.72 -22.38
N ASP G 215 -18.83 77.30 -23.46
CA ASP G 215 -18.75 78.09 -24.68
C ASP G 215 -19.64 77.57 -25.81
N ASN G 216 -20.19 76.36 -25.67
CA ASN G 216 -21.07 75.75 -26.67
C ASN G 216 -20.34 75.45 -27.97
N VAL G 217 -19.06 75.84 -28.06
CA VAL G 217 -18.21 75.33 -29.11
C VAL G 217 -17.79 73.92 -28.78
N VAL G 218 -17.75 73.58 -27.50
CA VAL G 218 -17.48 72.22 -27.08
C VAL G 218 -18.56 71.28 -27.62
N GLN G 219 -19.83 71.65 -27.48
CA GLN G 219 -20.90 70.85 -28.03
C GLN G 219 -20.95 70.95 -29.55
N ARG G 220 -20.52 72.10 -30.10
CA ARG G 220 -20.35 72.19 -31.56
C ARG G 220 -19.26 71.25 -32.03
N ALA G 221 -18.12 71.24 -31.33
CA ALA G 221 -17.17 70.15 -31.49
C ALA G 221 -17.74 68.89 -30.85
N GLU G 222 -16.98 67.80 -30.89
CA GLU G 222 -17.31 66.54 -30.22
C GLU G 222 -18.61 65.95 -30.76
N ILE G 223 -19.27 66.68 -31.66
CA ILE G 223 -20.37 66.13 -32.44
C ILE G 223 -19.87 65.52 -33.74
N ARG G 224 -18.59 65.72 -34.07
CA ARG G 224 -17.96 65.08 -35.22
C ARG G 224 -16.68 64.36 -34.80
N ARG G 225 -16.68 63.83 -33.57
CA ARG G 225 -15.61 62.96 -33.06
C ARG G 225 -14.27 63.71 -32.96
N MET G 226 -14.28 64.90 -32.36
CA MET G 226 -13.02 65.62 -32.22
C MET G 226 -13.14 66.64 -31.09
N THR G 227 -11.99 66.96 -30.50
CA THR G 227 -11.90 67.98 -29.48
C THR G 227 -11.96 69.36 -30.12
N VAL G 228 -12.09 70.38 -29.27
CA VAL G 228 -12.14 71.76 -29.75
C VAL G 228 -10.82 72.14 -30.40
N ILE G 229 -9.71 71.62 -29.87
CA ILE G 229 -8.40 71.91 -30.45
C ILE G 229 -8.34 71.44 -31.89
N GLU G 230 -8.83 70.23 -32.16
CA GLU G 230 -8.89 69.75 -33.54
C GLU G 230 -9.98 70.45 -34.34
N TYR G 231 -10.94 71.10 -33.66
CA TYR G 231 -12.02 71.78 -34.36
C TYR G 231 -11.62 73.21 -34.73
N ASP G 232 -11.30 74.03 -33.73
CA ASP G 232 -10.99 75.43 -33.94
C ASP G 232 -9.96 75.85 -32.91
N PRO G 233 -8.67 75.67 -33.22
CA PRO G 233 -7.63 76.06 -32.26
C PRO G 233 -7.65 77.54 -31.92
N LYS G 234 -8.07 78.40 -32.85
CA LYS G 234 -8.14 79.84 -32.62
C LYS G 234 -9.34 80.25 -31.79
N ALA G 235 -10.22 79.31 -31.44
CA ALA G 235 -11.40 79.65 -30.65
C ALA G 235 -11.03 79.96 -29.21
N LYS G 236 -11.88 80.74 -28.55
CA LYS G 236 -11.62 81.16 -27.18
C LYS G 236 -11.57 79.97 -26.24
N GLN G 237 -12.49 79.02 -26.41
CA GLN G 237 -12.51 77.85 -25.53
C GLN G 237 -11.25 77.02 -25.68
N ALA G 238 -10.71 76.93 -26.90
CA ALA G 238 -9.45 76.23 -27.10
C ALA G 238 -8.31 76.92 -26.34
N ASP G 239 -8.30 78.25 -26.35
CA ASP G 239 -7.30 78.98 -25.59
C ASP G 239 -7.45 78.75 -24.10
N GLU G 240 -8.70 78.68 -23.61
CA GLU G 240 -8.90 78.38 -22.20
C GLU G 240 -8.50 76.96 -21.87
N TYR G 241 -8.63 76.03 -22.82
CA TYR G 241 -8.14 74.67 -22.60
C TYR G 241 -6.62 74.64 -22.56
N ARG G 242 -5.97 75.45 -23.39
CA ARG G 242 -4.52 75.61 -23.27
C ARG G 242 -4.14 76.15 -21.90
N ALA G 243 -4.90 77.13 -21.42
CA ALA G 243 -4.64 77.69 -20.08
C ALA G 243 -4.82 76.64 -19.00
N LEU G 244 -5.85 75.81 -19.13
CA LEU G 244 -6.08 74.74 -18.15
C LEU G 244 -4.92 73.75 -18.16
N ALA G 245 -4.46 73.37 -19.36
CA ALA G 245 -3.31 72.46 -19.45
C ALA G 245 -2.07 73.08 -18.82
N ARG G 246 -1.85 74.39 -19.06
CA ARG G 246 -0.69 75.06 -18.49
C ARG G 246 -0.76 75.08 -16.96
N LYS G 247 -1.93 75.44 -16.40
CA LYS G 247 -2.08 75.44 -14.96
C LYS G 247 -2.00 74.03 -14.38
N VAL G 248 -2.34 73.02 -15.18
CA VAL G 248 -2.19 71.63 -14.73
C VAL G 248 -0.73 71.25 -14.63
N VAL G 249 0.07 71.64 -15.63
CA VAL G 249 1.49 71.28 -15.64
C VAL G 249 2.21 71.91 -14.45
N ASP G 250 1.95 73.19 -14.20
CA ASP G 250 2.60 73.92 -13.11
C ASP G 250 1.68 73.99 -11.90
N ASN G 251 1.55 72.85 -11.21
CA ASN G 251 0.75 72.75 -10.00
C ASN G 251 1.53 71.99 -8.95
N LYS G 252 1.52 72.51 -7.71
CA LYS G 252 2.30 71.93 -6.63
C LYS G 252 1.53 71.78 -5.33
N LEU G 253 0.27 72.19 -5.29
CA LEU G 253 -0.53 72.05 -4.07
C LEU G 253 -1.23 70.70 -4.12
N LEU G 254 -0.60 69.70 -3.51
CA LEU G 254 -1.15 68.35 -3.40
C LEU G 254 -1.41 68.09 -1.92
N VAL G 255 -2.69 68.01 -1.55
CA VAL G 255 -3.09 67.97 -0.15
C VAL G 255 -4.00 66.77 0.09
N ILE G 256 -4.07 66.38 1.36
CA ILE G 256 -5.05 65.41 1.83
C ILE G 256 -6.34 66.18 2.16
N PRO G 257 -7.44 65.93 1.47
CA PRO G 257 -8.63 66.77 1.67
C PRO G 257 -9.16 66.69 3.08
N ASN G 258 -9.63 67.82 3.59
CA ASN G 258 -10.32 67.88 4.86
C ASN G 258 -11.78 68.12 4.57
N PRO G 259 -12.55 67.08 4.26
CA PRO G 259 -13.93 67.28 3.82
C PRO G 259 -14.80 67.79 4.96
N ILE G 260 -15.83 68.52 4.58
CA ILE G 260 -16.66 69.25 5.54
C ILE G 260 -17.97 68.51 5.74
N THR G 261 -18.47 68.58 6.96
CA THR G 261 -19.75 68.00 7.32
C THR G 261 -20.88 68.71 6.54
N MET G 262 -22.00 68.01 6.38
CA MET G 262 -23.14 68.55 5.64
C MET G 262 -23.57 69.92 6.17
N ASP G 263 -23.40 70.17 7.47
CA ASP G 263 -23.78 71.46 8.03
C ASP G 263 -22.94 72.60 7.46
N GLU G 264 -21.61 72.44 7.49
CA GLU G 264 -20.77 73.50 6.94
C GLU G 264 -20.95 73.65 5.44
N LEU G 265 -21.30 72.55 4.75
CA LEU G 265 -21.67 72.67 3.34
C LEU G 265 -22.91 73.55 3.18
N GLU G 266 -23.90 73.36 4.06
CA GLU G 266 -25.09 74.19 4.01
C GLU G 266 -24.75 75.66 4.25
N GLU G 267 -23.90 75.94 5.24
CA GLU G 267 -23.46 77.31 5.47
C GLU G 267 -22.73 77.88 4.27
N LEU G 268 -21.88 77.07 3.63
CA LEU G 268 -21.20 77.53 2.42
C LEU G 268 -22.21 77.92 1.35
N LEU G 269 -23.26 77.13 1.18
CA LEU G 269 -24.30 77.47 0.21
C LEU G 269 -25.02 78.75 0.61
N MET G 270 -25.33 78.93 1.90
CA MET G 270 -26.06 80.11 2.33
C MET G 270 -25.25 81.38 2.15
N GLU G 271 -23.97 81.35 2.52
CA GLU G 271 -23.16 82.57 2.45
C GLU G 271 -22.37 82.69 1.15
N PHE G 272 -22.56 81.79 0.20
CA PHE G 272 -21.96 81.95 -1.12
C PHE G 272 -22.90 81.63 -2.28
N GLY G 273 -24.14 81.22 -2.02
CA GLY G 273 -25.02 80.83 -3.10
C GLY G 273 -26.36 81.54 -3.13
N ILE G 274 -26.50 82.61 -2.36
CA ILE G 274 -27.72 83.41 -2.33
C ILE G 274 -27.49 84.68 -3.14
N MET G 275 -28.46 85.03 -3.98
CA MET G 275 -28.41 86.15 -4.92
C MET G 275 -27.04 86.32 -5.58
N ALA H 2 -54.55 51.88 -7.55
CA ALA H 2 -53.39 52.70 -7.89
C ALA H 2 -52.11 51.89 -7.83
N MET H 3 -51.20 52.31 -6.96
CA MET H 3 -49.91 51.64 -6.75
C MET H 3 -49.12 51.54 -8.06
N ARG H 4 -48.77 52.71 -8.59
CA ARG H 4 -47.95 52.81 -9.78
C ARG H 4 -46.50 52.98 -9.36
N GLN H 5 -45.63 52.09 -9.84
CA GLN H 5 -44.23 52.09 -9.47
C GLN H 5 -43.39 52.51 -10.66
N CYS H 6 -42.62 53.58 -10.49
CA CYS H 6 -41.81 54.16 -11.54
C CYS H 6 -40.36 54.27 -11.06
N ALA H 7 -39.44 54.13 -12.01
CA ALA H 7 -38.02 54.23 -11.74
C ALA H 7 -37.43 55.34 -12.61
N ILE H 8 -36.69 56.24 -11.99
CA ILE H 8 -36.07 57.37 -12.67
C ILE H 8 -34.61 57.03 -12.91
N TYR H 9 -34.25 56.95 -14.20
CA TYR H 9 -32.90 56.72 -14.67
C TYR H 9 -32.47 57.88 -15.55
N GLY H 10 -31.21 57.87 -15.95
CA GLY H 10 -30.70 58.90 -16.84
C GLY H 10 -29.20 59.05 -16.69
N LYS H 11 -28.68 60.03 -17.42
CA LYS H 11 -27.26 60.35 -17.35
C LYS H 11 -26.92 60.91 -15.97
N GLY H 12 -25.68 60.68 -15.55
CA GLY H 12 -25.21 61.22 -14.29
C GLY H 12 -25.30 62.73 -14.27
N GLY H 13 -25.81 63.28 -13.17
CA GLY H 13 -25.93 64.72 -13.04
C GLY H 13 -26.89 65.38 -13.99
N ILE H 14 -27.75 64.61 -14.68
CA ILE H 14 -28.72 65.18 -15.58
C ILE H 14 -29.92 65.77 -14.85
N GLY H 15 -30.00 65.56 -13.54
CA GLY H 15 -31.09 66.09 -12.74
C GLY H 15 -32.16 65.10 -12.35
N LYS H 16 -31.84 63.82 -12.22
CA LYS H 16 -32.85 62.83 -11.87
C LYS H 16 -33.42 63.10 -10.48
N SER H 17 -32.55 63.35 -9.50
CA SER H 17 -33.01 63.55 -8.13
C SER H 17 -33.82 64.83 -8.01
N THR H 18 -33.32 65.93 -8.56
CA THR H 18 -34.03 67.20 -8.47
C THR H 18 -35.37 67.13 -9.19
N THR H 19 -35.37 66.58 -10.41
CA THR H 19 -36.61 66.48 -11.17
C THR H 19 -37.62 65.57 -10.47
N THR H 20 -37.15 64.43 -9.94
CA THR H 20 -38.07 63.52 -9.29
C THR H 20 -38.63 64.11 -8.00
N GLN H 21 -37.83 64.89 -7.27
CA GLN H 21 -38.33 65.50 -6.04
C GLN H 21 -39.34 66.60 -6.36
N ASN H 22 -39.06 67.42 -7.38
CA ASN H 22 -40.03 68.44 -7.77
C ASN H 22 -41.31 67.81 -8.31
N LEU H 23 -41.18 66.72 -9.08
CA LEU H 23 -42.33 65.99 -9.56
C LEU H 23 -43.17 65.44 -8.41
N VAL H 24 -42.51 64.88 -7.40
CA VAL H 24 -43.23 64.32 -6.26
C VAL H 24 -43.91 65.42 -5.45
N ALA H 25 -43.26 66.58 -5.33
CA ALA H 25 -43.90 67.71 -4.66
C ALA H 25 -45.15 68.16 -5.41
N ALA H 26 -45.06 68.27 -6.73
CA ALA H 26 -46.24 68.62 -7.52
C ALA H 26 -47.31 67.52 -7.45
N LEU H 27 -46.89 66.26 -7.31
CA LEU H 27 -47.83 65.16 -7.22
C LEU H 27 -48.59 65.17 -5.91
N ALA H 28 -47.89 65.44 -4.81
CA ALA H 28 -48.55 65.59 -3.52
C ALA H 28 -49.38 66.86 -3.46
N GLU H 29 -49.04 67.87 -4.25
CA GLU H 29 -49.91 69.02 -4.41
C GLU H 29 -51.24 68.61 -5.02
N MET H 30 -51.21 67.70 -5.98
CA MET H 30 -52.42 67.13 -6.59
C MET H 30 -53.17 66.21 -5.65
N GLY H 31 -52.73 66.05 -4.40
CA GLY H 31 -53.41 65.20 -3.45
C GLY H 31 -53.07 63.72 -3.55
N LYS H 32 -52.02 63.36 -4.30
CA LYS H 32 -51.68 61.96 -4.50
C LYS H 32 -50.60 61.54 -3.51
N LYS H 33 -50.81 60.39 -2.88
CA LYS H 33 -49.83 59.85 -1.93
C LYS H 33 -48.64 59.29 -2.69
N VAL H 34 -47.44 59.75 -2.37
CA VAL H 34 -46.22 59.36 -3.06
C VAL H 34 -45.23 58.82 -2.06
N MET H 35 -44.33 57.95 -2.55
CA MET H 35 -43.21 57.44 -1.79
C MET H 35 -41.96 57.54 -2.64
N ILE H 36 -40.84 57.90 -2.03
CA ILE H 36 -39.57 58.07 -2.72
C ILE H 36 -38.57 57.09 -2.12
N VAL H 37 -37.98 56.26 -2.97
CA VAL H 37 -36.89 55.37 -2.58
C VAL H 37 -35.66 55.79 -3.38
N GLY H 38 -34.65 56.27 -2.67
CA GLY H 38 -33.42 56.67 -3.33
C GLY H 38 -32.41 55.54 -3.39
N CYS H 39 -32.16 55.02 -4.58
CA CYS H 39 -31.18 53.94 -4.77
C CYS H 39 -29.84 54.51 -5.25
N ASP H 40 -29.25 55.33 -4.39
CA ASP H 40 -27.99 56.01 -4.64
C ASP H 40 -27.20 55.93 -3.35
N PRO H 41 -25.93 55.51 -3.39
CA PRO H 41 -25.16 55.40 -2.14
C PRO H 41 -25.07 56.69 -1.36
N LYS H 42 -25.04 57.84 -2.02
CA LYS H 42 -25.23 59.11 -1.33
C LYS H 42 -26.73 59.35 -1.19
N ALA H 43 -27.18 59.58 0.03
CA ALA H 43 -28.61 59.70 0.29
C ALA H 43 -29.11 61.09 -0.07
N ASP H 44 -28.89 61.51 -1.31
CA ASP H 44 -29.21 62.86 -1.75
C ASP H 44 -30.52 62.93 -2.53
N SER H 45 -31.28 61.84 -2.58
CA SER H 45 -32.52 61.82 -3.32
C SER H 45 -33.70 62.40 -2.56
N THR H 46 -33.48 62.83 -1.30
CA THR H 46 -34.58 63.32 -0.49
C THR H 46 -34.16 64.55 0.31
N ARG H 47 -33.28 65.38 -0.23
CA ARG H 47 -32.90 66.59 0.50
C ARG H 47 -33.97 67.66 0.41
N LEU H 48 -34.74 67.70 -0.68
CA LEU H 48 -35.73 68.75 -0.90
C LEU H 48 -37.12 68.37 -0.41
N ILE H 49 -37.30 67.17 0.13
CA ILE H 49 -38.57 66.74 0.67
C ILE H 49 -38.53 66.62 2.19
N LEU H 50 -37.46 66.05 2.72
CA LEU H 50 -37.21 66.05 4.16
C LEU H 50 -36.66 67.38 4.65
N HIS H 51 -36.33 68.30 3.75
CA HIS H 51 -35.78 69.61 4.08
C HIS H 51 -34.44 69.51 4.79
N SER H 52 -33.78 68.37 4.65
CA SER H 52 -32.46 68.11 5.22
C SER H 52 -31.94 66.82 4.61
N LYS H 53 -30.63 66.64 4.70
CA LYS H 53 -30.04 65.38 4.24
C LYS H 53 -30.53 64.24 5.11
N ALA H 54 -31.02 63.18 4.47
CA ALA H 54 -31.53 62.04 5.22
C ALA H 54 -30.40 61.37 5.98
N GLN H 55 -30.61 61.16 7.27
CA GLN H 55 -29.60 60.54 8.11
C GLN H 55 -29.81 59.02 8.20
N ASN H 56 -31.02 58.60 8.58
CA ASN H 56 -31.30 57.19 8.85
C ASN H 56 -31.54 56.46 7.54
N THR H 57 -30.45 56.17 6.84
CA THR H 57 -30.55 55.33 5.66
C THR H 57 -30.67 53.87 6.08
N ILE H 58 -31.15 53.04 5.16
CA ILE H 58 -31.38 51.63 5.48
C ILE H 58 -30.09 50.94 5.84
N MET H 59 -29.02 51.17 5.07
CA MET H 59 -27.76 50.51 5.34
C MET H 59 -27.14 51.00 6.65
N GLU H 60 -27.23 52.31 6.92
CA GLU H 60 -26.69 52.83 8.18
C GLU H 60 -27.41 52.24 9.38
N MET H 61 -28.75 52.21 9.34
CA MET H 61 -29.50 51.66 10.46
C MET H 61 -29.32 50.15 10.58
N ALA H 62 -29.07 49.47 9.47
CA ALA H 62 -28.80 48.04 9.53
C ALA H 62 -27.44 47.75 10.15
N ALA H 63 -26.42 48.52 9.76
CA ALA H 63 -25.10 48.34 10.34
C ALA H 63 -25.09 48.71 11.82
N GLU H 64 -25.77 49.80 12.19
CA GLU H 64 -25.81 50.23 13.58
C GLU H 64 -26.59 49.27 14.47
N ALA H 65 -27.46 48.45 13.90
CA ALA H 65 -28.28 47.51 14.66
C ALA H 65 -27.87 46.06 14.40
N GLY H 66 -26.66 45.83 13.92
CA GLY H 66 -26.23 44.48 13.61
C GLY H 66 -26.48 44.11 12.15
N THR H 67 -27.58 43.41 11.91
CA THR H 67 -27.93 42.95 10.58
C THR H 67 -29.26 43.57 10.14
N VAL H 68 -29.52 43.51 8.83
CA VAL H 68 -30.73 44.10 8.28
C VAL H 68 -31.98 43.41 8.81
N GLU H 69 -31.85 42.14 9.22
CA GLU H 69 -33.00 41.43 9.77
C GLU H 69 -33.40 41.92 11.14
N ASP H 70 -32.58 42.77 11.77
CA ASP H 70 -32.90 43.39 13.06
C ASP H 70 -33.25 44.86 12.89
N LEU H 71 -33.97 45.18 11.81
CA LEU H 71 -34.35 46.54 11.49
C LEU H 71 -35.85 46.62 11.31
N GLU H 72 -36.40 47.82 11.48
CA GLU H 72 -37.82 48.06 11.34
C GLU H 72 -38.06 49.22 10.39
N LEU H 73 -39.27 49.23 9.80
CA LEU H 73 -39.60 50.23 8.79
C LEU H 73 -39.58 51.65 9.35
N GLU H 74 -40.15 51.85 10.54
CA GLU H 74 -40.29 53.19 11.07
C GLU H 74 -38.94 53.82 11.42
N ASP H 75 -37.88 53.03 11.50
CA ASP H 75 -36.56 53.58 11.77
C ASP H 75 -35.97 54.29 10.55
N VAL H 76 -36.38 53.89 9.34
CA VAL H 76 -35.78 54.42 8.12
C VAL H 76 -36.79 55.22 7.32
N LEU H 77 -38.06 54.86 7.43
CA LEU H 77 -39.11 55.53 6.66
C LEU H 77 -39.54 56.82 7.35
N LYS H 78 -39.49 57.93 6.63
CA LYS H 78 -39.86 59.23 7.17
C LYS H 78 -40.70 59.98 6.15
N ALA H 79 -41.46 60.96 6.64
CA ALA H 79 -42.35 61.75 5.81
C ALA H 79 -41.89 63.20 5.78
N GLY H 80 -42.15 63.87 4.66
CA GLY H 80 -41.75 65.25 4.49
C GLY H 80 -42.83 66.13 3.91
N TYR H 81 -42.48 66.91 2.88
CA TYR H 81 -43.45 67.79 2.25
C TYR H 81 -44.60 67.00 1.63
N GLY H 82 -45.81 67.51 1.80
CA GLY H 82 -46.98 66.86 1.25
C GLY H 82 -47.27 65.50 1.83
N GLY H 83 -46.71 65.19 3.01
CA GLY H 83 -46.87 63.87 3.57
C GLY H 83 -46.19 62.77 2.80
N VAL H 84 -45.22 63.11 1.96
CA VAL H 84 -44.57 62.13 1.11
C VAL H 84 -43.64 61.27 1.94
N LYS H 85 -43.91 59.97 2.00
CA LYS H 85 -43.02 59.05 2.69
C LYS H 85 -41.70 58.92 1.95
N CYS H 86 -40.61 58.91 2.71
CA CYS H 86 -39.28 58.96 2.11
C CYS H 86 -38.35 57.98 2.83
N VAL H 87 -37.67 57.15 2.06
CA VAL H 87 -36.68 56.23 2.60
C VAL H 87 -35.48 56.22 1.65
N GLU H 88 -34.28 56.21 2.22
CA GLU H 88 -33.05 56.26 1.44
C GLU H 88 -32.30 54.95 1.60
N SER H 89 -31.99 54.30 0.49
CA SER H 89 -31.01 53.23 0.52
C SER H 89 -29.66 53.83 0.90
N GLY H 90 -28.95 53.15 1.79
CA GLY H 90 -27.67 53.65 2.23
C GLY H 90 -26.59 53.47 1.17
N GLY H 91 -25.36 53.29 1.62
CA GLY H 91 -24.28 53.06 0.70
C GLY H 91 -22.96 53.58 1.23
N PRO H 92 -21.87 52.99 0.76
CA PRO H 92 -20.54 53.39 1.22
C PRO H 92 -20.19 54.78 0.71
N GLU H 93 -19.23 55.40 1.39
CA GLU H 93 -18.57 56.56 0.82
C GLU H 93 -17.84 56.13 -0.44
N PRO H 94 -17.63 57.04 -1.39
CA PRO H 94 -17.11 56.63 -2.71
C PRO H 94 -15.78 55.91 -2.61
N GLY H 95 -15.59 54.94 -3.50
CA GLY H 95 -14.33 54.25 -3.62
C GLY H 95 -14.13 53.06 -2.70
N VAL H 96 -15.18 52.58 -2.05
CA VAL H 96 -15.08 51.47 -1.11
C VAL H 96 -16.40 50.72 -1.10
N GLY H 97 -16.36 49.49 -0.61
CA GLY H 97 -17.58 48.71 -0.43
C GLY H 97 -18.25 48.33 -1.75
N CYS H 98 -19.58 48.23 -1.70
CA CYS H 98 -20.37 47.80 -2.84
C CYS H 98 -21.75 48.44 -2.71
N ALA H 99 -21.97 49.52 -3.46
CA ALA H 99 -23.25 50.22 -3.37
C ALA H 99 -24.37 49.44 -4.03
N GLY H 100 -24.05 48.60 -5.02
CA GLY H 100 -25.06 47.75 -5.62
C GLY H 100 -25.66 46.79 -4.61
N ARG H 101 -24.82 46.18 -3.77
CA ARG H 101 -25.32 45.32 -2.71
C ARG H 101 -26.13 46.12 -1.70
N GLY H 102 -25.74 47.37 -1.44
CA GLY H 102 -26.53 48.20 -0.55
C GLY H 102 -27.93 48.44 -1.08
N VAL H 103 -28.04 48.72 -2.38
CA VAL H 103 -29.35 48.90 -2.98
C VAL H 103 -30.15 47.60 -2.96
N ILE H 104 -29.49 46.48 -3.25
CA ILE H 104 -30.17 45.18 -3.21
C ILE H 104 -30.74 44.94 -1.82
N THR H 105 -29.93 45.14 -0.78
CA THR H 105 -30.37 44.90 0.58
C THR H 105 -31.50 45.85 0.97
N ALA H 106 -31.40 47.12 0.57
CA ALA H 106 -32.44 48.09 0.90
C ALA H 106 -33.77 47.72 0.25
N ILE H 107 -33.74 47.34 -1.02
CA ILE H 107 -34.98 47.01 -1.72
C ILE H 107 -35.56 45.71 -1.16
N ASN H 108 -34.71 44.74 -0.83
CA ASN H 108 -35.19 43.49 -0.24
C ASN H 108 -35.82 43.74 1.12
N PHE H 109 -35.21 44.63 1.91
CA PHE H 109 -35.79 44.99 3.21
C PHE H 109 -37.14 45.67 3.03
N LEU H 110 -37.25 46.59 2.08
CA LEU H 110 -38.51 47.28 1.86
C LEU H 110 -39.60 46.29 1.41
N GLU H 111 -39.23 45.35 0.54
CA GLU H 111 -40.19 44.34 0.09
C GLU H 111 -40.64 43.46 1.24
N GLU H 112 -39.69 42.94 2.03
CA GLU H 112 -40.03 42.01 3.09
C GLU H 112 -40.84 42.68 4.19
N GLU H 113 -40.60 43.95 4.47
CA GLU H 113 -41.29 44.67 5.52
C GLU H 113 -42.63 45.25 5.07
N GLY H 114 -42.98 45.11 3.80
CA GLY H 114 -44.23 45.66 3.30
C GLY H 114 -44.27 47.18 3.33
N ALA H 115 -43.23 47.81 2.79
CA ALA H 115 -43.17 49.27 2.77
C ALA H 115 -44.13 49.91 1.77
N TYR H 116 -44.77 49.11 0.91
CA TYR H 116 -45.62 49.66 -0.15
C TYR H 116 -47.11 49.37 0.04
N GLU H 117 -47.48 48.51 1.00
CA GLU H 117 -48.89 48.24 1.22
C GLU H 117 -49.55 49.41 1.94
N ASP H 118 -50.09 50.36 1.18
CA ASP H 118 -50.69 51.56 1.75
C ASP H 118 -51.67 52.11 0.72
N ASP H 119 -52.11 53.36 0.95
CA ASP H 119 -52.89 54.08 -0.02
C ASP H 119 -52.00 54.83 -1.02
N LEU H 120 -50.72 54.45 -1.08
CA LEU H 120 -49.78 55.09 -2.00
C LEU H 120 -50.25 54.93 -3.43
N ASP H 121 -50.17 56.03 -4.19
CA ASP H 121 -50.50 56.02 -5.60
C ASP H 121 -49.26 55.98 -6.50
N PHE H 122 -48.10 56.37 -5.97
CA PHE H 122 -46.88 56.41 -6.76
C PHE H 122 -45.70 56.06 -5.87
N VAL H 123 -44.81 55.22 -6.38
CA VAL H 123 -43.56 54.89 -5.72
C VAL H 123 -42.44 55.13 -6.73
N PHE H 124 -41.56 56.08 -6.44
CA PHE H 124 -40.51 56.48 -7.36
C PHE H 124 -39.16 56.00 -6.84
N TYR H 125 -38.47 55.18 -7.62
CA TYR H 125 -37.11 54.75 -7.34
C TYR H 125 -36.17 55.68 -8.09
N ASP H 126 -35.53 56.59 -7.38
CA ASP H 126 -34.56 57.49 -8.00
C ASP H 126 -33.21 56.81 -8.02
N VAL H 127 -32.71 56.43 -9.21
CA VAL H 127 -31.47 55.70 -9.31
C VAL H 127 -30.36 56.66 -9.71
N LEU H 128 -29.12 56.23 -9.48
CA LEU H 128 -27.97 57.00 -9.93
C LEU H 128 -27.82 56.90 -11.44
N GLY H 129 -26.84 57.63 -11.97
CA GLY H 129 -26.62 57.68 -13.40
C GLY H 129 -25.89 56.49 -13.98
N ASP H 130 -24.80 56.08 -13.33
CA ASP H 130 -23.97 54.98 -13.84
C ASP H 130 -24.49 53.66 -13.28
N VAL H 131 -25.41 53.04 -14.02
CA VAL H 131 -25.91 51.71 -13.68
C VAL H 131 -24.83 50.72 -14.12
N VAL H 132 -23.98 50.31 -13.18
CA VAL H 132 -22.79 49.52 -13.50
C VAL H 132 -22.89 48.09 -13.02
N CYS H 133 -24.01 47.70 -12.39
CA CYS H 133 -24.15 46.34 -11.90
C CYS H 133 -25.63 46.02 -11.78
N GLY H 134 -25.92 44.74 -11.50
CA GLY H 134 -27.29 44.30 -11.40
C GLY H 134 -28.06 44.96 -10.27
N GLY H 135 -27.37 45.31 -9.19
CA GLY H 135 -28.04 45.89 -8.04
C GLY H 135 -28.78 47.18 -8.37
N PHE H 136 -28.17 48.03 -9.19
CA PHE H 136 -28.81 49.28 -9.57
C PHE H 136 -29.90 49.08 -10.61
N ALA H 137 -30.04 47.88 -11.15
CA ALA H 137 -31.22 47.51 -11.93
C ALA H 137 -32.26 46.78 -11.07
N MET H 138 -32.00 46.66 -9.77
CA MET H 138 -33.00 46.06 -8.87
C MET H 138 -34.34 46.77 -8.89
N PRO H 139 -34.44 48.10 -8.96
CA PRO H 139 -35.77 48.73 -9.00
C PRO H 139 -36.65 48.28 -10.15
N ILE H 140 -36.09 47.80 -11.26
CA ILE H 140 -36.90 47.47 -12.42
C ILE H 140 -37.02 45.96 -12.62
N ARG H 141 -36.91 45.20 -11.53
CA ARG H 141 -37.13 43.77 -11.61
C ARG H 141 -38.62 43.45 -11.57
N GLU H 142 -38.94 42.17 -11.54
CA GLU H 142 -40.34 41.75 -11.51
C GLU H 142 -40.97 42.11 -10.17
N ASN H 143 -42.26 42.44 -10.22
CA ASN H 143 -43.02 42.90 -9.05
C ASN H 143 -42.37 44.13 -8.42
N LYS H 144 -41.87 45.02 -9.27
CA LYS H 144 -41.20 46.25 -8.86
C LYS H 144 -41.67 47.34 -9.83
N ALA H 145 -40.90 48.42 -9.91
CA ALA H 145 -41.21 49.52 -10.81
C ALA H 145 -41.63 49.02 -12.19
N GLN H 146 -42.85 49.37 -12.59
CA GLN H 146 -43.37 48.97 -13.90
C GLN H 146 -43.13 50.00 -14.97
N GLU H 147 -42.93 51.27 -14.60
CA GLU H 147 -42.61 52.31 -15.57
C GLU H 147 -41.19 52.80 -15.33
N ILE H 148 -40.51 53.16 -16.42
CA ILE H 148 -39.18 53.75 -16.37
C ILE H 148 -39.23 55.09 -17.08
N TYR H 149 -38.72 56.13 -16.43
CA TYR H 149 -38.56 57.42 -17.05
C TYR H 149 -37.08 57.78 -17.08
N ILE H 150 -36.58 58.12 -18.27
CA ILE H 150 -35.18 58.48 -18.47
C ILE H 150 -35.11 59.99 -18.65
N VAL H 151 -34.28 60.63 -17.84
CA VAL H 151 -34.03 62.06 -17.95
C VAL H 151 -32.81 62.27 -18.83
N CYS H 152 -32.95 63.13 -19.84
CA CYS H 152 -31.89 63.32 -20.83
C CYS H 152 -31.78 64.80 -21.18
N SER H 153 -30.86 65.10 -22.08
CA SER H 153 -30.65 66.45 -22.57
C SER H 153 -30.02 66.36 -23.95
N GLY H 154 -29.89 67.51 -24.62
CA GLY H 154 -29.44 67.55 -25.99
C GLY H 154 -27.95 67.36 -26.20
N GLU H 155 -27.16 67.34 -25.13
CA GLU H 155 -25.73 67.09 -25.27
C GLU H 155 -25.48 65.66 -25.73
N MET H 156 -24.42 65.49 -26.52
CA MET H 156 -24.14 64.20 -27.17
C MET H 156 -24.09 63.05 -26.16
N MET H 157 -23.30 63.20 -25.10
CA MET H 157 -23.10 62.08 -24.19
C MET H 157 -24.33 61.83 -23.32
N ALA H 158 -25.19 62.83 -23.10
CA ALA H 158 -26.45 62.58 -22.43
C ALA H 158 -27.34 61.65 -23.26
N MET H 159 -27.42 61.90 -24.57
CA MET H 159 -28.19 61.02 -25.44
C MET H 159 -27.54 59.65 -25.57
N TYR H 160 -26.21 59.60 -25.62
CA TYR H 160 -25.53 58.31 -25.63
C TYR H 160 -25.83 57.52 -24.37
N ALA H 161 -25.82 58.18 -23.21
CA ALA H 161 -26.19 57.51 -21.98
C ALA H 161 -27.63 57.03 -22.03
N ALA H 162 -28.53 57.85 -22.59
CA ALA H 162 -29.92 57.41 -22.73
C ALA H 162 -30.01 56.13 -23.54
N ASN H 163 -29.26 56.08 -24.64
CA ASN H 163 -29.23 54.87 -25.46
C ASN H 163 -28.65 53.68 -24.68
N ASN H 164 -27.60 53.92 -23.90
CA ASN H 164 -26.96 52.84 -23.14
C ASN H 164 -27.87 52.29 -22.05
N ILE H 165 -28.54 53.16 -21.29
CA ILE H 165 -29.55 52.70 -20.34
C ILE H 165 -30.71 52.00 -21.04
N SER H 166 -31.07 52.43 -22.26
CA SER H 166 -32.08 51.66 -22.99
C SER H 166 -31.59 50.24 -23.30
N LYS H 167 -30.33 50.13 -23.71
CA LYS H 167 -29.74 48.81 -23.97
C LYS H 167 -29.80 47.95 -22.72
N GLY H 168 -29.43 48.53 -21.57
CA GLY H 168 -29.51 47.79 -20.33
C GLY H 168 -30.94 47.44 -19.93
N ILE H 169 -31.89 48.33 -20.24
CA ILE H 169 -33.27 48.15 -19.86
C ILE H 169 -33.90 46.99 -20.63
N VAL H 170 -33.46 46.78 -21.87
CA VAL H 170 -34.12 45.81 -22.75
C VAL H 170 -34.22 44.43 -22.10
N LYS H 171 -33.16 43.99 -21.41
CA LYS H 171 -33.17 42.65 -20.84
C LYS H 171 -34.21 42.50 -19.74
N TYR H 172 -34.38 43.53 -18.90
CA TYR H 172 -35.40 43.46 -17.86
C TYR H 172 -36.80 43.68 -18.42
N ALA H 173 -36.91 44.45 -19.51
CA ALA H 173 -38.20 44.61 -20.17
C ALA H 173 -38.68 43.28 -20.75
N ASN H 174 -37.76 42.50 -21.32
CA ASN H 174 -38.12 41.18 -21.83
C ASN H 174 -38.36 40.21 -20.69
N SER H 175 -37.54 40.27 -19.63
CA SER H 175 -37.70 39.34 -18.52
C SER H 175 -38.97 39.60 -17.73
N GLY H 176 -39.41 40.86 -17.65
CA GLY H 176 -40.57 41.20 -16.85
C GLY H 176 -41.59 42.07 -17.53
N SER H 177 -42.38 42.81 -16.74
CA SER H 177 -43.42 43.68 -17.26
C SER H 177 -43.00 45.15 -17.32
N VAL H 178 -41.76 45.46 -16.93
CA VAL H 178 -41.33 46.85 -16.89
C VAL H 178 -41.25 47.40 -18.32
N ARG H 179 -41.60 48.68 -18.47
CA ARG H 179 -41.63 49.32 -19.77
C ARG H 179 -41.15 50.76 -19.64
N LEU H 180 -40.62 51.29 -20.74
CA LEU H 180 -40.14 52.67 -20.79
C LEU H 180 -41.33 53.59 -21.08
N GLY H 181 -41.76 54.33 -20.06
CA GLY H 181 -42.88 55.24 -20.24
C GLY H 181 -42.56 56.39 -21.17
N GLY H 182 -41.35 56.94 -21.07
CA GLY H 182 -40.97 58.05 -21.92
C GLY H 182 -39.72 58.72 -21.41
N LEU H 183 -39.38 59.83 -22.06
CA LEU H 183 -38.20 60.62 -21.73
C LEU H 183 -38.61 61.98 -21.18
N ILE H 184 -37.98 62.39 -20.09
CA ILE H 184 -38.12 63.74 -19.56
C ILE H 184 -36.86 64.52 -19.94
N CYS H 185 -37.03 65.56 -20.75
CA CYS H 185 -35.89 66.34 -21.23
C CYS H 185 -35.64 67.49 -20.26
N ASN H 186 -34.54 67.41 -19.54
CA ASN H 186 -34.09 68.51 -18.68
C ASN H 186 -33.16 69.40 -19.49
N SER H 187 -33.52 70.68 -19.60
CA SER H 187 -32.85 71.56 -20.56
C SER H 187 -31.39 71.81 -20.16
N ARG H 188 -30.52 71.81 -21.17
CA ARG H 188 -29.14 72.23 -21.03
C ARG H 188 -28.80 73.42 -21.91
N ASN H 189 -29.78 73.95 -22.65
CA ASN H 189 -29.61 75.13 -23.51
C ASN H 189 -28.53 74.90 -24.57
N THR H 190 -28.80 73.94 -25.44
CA THR H 190 -27.94 73.64 -26.58
C THR H 190 -28.65 74.05 -27.87
N ASP H 191 -28.03 73.70 -29.01
CA ASP H 191 -28.48 74.20 -30.30
C ASP H 191 -29.91 73.74 -30.63
N ARG H 192 -30.08 72.43 -30.77
CA ARG H 192 -31.34 71.85 -31.25
C ARG H 192 -31.84 70.79 -30.28
N GLU H 193 -31.92 71.17 -29.00
CA GLU H 193 -32.28 70.23 -27.95
C GLU H 193 -33.62 69.56 -28.23
N ASP H 194 -34.65 70.35 -28.55
CA ASP H 194 -35.97 69.78 -28.80
C ASP H 194 -35.93 68.78 -29.94
N GLU H 195 -35.35 69.18 -31.08
CA GLU H 195 -35.31 68.32 -32.25
C GLU H 195 -34.48 67.07 -32.00
N LEU H 196 -33.30 67.24 -31.39
CA LEU H 196 -32.45 66.10 -31.10
C LEU H 196 -33.14 65.10 -30.19
N ILE H 197 -33.78 65.61 -29.13
CA ILE H 197 -34.38 64.72 -28.14
C ILE H 197 -35.60 64.02 -28.70
N ILE H 198 -36.44 64.73 -29.47
CA ILE H 198 -37.60 64.07 -30.06
C ILE H 198 -37.16 63.03 -31.10
N ALA H 199 -36.10 63.33 -31.85
CA ALA H 199 -35.61 62.37 -32.82
C ALA H 199 -35.08 61.11 -32.14
N LEU H 200 -34.30 61.28 -31.07
CA LEU H 200 -33.79 60.12 -30.34
C LEU H 200 -34.92 59.33 -29.70
N ALA H 201 -35.92 60.02 -29.15
CA ALA H 201 -37.07 59.32 -28.57
C ALA H 201 -37.82 58.54 -29.62
N ASN H 202 -38.04 59.13 -30.80
CA ASN H 202 -38.73 58.43 -31.88
C ASN H 202 -37.94 57.20 -32.33
N LYS H 203 -36.62 57.34 -32.45
CA LYS H 203 -35.79 56.21 -32.82
C LYS H 203 -35.85 55.11 -31.78
N LEU H 204 -35.85 55.48 -30.50
CA LEU H 204 -35.94 54.50 -29.42
C LEU H 204 -37.34 53.90 -29.32
N GLY H 205 -38.34 54.51 -29.95
CA GLY H 205 -39.69 54.02 -29.91
C GLY H 205 -40.54 54.57 -28.79
N THR H 206 -40.11 55.64 -28.12
CA THR H 206 -40.83 56.23 -27.01
C THR H 206 -41.07 57.71 -27.28
N GLN H 207 -41.84 58.34 -26.40
CA GLN H 207 -42.19 59.74 -26.53
C GLN H 207 -41.23 60.62 -25.75
N MET H 208 -41.47 61.93 -25.80
CA MET H 208 -40.82 62.91 -24.94
C MET H 208 -41.92 63.48 -24.06
N ILE H 209 -42.09 62.90 -22.87
CA ILE H 209 -43.27 63.16 -22.05
C ILE H 209 -43.34 64.62 -21.62
N HIS H 210 -42.19 65.29 -21.50
CA HIS H 210 -42.19 66.71 -21.15
C HIS H 210 -40.79 67.28 -21.37
N PHE H 211 -40.75 68.60 -21.51
CA PHE H 211 -39.50 69.35 -21.62
C PHE H 211 -39.44 70.32 -20.44
N VAL H 212 -38.41 70.18 -19.61
CA VAL H 212 -38.24 71.01 -18.43
C VAL H 212 -37.16 72.06 -18.72
N PRO H 213 -37.47 73.34 -18.65
CA PRO H 213 -36.45 74.36 -18.90
C PRO H 213 -35.44 74.44 -17.76
N ARG H 214 -34.29 75.04 -18.06
CA ARG H 214 -33.22 75.22 -17.08
C ARG H 214 -33.24 76.67 -16.62
N ASP H 215 -33.75 76.90 -15.41
CA ASP H 215 -33.73 78.22 -14.81
C ASP H 215 -33.16 78.11 -13.39
N ASN H 216 -32.64 79.22 -12.90
CA ASN H 216 -31.91 79.24 -11.65
C ASN H 216 -32.80 79.21 -10.42
N VAL H 217 -34.13 79.26 -10.58
CA VAL H 217 -35.00 79.13 -9.43
C VAL H 217 -34.87 77.75 -8.82
N VAL H 218 -34.51 76.74 -9.62
CA VAL H 218 -34.30 75.40 -9.09
C VAL H 218 -33.12 75.38 -8.13
N GLN H 219 -32.00 75.99 -8.54
CA GLN H 219 -30.82 76.03 -7.67
C GLN H 219 -31.10 76.85 -6.42
N ARG H 220 -31.78 78.00 -6.57
CA ARG H 220 -32.11 78.82 -5.41
C ARG H 220 -33.01 78.08 -4.44
N ALA H 221 -34.01 77.36 -4.95
CA ALA H 221 -34.90 76.59 -4.10
C ALA H 221 -34.15 75.47 -3.40
N GLU H 222 -33.28 74.76 -4.13
CA GLU H 222 -32.58 73.63 -3.55
C GLU H 222 -31.54 74.07 -2.52
N ILE H 223 -31.04 75.30 -2.63
CA ILE H 223 -30.12 75.80 -1.61
C ILE H 223 -30.85 75.95 -0.28
N ARG H 224 -32.10 76.37 -0.32
CA ARG H 224 -32.94 76.44 0.88
C ARG H 224 -33.51 75.09 1.29
N ARG H 225 -33.08 74.00 0.64
CA ARG H 225 -33.49 72.64 0.99
C ARG H 225 -34.99 72.43 0.78
N MET H 226 -35.46 72.78 -0.42
CA MET H 226 -36.88 72.60 -0.73
C MET H 226 -37.04 72.52 -2.24
N THR H 227 -38.18 71.98 -2.65
CA THR H 227 -38.54 71.95 -4.06
C THR H 227 -39.03 73.32 -4.51
N VAL H 228 -39.05 73.51 -5.83
CA VAL H 228 -39.56 74.76 -6.39
C VAL H 228 -41.02 74.96 -6.02
N ILE H 229 -41.79 73.88 -5.99
CA ILE H 229 -43.22 73.99 -5.68
C ILE H 229 -43.43 74.57 -4.29
N GLU H 230 -42.66 74.09 -3.31
CA GLU H 230 -42.78 74.63 -1.95
C GLU H 230 -42.14 76.00 -1.85
N TYR H 231 -41.02 76.21 -2.55
CA TYR H 231 -40.29 77.47 -2.42
C TYR H 231 -41.05 78.63 -3.04
N ASP H 232 -41.31 78.56 -4.34
CA ASP H 232 -42.01 79.61 -5.07
C ASP H 232 -43.15 78.98 -5.87
N PRO H 233 -44.31 78.79 -5.24
CA PRO H 233 -45.45 78.17 -5.97
C PRO H 233 -45.89 78.96 -7.18
N LYS H 234 -45.66 80.26 -7.20
CA LYS H 234 -46.07 81.10 -8.33
C LYS H 234 -45.04 81.14 -9.45
N ALA H 235 -43.93 80.43 -9.31
CA ALA H 235 -42.88 80.46 -10.31
C ALA H 235 -43.30 79.70 -11.56
N LYS H 236 -42.69 80.08 -12.69
CA LYS H 236 -42.96 79.39 -13.95
C LYS H 236 -42.51 77.93 -13.88
N GLN H 237 -41.35 77.68 -13.26
CA GLN H 237 -40.85 76.32 -13.15
C GLN H 237 -41.75 75.45 -12.29
N ALA H 238 -42.42 76.04 -11.30
CA ALA H 238 -43.38 75.27 -10.52
C ALA H 238 -44.53 74.78 -11.39
N ASP H 239 -45.03 75.63 -12.28
CA ASP H 239 -46.07 75.21 -13.22
C ASP H 239 -45.53 74.22 -14.24
N GLU H 240 -44.25 74.34 -14.61
CA GLU H 240 -43.65 73.34 -15.48
C GLU H 240 -43.63 71.97 -14.82
N TYR H 241 -43.29 71.92 -13.53
CA TYR H 241 -43.30 70.66 -12.81
C TYR H 241 -44.73 70.15 -12.62
N ARG H 242 -45.70 71.04 -12.43
CA ARG H 242 -47.09 70.61 -12.38
C ARG H 242 -47.53 70.00 -13.70
N ALA H 243 -47.13 70.61 -14.82
CA ALA H 243 -47.44 70.05 -16.13
C ALA H 243 -46.79 68.69 -16.31
N LEU H 244 -45.55 68.55 -15.86
CA LEU H 244 -44.88 67.25 -15.92
C LEU H 244 -45.61 66.21 -15.09
N ALA H 245 -46.09 66.60 -13.91
CA ALA H 245 -46.85 65.67 -13.08
C ALA H 245 -48.14 65.25 -13.77
N ARG H 246 -48.84 66.20 -14.39
CA ARG H 246 -50.06 65.88 -15.12
C ARG H 246 -49.78 64.92 -16.26
N LYS H 247 -48.72 65.18 -17.02
CA LYS H 247 -48.37 64.30 -18.14
C LYS H 247 -47.93 62.92 -17.65
N VAL H 248 -47.30 62.86 -16.48
CA VAL H 248 -46.87 61.57 -15.93
C VAL H 248 -48.07 60.75 -15.48
N VAL H 249 -49.03 61.38 -14.79
CA VAL H 249 -50.16 60.66 -14.22
C VAL H 249 -51.00 60.02 -15.33
N ASP H 250 -51.29 60.79 -16.37
CA ASP H 250 -52.16 60.35 -17.45
C ASP H 250 -51.43 59.62 -18.57
N ASN H 251 -50.14 59.32 -18.39
CA ASN H 251 -49.38 58.66 -19.43
C ASN H 251 -49.90 57.24 -19.66
N LYS H 252 -49.86 56.81 -20.93
CA LYS H 252 -50.29 55.48 -21.30
C LYS H 252 -49.29 54.74 -22.19
N LEU H 253 -48.26 55.42 -22.71
CA LEU H 253 -47.31 54.80 -23.61
C LEU H 253 -46.29 53.98 -22.81
N LEU H 254 -46.29 52.67 -23.03
CA LEU H 254 -45.37 51.76 -22.35
C LEU H 254 -44.74 50.87 -23.41
N VAL H 255 -43.48 51.13 -23.76
CA VAL H 255 -42.82 50.50 -24.88
C VAL H 255 -41.51 49.87 -24.45
N ILE H 256 -41.22 48.69 -24.97
CA ILE H 256 -39.88 48.12 -24.85
C ILE H 256 -38.92 48.93 -25.72
N PRO H 257 -37.81 49.43 -25.18
CA PRO H 257 -36.91 50.27 -25.99
C PRO H 257 -36.27 49.48 -27.11
N ASN H 258 -35.93 50.21 -28.18
CA ASN H 258 -35.22 49.66 -29.33
C ASN H 258 -33.98 50.53 -29.55
N PRO H 259 -32.92 50.27 -28.79
CA PRO H 259 -31.73 51.14 -28.88
C PRO H 259 -31.06 51.04 -30.24
N ILE H 260 -30.39 52.12 -30.61
CA ILE H 260 -29.72 52.24 -31.90
C ILE H 260 -28.23 52.08 -31.70
N THR H 261 -27.54 51.63 -32.75
CA THR H 261 -26.10 51.52 -32.70
C THR H 261 -25.46 52.90 -32.65
N MET H 262 -24.15 52.93 -32.34
CA MET H 262 -23.47 54.20 -32.22
C MET H 262 -23.45 54.95 -33.53
N ASP H 263 -23.32 54.24 -34.65
CA ASP H 263 -23.31 54.90 -35.95
C ASP H 263 -24.64 55.58 -36.24
N GLU H 264 -25.76 54.92 -35.92
CA GLU H 264 -27.06 55.54 -36.10
C GLU H 264 -27.22 56.77 -35.21
N LEU H 265 -26.78 56.66 -33.95
CA LEU H 265 -26.85 57.80 -33.04
C LEU H 265 -26.03 58.97 -33.56
N GLU H 266 -24.82 58.70 -34.06
CA GLU H 266 -23.96 59.77 -34.54
C GLU H 266 -24.49 60.38 -35.83
N GLU H 267 -25.11 59.57 -36.70
CA GLU H 267 -25.78 60.15 -37.86
C GLU H 267 -26.92 61.05 -37.42
N LEU H 268 -27.69 60.62 -36.40
CA LEU H 268 -28.75 61.45 -35.86
C LEU H 268 -28.20 62.77 -35.34
N LEU H 269 -27.07 62.73 -34.65
CA LEU H 269 -26.48 63.96 -34.10
C LEU H 269 -25.93 64.85 -35.20
N MET H 270 -25.32 64.27 -36.23
CA MET H 270 -24.78 65.08 -37.32
C MET H 270 -25.90 65.77 -38.08
N GLU H 271 -27.00 65.05 -38.36
CA GLU H 271 -28.08 65.66 -39.13
C GLU H 271 -28.88 66.65 -38.29
N PHE H 272 -29.21 66.28 -37.04
CA PHE H 272 -30.17 67.03 -36.24
C PHE H 272 -29.53 67.81 -35.11
N GLY H 273 -28.20 67.91 -35.07
CA GLY H 273 -27.54 68.57 -33.97
C GLY H 273 -26.54 69.64 -34.38
N ILE H 274 -26.56 70.05 -35.63
CA ILE H 274 -25.66 71.09 -36.14
C ILE H 274 -26.51 72.31 -36.46
N MET H 275 -26.18 73.44 -35.85
CA MET H 275 -26.89 74.70 -36.04
C MET H 275 -28.38 74.55 -35.76
FE1 ICS I . 10.90 -31.28 -20.05
MO1 ICS I . 12.02 -25.94 -15.66
FE2 ICS I . 11.92 -30.58 -17.67
FE3 ICS I . 9.75 -29.33 -18.64
FE4 ICS I . 12.10 -28.94 -19.77
FE5 ICS I . 12.55 -26.97 -18.13
FE6 ICS I . 12.26 -28.59 -16.06
FE7 ICS I . 10.19 -27.37 -17.02
CX ICS I . 11.46 -28.64 -17.92
S1A ICS I . 13.12 -30.97 -19.56
S1B ICS I . 13.94 -27.14 -16.33
S2A ICS I . 9.91 -31.52 -18.03
S2B ICS I . 12.74 -30.66 -15.63
S3A ICS I . 13.37 -27.16 -20.22
S3B ICS I . 10.65 -27.70 -14.83
S4A ICS I . 10.13 -29.29 -20.86
S4B ICS I . 10.98 -25.42 -17.70
S5A ICS I . 8.21 -27.97 -17.79
C1 HCA J . 13.01 -27.26 -11.33
C2 HCA J . 11.82 -26.36 -11.50
C3 HCA J . 12.13 -25.31 -12.57
C4 HCA J . 12.95 -24.16 -11.99
C5 HCA J . 12.72 -22.88 -12.79
C6 HCA J . 13.85 -21.90 -12.56
C7 HCA J . 10.83 -24.80 -13.15
O1 HCA J . 13.79 -27.48 -12.28
O2 HCA J . 13.23 -27.81 -10.23
O3 HCA J . 15.02 -22.29 -12.39
O4 HCA J . 13.60 -20.68 -12.53
O5 HCA J . 9.92 -24.35 -12.41
O6 HCA J . 10.62 -24.82 -14.38
O7 HCA J . 12.90 -25.93 -13.64
FE1 CLF K . 17.54 -33.59 -0.90
FE2 CLF K . 17.64 -31.08 -1.17
FE3 CLF K . 16.31 -32.45 -3.17
FE4 CLF K . 15.33 -32.13 -0.66
S1 CLF K . 17.05 -32.18 0.96
S2A CLF K . 18.55 -32.54 -2.70
S4A CLF K . 15.69 -30.49 -2.21
S3A CLF K . 15.47 -34.11 -1.80
FE5 CLF K . 15.24 -30.55 1.76
FE6 CLF K . 17.02 -31.31 3.36
FE7 CLF K . 16.16 -28.59 3.50
FE8 CLF K . 17.58 -29.98 1.57
S2B CLF K . 14.77 -30.31 4.15
S3B CLF K . 18.32 -29.42 3.65
S4B CLF K . 15.83 -28.49 1.24
FE FE L . -3.07 13.27 13.55
FE1 ICS M . -29.71 21.01 13.24
MO1 ICS M . -22.96 19.97 11.71
FE2 ICS M . -27.56 22.04 12.02
FE3 ICS M . -27.96 19.38 12.06
FE4 ICS M . -27.30 20.66 14.27
FE5 ICS M . -24.78 20.30 13.71
FE6 ICS M . -25.09 21.59 11.43
FE7 ICS M . -25.46 19.03 11.50
CX ICS M . -26.38 20.49 12.52
S1A ICS M . -28.34 22.68 14.06
S1B ICS M . -23.44 21.95 12.90
S2A ICS M . -29.25 20.96 11.02
S2B ICS M . -26.26 23.28 10.75
S3A ICS M . -25.66 20.45 15.78
S3B ICS M . -24.43 20.17 9.85
S4A ICS M . -28.91 19.04 14.07
S4B ICS M . -24.00 18.31 13.00
S5A ICS M . -27.10 17.65 10.97
C1 HCA N . -21.36 22.69 8.31
C2 HCA N . -21.30 21.20 8.11
C3 HCA N . -20.88 20.54 9.42
C4 HCA N . -19.38 20.65 9.65
C5 HCA N . -18.82 19.45 10.38
C6 HCA N . -17.60 19.82 11.17
C7 HCA N . -21.31 19.08 9.37
O1 HCA N . -20.89 23.47 7.44
O2 HCA N . -21.85 23.18 9.35
O3 HCA N . -17.31 21.01 11.39
O4 HCA N . -16.84 18.93 11.60
O5 HCA N . -20.99 18.34 8.41
O6 HCA N . -22.01 18.59 10.28
O7 HCA N . -21.56 21.20 10.51
FE1 CLF O . -19.11 32.74 0.32
FE2 CLF O . -17.28 31.29 1.30
FE3 CLF O . -19.87 30.54 1.89
FE4 CLF O . -18.75 30.28 -0.57
S1 CLF O . -17.28 32.07 -1.05
S2A CLF O . -18.80 32.44 2.59
S4A CLF O . -18.15 29.18 1.35
S3A CLF O . -20.78 31.22 -0.12
FE5 CLF O . -16.35 29.95 -2.18
FE6 CLF O . -15.40 32.20 -2.79
FE7 CLF O . -13.60 29.99 -2.57
FE8 CLF O . -15.08 31.34 -0.66
S2B CLF O . -15.14 30.13 -4.28
S3B CLF O . -13.29 32.17 -1.83
S4B CLF O . -14.82 29.05 -0.87
FE FE P . 15.79 -6.29 -9.00
FE1 SF4 Q . 23.06 -46.38 9.01
FE2 SF4 Q . 23.93 -44.35 7.38
FE3 SF4 Q . 25.09 -44.73 9.84
FE4 SF4 Q . 22.53 -43.78 9.67
S1 SF4 Q . 24.43 -42.74 8.92
S2 SF4 Q . 23.29 -45.42 11.06
S3 SF4 Q . 21.76 -44.90 7.84
S4 SF4 Q . 25.13 -46.17 8.06
PB ADP R . 31.66 -55.82 22.18
O1B ADP R . 32.93 -55.58 21.37
O2B ADP R . 31.47 -54.67 23.17
O3B ADP R . 30.49 -55.87 21.25
PA ADP R . 31.06 -57.74 24.37
O1A ADP R . 31.93 -57.53 25.53
O2A ADP R . 29.83 -56.93 24.52
O3A ADP R . 31.85 -57.30 22.99
O5' ADP R . 30.65 -59.33 24.27
C5' ADP R . 31.64 -60.25 23.87
C4' ADP R . 31.56 -61.49 24.74
O4' ADP R . 32.77 -61.92 25.00
C3' ADP R . 30.89 -61.13 26.14
O3' ADP R . 29.90 -61.96 26.40
C2' ADP R . 31.99 -61.29 27.19
O2' ADP R . 31.45 -62.02 28.37
C1' ADP R . 32.96 -61.99 26.62
N9 ADP R . 34.21 -61.40 26.95
C8 ADP R . 34.79 -60.24 26.68
N7 ADP R . 36.01 -60.23 27.27
C5 ADP R . 36.17 -61.41 27.91
C6 ADP R . 37.21 -61.93 28.65
N6 ADP R . 38.49 -61.38 29.01
N1 ADP R . 37.11 -63.15 29.18
C2 ADP R . 36.01 -63.87 28.99
N3 ADP R . 34.97 -63.38 28.24
C4 ADP R . 35.07 -62.13 27.71
AL ALF S . 29.44 -54.99 20.25
F1 ALF S . 30.20 -53.53 20.91
F2 ALF S . 28.65 -56.46 19.59
F3 ALF S . 28.09 -54.83 21.42
F4 ALF S . 30.75 -55.15 19.07
MG MG T . 30.50 -52.31 23.27
PB ADP U . 31.49 -61.77 11.58
O1B ADP U . 31.86 -60.34 11.95
O2B ADP U . 30.16 -62.14 12.24
O3B ADP U . 31.36 -61.88 10.09
PA ADP U . 34.02 -63.26 11.35
O1A ADP U . 34.31 -62.24 10.33
O2A ADP U . 33.80 -64.56 10.71
O3A ADP U . 32.64 -62.85 12.17
O5' ADP U . 35.27 -63.36 12.42
C5' ADP U . 35.19 -64.24 13.50
C4' ADP U . 36.57 -64.79 13.79
O4' ADP U . 36.50 -65.76 14.66
C3' ADP U . 37.19 -65.38 12.46
O3' ADP U . 38.29 -64.74 12.14
C2' ADP U . 37.52 -66.84 12.75
O2' ADP U . 39.01 -67.02 12.74
C1' ADP U . 37.04 -67.13 13.96
N9 ADP U . 35.97 -68.08 13.85
C8 ADP U . 34.73 -68.03 13.36
N7 ADP U . 34.18 -69.26 13.53
C5 ADP U . 35.10 -70.05 14.12
C6 ADP U . 35.06 -71.38 14.51
N6 ADP U . 34.03 -72.38 14.43
N1 ADP U . 36.12 -71.94 15.09
C2 ADP U . 37.24 -71.23 15.29
N3 ADP U . 37.28 -69.91 14.90
C4 ADP U . 36.20 -69.34 14.32
AL ALF V . 31.51 -58.70 11.71
F1 ALF V . 31.94 -58.16 13.35
F2 ALF V . 31.06 -59.25 10.06
F3 ALF V . 33.15 -58.31 11.14
F4 ALF V . 29.86 -59.08 12.28
MG MG W . 30.30 -60.96 7.89
PB ADP X . -18.78 62.97 -17.43
O1B ADP X . -18.53 63.57 -16.06
O2B ADP X . -17.44 62.52 -18.03
O3B ADP X . -19.68 61.78 -17.30
PA ADP X . -19.25 64.32 -20.02
O1A ADP X . -17.83 64.47 -20.33
O2A ADP X . -19.79 63.13 -20.72
O3A ADP X . -19.47 64.16 -18.40
O5' ADP X . -20.04 65.68 -20.54
C5' ADP X . -21.45 65.68 -20.55
C4' ADP X . -21.90 66.70 -21.58
O4' ADP X . -21.56 67.90 -21.16
C3' ADP X . -21.11 66.46 -22.93
O3' ADP X . -21.96 66.30 -23.94
C2' ADP X . -20.26 67.72 -23.16
O2' ADP X . -20.35 68.12 -24.59
C1' ADP X . -20.78 68.66 -22.38
N9 ADP X . -19.74 69.44 -21.82
C8 ADP X . -18.69 69.18 -21.04
N7 ADP X . -18.03 70.33 -20.83
C5 ADP X . -18.67 71.32 -21.50
C6 ADP X . -18.42 72.67 -21.62
N6 ADP X . -17.38 73.49 -21.09
N1 ADP X . -19.23 73.44 -22.37
C2 ADP X . -20.29 72.90 -22.99
N3 ADP X . -20.54 71.56 -22.87
C4 ADP X . -19.72 70.78 -22.11
AL ALF Y . -20.00 60.18 -16.83
F1 ALF Y . -18.23 60.08 -16.57
F2 ALF Y . -21.76 60.28 -17.10
F3 ALF Y . -20.18 60.93 -15.23
F4 ALF Y . -19.81 59.41 -18.42
MG MG Z . -17.18 60.49 -18.64
FE1 SF4 AA . -20.59 46.18 -6.18
FE2 SF4 AA . -19.54 45.42 -8.59
FE3 SF4 AA . -19.16 47.97 -7.69
FE4 SF4 AA . -21.65 47.15 -8.50
S1 SF4 AA . -19.78 47.34 -9.79
S2 SF4 AA . -21.14 48.35 -6.62
S3 SF4 AA . -21.63 44.98 -7.80
S4 SF4 AA . -18.38 46.05 -6.73
PB ADP BA . -28.73 63.35 -10.71
O1B ADP BA . -27.38 62.79 -10.42
O2B ADP BA . -29.69 62.95 -9.58
O3B ADP BA . -29.24 62.80 -12.02
PA ADP BA . -28.92 66.05 -9.57
O1A ADP BA . -28.57 65.39 -8.30
O2A ADP BA . -30.33 66.44 -9.56
O3A ADP BA . -28.65 65.02 -10.83
O5' ADP BA . -27.96 67.40 -9.75
C5' ADP BA . -27.97 68.08 -10.98
C4' ADP BA . -27.83 69.56 -10.70
O4' ADP BA . -28.25 70.25 -11.72
C3' ADP BA . -28.73 69.94 -9.46
O3' ADP BA . -27.99 70.33 -8.45
C2' ADP BA . -29.62 71.10 -9.91
O2' ADP BA . -29.22 72.34 -9.18
C1' ADP BA . -29.42 71.27 -11.22
N9 ADP BA . -30.63 71.00 -11.92
C8 ADP BA . -31.36 69.91 -12.15
N7 ADP BA . -32.43 70.27 -12.90
C5 ADP BA . -32.35 71.59 -13.13
C6 ADP BA . -33.17 72.47 -13.82
N6 ADP BA . -34.39 72.27 -14.56
N1 ADP BA . -32.86 73.77 -13.91
C2 ADP BA . -31.75 74.23 -13.31
N3 ADP BA . -30.94 73.37 -12.61
C4 ADP BA . -31.25 72.06 -12.54
AL ALF CA . -26.33 61.57 -9.88
F1 ALF CA . -24.96 62.20 -10.84
F2 ALF CA . -27.70 60.94 -8.92
F3 ALF CA . -25.75 62.47 -8.46
F4 ALF CA . -26.89 60.65 -11.30
MG MG DA . -29.30 61.51 -8.12
#